data_9J77
#
_entry.id   9J77
#
_cell.length_a   1.00
_cell.length_b   1.00
_cell.length_c   1.00
_cell.angle_alpha   90.00
_cell.angle_beta   90.00
_cell.angle_gamma   90.00
#
_symmetry.space_group_name_H-M   'P 1'
#
loop_
_entity.id
_entity.type
_entity.pdbx_description
1 polymer Elongin-C
2 polymer Elongin-B
3 polymer 'E3 ubiquitin-protein ligase RBX1, N-terminally processed'
4 polymer Cullin-2
5 polymer 'Protein fem-1 homolog B'
6 polymer Poly-UNK
7 non-polymer 'ZINC ION'
#
loop_
_entity_poly.entity_id
_entity_poly.type
_entity_poly.pdbx_seq_one_letter_code
_entity_poly.pdbx_strand_id
1 'polypeptide(L)'
;MYVKLISSDGHEFIVKREHALTSGTIKAMLSGPGQFAENETNEVNFREIPSHVLSKVCMYFTYKVRYTNSSTEIPEFPIA
PEIALELLMAANFLDC
;
G,C
2 'polypeptide(L)'
;GGSMDVFLMIRRHKTTIFTDAKESSTVFELKRIVEGILKRPPDEQRLYKDDQLLDDGKTLGECGFTSQTARPQAPATVGL
AFRADDTFEALCIEPFSSPPELPDVMKPQDSGSSANEQAVQ
;
H,D
3 'polypeptide(L)'
;SHMGAGKKRFEVKKWNAVALWAWDIVVDNCAICRNHIMDLCIECQANQASATSEECTVAWGVCNHAFHFHCISRWLKTRQ
VCPLDNREWEFQKYGH
;
I,E
4 'polypeptide(L)'
;SASWSHPQFEKGGGSGGGSGTSLKPRVVDFDETWNKLLTTIKAVVMLEYVERATWNDRFSDIYALCVAYPEPLGERLYTE
TKIFLENHVRHLHKRVLESEEQVLVMYHRYWEEYSKGADYMDCLYRYLNTQFIKKNGGGPLMEIGELALDMWRKLMVEPL
QAILIRMLLREIKNDRGGEDPNQKVIHGVINSFVHVEQYKKKFPLKFYQEIFESPFLTETGEYYKQEASNLLQESNCSQY
MEKVLGRLKDEEIRCRKYLHPSSYTKVIHECQQRMVADHLQFLHAECHNIIRQEKKNDMANMYVLLRAVSTGLPHMIQEL
QNHIHDEGLRATSNLTQENMPTLFVESVLEVHGKFVQLINTVLNGDQHFMSALDKALTSVVNYREPKSVCKAPELLAKYC
DNLLKKSAKGMTENEVEDRLTSFITVFKYIDDKDVFQKFYARMLAKRLIHGLSMSMDSEEAMINKLKQACGYEFTSKLHR
MYTDMSVSADLNNKFNNFIKNQDTVIDLGISFQIYVLQAGAWPLTQAPSSTFAIPQELEKSVQMFELFYSQHFSGRKLTW
LHYLCTGEVKMNYLGKPYVAMVTTYQMAVLLAFNNSETVSYKELQDSTQMNEKELTKTIKSLLDVKMINHDSEKEDIDAE
SSFSLNMNFSSKRTKFKITTSMQKDTPQEMEQTRSAVDEDRKMYLQAAIVRIMKARKVLRHNALIQEVISQSRARFNPSI
SMIKKCIEVLIDKQYIERSQASADEYSYV
;
B,A
5 'polypeptide(L)'
;MEGLAGYVYKAASEGKVLTLAALLLNRSESDIRYLLGYVSQQGGQRSTPLIIAARNGHAKVVRLLLEHYRVQTQQTGTVR
FDGYVIDGATALWCAAGAGHFEVVKLLVSHGANVNHTTVTNSTPLRAACFDGRLDIVKYLVENNANISIANKYDNTCLMI
AAYKGHTDVVRYLLEQRADPNAKAHCGATALHFAAEAGHIDIVKELIKWRAAIVVNGHGMTPLKVAAESCKADVVELLLS
HADCDRRSRIEALELLGASFANDRENYDIIKTYHYLYLAMLERFQDGDNILEKEVLPPIHAYGNRTECRNPQELESIRQD
RDALHMEGLIVRERILGADNIDVSHPIIYRGAVYADNMEFEQCIKLWLHALHLRQKGNRNTHKDLLRFAQVFSQMIHLNE
TVKAPDIECVLRCSVLEIEQSMNRVKNISDADVHNAMDNYECNLYTFLYLVCISTKTQCSEEDQCKINKQIYNLIHLDPR
TREGFTLLHLAVNSNTPVDDFHTNDVCSFPNALVTKLLLDCGAEVNAVDNEGNSALHIIVQYNRPISDFLTLHSIIISLV
EAGAHTDMTNKQNKTPLDKSTTGVSEILLKTQMKMSLKCLAARAVRANDINYQDQIPRTLEEFVGFH
;
J,F
6 'polypeptide(L)' (UNK)(UNK)(UNK)(UNK)(UNK)(UNK)(UNK)(UNK)(UNK)(UNK) K,L
#
# COMPACT_ATOMS: atom_id res chain seq x y z
N MET A 1 -25.78 -49.76 -1.41
CA MET A 1 -26.51 -48.62 -1.97
C MET A 1 -28.01 -48.85 -1.88
N TYR A 2 -28.41 -49.93 -1.21
CA TYR A 2 -29.82 -50.25 -1.04
C TYR A 2 -30.02 -50.96 0.28
N VAL A 3 -31.15 -50.67 0.94
CA VAL A 3 -31.52 -51.27 2.21
C VAL A 3 -32.73 -52.15 1.98
N LYS A 4 -32.83 -53.24 2.74
CA LYS A 4 -33.85 -54.26 2.50
C LYS A 4 -34.79 -54.41 3.69
N LEU A 5 -35.36 -53.28 4.12
CA LEU A 5 -36.24 -53.23 5.29
C LEU A 5 -37.39 -54.23 5.16
N ILE A 6 -37.69 -54.94 6.25
CA ILE A 6 -38.78 -55.90 6.29
C ILE A 6 -39.65 -55.57 7.50
N SER A 7 -40.92 -55.97 7.43
CA SER A 7 -41.87 -55.70 8.49
C SER A 7 -42.04 -56.92 9.39
N SER A 8 -42.96 -56.82 10.34
CA SER A 8 -43.25 -57.94 11.23
C SER A 8 -44.00 -59.05 10.50
N ASP A 9 -44.70 -58.73 9.41
CA ASP A 9 -45.43 -59.72 8.63
C ASP A 9 -44.62 -60.24 7.45
N GLY A 10 -43.36 -59.84 7.33
CA GLY A 10 -42.51 -60.32 6.26
C GLY A 10 -42.51 -59.49 4.99
N HIS A 11 -43.32 -58.43 4.94
CA HIS A 11 -43.38 -57.58 3.75
C HIS A 11 -42.08 -56.79 3.62
N GLU A 12 -41.28 -57.12 2.61
CA GLU A 12 -40.01 -56.44 2.40
C GLU A 12 -40.24 -55.08 1.73
N PHE A 13 -39.49 -54.09 2.19
CA PHE A 13 -39.48 -52.76 1.58
C PHE A 13 -38.04 -52.38 1.29
N ILE A 14 -37.74 -52.09 0.04
CA ILE A 14 -36.38 -51.79 -0.39
C ILE A 14 -36.31 -50.32 -0.78
N VAL A 15 -35.44 -49.58 -0.09
CA VAL A 15 -35.20 -48.16 -0.37
C VAL A 15 -33.71 -47.95 -0.51
N LYS A 16 -33.34 -46.76 -0.97
CA LYS A 16 -31.94 -46.41 -1.13
C LYS A 16 -31.26 -46.27 0.23
N ARG A 17 -29.94 -46.44 0.24
CA ARG A 17 -29.18 -46.30 1.48
C ARG A 17 -29.26 -44.88 2.02
N GLU A 18 -29.09 -43.89 1.15
CA GLU A 18 -29.22 -42.50 1.55
C GLU A 18 -30.66 -42.15 1.92
N HIS A 19 -31.64 -42.86 1.37
CA HIS A 19 -33.02 -42.63 1.76
C HIS A 19 -33.28 -43.10 3.19
N ALA A 20 -32.75 -44.26 3.56
CA ALA A 20 -32.98 -44.81 4.90
C ALA A 20 -32.02 -44.24 5.93
N LEU A 21 -30.92 -43.59 5.52
CA LEU A 21 -29.98 -43.05 6.48
C LEU A 21 -30.50 -41.81 7.19
N THR A 22 -31.64 -41.24 6.76
CA THR A 22 -32.22 -40.12 7.47
C THR A 22 -32.66 -40.51 8.87
N SER A 23 -33.16 -41.74 9.04
CA SER A 23 -33.50 -42.23 10.36
C SER A 23 -32.24 -42.55 11.15
N GLY A 24 -32.29 -42.30 12.45
CA GLY A 24 -31.15 -42.56 13.31
C GLY A 24 -31.02 -44.01 13.68
N THR A 25 -32.15 -44.66 14.00
CA THR A 25 -32.12 -46.07 14.38
C THR A 25 -31.77 -46.96 13.19
N ILE A 26 -32.11 -46.54 11.97
CA ILE A 26 -31.69 -47.30 10.79
C ILE A 26 -30.17 -47.27 10.66
N LYS A 27 -29.58 -46.09 10.84
CA LYS A 27 -28.12 -45.98 10.80
C LYS A 27 -27.47 -46.77 11.94
N ALA A 28 -28.13 -46.80 13.10
CA ALA A 28 -27.63 -47.58 14.22
C ALA A 28 -27.69 -49.08 13.96
N MET A 29 -28.75 -49.55 13.32
CA MET A 29 -28.90 -50.97 13.06
C MET A 29 -27.88 -51.46 12.03
N LEU A 30 -27.60 -50.65 11.01
CA LEU A 30 -26.67 -51.06 9.97
C LEU A 30 -25.24 -51.13 10.49
N SER A 31 -24.83 -50.14 11.28
CA SER A 31 -23.48 -50.15 11.84
C SER A 31 -23.39 -51.17 12.96
N GLY A 32 -22.40 -52.06 12.87
CA GLY A 32 -22.23 -53.10 13.85
C GLY A 32 -22.16 -54.48 13.22
N PRO A 33 -22.47 -55.51 14.00
CA PRO A 33 -22.49 -56.87 13.45
C PRO A 33 -23.58 -57.07 12.40
N GLY A 34 -24.58 -56.20 12.35
CA GLY A 34 -25.61 -56.24 11.33
C GLY A 34 -25.23 -55.59 10.03
N GLN A 35 -23.94 -55.28 9.84
CA GLN A 35 -23.48 -54.71 8.58
C GLN A 35 -23.69 -55.68 7.42
N PHE A 36 -23.03 -56.83 7.46
CA PHE A 36 -23.10 -57.86 6.43
C PHE A 36 -22.77 -57.26 5.05
N ALA A 37 -21.52 -56.82 4.92
CA ALA A 37 -21.07 -56.06 3.76
C ALA A 37 -20.84 -56.99 2.57
N GLU A 38 -21.92 -57.60 2.11
CA GLU A 38 -21.94 -58.30 0.83
C GLU A 38 -22.42 -57.40 -0.30
N ASN A 39 -22.75 -56.15 0.00
CA ASN A 39 -23.16 -55.14 -0.98
C ASN A 39 -24.42 -55.56 -1.75
N GLU A 40 -25.28 -56.37 -1.12
CA GLU A 40 -26.51 -56.80 -1.76
C GLU A 40 -27.76 -56.30 -1.05
N THR A 41 -27.94 -56.61 0.24
CA THR A 41 -29.18 -56.31 0.93
C THR A 41 -28.98 -55.35 2.10
N ASN A 42 -28.10 -55.67 3.04
CA ASN A 42 -28.01 -54.99 4.35
C ASN A 42 -29.39 -54.91 4.99
N GLU A 43 -30.07 -56.06 5.07
CA GLU A 43 -31.46 -56.11 5.47
C GLU A 43 -31.62 -55.80 6.96
N VAL A 44 -32.82 -55.37 7.31
CA VAL A 44 -33.20 -55.03 8.68
C VAL A 44 -34.47 -55.79 9.03
N ASN A 45 -34.46 -56.53 10.13
CA ASN A 45 -35.57 -57.40 10.51
C ASN A 45 -36.36 -56.75 11.64
N PHE A 46 -37.31 -55.88 11.27
CA PHE A 46 -38.19 -55.30 12.27
C PHE A 46 -39.13 -56.36 12.83
N ARG A 47 -39.37 -56.27 14.14
CA ARG A 47 -40.16 -57.27 14.84
C ARG A 47 -41.57 -56.80 15.20
N GLU A 48 -41.80 -55.49 15.26
CA GLU A 48 -43.07 -54.97 15.73
C GLU A 48 -43.79 -54.06 14.75
N ILE A 49 -43.07 -53.38 13.85
CA ILE A 49 -43.68 -52.42 12.95
C ILE A 49 -44.46 -53.15 11.87
N PRO A 50 -45.75 -52.85 11.70
CA PRO A 50 -46.54 -53.50 10.65
C PRO A 50 -46.14 -53.01 9.27
N SER A 51 -46.75 -53.64 8.26
CA SER A 51 -46.37 -53.39 6.87
C SER A 51 -46.76 -52.00 6.41
N HIS A 52 -47.99 -51.56 6.73
CA HIS A 52 -48.45 -50.24 6.28
C HIS A 52 -47.67 -49.12 6.96
N VAL A 53 -47.30 -49.31 8.23
CA VAL A 53 -46.52 -48.29 8.93
C VAL A 53 -45.14 -48.15 8.29
N LEU A 54 -44.50 -49.27 7.94
CA LEU A 54 -43.22 -49.19 7.25
C LEU A 54 -43.36 -48.62 5.86
N SER A 55 -44.48 -48.87 5.18
CA SER A 55 -44.73 -48.25 3.88
C SER A 55 -44.81 -46.73 4.02
N LYS A 56 -45.50 -46.25 5.06
CA LYS A 56 -45.56 -44.82 5.32
C LYS A 56 -44.19 -44.26 5.72
N VAL A 57 -43.39 -45.04 6.46
CA VAL A 57 -42.06 -44.60 6.85
C VAL A 57 -41.16 -44.45 5.62
N CYS A 58 -41.20 -45.42 4.70
CA CYS A 58 -40.43 -45.30 3.48
C CYS A 58 -40.93 -44.16 2.60
N MET A 59 -42.25 -43.94 2.59
CA MET A 59 -42.79 -42.78 1.89
C MET A 59 -42.26 -41.49 2.49
N TYR A 60 -42.16 -41.42 3.81
CA TYR A 60 -41.57 -40.24 4.45
C TYR A 60 -40.09 -40.12 4.12
N PHE A 61 -39.39 -41.25 4.00
CA PHE A 61 -37.98 -41.21 3.61
C PHE A 61 -37.81 -40.57 2.24
N THR A 62 -38.63 -41.02 1.27
CA THR A 62 -38.58 -40.42 -0.06
C THR A 62 -39.01 -38.95 -0.02
N TYR A 63 -39.99 -38.63 0.82
CA TYR A 63 -40.49 -37.26 0.96
C TYR A 63 -39.41 -36.33 1.50
N LYS A 64 -38.63 -36.81 2.48
CA LYS A 64 -37.54 -36.01 3.03
C LYS A 64 -36.36 -35.93 2.09
N VAL A 65 -36.12 -36.99 1.29
CA VAL A 65 -35.08 -36.92 0.27
C VAL A 65 -35.42 -35.85 -0.77
N ARG A 66 -36.69 -35.80 -1.19
CA ARG A 66 -37.12 -34.75 -2.10
C ARG A 66 -36.97 -33.37 -1.46
N TYR A 67 -37.69 -33.14 -0.37
CA TYR A 67 -37.80 -31.80 0.23
C TYR A 67 -37.01 -31.79 1.53
N THR A 68 -35.72 -31.46 1.42
CA THR A 68 -34.88 -31.27 2.59
C THR A 68 -34.51 -29.81 2.82
N ASN A 69 -34.26 -29.05 1.75
CA ASN A 69 -34.04 -27.61 1.86
C ASN A 69 -34.69 -26.87 0.69
N SER A 70 -35.65 -27.51 0.02
CA SER A 70 -36.26 -26.94 -1.17
C SER A 70 -37.20 -25.79 -0.82
N SER A 71 -36.70 -24.56 -0.96
CA SER A 71 -37.44 -23.31 -0.71
C SER A 71 -37.91 -23.31 0.75
N THR A 72 -39.04 -22.66 1.03
CA THR A 72 -39.60 -22.58 2.36
C THR A 72 -40.89 -23.38 2.49
N GLU A 73 -41.87 -23.11 1.62
CA GLU A 73 -43.14 -23.83 1.66
C GLU A 73 -42.93 -25.26 1.15
N ILE A 74 -43.34 -26.23 1.95
CA ILE A 74 -43.16 -27.64 1.63
C ILE A 74 -44.53 -28.24 1.32
N PRO A 75 -44.65 -29.11 0.31
CA PRO A 75 -45.93 -29.81 0.09
C PRO A 75 -46.31 -30.66 1.28
N GLU A 76 -47.61 -30.75 1.52
CA GLU A 76 -48.13 -31.44 2.70
C GLU A 76 -47.89 -32.94 2.61
N PHE A 77 -47.79 -33.57 3.78
CA PHE A 77 -47.63 -35.01 3.92
C PHE A 77 -48.86 -35.53 4.65
N PRO A 78 -49.91 -35.91 3.93
CA PRO A 78 -51.14 -36.36 4.60
C PRO A 78 -50.93 -37.70 5.29
N ILE A 79 -51.41 -37.79 6.52
CA ILE A 79 -51.33 -39.00 7.34
C ILE A 79 -52.74 -39.41 7.71
N ALA A 80 -53.07 -40.67 7.43
CA ALA A 80 -54.40 -41.17 7.75
C ALA A 80 -54.58 -41.23 9.26
N PRO A 81 -55.78 -40.91 9.76
CA PRO A 81 -56.02 -41.00 11.22
C PRO A 81 -55.90 -42.43 11.74
N GLU A 82 -56.19 -43.44 10.90
CA GLU A 82 -56.04 -44.82 11.34
C GLU A 82 -54.58 -45.24 11.39
N ILE A 83 -53.77 -44.78 10.43
CA ILE A 83 -52.35 -45.11 10.44
C ILE A 83 -51.59 -44.29 11.46
N ALA A 84 -52.18 -43.20 11.95
CA ALA A 84 -51.58 -42.47 13.06
C ALA A 84 -51.70 -43.28 14.35
N LEU A 85 -50.91 -42.88 15.36
CA LEU A 85 -50.76 -43.51 16.67
C LEU A 85 -49.98 -44.82 16.55
N GLU A 86 -49.72 -45.24 15.31
CA GLU A 86 -48.78 -46.31 15.00
C GLU A 86 -47.59 -45.81 14.22
N LEU A 87 -47.80 -44.80 13.36
CA LEU A 87 -46.69 -44.12 12.72
C LEU A 87 -45.90 -43.29 13.72
N LEU A 88 -46.57 -42.72 14.73
CA LEU A 88 -45.88 -41.95 15.74
C LEU A 88 -44.96 -42.82 16.58
N MET A 89 -45.44 -44.00 16.98
CA MET A 89 -44.60 -44.92 17.75
C MET A 89 -43.42 -45.41 16.93
N ALA A 90 -43.64 -45.66 15.64
CA ALA A 90 -42.54 -46.06 14.76
C ALA A 90 -41.52 -44.94 14.61
N ALA A 91 -41.99 -43.70 14.45
CA ALA A 91 -41.07 -42.58 14.28
C ALA A 91 -40.28 -42.32 15.55
N ASN A 92 -40.90 -42.52 16.71
CA ASN A 92 -40.15 -42.45 17.96
C ASN A 92 -39.12 -43.57 18.04
N PHE A 93 -39.53 -44.79 17.66
CA PHE A 93 -38.63 -45.92 17.70
C PHE A 93 -37.54 -45.81 16.63
N LEU A 94 -37.87 -45.28 15.47
CA LEU A 94 -36.88 -45.11 14.41
C LEU A 94 -36.05 -43.84 14.56
N ASP A 95 -36.36 -42.99 15.54
CA ASP A 95 -35.67 -41.72 15.78
C ASP A 95 -35.67 -40.86 14.52
N CYS A 96 -36.77 -40.90 13.79
CA CYS A 96 -36.86 -40.27 12.49
C CYS A 96 -37.14 -38.77 12.63
N ASP B 5 -37.52 -35.19 -12.17
CA ASP B 5 -37.20 -35.42 -10.77
C ASP B 5 -38.39 -36.04 -10.01
N VAL B 6 -38.90 -37.14 -10.54
CA VAL B 6 -40.05 -37.83 -9.96
C VAL B 6 -39.59 -39.18 -9.44
N PHE B 7 -40.01 -39.51 -8.22
CA PHE B 7 -39.68 -40.78 -7.58
C PHE B 7 -40.83 -41.75 -7.79
N LEU B 8 -40.50 -42.97 -8.20
CA LEU B 8 -41.47 -43.99 -8.54
C LEU B 8 -41.33 -45.19 -7.62
N MET B 9 -42.39 -46.01 -7.60
CA MET B 9 -42.44 -47.21 -6.78
C MET B 9 -42.80 -48.40 -7.66
N ILE B 10 -42.07 -49.50 -7.47
CA ILE B 10 -42.31 -50.76 -8.17
C ILE B 10 -42.65 -51.81 -7.13
N ARG B 11 -43.84 -52.40 -7.23
CA ARG B 11 -44.33 -53.31 -6.22
C ARG B 11 -44.38 -54.74 -6.75
N ARG B 12 -43.69 -55.64 -6.05
CA ARG B 12 -43.83 -57.08 -6.24
C ARG B 12 -44.84 -57.60 -5.21
N HIS B 13 -45.03 -58.92 -5.19
CA HIS B 13 -45.93 -59.51 -4.21
C HIS B 13 -45.43 -59.33 -2.78
N LYS B 14 -44.12 -59.40 -2.56
CA LYS B 14 -43.55 -59.17 -1.24
C LYS B 14 -42.70 -57.92 -1.19
N THR B 15 -41.69 -57.80 -2.04
CA THR B 15 -40.76 -56.68 -1.95
C THR B 15 -41.34 -55.44 -2.63
N THR B 16 -40.66 -54.31 -2.43
CA THR B 16 -41.10 -53.03 -2.94
C THR B 16 -39.88 -52.14 -3.15
N ILE B 17 -39.74 -51.59 -4.36
CA ILE B 17 -38.57 -50.81 -4.73
C ILE B 17 -38.99 -49.36 -4.89
N PHE B 18 -38.15 -48.44 -4.38
CA PHE B 18 -38.33 -47.02 -4.57
C PHE B 18 -37.17 -46.50 -5.40
N THR B 19 -37.47 -45.89 -6.56
CA THR B 19 -36.44 -45.43 -7.48
C THR B 19 -36.74 -43.99 -7.89
N ASP B 20 -35.84 -43.43 -8.69
CA ASP B 20 -35.96 -42.04 -9.15
C ASP B 20 -35.75 -41.98 -10.66
N ALA B 21 -36.47 -41.07 -11.30
CA ALA B 21 -36.34 -40.85 -12.74
C ALA B 21 -36.53 -39.37 -13.03
N LYS B 22 -35.71 -38.83 -13.92
CA LYS B 22 -35.80 -37.43 -14.27
C LYS B 22 -37.02 -37.17 -15.15
N GLU B 23 -37.50 -35.92 -15.10
CA GLU B 23 -38.62 -35.52 -15.96
C GLU B 23 -38.24 -35.58 -17.43
N SER B 24 -37.05 -35.11 -17.78
CA SER B 24 -36.54 -35.17 -19.15
C SER B 24 -35.73 -36.44 -19.38
N SER B 25 -36.32 -37.58 -19.04
CA SER B 25 -35.66 -38.87 -19.18
C SER B 25 -36.68 -39.92 -19.61
N THR B 26 -36.17 -41.01 -20.18
CA THR B 26 -37.02 -42.06 -20.71
C THR B 26 -37.04 -43.25 -19.76
N VAL B 27 -37.71 -44.32 -20.18
CA VAL B 27 -37.81 -45.54 -19.39
C VAL B 27 -36.48 -46.29 -19.37
N PHE B 28 -35.57 -45.99 -20.30
CA PHE B 28 -34.31 -46.72 -20.40
C PHE B 28 -33.46 -46.54 -19.13
N GLU B 29 -33.40 -45.31 -18.61
CA GLU B 29 -32.58 -45.05 -17.43
C GLU B 29 -33.13 -45.77 -16.20
N LEU B 30 -34.45 -45.72 -15.99
CA LEU B 30 -35.04 -46.38 -14.83
C LEU B 30 -34.95 -47.90 -14.96
N LYS B 31 -35.08 -48.42 -16.18
CA LYS B 31 -34.89 -49.85 -16.40
C LYS B 31 -33.45 -50.26 -16.11
N ARG B 32 -32.48 -49.42 -16.49
CA ARG B 32 -31.09 -49.72 -16.19
C ARG B 32 -30.83 -49.71 -14.68
N ILE B 33 -31.37 -48.72 -13.97
CA ILE B 33 -31.09 -48.64 -12.54
C ILE B 33 -31.86 -49.68 -11.74
N VAL B 34 -32.97 -50.21 -12.26
CA VAL B 34 -33.61 -51.32 -11.56
C VAL B 34 -32.98 -52.65 -11.96
N GLU B 35 -32.39 -52.74 -13.15
CA GLU B 35 -31.62 -53.93 -13.53
C GLU B 35 -30.34 -54.04 -12.71
N GLY B 36 -29.71 -52.91 -12.41
CA GLY B 36 -28.45 -52.92 -11.68
C GLY B 36 -28.55 -53.42 -10.26
N ILE B 37 -29.74 -53.41 -9.68
CA ILE B 37 -29.95 -53.87 -8.30
C ILE B 37 -30.68 -55.20 -8.26
N LEU B 38 -31.67 -55.40 -9.12
CA LEU B 38 -32.47 -56.62 -9.13
C LEU B 38 -31.87 -57.72 -10.00
N LYS B 39 -30.72 -57.46 -10.63
CA LYS B 39 -29.97 -58.36 -11.52
C LYS B 39 -30.85 -59.11 -12.52
N ARG B 40 -31.93 -58.47 -12.98
CA ARG B 40 -32.81 -59.04 -13.97
C ARG B 40 -32.65 -58.30 -15.29
N PRO B 41 -32.52 -59.01 -16.42
CA PRO B 41 -32.33 -58.32 -17.70
C PRO B 41 -33.57 -57.55 -18.08
N PRO B 42 -33.44 -56.49 -18.87
CA PRO B 42 -34.61 -55.65 -19.20
C PRO B 42 -35.71 -56.39 -19.96
N ASP B 43 -35.36 -57.38 -20.78
CA ASP B 43 -36.40 -58.13 -21.48
C ASP B 43 -37.19 -59.03 -20.54
N GLU B 44 -36.55 -59.52 -19.47
CA GLU B 44 -37.26 -60.38 -18.53
C GLU B 44 -38.22 -59.57 -17.67
N GLN B 45 -37.78 -58.42 -17.16
CA GLN B 45 -38.63 -57.61 -16.31
C GLN B 45 -39.60 -56.78 -17.14
N ARG B 46 -40.83 -56.66 -16.66
CA ARG B 46 -41.85 -55.87 -17.33
C ARG B 46 -42.54 -54.98 -16.31
N LEU B 47 -42.71 -53.71 -16.66
CA LEU B 47 -43.41 -52.75 -15.81
C LEU B 47 -44.90 -52.86 -16.09
N TYR B 48 -45.56 -53.74 -15.34
CA TYR B 48 -46.98 -54.02 -15.55
C TYR B 48 -47.84 -53.05 -14.72
N LYS B 49 -47.71 -51.78 -15.05
CA LYS B 49 -48.38 -50.72 -14.31
C LYS B 49 -49.86 -50.67 -14.67
N ASP B 50 -50.72 -50.64 -13.64
CA ASP B 50 -52.17 -50.57 -13.79
C ASP B 50 -52.71 -51.71 -14.65
N ASP B 51 -52.13 -52.90 -14.46
CA ASP B 51 -52.51 -54.12 -15.19
C ASP B 51 -52.42 -53.94 -16.70
N GLN B 52 -51.29 -53.37 -17.15
CA GLN B 52 -51.09 -53.11 -18.57
C GLN B 52 -49.61 -52.94 -18.84
N LEU B 53 -49.08 -53.75 -19.76
CA LEU B 53 -47.74 -53.51 -20.27
C LEU B 53 -47.73 -52.21 -21.07
N LEU B 54 -46.65 -51.45 -20.95
CA LEU B 54 -46.63 -50.08 -21.47
C LEU B 54 -45.70 -49.92 -22.68
N ASP B 55 -44.41 -50.17 -22.53
CA ASP B 55 -43.42 -49.83 -23.55
C ASP B 55 -42.07 -50.40 -23.14
N ASP B 56 -41.04 -50.05 -23.90
CA ASP B 56 -39.66 -50.28 -23.50
C ASP B 56 -38.82 -49.04 -23.76
N GLY B 57 -39.26 -48.18 -24.68
CA GLY B 57 -38.51 -46.98 -25.02
C GLY B 57 -39.34 -45.74 -25.33
N LYS B 58 -40.55 -45.67 -24.81
CA LYS B 58 -41.46 -44.57 -25.07
C LYS B 58 -41.56 -43.68 -23.82
N THR B 59 -42.15 -42.49 -23.98
CA THR B 59 -42.26 -41.53 -22.89
C THR B 59 -43.26 -42.03 -21.83
N LEU B 60 -43.46 -41.23 -20.80
CA LEU B 60 -44.20 -41.65 -19.62
C LEU B 60 -45.70 -41.35 -19.69
N GLY B 61 -46.14 -40.59 -20.70
CA GLY B 61 -47.55 -40.25 -20.79
C GLY B 61 -48.43 -41.46 -21.06
N GLU B 62 -48.01 -42.30 -22.00
CA GLU B 62 -48.71 -43.56 -22.23
C GLU B 62 -48.49 -44.55 -21.11
N CYS B 63 -47.38 -44.42 -20.37
CA CYS B 63 -47.19 -45.23 -19.16
C CYS B 63 -48.26 -44.93 -18.13
N GLY B 64 -48.59 -43.64 -17.96
CA GLY B 64 -49.72 -43.25 -17.14
C GLY B 64 -49.39 -42.51 -15.87
N PHE B 65 -48.13 -42.16 -15.63
CA PHE B 65 -47.75 -41.40 -14.45
C PHE B 65 -46.96 -40.16 -14.86
N THR B 66 -47.23 -39.06 -14.19
CA THR B 66 -46.51 -37.81 -14.35
C THR B 66 -45.89 -37.41 -13.02
N SER B 67 -45.15 -36.29 -13.02
CA SER B 67 -44.53 -35.81 -11.80
C SER B 67 -45.58 -35.37 -10.79
N GLN B 68 -46.64 -34.70 -11.26
CA GLN B 68 -47.67 -34.21 -10.35
C GLN B 68 -48.59 -35.33 -9.85
N THR B 69 -48.75 -36.39 -10.64
CA THR B 69 -49.61 -37.50 -10.21
C THR B 69 -48.91 -38.40 -9.19
N ALA B 70 -47.60 -38.59 -9.32
CA ALA B 70 -46.84 -39.48 -8.45
C ALA B 70 -46.13 -38.62 -7.40
N ARG B 71 -46.82 -38.34 -6.31
CA ARG B 71 -46.26 -37.57 -5.21
C ARG B 71 -45.44 -38.47 -4.30
N PRO B 72 -44.51 -37.89 -3.50
CA PRO B 72 -43.76 -38.72 -2.54
C PRO B 72 -44.65 -39.43 -1.53
N GLN B 73 -45.71 -38.79 -1.07
CA GLN B 73 -46.59 -39.42 -0.09
C GLN B 73 -47.40 -40.54 -0.73
N ALA B 74 -47.82 -40.36 -1.97
CA ALA B 74 -48.62 -41.36 -2.70
C ALA B 74 -47.97 -41.62 -4.04
N PRO B 75 -46.95 -42.48 -4.08
CA PRO B 75 -46.29 -42.80 -5.35
C PRO B 75 -47.15 -43.76 -6.17
N ALA B 76 -46.62 -44.14 -7.33
CA ALA B 76 -47.33 -45.05 -8.21
C ALA B 76 -47.33 -46.47 -7.65
N THR B 77 -48.15 -47.32 -8.24
CA THR B 77 -48.26 -48.71 -7.81
C THR B 77 -47.89 -49.60 -9.00
N VAL B 78 -46.78 -49.26 -9.65
CA VAL B 78 -46.32 -50.01 -10.83
C VAL B 78 -45.98 -51.43 -10.42
N GLY B 79 -46.61 -52.40 -11.09
CA GLY B 79 -46.31 -53.79 -10.82
C GLY B 79 -45.04 -54.26 -11.51
N LEU B 80 -44.64 -55.48 -11.18
CA LEU B 80 -43.46 -56.09 -11.76
C LEU B 80 -43.83 -57.47 -12.28
N ALA B 81 -43.47 -57.74 -13.53
CA ALA B 81 -43.70 -59.03 -14.16
C ALA B 81 -42.35 -59.67 -14.49
N PHE B 82 -42.14 -60.89 -14.00
CA PHE B 82 -40.89 -61.61 -14.22
C PHE B 82 -41.16 -62.89 -14.99
N ARG B 83 -40.23 -63.27 -15.85
CA ARG B 83 -40.32 -64.52 -16.58
C ARG B 83 -40.01 -65.69 -15.66
N ALA B 84 -40.87 -66.70 -15.66
CA ALA B 84 -40.70 -67.86 -14.81
C ALA B 84 -39.61 -68.78 -15.34
N PHE B 88 -45.11 -65.27 -18.51
CA PHE B 88 -44.34 -64.57 -17.47
C PHE B 88 -44.66 -65.13 -16.09
N GLU B 89 -45.59 -64.48 -15.39
CA GLU B 89 -45.99 -64.88 -14.06
C GLU B 89 -47.40 -64.38 -13.79
N ALA B 90 -47.88 -64.63 -12.58
CA ALA B 90 -49.20 -64.21 -12.15
C ALA B 90 -49.07 -63.14 -11.07
N LEU B 91 -49.98 -62.17 -11.09
CA LEU B 91 -49.95 -61.08 -10.12
C LEU B 91 -50.68 -61.51 -8.86
N CYS B 92 -49.97 -61.46 -7.73
CA CYS B 92 -50.53 -61.81 -6.43
C CYS B 92 -50.09 -60.80 -5.38
N ILE B 93 -50.12 -59.51 -5.74
CA ILE B 93 -49.69 -58.47 -4.81
C ILE B 93 -50.75 -58.29 -3.74
N GLU B 94 -50.42 -58.66 -2.50
CA GLU B 94 -51.36 -58.48 -1.42
C GLU B 94 -51.23 -57.06 -0.86
N PRO B 95 -52.30 -56.50 -0.32
CA PRO B 95 -52.20 -55.19 0.32
C PRO B 95 -51.46 -55.29 1.64
N PHE B 96 -51.03 -54.12 2.13
CA PHE B 96 -50.37 -54.04 3.42
C PHE B 96 -51.35 -54.41 4.53
N SER B 97 -50.79 -54.73 5.70
CA SER B 97 -51.61 -55.12 6.83
C SER B 97 -52.51 -53.98 7.27
N SER B 98 -53.80 -54.28 7.46
CA SER B 98 -54.75 -53.26 7.86
C SER B 98 -54.46 -52.81 9.29
N PRO B 99 -54.67 -51.52 9.59
CA PRO B 99 -54.47 -51.04 10.96
C PRO B 99 -55.45 -51.71 11.91
N PRO B 100 -55.03 -52.00 13.14
CA PRO B 100 -55.92 -52.64 14.10
C PRO B 100 -56.74 -51.64 14.88
N GLU B 101 -57.97 -52.06 15.22
CA GLU B 101 -58.89 -51.29 16.06
C GLU B 101 -59.19 -49.91 15.44
N LEU B 102 -59.88 -49.97 14.30
CA LEU B 102 -60.23 -48.75 13.57
C LEU B 102 -61.06 -47.83 14.45
N PRO B 103 -60.68 -46.54 14.58
CA PRO B 103 -61.42 -45.57 15.40
C PRO B 103 -62.71 -45.10 14.74
N VAL C 12 41.84 28.19 -39.37
CA VAL C 12 42.41 26.96 -38.85
C VAL C 12 41.60 25.78 -39.41
N LYS C 13 42.20 24.58 -39.43
CA LYS C 13 41.59 23.45 -40.13
C LYS C 13 40.33 22.97 -39.43
N LYS C 14 40.47 22.49 -38.20
CA LYS C 14 39.35 21.94 -37.46
C LYS C 14 39.58 22.15 -35.97
N TRP C 15 38.54 22.60 -35.26
CA TRP C 15 38.65 22.91 -33.85
C TRP C 15 37.37 22.52 -33.13
N ASN C 16 37.50 21.71 -32.08
CA ASN C 16 36.39 21.32 -31.23
C ASN C 16 36.70 21.69 -29.79
N ALA C 17 35.71 22.24 -29.09
CA ALA C 17 35.94 22.73 -27.73
C ALA C 17 34.86 22.28 -26.77
N VAL C 18 34.87 22.85 -25.57
CA VAL C 18 33.85 22.59 -24.56
C VAL C 18 33.40 23.92 -23.98
N ALA C 19 32.09 24.03 -23.73
CA ALA C 19 31.51 25.24 -23.16
C ALA C 19 30.84 24.88 -21.83
N LEU C 20 31.16 25.64 -20.79
CA LEU C 20 30.55 25.46 -19.47
C LEU C 20 29.37 26.42 -19.35
N TRP C 21 28.26 26.05 -19.97
CA TRP C 21 27.11 26.94 -20.00
C TRP C 21 26.47 27.00 -18.61
N ALA C 22 26.13 28.21 -18.19
CA ALA C 22 25.45 28.45 -16.92
C ALA C 22 24.44 29.57 -17.14
N TRP C 23 23.47 29.64 -16.23
CA TRP C 23 22.42 30.64 -16.34
C TRP C 23 23.00 32.04 -16.14
N ASP C 24 22.39 33.02 -16.80
CA ASP C 24 22.92 34.37 -16.88
C ASP C 24 22.69 35.19 -15.62
N ILE C 25 22.27 34.57 -14.52
CA ILE C 25 22.12 35.29 -13.27
C ILE C 25 23.49 35.67 -12.72
N VAL C 26 23.63 36.92 -12.30
CA VAL C 26 24.93 37.43 -11.84
C VAL C 26 25.36 36.74 -10.56
N VAL C 27 24.42 36.40 -9.68
CA VAL C 27 24.71 35.71 -8.44
C VAL C 27 24.51 34.22 -8.65
N ASP C 28 25.34 33.39 -8.03
CA ASP C 28 25.34 31.96 -8.26
C ASP C 28 24.98 31.14 -7.02
N ASN C 29 25.61 31.39 -5.89
CA ASN C 29 25.44 30.55 -4.70
C ASN C 29 25.16 31.40 -3.48
N CYS C 30 24.43 30.82 -2.53
CA CYS C 30 24.16 31.44 -1.23
C CYS C 30 25.35 31.17 -0.33
N ALA C 31 26.08 32.22 0.05
CA ALA C 31 27.25 32.05 0.90
C ALA C 31 26.86 32.08 2.38
N ILE C 32 25.87 31.27 2.75
CA ILE C 32 25.50 31.04 4.14
C ILE C 32 25.46 29.55 4.38
N CYS C 33 24.66 28.84 3.57
CA CYS C 33 24.56 27.39 3.62
C CYS C 33 25.47 26.70 2.62
N ARG C 34 26.28 27.46 1.88
CA ARG C 34 27.17 26.94 0.83
C ARG C 34 26.40 26.11 -0.20
N ASN C 35 25.20 26.59 -0.54
CA ASN C 35 24.33 25.91 -1.49
C ASN C 35 24.01 26.84 -2.65
N HIS C 36 23.55 26.24 -3.74
CA HIS C 36 23.12 27.03 -4.89
C HIS C 36 21.80 27.73 -4.58
N ILE C 37 21.45 28.68 -5.45
CA ILE C 37 20.19 29.41 -5.27
C ILE C 37 19.04 28.75 -6.04
N MET C 38 19.34 27.93 -7.05
CA MET C 38 18.29 27.24 -7.79
C MET C 38 17.52 26.27 -6.89
N ASP C 39 18.23 25.53 -6.04
CA ASP C 39 17.60 24.55 -5.16
C ASP C 39 17.26 25.22 -3.83
N LEU C 40 16.90 24.41 -2.84
CA LEU C 40 16.39 24.90 -1.57
C LEU C 40 17.50 25.02 -0.54
N CYS C 41 17.27 25.88 0.45
CA CYS C 41 18.21 26.09 1.54
C CYS C 41 18.12 24.95 2.56
N ILE C 42 19.11 24.89 3.45
CA ILE C 42 19.15 23.83 4.45
C ILE C 42 18.00 23.96 5.43
N GLU C 43 17.62 25.20 5.76
CA GLU C 43 16.42 25.42 6.56
C GLU C 43 15.16 25.04 5.79
N CYS C 44 15.19 25.22 4.46
CA CYS C 44 14.01 25.07 3.63
C CYS C 44 13.87 23.68 3.03
N GLN C 45 14.96 22.91 2.98
CA GLN C 45 14.91 21.57 2.39
C GLN C 45 14.05 20.63 3.22
N ALA C 46 14.13 20.73 4.55
CA ALA C 46 13.39 19.83 5.44
C ALA C 46 11.93 20.24 5.44
N ASN C 47 11.06 19.40 4.88
CA ASN C 47 9.64 19.67 4.85
C ASN C 47 8.82 18.38 4.82
N CYS C 56 13.09 28.18 -1.14
CA CYS C 56 12.11 29.25 -0.97
C CYS C 56 12.52 30.50 -1.75
N THR C 57 12.00 31.65 -1.32
CA THR C 57 12.25 32.90 -2.03
C THR C 57 13.70 33.34 -1.85
N VAL C 58 14.12 34.25 -2.73
CA VAL C 58 15.49 34.75 -2.76
C VAL C 58 15.47 36.23 -2.38
N ALA C 59 16.33 36.62 -1.44
CA ALA C 59 16.43 38.00 -1.00
C ALA C 59 17.75 38.57 -1.51
N TRP C 60 17.66 39.64 -2.30
CA TRP C 60 18.84 40.33 -2.80
C TRP C 60 19.23 41.46 -1.83
N GLY C 61 20.36 42.10 -2.12
CA GLY C 61 20.85 43.18 -1.27
C GLY C 61 21.28 44.38 -2.10
N VAL C 62 21.43 45.50 -1.41
CA VAL C 62 21.85 46.73 -2.06
C VAL C 62 23.30 46.66 -2.53
N CYS C 63 24.12 45.79 -1.93
CA CYS C 63 25.50 45.61 -2.32
C CYS C 63 25.69 44.40 -3.25
N ASN C 64 24.68 44.10 -4.06
CA ASN C 64 24.70 42.98 -5.01
C ASN C 64 24.95 41.64 -4.30
N HIS C 65 24.36 41.49 -3.11
CA HIS C 65 24.46 40.26 -2.33
C HIS C 65 23.09 39.61 -2.26
N ALA C 66 22.96 38.43 -2.85
CA ALA C 66 21.70 37.70 -2.91
C ALA C 66 21.86 36.36 -2.20
N PHE C 67 20.93 36.06 -1.28
CA PHE C 67 20.96 34.83 -0.51
C PHE C 67 19.54 34.29 -0.39
N HIS C 68 19.40 33.19 0.35
CA HIS C 68 18.09 32.64 0.64
C HIS C 68 17.36 33.52 1.65
N PHE C 69 16.03 33.46 1.61
CA PHE C 69 15.22 34.26 2.52
C PHE C 69 15.43 33.83 3.97
N HIS C 70 15.44 32.52 4.22
CA HIS C 70 15.65 32.03 5.59
C HIS C 70 17.06 32.33 6.06
N CYS C 71 18.06 32.18 5.18
CA CYS C 71 19.44 32.51 5.54
C CYS C 71 19.59 33.99 5.86
N ILE C 72 18.96 34.86 5.06
CA ILE C 72 19.01 36.29 5.30
C ILE C 72 18.31 36.63 6.61
N SER C 73 17.16 35.99 6.88
CA SER C 73 16.46 36.25 8.13
C SER C 73 17.30 35.87 9.34
N ARG C 74 17.93 34.69 9.28
CA ARG C 74 18.80 34.27 10.37
C ARG C 74 20.01 35.20 10.53
N TRP C 75 20.59 35.62 9.40
CA TRP C 75 21.76 36.48 9.44
C TRP C 75 21.43 37.85 10.03
N LEU C 76 20.29 38.42 9.66
CA LEU C 76 19.89 39.70 10.24
C LEU C 76 19.44 39.53 11.69
N LYS C 77 18.97 38.33 12.05
CA LYS C 77 18.74 38.05 13.46
C LYS C 77 20.05 38.03 14.25
N THR C 78 21.14 37.60 13.63
CA THR C 78 22.44 37.64 14.30
C THR C 78 22.97 39.06 14.39
N ARG C 79 23.15 39.72 13.25
CA ARG C 79 23.70 41.06 13.24
C ARG C 79 23.28 41.77 11.95
N GLN C 80 23.41 43.09 11.95
CA GLN C 80 23.08 43.90 10.77
C GLN C 80 24.32 44.16 9.91
N VAL C 81 25.03 43.08 9.57
CA VAL C 81 26.24 43.14 8.76
C VAL C 81 26.09 42.15 7.61
N CYS C 82 26.45 42.57 6.41
CA CYS C 82 26.39 41.70 5.25
C CYS C 82 27.36 40.52 5.43
N PRO C 83 27.00 39.33 4.92
CA PRO C 83 27.84 38.15 5.15
C PRO C 83 29.23 38.24 4.55
N LEU C 84 29.43 39.03 3.50
CA LEU C 84 30.73 39.10 2.83
C LEU C 84 31.54 40.33 3.19
N ASP C 85 30.88 41.46 3.47
CA ASP C 85 31.58 42.70 3.80
C ASP C 85 30.85 43.41 4.92
N ASN C 86 31.56 44.32 5.59
CA ASN C 86 31.01 45.08 6.70
C ASN C 86 30.11 46.18 6.15
N ARG C 87 28.90 45.79 5.76
CA ARG C 87 27.91 46.71 5.22
C ARG C 87 26.56 46.40 5.86
N GLU C 88 25.80 47.46 6.15
CA GLU C 88 24.49 47.30 6.76
C GLU C 88 23.52 46.68 5.75
N TRP C 89 22.94 45.53 6.11
CA TRP C 89 22.06 44.81 5.20
C TRP C 89 20.76 45.58 4.98
N GLU C 90 20.32 45.62 3.72
CA GLU C 90 19.07 46.26 3.35
C GLU C 90 18.33 45.37 2.37
N PHE C 91 17.01 45.51 2.33
CA PHE C 91 16.17 44.74 1.43
C PHE C 91 16.14 45.41 0.05
N GLN C 92 15.27 44.92 -0.82
CA GLN C 92 15.14 45.47 -2.16
C GLN C 92 13.73 45.99 -2.42
N THR D 21 0.00 58.50 -53.41
CA THR D 21 1.17 59.33 -53.14
C THR D 21 1.60 59.22 -51.68
N SER D 22 0.84 58.44 -50.91
CA SER D 22 1.13 58.23 -49.50
C SER D 22 0.50 56.91 -49.06
N LEU D 23 0.93 56.43 -47.89
CA LEU D 23 0.39 55.20 -47.33
C LEU D 23 -0.85 55.46 -46.49
N LYS D 24 -1.82 56.16 -47.07
CA LYS D 24 -3.02 56.48 -46.33
C LYS D 24 -4.19 55.65 -46.82
N PRO D 25 -5.02 55.12 -45.93
CA PRO D 25 -6.25 54.44 -46.38
C PRO D 25 -7.17 55.39 -47.10
N ARG D 26 -7.38 55.16 -48.39
CA ARG D 26 -8.12 56.07 -49.25
C ARG D 26 -9.18 55.31 -50.02
N VAL D 27 -10.20 56.06 -50.46
CA VAL D 27 -11.26 55.48 -51.28
C VAL D 27 -10.68 55.23 -52.68
N VAL D 28 -10.38 53.97 -52.98
CA VAL D 28 -9.74 53.59 -54.23
C VAL D 28 -10.71 52.73 -55.02
N ASP D 29 -10.78 52.99 -56.33
CA ASP D 29 -11.64 52.21 -57.20
C ASP D 29 -11.08 50.81 -57.35
N PHE D 30 -11.93 49.80 -57.13
CA PHE D 30 -11.48 48.42 -57.19
C PHE D 30 -11.26 47.96 -58.63
N ASP D 31 -12.02 48.51 -59.58
CA ASP D 31 -12.02 47.99 -60.95
C ASP D 31 -10.68 48.23 -61.64
N GLU D 32 -10.18 49.46 -61.61
CA GLU D 32 -8.95 49.79 -62.34
C GLU D 32 -7.74 49.11 -61.70
N THR D 33 -7.63 49.19 -60.38
CA THR D 33 -6.51 48.56 -59.68
C THR D 33 -6.55 47.04 -59.84
N TRP D 34 -7.75 46.45 -59.76
CA TRP D 34 -7.86 45.01 -59.96
C TRP D 34 -7.53 44.61 -61.39
N ASN D 35 -7.89 45.43 -62.38
CA ASN D 35 -7.52 45.13 -63.76
C ASN D 35 -6.01 45.15 -63.95
N LYS D 36 -5.36 46.18 -63.41
CA LYS D 36 -3.90 46.27 -63.49
C LYS D 36 -3.23 45.10 -62.78
N LEU D 37 -3.72 44.77 -61.58
CA LEU D 37 -3.17 43.66 -60.81
C LEU D 37 -3.40 42.34 -61.53
N LEU D 38 -4.57 42.16 -62.14
CA LEU D 38 -4.86 40.94 -62.87
C LEU D 38 -3.93 40.78 -64.06
N THR D 39 -3.68 41.85 -64.81
CA THR D 39 -2.74 41.77 -65.91
C THR D 39 -1.34 41.42 -65.42
N THR D 40 -0.90 42.05 -64.33
CA THR D 40 0.45 41.79 -63.83
C THR D 40 0.58 40.36 -63.30
N ILE D 41 -0.43 39.86 -62.58
CA ILE D 41 -0.30 38.52 -62.04
C ILE D 41 -0.48 37.47 -63.13
N LYS D 42 -1.23 37.79 -64.20
CA LYS D 42 -1.26 36.90 -65.34
C LYS D 42 0.11 36.80 -66.00
N ALA D 43 0.79 37.93 -66.17
CA ALA D 43 2.15 37.92 -66.70
C ALA D 43 3.10 37.16 -65.78
N VAL D 44 2.92 37.31 -64.47
CA VAL D 44 3.79 36.64 -63.51
C VAL D 44 3.59 35.14 -63.53
N VAL D 45 2.32 34.69 -63.50
CA VAL D 45 2.01 33.27 -63.49
C VAL D 45 2.46 32.61 -64.79
N MET D 46 2.30 33.31 -65.91
CA MET D 46 2.77 32.77 -67.19
C MET D 46 4.28 32.92 -67.39
N LEU D 47 4.99 33.52 -66.42
CA LEU D 47 6.43 33.76 -66.50
C LEU D 47 6.82 34.55 -67.75
N GLU D 48 6.02 35.55 -68.07
CA GLU D 48 6.39 36.50 -69.11
C GLU D 48 7.14 37.67 -68.49
N TYR D 49 7.78 38.47 -69.34
CA TYR D 49 8.59 39.58 -68.86
C TYR D 49 7.67 40.70 -68.38
N VAL D 50 7.83 41.08 -67.11
CA VAL D 50 7.06 42.16 -66.50
C VAL D 50 8.05 43.17 -65.91
N GLU D 51 7.76 44.45 -66.14
CA GLU D 51 8.63 45.50 -65.63
C GLU D 51 8.64 45.51 -64.11
N ARG D 52 9.83 45.62 -63.51
CA ARG D 52 9.93 45.57 -62.06
C ARG D 52 9.40 46.84 -61.42
N ALA D 53 9.42 47.96 -62.14
CA ALA D 53 8.73 49.16 -61.65
C ALA D 53 7.23 48.91 -61.53
N THR D 54 6.64 48.24 -62.54
CA THR D 54 5.25 47.85 -62.45
C THR D 54 5.03 46.85 -61.32
N TRP D 55 6.01 45.99 -61.07
CA TRP D 55 5.93 45.01 -59.98
C TRP D 55 5.89 45.71 -58.61
N ASN D 56 6.74 46.71 -58.40
CA ASN D 56 6.67 47.48 -57.16
C ASN D 56 5.38 48.29 -57.07
N ASP D 57 4.91 48.80 -58.22
CA ASP D 57 3.63 49.49 -58.24
C ASP D 57 2.49 48.54 -57.87
N ARG D 58 2.63 47.25 -58.19
CA ARG D 58 1.60 46.28 -57.80
C ARG D 58 1.69 45.92 -56.32
N PHE D 59 2.89 45.94 -55.73
CA PHE D 59 2.94 45.94 -54.26
C PHE D 59 2.20 47.13 -53.68
N SER D 60 2.39 48.33 -54.26
CA SER D 60 1.67 49.49 -53.76
C SER D 60 0.16 49.31 -53.91
N ASP D 61 -0.28 48.76 -55.04
CA ASP D 61 -1.71 48.53 -55.26
C ASP D 61 -2.26 47.49 -54.31
N ILE D 62 -1.49 46.45 -54.02
CA ILE D 62 -1.90 45.44 -53.05
C ILE D 62 -2.08 46.07 -51.68
N TYR D 63 -1.13 46.91 -51.27
CA TYR D 63 -1.27 47.59 -49.98
C TYR D 63 -2.49 48.50 -49.96
N ALA D 64 -2.73 49.23 -51.06
CA ALA D 64 -3.87 50.14 -51.10
C ALA D 64 -5.19 49.39 -51.03
N LEU D 65 -5.29 48.24 -51.73
CA LEU D 65 -6.54 47.49 -51.73
C LEU D 65 -6.75 46.71 -50.43
N CYS D 66 -5.67 46.36 -49.74
CA CYS D 66 -5.80 45.56 -48.52
C CYS D 66 -6.36 46.37 -47.35
N VAL D 67 -6.06 47.66 -47.27
CA VAL D 67 -6.46 48.47 -46.13
C VAL D 67 -7.23 49.71 -46.60
N ALA D 68 -7.92 49.58 -47.73
CA ALA D 68 -8.69 50.70 -48.27
C ALA D 68 -9.80 51.11 -47.31
N TYR D 69 -10.10 52.42 -47.29
CA TYR D 69 -11.10 53.01 -46.43
C TYR D 69 -12.26 53.54 -47.25
N PRO D 70 -13.50 53.39 -46.78
CA PRO D 70 -13.94 52.71 -45.55
C PRO D 70 -14.22 51.23 -45.79
N GLU D 71 -13.93 50.71 -46.99
CA GLU D 71 -14.18 49.32 -47.30
C GLU D 71 -12.87 48.56 -47.33
N PRO D 72 -12.57 47.73 -46.34
CA PRO D 72 -11.31 46.97 -46.36
C PRO D 72 -11.37 45.84 -47.37
N LEU D 73 -11.05 46.14 -48.63
CA LEU D 73 -11.21 45.17 -49.72
C LEU D 73 -10.18 44.07 -49.64
N GLY D 74 -10.26 43.23 -48.60
CA GLY D 74 -9.43 42.06 -48.49
C GLY D 74 -10.17 40.81 -48.90
N GLU D 75 -11.44 40.72 -48.47
CA GLU D 75 -12.29 39.61 -48.90
C GLU D 75 -12.53 39.66 -50.39
N ARG D 76 -12.81 40.86 -50.93
CA ARG D 76 -13.03 41.01 -52.36
C ARG D 76 -11.78 40.66 -53.15
N LEU D 77 -10.62 41.12 -52.69
CA LEU D 77 -9.37 40.80 -53.38
C LEU D 77 -9.06 39.32 -53.32
N TYR D 78 -9.29 38.68 -52.17
CA TYR D 78 -9.05 37.25 -52.03
C TYR D 78 -9.98 36.45 -52.95
N THR D 79 -11.26 36.82 -52.99
CA THR D 79 -12.20 36.11 -53.87
C THR D 79 -11.86 36.33 -55.34
N GLU D 80 -11.48 37.55 -55.72
CA GLU D 80 -11.12 37.82 -57.11
C GLU D 80 -9.85 37.06 -57.51
N THR D 81 -8.86 37.00 -56.62
CA THR D 81 -7.66 36.23 -56.91
C THR D 81 -7.97 34.74 -57.02
N LYS D 82 -8.85 34.23 -56.16
CA LYS D 82 -9.25 32.84 -56.26
C LYS D 82 -9.96 32.55 -57.58
N ILE D 83 -10.83 33.47 -58.02
CA ILE D 83 -11.53 33.29 -59.29
C ILE D 83 -10.55 33.31 -60.45
N PHE D 84 -9.59 34.24 -60.43
CA PHE D 84 -8.58 34.30 -61.50
C PHE D 84 -7.73 33.04 -61.52
N LEU D 85 -7.34 32.53 -60.35
CA LEU D 85 -6.55 31.31 -60.29
C LEU D 85 -7.35 30.11 -60.80
N GLU D 86 -8.64 30.05 -60.46
CA GLU D 86 -9.49 28.97 -60.96
C GLU D 86 -9.59 29.03 -62.48
N ASN D 87 -9.76 30.24 -63.04
CA ASN D 87 -9.86 30.38 -64.48
C ASN D 87 -8.55 29.99 -65.17
N HIS D 88 -7.41 30.41 -64.62
CA HIS D 88 -6.12 30.07 -65.22
C HIS D 88 -5.86 28.58 -65.16
N VAL D 89 -6.15 27.95 -64.01
CA VAL D 89 -5.92 26.53 -63.87
C VAL D 89 -6.86 25.74 -64.78
N ARG D 90 -8.11 26.21 -64.94
CA ARG D 90 -9.03 25.54 -65.85
C ARG D 90 -8.59 25.68 -67.30
N HIS D 91 -8.05 26.83 -67.68
CA HIS D 91 -7.55 27.01 -69.05
C HIS D 91 -6.36 26.08 -69.31
N LEU D 92 -5.42 26.02 -68.37
CA LEU D 92 -4.30 25.09 -68.52
C LEU D 92 -4.77 23.64 -68.51
N HIS D 93 -5.81 23.34 -67.73
CA HIS D 93 -6.41 22.02 -67.70
C HIS D 93 -6.96 21.63 -69.06
N LYS D 94 -7.71 22.54 -69.69
CA LYS D 94 -8.26 22.27 -71.01
C LYS D 94 -7.15 22.09 -72.04
N ARG D 95 -6.12 22.93 -71.98
CA ARG D 95 -5.01 22.81 -72.92
C ARG D 95 -4.29 21.48 -72.78
N VAL D 96 -3.99 21.08 -71.54
CA VAL D 96 -3.25 19.83 -71.35
C VAL D 96 -4.15 18.62 -71.60
N LEU D 97 -5.47 18.79 -71.49
CA LEU D 97 -6.38 17.69 -71.78
C LEU D 97 -6.52 17.48 -73.28
N GLU D 98 -6.56 18.57 -74.06
CA GLU D 98 -6.59 18.41 -75.50
C GLU D 98 -5.23 18.06 -76.07
N SER D 99 -4.15 18.29 -75.34
CA SER D 99 -2.81 17.88 -75.78
C SER D 99 -2.44 16.52 -75.19
N GLU D 100 -3.27 15.51 -75.49
CA GLU D 100 -3.06 14.18 -74.95
C GLU D 100 -1.85 13.48 -75.56
N GLU D 101 -1.33 13.99 -76.68
CA GLU D 101 -0.14 13.39 -77.30
C GLU D 101 1.08 13.52 -76.40
N GLN D 102 1.25 14.67 -75.77
CA GLN D 102 2.35 14.94 -74.83
C GLN D 102 1.81 15.63 -73.58
N VAL D 103 0.74 15.04 -73.03
CA VAL D 103 0.17 15.49 -71.77
C VAL D 103 1.22 15.59 -70.66
N LEU D 104 2.20 14.67 -70.60
CA LEU D 104 3.20 14.77 -69.55
C LEU D 104 4.19 15.92 -69.81
N VAL D 105 4.59 16.13 -71.06
CA VAL D 105 5.49 17.25 -71.35
C VAL D 105 4.78 18.58 -71.07
N MET D 106 3.52 18.69 -71.48
CA MET D 106 2.75 19.90 -71.23
C MET D 106 2.51 20.09 -69.74
N TYR D 107 2.26 19.01 -69.00
CA TYR D 107 2.06 19.12 -67.56
C TYR D 107 3.34 19.51 -66.85
N HIS D 108 4.49 19.00 -67.29
CA HIS D 108 5.75 19.41 -66.68
C HIS D 108 6.04 20.88 -66.93
N ARG D 109 5.85 21.34 -68.17
CA ARG D 109 6.08 22.75 -68.48
C ARG D 109 5.13 23.64 -67.71
N TYR D 110 3.84 23.29 -67.69
CA TYR D 110 2.85 24.09 -66.98
C TYR D 110 3.04 24.02 -65.48
N TRP D 111 3.55 22.90 -64.96
CA TRP D 111 3.80 22.80 -63.53
C TRP D 111 5.00 23.65 -63.12
N GLU D 112 6.06 23.66 -63.94
CA GLU D 112 7.17 24.56 -63.68
C GLU D 112 6.70 26.01 -63.68
N GLU D 113 5.93 26.39 -64.72
CA GLU D 113 5.44 27.76 -64.82
C GLU D 113 4.52 28.11 -63.66
N TYR D 114 3.62 27.20 -63.29
CA TYR D 114 2.67 27.52 -62.23
C TYR D 114 3.32 27.50 -60.86
N SER D 115 4.32 26.66 -60.64
CA SER D 115 5.04 26.69 -59.36
C SER D 115 5.83 27.97 -59.21
N LYS D 116 6.54 28.39 -60.25
CA LYS D 116 7.25 29.66 -60.18
C LYS D 116 6.28 30.83 -60.04
N GLY D 117 5.15 30.79 -60.75
CA GLY D 117 4.16 31.84 -60.63
C GLY D 117 3.52 31.89 -59.26
N ALA D 118 3.25 30.72 -58.67
CA ALA D 118 2.67 30.68 -57.33
C ALA D 118 3.65 31.21 -56.29
N ASP D 119 4.93 30.84 -56.40
CA ASP D 119 5.92 31.38 -55.48
C ASP D 119 6.04 32.90 -55.62
N TYR D 120 6.08 33.39 -56.86
CA TYR D 120 6.23 34.83 -57.08
C TYR D 120 4.97 35.58 -56.66
N MET D 121 3.80 34.95 -56.78
CA MET D 121 2.55 35.58 -56.39
C MET D 121 2.39 35.60 -54.87
N ASP D 122 2.82 34.54 -54.19
CA ASP D 122 2.87 34.56 -52.74
C ASP D 122 3.86 35.59 -52.24
N CYS D 123 4.94 35.82 -53.00
CA CYS D 123 5.81 36.96 -52.69
C CYS D 123 5.08 38.28 -52.90
N LEU D 124 4.28 38.39 -53.97
CA LEU D 124 3.56 39.63 -54.24
C LEU D 124 2.45 39.86 -53.22
N TYR D 125 1.78 38.80 -52.79
CA TYR D 125 0.64 38.90 -51.88
C TYR D 125 1.06 38.78 -50.42
N ARG D 126 2.28 39.20 -50.08
CA ARG D 126 2.79 39.02 -48.72
C ARG D 126 1.97 39.82 -47.71
N TYR D 127 1.59 41.05 -48.07
CA TYR D 127 0.81 41.88 -47.15
C TYR D 127 -0.57 41.27 -46.89
N LEU D 128 -1.21 40.75 -47.94
CA LEU D 128 -2.52 40.11 -47.77
C LEU D 128 -2.40 38.86 -46.90
N ASN D 129 -1.34 38.08 -47.09
CA ASN D 129 -1.15 36.87 -46.30
C ASN D 129 -0.88 37.19 -44.84
N THR D 130 -0.09 38.24 -44.58
CA THR D 130 0.33 38.53 -43.21
C THR D 130 -0.61 39.44 -42.45
N GLN D 131 -1.53 40.13 -43.14
CA GLN D 131 -2.42 41.08 -42.47
C GLN D 131 -3.89 40.75 -42.58
N PHE D 132 -4.30 39.92 -43.52
CA PHE D 132 -5.71 39.55 -43.66
C PHE D 132 -5.96 38.06 -43.58
N ILE D 133 -5.10 37.24 -44.19
CA ILE D 133 -5.36 35.82 -44.29
C ILE D 133 -5.10 35.12 -42.96
N LYS D 134 -3.85 35.17 -42.49
CA LYS D 134 -3.51 34.49 -41.25
C LYS D 134 -4.04 35.25 -40.04
N LYS D 135 -3.94 36.58 -40.06
CA LYS D 135 -4.38 37.39 -38.93
C LYS D 135 -5.55 38.29 -39.32
N PRO D 140 -9.95 29.79 -40.45
CA PRO D 140 -9.13 30.75 -41.19
C PRO D 140 -9.04 30.42 -42.68
N LEU D 141 -8.56 31.37 -43.47
CA LEU D 141 -8.42 31.18 -44.91
C LEU D 141 -7.05 30.58 -45.21
N MET D 142 -6.67 30.54 -46.49
CA MET D 142 -5.43 29.94 -46.92
C MET D 142 -4.57 30.99 -47.63
N GLU D 143 -3.25 30.81 -47.53
CA GLU D 143 -2.32 31.74 -48.14
C GLU D 143 -2.41 31.67 -49.66
N ILE D 144 -2.02 32.77 -50.31
CA ILE D 144 -2.22 32.92 -51.75
C ILE D 144 -1.41 31.90 -52.53
N GLY D 145 -0.15 31.67 -52.12
CA GLY D 145 0.61 30.57 -52.72
C GLY D 145 -0.01 29.21 -52.40
N GLU D 146 -0.44 29.03 -51.15
CA GLU D 146 -1.13 27.80 -50.77
C GLU D 146 -2.44 27.65 -51.52
N LEU D 147 -3.18 28.75 -51.70
CA LEU D 147 -4.41 28.69 -52.47
C LEU D 147 -4.15 28.35 -53.93
N ALA D 148 -3.09 28.90 -54.50
CA ALA D 148 -2.74 28.58 -55.88
C ALA D 148 -2.39 27.11 -56.04
N LEU D 149 -1.59 26.56 -55.10
CA LEU D 149 -1.26 25.14 -55.16
C LEU D 149 -2.50 24.27 -54.97
N ASP D 150 -3.39 24.66 -54.06
CA ASP D 150 -4.61 23.90 -53.84
C ASP D 150 -5.51 23.93 -55.07
N MET D 151 -5.63 25.08 -55.72
CA MET D 151 -6.43 25.16 -56.94
C MET D 151 -5.80 24.33 -58.06
N TRP D 152 -4.47 24.34 -58.16
CA TRP D 152 -3.80 23.49 -59.14
C TRP D 152 -4.08 22.02 -58.88
N ARG D 153 -4.03 21.61 -57.61
CA ARG D 153 -4.33 20.21 -57.28
C ARG D 153 -5.78 19.87 -57.58
N LYS D 154 -6.72 20.74 -57.22
CA LYS D 154 -8.13 20.41 -57.30
C LYS D 154 -8.73 20.59 -58.68
N LEU D 155 -8.06 21.32 -59.59
CA LEU D 155 -8.61 21.53 -60.92
C LEU D 155 -7.60 21.24 -62.04
N MET D 156 -6.44 20.69 -61.71
CA MET D 156 -5.40 20.44 -62.70
C MET D 156 -4.90 19.01 -62.69
N VAL D 157 -4.78 18.40 -61.51
CA VAL D 157 -4.32 17.02 -61.41
C VAL D 157 -5.40 16.09 -60.85
N GLU D 158 -6.37 16.60 -60.09
CA GLU D 158 -7.49 15.76 -59.68
C GLU D 158 -8.33 15.29 -60.86
N PRO D 159 -8.72 16.13 -61.83
CA PRO D 159 -9.39 15.57 -63.02
C PRO D 159 -8.46 14.73 -63.88
N LEU D 160 -7.18 15.07 -63.95
CA LEU D 160 -6.20 14.31 -64.72
C LEU D 160 -5.46 13.28 -63.87
N GLN D 161 -6.08 12.77 -62.81
CA GLN D 161 -5.41 11.77 -61.99
C GLN D 161 -5.20 10.47 -62.76
N ALA D 162 -6.27 9.95 -63.38
CA ALA D 162 -6.19 8.65 -64.03
C ALA D 162 -5.23 8.66 -65.21
N ILE D 163 -5.34 9.65 -66.09
CA ILE D 163 -4.50 9.69 -67.28
C ILE D 163 -3.04 9.89 -66.91
N LEU D 164 -2.76 10.80 -65.97
CA LEU D 164 -1.37 11.04 -65.58
C LEU D 164 -0.76 9.82 -64.90
N ILE D 165 -1.50 9.20 -63.99
CA ILE D 165 -0.96 8.03 -63.29
C ILE D 165 -0.73 6.88 -64.27
N ARG D 166 -1.69 6.61 -65.15
CA ARG D 166 -1.55 5.47 -66.05
C ARG D 166 -0.47 5.71 -67.10
N MET D 167 -0.31 6.94 -67.59
CA MET D 167 0.73 7.13 -68.60
C MET D 167 2.09 7.31 -67.96
N LEU D 168 2.15 7.74 -66.69
CA LEU D 168 3.39 7.64 -65.94
C LEU D 168 3.81 6.19 -65.75
N LEU D 169 2.85 5.32 -65.42
CA LEU D 169 3.15 3.89 -65.29
C LEU D 169 3.62 3.31 -66.63
N ARG D 170 2.98 3.71 -67.73
CA ARG D 170 3.42 3.25 -69.04
C ARG D 170 4.82 3.75 -69.39
N GLU D 171 5.13 5.01 -69.07
CA GLU D 171 6.44 5.55 -69.36
C GLU D 171 7.52 4.87 -68.53
N ILE D 172 7.26 4.63 -67.25
CA ILE D 172 8.24 3.93 -66.42
C ILE D 172 8.39 2.48 -66.87
N LYS D 173 7.29 1.86 -67.32
CA LYS D 173 7.35 0.50 -67.86
C LYS D 173 8.23 0.45 -69.10
N ASN D 174 8.09 1.44 -69.98
CA ASN D 174 8.97 1.53 -71.14
C ASN D 174 10.42 1.77 -70.72
N ASP D 175 10.62 2.60 -69.70
CA ASP D 175 11.98 2.90 -69.23
C ASP D 175 12.67 1.66 -68.70
N ARG D 176 11.97 0.87 -67.89
CA ARG D 176 12.55 -0.37 -67.38
C ARG D 176 12.57 -1.47 -68.43
N GLY D 177 11.80 -1.32 -69.51
CA GLY D 177 11.85 -2.24 -70.62
C GLY D 177 12.98 -2.03 -71.60
N GLY D 178 13.76 -0.96 -71.42
CA GLY D 178 14.89 -0.70 -72.30
C GLY D 178 14.93 0.71 -72.86
N GLU D 179 13.79 1.38 -72.89
CA GLU D 179 13.74 2.72 -73.44
C GLU D 179 14.35 3.73 -72.47
N ASP D 180 14.64 4.93 -72.99
CA ASP D 180 15.23 6.01 -72.21
C ASP D 180 14.39 7.26 -72.40
N PRO D 181 13.28 7.38 -71.65
CA PRO D 181 12.44 8.57 -71.78
C PRO D 181 13.07 9.80 -71.14
N ASN D 182 12.38 10.94 -71.23
CA ASN D 182 12.88 12.18 -70.63
C ASN D 182 12.84 12.06 -69.12
N GLN D 183 14.01 11.89 -68.49
CA GLN D 183 14.07 11.72 -67.05
C GLN D 183 13.60 12.97 -66.31
N LYS D 184 13.96 14.15 -66.83
CA LYS D 184 13.60 15.40 -66.18
C LYS D 184 12.07 15.58 -66.14
N VAL D 185 11.43 15.46 -67.30
CA VAL D 185 10.00 15.75 -67.43
C VAL D 185 9.21 14.82 -66.51
N ILE D 186 9.53 13.52 -66.55
CA ILE D 186 8.88 12.55 -65.65
C ILE D 186 9.05 12.98 -64.21
N HIS D 187 10.28 13.35 -63.84
CA HIS D 187 10.54 13.80 -62.46
C HIS D 187 9.67 15.00 -62.12
N GLY D 188 9.51 15.92 -63.07
CA GLY D 188 8.62 17.04 -62.89
C GLY D 188 7.22 16.56 -62.58
N VAL D 189 6.69 15.69 -63.44
CA VAL D 189 5.30 15.26 -63.29
C VAL D 189 5.24 14.19 -62.20
N ILE D 190 6.39 13.90 -61.58
CA ILE D 190 6.38 13.17 -60.32
C ILE D 190 6.43 14.13 -59.14
N ASN D 191 7.35 15.10 -59.15
CA ASN D 191 7.47 15.96 -57.98
C ASN D 191 6.48 17.10 -58.00
N SER D 192 5.48 17.03 -58.87
CA SER D 192 4.28 17.82 -58.77
C SER D 192 3.23 17.17 -57.88
N PHE D 193 3.36 15.86 -57.63
CA PHE D 193 2.48 15.22 -56.65
C PHE D 193 2.88 15.59 -55.23
N VAL D 194 4.18 15.61 -54.96
CA VAL D 194 4.73 16.29 -53.78
C VAL D 194 4.84 17.75 -54.19
N HIS D 195 5.13 18.64 -53.23
CA HIS D 195 5.36 20.07 -53.45
C HIS D 195 4.08 20.80 -53.85
N VAL D 196 2.98 20.06 -54.03
CA VAL D 196 1.66 20.66 -54.13
C VAL D 196 0.91 20.54 -52.81
N GLU D 197 1.33 19.62 -51.93
CA GLU D 197 0.84 19.54 -50.56
C GLU D 197 1.89 20.04 -49.57
N GLN D 198 2.87 20.81 -50.05
CA GLN D 198 3.95 21.28 -49.19
C GLN D 198 3.47 22.26 -48.12
N TYR D 199 2.31 22.88 -48.32
CA TYR D 199 1.77 23.79 -47.33
C TYR D 199 0.94 23.09 -46.26
N LYS D 200 0.71 21.79 -46.40
CA LYS D 200 -0.03 21.05 -45.39
C LYS D 200 0.82 20.85 -44.15
N LYS D 201 0.24 21.12 -42.98
CA LYS D 201 0.98 20.99 -41.73
C LYS D 201 1.29 19.53 -41.41
N LYS D 202 0.34 18.63 -41.65
CA LYS D 202 0.50 17.21 -41.35
C LYS D 202 0.29 16.39 -42.61
N PHE D 203 1.10 15.34 -42.75
CA PHE D 203 1.11 14.43 -43.89
C PHE D 203 1.31 15.17 -45.20
N PRO D 204 2.49 15.73 -45.46
CA PRO D 204 2.70 16.44 -46.74
C PRO D 204 2.81 15.51 -47.93
N LEU D 205 3.07 14.22 -47.71
CA LEU D 205 3.17 13.25 -48.79
C LEU D 205 1.93 12.38 -48.90
N LYS D 206 0.85 12.73 -48.20
CA LYS D 206 -0.37 11.93 -48.26
C LYS D 206 -0.97 11.95 -49.67
N PHE D 207 -0.96 13.11 -50.32
CA PHE D 207 -1.40 13.19 -51.71
C PHE D 207 -0.48 12.38 -52.62
N TYR D 208 0.83 12.41 -52.34
CA TYR D 208 1.77 11.59 -53.10
C TYR D 208 1.56 10.11 -52.84
N GLN D 209 1.23 9.75 -51.61
CA GLN D 209 1.08 8.34 -51.26
C GLN D 209 -0.22 7.75 -51.81
N GLU D 210 -1.31 8.51 -51.78
CA GLU D 210 -2.62 7.98 -52.14
C GLU D 210 -2.91 8.05 -53.63
N ILE D 211 -2.06 8.71 -54.43
CA ILE D 211 -2.31 8.91 -55.85
C ILE D 211 -1.28 8.19 -56.70
N PHE D 212 0.01 8.40 -56.41
CA PHE D 212 1.07 7.85 -57.24
C PHE D 212 1.82 6.69 -56.59
N GLU D 213 1.99 6.69 -55.27
CA GLU D 213 2.84 5.69 -54.63
C GLU D 213 2.21 4.30 -54.69
N SER D 214 0.93 4.18 -54.33
CA SER D 214 0.29 2.87 -54.32
C SER D 214 0.14 2.27 -55.72
N PRO D 215 -0.37 2.99 -56.74
CA PRO D 215 -0.42 2.37 -58.08
C PRO D 215 0.94 2.02 -58.64
N PHE D 216 1.95 2.85 -58.40
CA PHE D 216 3.29 2.52 -58.88
C PHE D 216 3.86 1.30 -58.16
N LEU D 217 3.62 1.19 -56.85
CA LEU D 217 4.07 0.03 -56.10
C LEU D 217 3.40 -1.23 -56.61
N THR D 218 2.08 -1.18 -56.86
CA THR D 218 1.39 -2.36 -57.39
C THR D 218 1.90 -2.73 -58.78
N GLU D 219 2.10 -1.73 -59.64
CA GLU D 219 2.58 -2.00 -60.99
C GLU D 219 3.99 -2.57 -60.99
N THR D 220 4.89 -2.02 -60.17
CA THR D 220 6.25 -2.53 -60.13
C THR D 220 6.31 -3.90 -59.48
N GLY D 221 5.43 -4.18 -58.51
CA GLY D 221 5.37 -5.52 -57.95
C GLY D 221 4.91 -6.55 -58.97
N GLU D 222 3.87 -6.23 -59.73
CA GLU D 222 3.41 -7.16 -60.76
C GLU D 222 4.46 -7.35 -61.85
N TYR D 223 5.09 -6.25 -62.29
CA TYR D 223 6.11 -6.35 -63.33
C TYR D 223 7.30 -7.18 -62.86
N TYR D 224 7.74 -6.98 -61.62
CA TYR D 224 8.90 -7.71 -61.15
C TYR D 224 8.56 -9.16 -60.80
N LYS D 225 7.31 -9.44 -60.43
CA LYS D 225 6.89 -10.84 -60.34
C LYS D 225 6.95 -11.52 -61.70
N GLN D 226 6.49 -10.83 -62.75
CA GLN D 226 6.55 -11.40 -64.09
C GLN D 226 7.98 -11.58 -64.55
N GLU D 227 8.85 -10.61 -64.23
CA GLU D 227 10.27 -10.71 -64.57
C GLU D 227 10.95 -11.84 -63.81
N ALA D 228 10.58 -12.03 -62.54
CA ALA D 228 11.12 -13.14 -61.76
C ALA D 228 10.69 -14.48 -62.34
N SER D 229 9.44 -14.58 -62.80
CA SER D 229 8.99 -15.79 -63.47
C SER D 229 9.79 -16.04 -64.74
N ASN D 230 10.04 -14.98 -65.53
CA ASN D 230 10.86 -15.11 -66.73
C ASN D 230 12.27 -15.59 -66.40
N LEU D 231 12.89 -15.01 -65.38
CA LEU D 231 14.25 -15.37 -65.03
C LEU D 231 14.35 -16.77 -64.45
N LEU D 232 13.34 -17.20 -63.70
CA LEU D 232 13.32 -18.56 -63.19
C LEU D 232 13.13 -19.56 -64.32
N GLN D 233 12.31 -19.22 -65.31
CA GLN D 233 12.08 -20.15 -66.42
C GLN D 233 13.30 -20.23 -67.34
N GLU D 234 13.95 -19.10 -67.61
CA GLU D 234 14.95 -19.02 -68.65
C GLU D 234 16.38 -19.30 -68.17
N SER D 235 16.60 -19.45 -66.87
CA SER D 235 17.97 -19.57 -66.36
C SER D 235 17.99 -20.42 -65.11
N ASN D 236 19.19 -20.86 -64.74
CA ASN D 236 19.42 -21.62 -63.52
C ASN D 236 19.43 -20.67 -62.32
N CYS D 237 19.77 -21.19 -61.15
CA CYS D 237 19.66 -20.40 -59.94
C CYS D 237 20.76 -19.35 -59.83
N SER D 238 21.99 -19.69 -60.20
CA SER D 238 23.09 -18.74 -60.10
C SER D 238 22.89 -17.57 -61.06
N GLN D 239 22.50 -17.86 -62.31
CA GLN D 239 22.18 -16.80 -63.25
C GLN D 239 20.97 -16.00 -62.79
N TYR D 240 20.00 -16.66 -62.14
CA TYR D 240 18.87 -15.95 -61.56
C TYR D 240 19.32 -14.96 -60.51
N MET D 241 20.24 -15.37 -59.63
CA MET D 241 20.74 -14.46 -58.59
C MET D 241 21.49 -13.29 -59.20
N GLU D 242 22.36 -13.56 -60.18
CA GLU D 242 23.12 -12.48 -60.81
C GLU D 242 22.21 -11.49 -61.51
N LYS D 243 21.23 -12.00 -62.26
CA LYS D 243 20.33 -11.11 -62.99
C LYS D 243 19.38 -10.36 -62.05
N VAL D 244 18.98 -10.98 -60.94
CA VAL D 244 18.12 -10.29 -59.99
C VAL D 244 18.90 -9.17 -59.27
N LEU D 245 20.17 -9.42 -58.95
CA LEU D 245 21.00 -8.34 -58.39
C LEU D 245 21.17 -7.20 -59.40
N GLY D 246 21.39 -7.55 -60.67
CA GLY D 246 21.50 -6.51 -61.70
C GLY D 246 20.21 -5.72 -61.85
N ARG D 247 19.06 -6.41 -61.85
CA ARG D 247 17.77 -5.73 -61.95
C ARG D 247 17.49 -4.89 -60.71
N LEU D 248 17.94 -5.34 -59.54
CA LEU D 248 17.74 -4.56 -58.32
C LEU D 248 18.57 -3.28 -58.35
N LYS D 249 19.82 -3.37 -58.82
CA LYS D 249 20.63 -2.16 -58.98
C LYS D 249 20.00 -1.21 -60.00
N ASP D 250 19.49 -1.77 -61.11
CA ASP D 250 18.83 -0.95 -62.12
C ASP D 250 17.57 -0.29 -61.56
N GLU D 251 16.81 -1.04 -60.75
CA GLU D 251 15.61 -0.48 -60.13
C GLU D 251 15.95 0.62 -59.14
N GLU D 252 17.05 0.44 -58.38
CA GLU D 252 17.49 1.49 -57.48
C GLU D 252 17.87 2.75 -58.25
N ILE D 253 18.58 2.58 -59.37
CA ILE D 253 18.94 3.73 -60.20
C ILE D 253 17.70 4.43 -60.75
N ARG D 254 16.75 3.64 -61.25
CA ARG D 254 15.53 4.21 -61.83
C ARG D 254 14.69 4.92 -60.77
N CYS D 255 14.58 4.34 -59.58
CA CYS D 255 13.85 5.01 -58.50
C CYS D 255 14.55 6.28 -58.06
N ARG D 256 15.88 6.27 -58.04
CA ARG D 256 16.63 7.48 -57.68
C ARG D 256 16.41 8.59 -58.70
N LYS D 257 16.41 8.25 -59.98
CA LYS D 257 16.30 9.27 -61.01
C LYS D 257 14.87 9.70 -61.30
N TYR D 258 13.86 9.01 -60.78
CA TYR D 258 12.47 9.32 -61.08
C TYR D 258 11.69 9.79 -59.86
N LEU D 259 11.63 8.99 -58.80
CA LEU D 259 10.67 9.22 -57.74
C LEU D 259 11.21 10.14 -56.65
N HIS D 260 10.38 10.36 -55.64
CA HIS D 260 10.76 11.15 -54.47
C HIS D 260 11.79 10.39 -53.64
N PRO D 261 12.71 11.11 -53.00
CA PRO D 261 13.69 10.43 -52.13
C PRO D 261 13.09 9.75 -50.92
N SER D 262 11.87 10.10 -50.52
CA SER D 262 11.23 9.47 -49.37
C SER D 262 10.60 8.13 -49.69
N SER D 263 10.61 7.71 -50.96
CA SER D 263 10.03 6.43 -51.37
C SER D 263 11.06 5.53 -52.05
N TYR D 264 12.35 5.75 -51.80
CA TYR D 264 13.37 4.89 -52.37
C TYR D 264 13.30 3.48 -51.80
N THR D 265 13.08 3.37 -50.48
CA THR D 265 13.09 2.06 -49.83
C THR D 265 11.81 1.27 -50.08
N LYS D 266 10.69 1.95 -50.33
CA LYS D 266 9.44 1.22 -50.54
C LYS D 266 9.42 0.50 -51.88
N VAL D 267 9.95 1.14 -52.93
CA VAL D 267 9.98 0.52 -54.24
C VAL D 267 10.91 -0.69 -54.24
N ILE D 268 12.08 -0.56 -53.61
CA ILE D 268 13.02 -1.68 -53.54
C ILE D 268 12.45 -2.80 -52.69
N HIS D 269 11.75 -2.45 -51.59
CA HIS D 269 11.12 -3.47 -50.76
C HIS D 269 10.04 -4.22 -51.51
N GLU D 270 9.22 -3.51 -52.29
CA GLU D 270 8.19 -4.18 -53.07
C GLU D 270 8.78 -5.01 -54.20
N CYS D 271 9.89 -4.54 -54.79
CA CYS D 271 10.56 -5.33 -55.81
C CYS D 271 11.14 -6.61 -55.23
N GLN D 272 11.72 -6.55 -54.04
CA GLN D 272 12.31 -7.72 -53.41
C GLN D 272 11.25 -8.67 -52.87
N GLN D 273 10.12 -8.14 -52.41
CA GLN D 273 9.05 -8.99 -51.89
C GLN D 273 8.20 -9.62 -52.98
N ARG D 274 8.42 -9.27 -54.24
CA ARG D 274 7.73 -9.90 -55.36
C ARG D 274 8.65 -10.62 -56.32
N MET D 275 9.96 -10.52 -56.14
CA MET D 275 10.94 -11.22 -56.97
C MET D 275 11.80 -12.19 -56.18
N VAL D 276 12.18 -11.85 -54.96
CA VAL D 276 13.03 -12.69 -54.14
C VAL D 276 12.24 -13.42 -53.05
N ALA D 277 11.35 -12.71 -52.36
CA ALA D 277 10.57 -13.36 -51.31
C ALA D 277 9.56 -14.36 -51.86
N ASP D 278 9.05 -14.11 -53.07
CA ASP D 278 8.11 -15.04 -53.68
C ASP D 278 8.79 -16.37 -54.03
N HIS D 279 9.99 -16.31 -54.60
CA HIS D 279 10.74 -17.51 -54.94
C HIS D 279 11.70 -17.91 -53.82
N LEU D 280 11.18 -18.03 -52.61
CA LEU D 280 12.02 -18.36 -51.45
C LEU D 280 12.40 -19.83 -51.43
N GLN D 281 11.50 -20.72 -51.88
CA GLN D 281 11.77 -22.16 -51.83
C GLN D 281 12.92 -22.54 -52.75
N PHE D 282 13.00 -21.92 -53.94
CA PHE D 282 14.10 -22.18 -54.85
C PHE D 282 15.43 -21.77 -54.24
N LEU D 283 15.46 -20.59 -53.60
CA LEU D 283 16.69 -20.11 -52.96
C LEU D 283 17.10 -21.02 -51.81
N HIS D 284 16.14 -21.43 -50.98
CA HIS D 284 16.48 -22.31 -49.87
C HIS D 284 16.89 -23.69 -50.34
N ALA D 285 16.40 -24.12 -51.51
CA ALA D 285 16.85 -25.39 -52.08
C ALA D 285 18.28 -25.28 -52.59
N GLU D 286 18.62 -24.17 -53.24
CA GLU D 286 19.98 -23.99 -53.74
C GLU D 286 20.96 -23.59 -52.64
N CYS D 287 20.48 -23.23 -51.46
CA CYS D 287 21.36 -22.89 -50.35
C CYS D 287 22.30 -24.05 -50.01
N HIS D 288 21.77 -25.28 -49.99
CA HIS D 288 22.58 -26.44 -49.64
C HIS D 288 23.72 -26.64 -50.64
N ASN D 289 23.40 -26.59 -51.93
CA ASN D 289 24.43 -26.75 -52.96
C ASN D 289 25.46 -25.64 -52.89
N ILE D 290 25.02 -24.38 -52.76
CA ILE D 290 25.94 -23.26 -52.77
C ILE D 290 26.86 -23.30 -51.56
N ILE D 291 26.32 -23.63 -50.39
CA ILE D 291 27.14 -23.66 -49.18
C ILE D 291 28.10 -24.85 -49.20
N ARG D 292 27.61 -26.03 -49.61
CA ARG D 292 28.45 -27.23 -49.56
C ARG D 292 29.58 -27.17 -50.57
N GLN D 293 29.29 -26.79 -51.82
CA GLN D 293 30.37 -26.68 -52.79
C GLN D 293 31.11 -25.35 -52.73
N GLU D 294 30.64 -24.41 -51.90
CA GLU D 294 31.37 -23.18 -51.55
C GLU D 294 31.68 -22.34 -52.80
N LYS D 295 30.62 -21.88 -53.45
CA LYS D 295 30.73 -20.95 -54.57
C LYS D 295 30.71 -19.53 -54.01
N LYS D 296 31.86 -18.85 -54.07
CA LYS D 296 32.04 -17.60 -53.33
C LYS D 296 31.11 -16.50 -53.84
N ASN D 297 31.13 -16.26 -55.15
CA ASN D 297 30.28 -15.21 -55.72
C ASN D 297 28.80 -15.55 -55.58
N ASP D 298 28.46 -16.82 -55.79
CA ASP D 298 27.07 -17.25 -55.59
C ASP D 298 26.67 -17.12 -54.13
N MET D 299 27.60 -17.40 -53.20
CA MET D 299 27.31 -17.23 -51.78
C MET D 299 27.01 -15.78 -51.46
N ALA D 300 27.82 -14.84 -51.98
CA ALA D 300 27.57 -13.43 -51.71
C ALA D 300 26.24 -12.97 -52.33
N ASN D 301 25.97 -13.39 -53.57
CA ASN D 301 24.72 -12.99 -54.23
C ASN D 301 23.50 -13.54 -53.50
N MET D 302 23.60 -14.78 -53.00
CA MET D 302 22.50 -15.33 -52.21
C MET D 302 22.37 -14.62 -50.88
N TYR D 303 23.50 -14.28 -50.24
CA TYR D 303 23.47 -13.67 -48.92
C TYR D 303 22.83 -12.29 -48.95
N VAL D 304 23.13 -11.49 -49.98
CA VAL D 304 22.57 -10.14 -50.06
C VAL D 304 21.04 -10.21 -50.12
N LEU D 305 20.52 -11.08 -50.98
CA LEU D 305 19.08 -11.21 -51.13
C LEU D 305 18.43 -11.80 -49.88
N LEU D 306 19.04 -12.83 -49.29
CA LEU D 306 18.44 -13.46 -48.12
C LEU D 306 18.49 -12.54 -46.90
N ARG D 307 19.47 -11.64 -46.84
CA ARG D 307 19.45 -10.59 -45.82
C ARG D 307 18.36 -9.58 -46.11
N ALA D 308 18.12 -9.29 -47.40
CA ALA D 308 17.06 -8.35 -47.75
C ALA D 308 15.69 -8.89 -47.38
N VAL D 309 15.43 -10.18 -47.63
CA VAL D 309 14.15 -10.77 -47.27
C VAL D 309 14.10 -11.00 -45.75
N SER D 310 12.90 -10.86 -45.19
CA SER D 310 12.73 -10.97 -43.74
C SER D 310 13.05 -12.37 -43.24
N THR D 311 12.63 -13.40 -43.95
CA THR D 311 12.76 -14.78 -43.49
C THR D 311 13.46 -15.62 -44.56
N GLY D 312 14.62 -15.13 -45.02
CA GLY D 312 15.42 -15.89 -45.96
C GLY D 312 16.79 -16.23 -45.41
N LEU D 313 17.31 -15.35 -44.56
CA LEU D 313 18.63 -15.54 -43.98
C LEU D 313 18.77 -16.79 -43.10
N PRO D 314 17.84 -17.09 -42.16
CA PRO D 314 18.13 -18.18 -41.19
C PRO D 314 18.38 -19.55 -41.81
N HIS D 315 17.76 -19.88 -42.93
CA HIS D 315 18.04 -21.19 -43.55
C HIS D 315 19.46 -21.26 -44.07
N MET D 316 19.95 -20.17 -44.66
CA MET D 316 21.35 -20.14 -45.08
C MET D 316 22.29 -20.21 -43.89
N ILE D 317 21.88 -19.61 -42.77
CA ILE D 317 22.67 -19.69 -41.53
C ILE D 317 22.76 -21.13 -41.07
N GLN D 318 21.63 -21.85 -41.07
CA GLN D 318 21.62 -23.25 -40.67
C GLN D 318 22.44 -24.10 -41.62
N GLU D 319 22.36 -23.82 -42.93
CA GLU D 319 23.14 -24.57 -43.90
C GLU D 319 24.64 -24.37 -43.69
N LEU D 320 25.06 -23.12 -43.45
CA LEU D 320 26.47 -22.87 -43.19
C LEU D 320 26.92 -23.52 -41.88
N GLN D 321 26.07 -23.49 -40.86
CA GLN D 321 26.41 -24.13 -39.60
C GLN D 321 26.58 -25.64 -39.77
N ASN D 322 25.67 -26.27 -40.53
CA ASN D 322 25.78 -27.70 -40.78
C ASN D 322 27.02 -28.03 -41.61
N HIS D 323 27.35 -27.18 -42.60
CA HIS D 323 28.54 -27.42 -43.40
C HIS D 323 29.81 -27.29 -42.58
N ILE D 324 29.87 -26.29 -41.71
CA ILE D 324 31.05 -26.12 -40.86
C ILE D 324 31.17 -27.28 -39.87
N HIS D 325 30.03 -27.73 -39.33
CA HIS D 325 30.04 -28.88 -38.44
C HIS D 325 30.53 -30.13 -39.14
N ASP D 326 30.07 -30.36 -40.38
CA ASP D 326 30.52 -31.52 -41.14
C ASP D 326 32.01 -31.43 -41.47
N GLU D 327 32.48 -30.24 -41.85
CA GLU D 327 33.90 -30.06 -42.14
C GLU D 327 34.76 -30.28 -40.90
N GLY D 328 34.31 -29.77 -39.75
CA GLY D 328 35.05 -29.99 -38.53
C GLY D 328 35.08 -31.44 -38.09
N LEU D 329 33.96 -32.14 -38.27
CA LEU D 329 33.95 -33.57 -37.98
C LEU D 329 34.86 -34.33 -38.93
N ARG D 330 34.89 -33.93 -40.21
CA ARG D 330 35.74 -34.61 -41.17
C ARG D 330 37.22 -34.32 -40.95
N ALA D 331 37.54 -33.17 -40.33
CA ALA D 331 38.93 -32.79 -40.15
C ALA D 331 39.46 -33.01 -38.75
N THR D 332 38.61 -33.33 -37.77
CA THR D 332 39.04 -33.50 -36.39
C THR D 332 38.72 -34.86 -35.79
N SER D 333 38.10 -35.77 -36.53
CA SER D 333 37.80 -37.10 -36.02
C SER D 333 38.71 -38.17 -36.58
N ASN D 334 39.23 -37.99 -37.78
CA ASN D 334 40.15 -38.95 -38.40
C ASN D 334 41.60 -38.60 -38.08
N LEU D 335 41.90 -38.45 -36.80
CA LEU D 335 43.21 -38.03 -36.33
C LEU D 335 44.07 -39.23 -35.94
N THR D 336 45.37 -39.01 -35.90
CA THR D 336 46.32 -40.04 -35.51
C THR D 336 46.39 -40.12 -33.99
N GLN D 337 47.29 -40.94 -33.47
CA GLN D 337 47.46 -41.10 -32.03
C GLN D 337 48.84 -40.70 -31.53
N GLU D 338 49.76 -40.33 -32.42
CA GLU D 338 51.10 -39.93 -32.01
C GLU D 338 51.17 -38.45 -31.66
N ASN D 339 50.42 -37.60 -32.36
CA ASN D 339 50.41 -36.17 -32.12
C ASN D 339 48.99 -35.65 -32.16
N MET D 340 48.09 -36.36 -31.49
CA MET D 340 46.67 -36.00 -31.50
C MET D 340 46.36 -34.61 -30.94
N PRO D 341 46.92 -34.14 -29.82
CA PRO D 341 46.56 -32.78 -29.36
C PRO D 341 46.95 -31.68 -30.33
N THR D 342 48.20 -31.69 -30.82
CA THR D 342 48.63 -30.65 -31.75
C THR D 342 47.86 -30.72 -33.05
N LEU D 343 47.60 -31.93 -33.57
CA LEU D 343 46.84 -32.06 -34.81
C LEU D 343 45.41 -31.57 -34.62
N PHE D 344 44.79 -31.88 -33.47
CA PHE D 344 43.43 -31.43 -33.18
C PHE D 344 43.37 -29.92 -33.13
N VAL D 345 44.30 -29.30 -32.40
CA VAL D 345 44.29 -27.84 -32.26
C VAL D 345 44.56 -27.18 -33.60
N GLU D 346 45.52 -27.69 -34.36
CA GLU D 346 45.84 -27.09 -35.66
C GLU D 346 44.69 -27.26 -36.65
N SER D 347 43.99 -28.40 -36.61
CA SER D 347 42.84 -28.59 -37.49
C SER D 347 41.71 -27.62 -37.13
N VAL D 348 41.43 -27.44 -35.84
CA VAL D 348 40.38 -26.51 -35.44
C VAL D 348 40.77 -25.08 -35.81
N LEU D 349 42.05 -24.73 -35.63
CA LEU D 349 42.52 -23.41 -36.04
C LEU D 349 42.39 -23.20 -37.55
N GLU D 350 42.73 -24.22 -38.35
CA GLU D 350 42.63 -24.09 -39.80
C GLU D 350 41.19 -23.92 -40.24
N VAL D 351 40.28 -24.72 -39.67
CA VAL D 351 38.86 -24.62 -40.02
C VAL D 351 38.32 -23.25 -39.62
N HIS D 352 38.63 -22.81 -38.40
CA HIS D 352 38.17 -21.50 -37.92
C HIS D 352 38.72 -20.37 -38.77
N GLY D 353 40.00 -20.43 -39.12
CA GLY D 353 40.60 -19.37 -39.92
C GLY D 353 40.02 -19.28 -41.31
N LYS D 354 39.86 -20.43 -41.97
CA LYS D 354 39.32 -20.39 -43.33
C LYS D 354 37.85 -19.95 -43.32
N PHE D 355 37.09 -20.34 -42.30
CA PHE D 355 35.69 -19.92 -42.29
C PHE D 355 35.51 -18.47 -41.86
N VAL D 356 36.38 -17.95 -40.99
CA VAL D 356 36.36 -16.52 -40.70
C VAL D 356 36.75 -15.71 -41.93
N GLN D 357 37.73 -16.19 -42.70
CA GLN D 357 38.07 -15.52 -43.95
C GLN D 357 36.91 -15.55 -44.93
N LEU D 358 36.22 -16.69 -45.03
CA LEU D 358 35.05 -16.81 -45.89
C LEU D 358 33.93 -15.87 -45.46
N ILE D 359 33.68 -15.78 -44.15
CA ILE D 359 32.60 -14.93 -43.66
C ILE D 359 32.94 -13.45 -43.86
N ASN D 360 34.17 -13.07 -43.57
CA ASN D 360 34.56 -11.66 -43.69
C ASN D 360 34.78 -11.23 -45.13
N THR D 361 34.96 -12.17 -46.06
CA THR D 361 35.26 -11.81 -47.45
C THR D 361 34.03 -11.86 -48.34
N VAL D 362 33.36 -13.01 -48.42
CA VAL D 362 32.26 -13.21 -49.36
C VAL D 362 30.91 -13.28 -48.64
N LEU D 363 30.86 -12.88 -47.36
CA LEU D 363 29.62 -12.95 -46.62
C LEU D 363 29.41 -11.70 -45.76
N ASN D 364 30.21 -10.65 -45.97
CA ASN D 364 30.10 -9.33 -45.34
C ASN D 364 30.31 -9.36 -43.83
N GLY D 365 30.80 -10.48 -43.28
CA GLY D 365 31.08 -10.55 -41.85
C GLY D 365 29.87 -10.40 -40.96
N ASP D 366 28.77 -11.05 -41.32
CA ASP D 366 27.55 -10.94 -40.53
C ASP D 366 27.72 -11.58 -39.16
N GLN D 367 27.13 -10.94 -38.15
CA GLN D 367 27.24 -11.47 -36.79
C GLN D 367 26.47 -12.77 -36.62
N HIS D 368 25.35 -12.93 -37.34
CA HIS D 368 24.59 -14.17 -37.27
C HIS D 368 25.41 -15.34 -37.80
N PHE D 369 26.14 -15.13 -38.90
CA PHE D 369 26.95 -16.21 -39.45
C PHE D 369 28.17 -16.50 -38.57
N MET D 370 28.73 -15.49 -37.91
CA MET D 370 29.80 -15.74 -36.95
C MET D 370 29.29 -16.53 -35.75
N SER D 371 28.08 -16.23 -35.29
CA SER D 371 27.48 -17.02 -34.21
C SER D 371 27.22 -18.46 -34.65
N ALA D 372 26.77 -18.64 -35.89
CA ALA D 372 26.57 -19.99 -36.41
C ALA D 372 27.88 -20.76 -36.50
N LEU D 373 28.95 -20.08 -36.94
CA LEU D 373 30.27 -20.70 -36.98
C LEU D 373 30.74 -21.07 -35.59
N ASP D 374 30.51 -20.20 -34.61
CA ASP D 374 30.89 -20.50 -33.23
C ASP D 374 30.13 -21.70 -32.70
N LYS D 375 28.83 -21.79 -32.98
CA LYS D 375 28.04 -22.94 -32.54
C LYS D 375 28.52 -24.22 -33.22
N ALA D 376 28.81 -24.16 -34.52
CA ALA D 376 29.28 -25.34 -35.23
C ALA D 376 30.63 -25.81 -34.71
N LEU D 377 31.55 -24.88 -34.44
CA LEU D 377 32.84 -25.28 -33.90
C LEU D 377 32.71 -25.78 -32.46
N THR D 378 31.77 -25.23 -31.69
CA THR D 378 31.51 -25.75 -30.35
C THR D 378 31.03 -27.19 -30.41
N SER D 379 30.13 -27.49 -31.34
CA SER D 379 29.68 -28.87 -31.51
C SER D 379 30.79 -29.77 -32.05
N VAL D 380 31.70 -29.22 -32.86
CA VAL D 380 32.80 -30.02 -33.41
C VAL D 380 33.80 -30.38 -32.31
N VAL D 381 34.23 -29.39 -31.51
CA VAL D 381 35.22 -29.66 -30.48
C VAL D 381 34.63 -30.52 -29.37
N ASN D 382 33.34 -30.38 -29.12
CA ASN D 382 32.64 -31.26 -28.17
C ASN D 382 32.15 -32.53 -28.86
N TYR D 383 33.06 -33.22 -29.53
CA TYR D 383 32.73 -34.46 -30.24
C TYR D 383 32.68 -35.59 -29.24
N ARG D 384 31.54 -35.68 -28.56
CA ARG D 384 31.32 -36.74 -27.57
C ARG D 384 31.10 -38.06 -28.30
N GLU D 385 32.08 -38.95 -28.21
CA GLU D 385 31.90 -40.30 -28.74
C GLU D 385 30.83 -41.01 -27.93
N PRO D 386 29.92 -41.76 -28.58
CA PRO D 386 28.81 -42.39 -27.86
C PRO D 386 29.29 -43.35 -26.77
N LYS D 387 28.61 -43.30 -25.63
CA LYS D 387 28.91 -44.13 -24.45
C LYS D 387 30.37 -43.96 -24.02
N SER D 388 30.79 -42.70 -23.90
CA SER D 388 32.15 -42.38 -23.47
C SER D 388 32.14 -40.96 -22.91
N VAL D 389 33.33 -40.38 -22.75
CA VAL D 389 33.49 -39.03 -22.25
C VAL D 389 34.19 -38.20 -23.31
N CYS D 390 34.01 -36.89 -23.22
CA CYS D 390 34.62 -35.97 -24.18
C CYS D 390 36.13 -35.89 -23.93
N LYS D 391 36.91 -36.19 -24.95
CA LYS D 391 38.37 -36.20 -24.84
C LYS D 391 38.99 -34.85 -25.17
N ALA D 392 38.19 -33.84 -25.51
CA ALA D 392 38.75 -32.55 -25.91
C ALA D 392 39.49 -31.83 -24.78
N PRO D 393 38.96 -31.69 -23.55
CA PRO D 393 39.74 -30.99 -22.52
C PRO D 393 41.07 -31.63 -22.22
N GLU D 394 41.16 -32.96 -22.23
CA GLU D 394 42.43 -33.62 -22.04
C GLU D 394 43.38 -33.31 -23.20
N LEU D 395 42.85 -33.26 -24.43
CA LEU D 395 43.68 -32.93 -25.58
C LEU D 395 44.25 -31.53 -25.48
N LEU D 396 43.42 -30.55 -25.10
CA LEU D 396 43.93 -29.19 -24.94
C LEU D 396 44.90 -29.08 -23.78
N ALA D 397 44.67 -29.80 -22.69
CA ALA D 397 45.61 -29.79 -21.58
C ALA D 397 46.97 -30.36 -22.00
N LYS D 398 46.95 -31.47 -22.75
CA LYS D 398 48.21 -32.03 -23.26
C LYS D 398 48.87 -31.09 -24.25
N TYR D 399 48.07 -30.35 -25.04
CA TYR D 399 48.63 -29.36 -25.96
C TYR D 399 49.36 -28.26 -25.20
N CYS D 400 48.72 -27.73 -24.15
CA CYS D 400 49.35 -26.71 -23.32
C CYS D 400 50.62 -27.23 -22.66
N ASP D 401 50.57 -28.47 -22.16
CA ASP D 401 51.76 -29.07 -21.55
C ASP D 401 52.88 -29.22 -22.56
N ASN D 402 52.55 -29.60 -23.81
CA ASN D 402 53.58 -29.81 -24.81
C ASN D 402 54.24 -28.50 -25.24
N LEU D 403 53.45 -27.43 -25.39
CA LEU D 403 54.08 -26.16 -25.73
C LEU D 403 54.85 -25.55 -24.57
N LEU D 404 54.31 -25.59 -23.36
CA LEU D 404 54.97 -24.88 -22.28
C LEU D 404 56.11 -25.65 -21.64
N LYS D 405 56.25 -26.94 -21.94
CA LYS D 405 57.36 -27.71 -21.39
C LYS D 405 58.65 -27.42 -22.16
N LYS D 406 59.76 -27.36 -21.43
CA LYS D 406 61.07 -27.22 -22.07
C LYS D 406 61.39 -28.49 -22.85
N SER D 407 61.74 -28.32 -24.13
CA SER D 407 62.00 -29.44 -25.01
C SER D 407 63.09 -29.07 -26.00
N ALA D 408 63.35 -29.97 -26.94
CA ALA D 408 64.37 -29.79 -27.96
C ALA D 408 63.80 -29.34 -29.29
N LYS D 409 62.53 -28.94 -29.33
CA LYS D 409 61.93 -28.47 -30.57
C LYS D 409 62.59 -27.18 -31.05
N GLY D 410 62.90 -26.27 -30.13
CA GLY D 410 63.55 -25.04 -30.48
C GLY D 410 62.66 -23.84 -30.64
N MET D 411 61.38 -23.94 -30.26
CA MET D 411 60.48 -22.80 -30.37
C MET D 411 60.88 -21.73 -29.36
N THR D 412 60.92 -20.48 -29.82
CA THR D 412 61.30 -19.37 -28.95
C THR D 412 60.09 -18.91 -28.15
N GLU D 413 60.26 -17.81 -27.40
CA GLU D 413 59.16 -17.29 -26.58
C GLU D 413 58.03 -16.76 -27.45
N ASN D 414 58.35 -16.10 -28.56
CA ASN D 414 57.32 -15.53 -29.42
C ASN D 414 56.49 -16.62 -30.08
N GLU D 415 57.11 -17.75 -30.42
CA GLU D 415 56.35 -18.88 -30.97
C GLU D 415 55.36 -19.41 -29.96
N VAL D 416 55.79 -19.56 -28.70
CA VAL D 416 54.86 -19.99 -27.65
C VAL D 416 53.75 -18.97 -27.49
N GLU D 417 54.09 -17.68 -27.53
CA GLU D 417 53.10 -16.62 -27.32
C GLU D 417 52.02 -16.65 -28.40
N ASP D 418 52.42 -16.64 -29.67
CA ASP D 418 51.40 -16.56 -30.70
C ASP D 418 50.68 -17.89 -30.92
N ARG D 419 51.34 -19.02 -30.66
CA ARG D 419 50.62 -20.30 -30.69
C ARG D 419 49.56 -20.37 -29.61
N LEU D 420 49.87 -19.89 -28.39
CA LEU D 420 48.86 -19.89 -27.34
C LEU D 420 47.77 -18.85 -27.60
N THR D 421 48.13 -17.72 -28.21
CA THR D 421 47.13 -16.72 -28.58
C THR D 421 46.14 -17.29 -29.60
N SER D 422 46.64 -18.05 -30.57
CA SER D 422 45.74 -18.76 -31.47
C SER D 422 44.95 -19.84 -30.73
N PHE D 423 45.60 -20.54 -29.80
CA PHE D 423 44.97 -21.65 -29.08
C PHE D 423 43.79 -21.18 -28.24
N ILE D 424 43.82 -19.93 -27.76
CA ILE D 424 42.72 -19.40 -26.97
C ILE D 424 41.41 -19.43 -27.76
N THR D 425 41.47 -19.21 -29.07
CA THR D 425 40.27 -19.28 -29.91
C THR D 425 39.68 -20.68 -29.90
N VAL D 426 40.52 -21.72 -29.90
CA VAL D 426 40.03 -23.08 -29.77
C VAL D 426 39.47 -23.32 -28.37
N PHE D 427 40.14 -22.78 -27.36
CA PHE D 427 39.73 -23.04 -25.98
C PHE D 427 38.39 -22.40 -25.66
N LYS D 428 38.06 -21.27 -26.29
CA LYS D 428 36.81 -20.58 -25.99
C LYS D 428 35.59 -21.42 -26.35
N TYR D 429 35.69 -22.24 -27.40
CA TYR D 429 34.59 -23.10 -27.80
C TYR D 429 34.44 -24.34 -26.93
N ILE D 430 35.42 -24.63 -26.08
CA ILE D 430 35.44 -25.86 -25.32
C ILE D 430 34.50 -25.75 -24.12
N ASP D 431 33.47 -26.60 -24.10
CA ASP D 431 32.64 -26.77 -22.93
C ASP D 431 33.27 -27.82 -22.02
N ASP D 432 32.65 -28.05 -20.86
CA ASP D 432 33.23 -28.85 -19.78
C ASP D 432 34.60 -28.31 -19.40
N LYS D 433 34.65 -26.99 -19.15
CA LYS D 433 35.90 -26.31 -18.85
C LYS D 433 36.47 -26.70 -17.49
N ASP D 434 35.66 -27.30 -16.61
CA ASP D 434 36.18 -27.74 -15.32
C ASP D 434 37.19 -28.86 -15.48
N VAL D 435 36.94 -29.78 -16.41
CA VAL D 435 37.89 -30.87 -16.68
C VAL D 435 39.20 -30.31 -17.19
N PHE D 436 39.14 -29.34 -18.11
CA PHE D 436 40.36 -28.71 -18.61
C PHE D 436 41.08 -27.95 -17.50
N GLN D 437 40.33 -27.29 -16.63
CA GLN D 437 40.95 -26.55 -15.53
C GLN D 437 41.71 -27.49 -14.60
N LYS D 438 41.09 -28.61 -14.24
CA LYS D 438 41.76 -29.56 -13.35
C LYS D 438 42.96 -30.23 -14.02
N PHE D 439 42.81 -30.61 -15.30
CA PHE D 439 43.92 -31.23 -16.01
C PHE D 439 45.09 -30.27 -16.18
N TYR D 440 44.81 -29.01 -16.54
CA TYR D 440 45.87 -28.03 -16.66
C TYR D 440 46.47 -27.67 -15.32
N ALA D 441 45.68 -27.71 -14.24
CA ALA D 441 46.24 -27.50 -12.91
C ALA D 441 47.22 -28.61 -12.55
N ARG D 442 46.86 -29.86 -12.85
CA ARG D 442 47.76 -30.98 -12.57
C ARG D 442 49.05 -30.86 -13.38
N MET D 443 48.92 -30.54 -14.67
CA MET D 443 50.11 -30.46 -15.53
C MET D 443 50.96 -29.26 -15.18
N LEU D 444 50.35 -28.13 -14.82
CA LEU D 444 51.09 -26.96 -14.38
C LEU D 444 51.81 -27.25 -13.06
N ALA D 445 51.17 -28.01 -12.17
CA ALA D 445 51.83 -28.40 -10.92
C ALA D 445 53.05 -29.25 -11.20
N LYS D 446 52.92 -30.22 -12.11
CA LYS D 446 54.06 -31.06 -12.47
C LYS D 446 55.19 -30.22 -13.08
N ARG D 447 54.83 -29.30 -13.99
CA ARG D 447 55.83 -28.47 -14.64
C ARG D 447 56.54 -27.55 -13.64
N LEU D 448 55.80 -26.97 -12.71
CA LEU D 448 56.41 -26.05 -11.75
C LEU D 448 57.28 -26.79 -10.75
N ILE D 449 56.83 -27.94 -10.25
CA ILE D 449 57.61 -28.67 -9.26
C ILE D 449 58.85 -29.27 -9.89
N HIS D 450 58.70 -29.94 -11.03
CA HIS D 450 59.82 -30.66 -11.62
C HIS D 450 60.74 -29.77 -12.44
N GLY D 451 60.42 -28.49 -12.59
CA GLY D 451 61.27 -27.60 -13.36
C GLY D 451 61.19 -27.79 -14.86
N LEU D 452 60.16 -28.49 -15.34
CA LEU D 452 60.02 -28.73 -16.77
C LEU D 452 59.58 -27.50 -17.54
N SER D 453 59.16 -26.43 -16.86
CA SER D 453 58.75 -25.22 -17.55
C SER D 453 59.93 -24.56 -18.23
N MET D 454 59.72 -24.14 -19.49
CA MET D 454 60.80 -23.50 -20.23
C MET D 454 61.09 -22.11 -19.72
N SER D 455 60.07 -21.40 -19.25
CA SER D 455 60.23 -20.06 -18.72
C SER D 455 59.01 -19.70 -17.89
N MET D 456 59.24 -19.02 -16.77
CA MET D 456 58.13 -18.60 -15.92
C MET D 456 57.28 -17.53 -16.59
N ASP D 457 57.87 -16.72 -17.47
CA ASP D 457 57.12 -15.69 -18.18
C ASP D 457 56.07 -16.30 -19.09
N SER D 458 56.40 -17.42 -19.75
CA SER D 458 55.43 -18.10 -20.59
C SER D 458 54.27 -18.64 -19.78
N GLU D 459 54.56 -19.22 -18.61
CA GLU D 459 53.48 -19.72 -17.75
C GLU D 459 52.60 -18.59 -17.25
N GLU D 460 53.21 -17.47 -16.87
CA GLU D 460 52.43 -16.30 -16.43
C GLU D 460 51.57 -15.77 -17.56
N ALA D 461 52.11 -15.72 -18.78
CA ALA D 461 51.34 -15.23 -19.92
C ALA D 461 50.18 -16.17 -20.24
N MET D 462 50.41 -17.49 -20.15
CA MET D 462 49.32 -18.44 -20.40
C MET D 462 48.23 -18.34 -19.35
N ILE D 463 48.62 -18.17 -18.08
CA ILE D 463 47.64 -17.99 -17.01
C ILE D 463 46.85 -16.71 -17.23
N ASN D 464 47.52 -15.63 -17.64
CA ASN D 464 46.82 -14.38 -17.93
C ASN D 464 45.88 -14.52 -19.12
N LYS D 465 46.28 -15.29 -20.13
CA LYS D 465 45.42 -15.51 -21.28
C LYS D 465 44.17 -16.28 -20.88
N LEU D 466 44.32 -17.32 -20.06
CA LEU D 466 43.16 -18.04 -19.56
C LEU D 466 42.28 -17.17 -18.66
N LYS D 467 42.90 -16.28 -17.89
CA LYS D 467 42.13 -15.35 -17.05
C LYS D 467 41.31 -14.40 -17.91
N GLN D 468 41.88 -13.91 -19.00
CA GLN D 468 41.13 -13.04 -19.91
C GLN D 468 40.04 -13.82 -20.63
N ALA D 469 40.30 -15.08 -20.95
CA ALA D 469 39.33 -15.89 -21.70
C ALA D 469 38.16 -16.34 -20.85
N CYS D 470 38.38 -16.60 -19.56
CA CYS D 470 37.33 -17.17 -18.71
C CYS D 470 37.01 -16.35 -17.47
N GLY D 471 38.01 -15.73 -16.84
CA GLY D 471 37.76 -14.95 -15.65
C GLY D 471 38.82 -15.14 -14.58
N TYR D 472 38.83 -14.25 -13.59
CA TYR D 472 39.80 -14.39 -12.50
C TYR D 472 39.51 -15.60 -11.63
N GLU D 473 38.23 -15.95 -11.47
CA GLU D 473 37.87 -17.12 -10.67
C GLU D 473 38.29 -18.42 -11.34
N PHE D 474 38.49 -18.41 -12.66
CA PHE D 474 38.96 -19.61 -13.34
C PHE D 474 40.43 -19.89 -13.06
N THR D 475 41.26 -18.85 -13.04
CA THR D 475 42.69 -19.01 -12.89
C THR D 475 43.20 -18.49 -11.55
N SER D 476 42.33 -18.35 -10.55
CA SER D 476 42.78 -17.93 -9.23
C SER D 476 43.76 -18.94 -8.63
N LYS D 477 43.40 -20.22 -8.68
CA LYS D 477 44.29 -21.26 -8.16
C LYS D 477 45.58 -21.35 -8.98
N LEU D 478 45.47 -21.19 -10.30
CA LEU D 478 46.65 -21.24 -11.15
C LEU D 478 47.62 -20.11 -10.85
N HIS D 479 47.08 -18.89 -10.66
CA HIS D 479 47.93 -17.76 -10.32
C HIS D 479 48.50 -17.90 -8.91
N ARG D 480 47.76 -18.52 -7.98
CA ARG D 480 48.32 -18.79 -6.67
C ARG D 480 49.47 -19.78 -6.76
N MET D 481 49.34 -20.80 -7.60
CA MET D 481 50.43 -21.75 -7.81
C MET D 481 51.66 -21.07 -8.40
N TYR D 482 51.44 -20.21 -9.40
CA TYR D 482 52.56 -19.50 -10.01
C TYR D 482 53.23 -18.55 -9.03
N THR D 483 52.43 -17.85 -8.21
CA THR D 483 52.99 -16.96 -7.21
C THR D 483 53.78 -17.73 -6.15
N ASP D 484 53.26 -18.88 -5.71
CA ASP D 484 53.96 -19.66 -4.71
C ASP D 484 55.22 -20.32 -5.25
N MET D 485 55.29 -20.55 -6.55
CA MET D 485 56.54 -21.04 -7.14
C MET D 485 57.48 -19.94 -7.57
N SER D 486 57.02 -18.69 -7.65
CA SER D 486 57.91 -17.57 -7.96
C SER D 486 58.51 -16.95 -6.70
N VAL D 487 57.72 -16.84 -5.62
CA VAL D 487 58.23 -16.31 -4.35
C VAL D 487 59.05 -17.35 -3.60
N SER D 488 59.07 -18.60 -4.08
CA SER D 488 59.82 -19.65 -3.40
C SER D 488 61.33 -19.37 -3.40
N ALA D 489 61.83 -18.68 -4.43
CA ALA D 489 63.24 -18.30 -4.44
C ALA D 489 63.56 -17.33 -3.30
N ASP D 490 62.70 -16.33 -3.10
CA ASP D 490 62.89 -15.40 -1.98
C ASP D 490 62.73 -16.11 -0.65
N LEU D 491 61.79 -17.06 -0.56
CA LEU D 491 61.61 -17.81 0.67
C LEU D 491 62.85 -18.65 1.00
N ASN D 492 63.42 -19.31 0.00
CA ASN D 492 64.63 -20.09 0.21
C ASN D 492 65.81 -19.20 0.57
N ASN D 493 65.90 -18.02 -0.04
CA ASN D 493 66.96 -17.08 0.31
C ASN D 493 66.79 -16.60 1.75
N LYS D 494 65.56 -16.34 2.18
CA LYS D 494 65.32 -15.94 3.56
C LYS D 494 65.66 -17.06 4.53
N PHE D 495 65.36 -18.31 4.15
CA PHE D 495 65.73 -19.45 4.99
C PHE D 495 67.24 -19.59 5.10
N ASN D 496 67.96 -19.40 3.99
CA ASN D 496 69.42 -19.46 4.04
C ASN D 496 70.00 -18.33 4.88
N ASN D 497 69.42 -17.14 4.78
CA ASN D 497 69.85 -16.02 5.64
C ASN D 497 69.54 -16.30 7.10
N PHE D 498 68.45 -17.00 7.38
CA PHE D 498 68.12 -17.37 8.76
C PHE D 498 69.12 -18.35 9.33
N ILE D 499 69.43 -19.41 8.58
CA ILE D 499 70.36 -20.42 9.10
C ILE D 499 71.79 -19.91 9.11
N LYS D 500 72.12 -18.91 8.30
CA LYS D 500 73.45 -18.32 8.36
C LYS D 500 73.56 -17.25 9.44
N ASN D 501 72.45 -16.81 10.02
CA ASN D 501 72.45 -15.79 11.08
C ASN D 501 71.97 -16.34 12.41
N GLN D 502 71.97 -17.67 12.58
CA GLN D 502 71.58 -18.26 13.85
C GLN D 502 72.62 -17.96 14.92
N ASP D 503 72.16 -17.89 16.17
CA ASP D 503 73.06 -17.61 17.28
C ASP D 503 74.11 -18.71 17.44
N THR D 504 73.69 -19.96 17.30
CA THR D 504 74.60 -21.10 17.30
C THR D 504 74.79 -21.58 15.87
N VAL D 505 76.05 -21.72 15.46
CA VAL D 505 76.33 -22.13 14.09
C VAL D 505 75.88 -23.57 13.87
N ILE D 506 75.18 -23.79 12.78
CA ILE D 506 74.64 -25.10 12.43
C ILE D 506 75.26 -25.55 11.12
N ASP D 507 75.75 -26.80 11.09
CA ASP D 507 76.40 -27.36 9.92
C ASP D 507 75.54 -28.49 9.36
N LEU D 508 74.58 -28.11 8.52
CA LEU D 508 73.76 -29.07 7.81
C LEU D 508 74.34 -29.27 6.40
N GLY D 509 74.64 -30.52 6.07
CA GLY D 509 75.41 -30.81 4.87
C GLY D 509 74.58 -31.01 3.62
N ILE D 510 73.43 -30.34 3.54
CA ILE D 510 72.53 -30.46 2.40
C ILE D 510 72.22 -29.06 1.89
N SER D 511 72.11 -28.95 0.57
CA SER D 511 71.63 -27.73 -0.07
C SER D 511 70.15 -27.86 -0.37
N PHE D 512 69.40 -26.77 -0.22
CA PHE D 512 67.96 -26.80 -0.39
C PHE D 512 67.50 -25.94 -1.55
N GLN D 513 66.37 -26.37 -2.13
CA GLN D 513 65.58 -25.62 -3.11
C GLN D 513 64.12 -25.71 -2.74
N ILE D 514 63.82 -25.40 -1.47
CA ILE D 514 62.50 -25.66 -0.89
C ILE D 514 61.41 -24.96 -1.67
N TYR D 515 60.29 -25.68 -1.86
CA TYR D 515 59.18 -25.26 -2.68
C TYR D 515 57.89 -25.29 -1.88
N VAL D 516 57.85 -24.60 -0.75
CA VAL D 516 56.64 -24.54 0.06
C VAL D 516 55.50 -23.94 -0.76
N LEU D 517 54.38 -24.67 -0.84
CA LEU D 517 53.25 -24.32 -1.67
C LEU D 517 52.00 -24.15 -0.82
N GLN D 518 51.04 -23.38 -1.34
CA GLN D 518 49.75 -23.26 -0.69
C GLN D 518 48.98 -24.57 -0.79
N ALA D 519 48.34 -24.97 0.31
CA ALA D 519 47.62 -26.23 0.33
C ALA D 519 46.29 -26.13 -0.39
N GLY D 520 45.62 -24.99 -0.28
CA GLY D 520 44.29 -24.83 -0.84
C GLY D 520 44.23 -24.52 -2.32
N ALA D 521 45.37 -24.34 -2.97
CA ALA D 521 45.41 -24.01 -4.39
C ALA D 521 45.98 -25.13 -5.26
N TRP D 522 47.00 -25.81 -4.79
CA TRP D 522 47.63 -26.86 -5.58
C TRP D 522 46.77 -28.12 -5.58
N PRO D 523 46.75 -28.87 -6.68
CA PRO D 523 45.94 -30.10 -6.73
C PRO D 523 46.60 -31.29 -6.07
N LEU D 524 47.68 -31.08 -5.31
CA LEU D 524 48.38 -32.16 -4.65
C LEU D 524 47.63 -32.57 -3.38
N THR D 525 48.00 -33.73 -2.84
CA THR D 525 47.36 -34.22 -1.63
C THR D 525 48.28 -35.19 -0.91
N GLN D 526 48.02 -35.36 0.39
CA GLN D 526 48.62 -36.42 1.20
C GLN D 526 47.62 -37.54 1.46
N ALA D 527 46.68 -37.75 0.53
CA ALA D 527 45.72 -38.84 0.68
C ALA D 527 46.34 -40.23 0.69
N PRO D 528 47.48 -40.50 0.04
CA PRO D 528 48.23 -41.71 0.38
C PRO D 528 48.53 -41.77 1.87
N SER D 529 48.16 -42.89 2.49
CA SER D 529 48.28 -43.08 3.93
C SER D 529 49.66 -43.57 4.36
N SER D 530 50.67 -43.44 3.49
CA SER D 530 52.01 -43.90 3.84
C SER D 530 52.65 -42.93 4.83
N THR D 531 53.16 -43.49 5.93
CA THR D 531 53.86 -42.70 6.95
C THR D 531 55.36 -42.90 6.73
N PHE D 532 55.90 -42.10 5.80
CA PHE D 532 57.29 -42.26 5.39
C PHE D 532 58.27 -41.85 6.48
N ALA D 533 57.85 -41.02 7.43
CA ALA D 533 58.72 -40.38 8.41
C ALA D 533 59.85 -39.64 7.71
N ILE D 534 61.10 -39.99 8.01
CA ILE D 534 62.24 -39.28 7.44
C ILE D 534 63.49 -40.14 7.57
N PRO D 535 64.46 -40.01 6.67
CA PRO D 535 65.78 -40.62 6.91
C PRO D 535 66.55 -39.82 7.96
N GLN D 536 67.65 -40.43 8.42
CA GLN D 536 68.40 -39.88 9.54
C GLN D 536 69.04 -38.52 9.21
N GLU D 537 69.61 -38.39 8.01
CA GLU D 537 70.36 -37.18 7.68
C GLU D 537 69.44 -35.99 7.45
N LEU D 538 68.21 -36.23 7.01
CA LEU D 538 67.30 -35.15 6.68
C LEU D 538 66.57 -34.58 7.88
N GLU D 539 66.58 -35.29 9.02
CA GLU D 539 65.74 -34.92 10.15
C GLU D 539 66.18 -33.60 10.78
N LYS D 540 67.48 -33.42 10.98
CA LYS D 540 67.98 -32.20 11.62
C LYS D 540 67.65 -30.97 10.78
N SER D 541 67.87 -31.05 9.47
CA SER D 541 67.64 -29.88 8.63
C SER D 541 66.15 -29.64 8.39
N VAL D 542 65.33 -30.70 8.35
CA VAL D 542 63.89 -30.47 8.20
C VAL D 542 63.31 -29.89 9.49
N GLN D 543 63.85 -30.27 10.66
CA GLN D 543 63.45 -29.64 11.91
C GLN D 543 63.88 -28.18 11.94
N MET D 544 65.08 -27.89 11.41
CA MET D 544 65.53 -26.50 11.33
C MET D 544 64.62 -25.66 10.43
N PHE D 545 64.20 -26.22 9.29
CA PHE D 545 63.31 -25.48 8.41
C PHE D 545 61.93 -25.31 9.02
N GLU D 546 61.45 -26.32 9.76
CA GLU D 546 60.16 -26.17 10.43
C GLU D 546 60.23 -25.10 11.50
N LEU D 547 61.35 -25.01 12.23
CA LEU D 547 61.55 -23.93 13.19
C LEU D 547 61.58 -22.58 12.50
N PHE D 548 62.26 -22.49 11.35
CA PHE D 548 62.30 -21.24 10.60
C PHE D 548 60.91 -20.82 10.14
N TYR D 549 60.13 -21.77 9.64
CA TYR D 549 58.79 -21.46 9.17
C TYR D 549 57.88 -21.06 10.33
N SER D 550 58.03 -21.71 11.49
CA SER D 550 57.28 -21.30 12.67
C SER D 550 57.70 -19.91 13.15
N GLN D 551 58.94 -19.50 12.86
CA GLN D 551 59.38 -18.17 13.26
C GLN D 551 58.94 -17.11 12.25
N HIS D 552 59.38 -17.24 11.00
CA HIS D 552 59.22 -16.15 10.03
C HIS D 552 57.84 -16.12 9.37
N PHE D 553 57.12 -17.24 9.34
CA PHE D 553 55.74 -17.27 8.82
C PHE D 553 54.87 -17.97 9.85
N SER D 554 54.44 -17.23 10.86
CA SER D 554 53.75 -17.83 11.99
C SER D 554 52.25 -17.90 11.71
N GLY D 555 51.61 -18.90 12.32
CA GLY D 555 50.19 -19.12 12.17
C GLY D 555 49.81 -20.19 11.17
N ARG D 556 50.78 -20.81 10.51
CA ARG D 556 50.50 -21.82 9.49
C ARG D 556 51.36 -23.05 9.77
N LYS D 557 50.80 -24.23 9.52
CA LYS D 557 51.53 -25.48 9.58
C LYS D 557 51.77 -25.98 8.15
N LEU D 558 52.89 -26.65 7.95
CA LEU D 558 53.25 -27.15 6.63
C LEU D 558 53.24 -28.67 6.63
N THR D 559 52.60 -29.24 5.60
CA THR D 559 52.54 -30.68 5.41
C THR D 559 53.57 -31.08 4.36
N TRP D 560 54.44 -32.02 4.72
CA TRP D 560 55.56 -32.38 3.87
C TRP D 560 55.12 -33.47 2.90
N LEU D 561 55.12 -33.14 1.60
CA LEU D 561 54.81 -34.10 0.55
C LEU D 561 56.07 -34.87 0.23
N HIS D 562 56.25 -35.99 0.93
CA HIS D 562 57.52 -36.73 0.83
C HIS D 562 57.67 -37.40 -0.53
N TYR D 563 56.57 -37.70 -1.22
CA TYR D 563 56.66 -38.40 -2.49
C TYR D 563 57.13 -37.50 -3.63
N LEU D 564 56.91 -36.20 -3.53
CA LEU D 564 57.31 -35.26 -4.57
C LEU D 564 58.68 -34.64 -4.33
N CYS D 565 59.33 -34.94 -3.21
CA CYS D 565 60.66 -34.44 -2.97
C CYS D 565 61.68 -35.21 -3.79
N THR D 566 62.88 -34.65 -3.90
CA THR D 566 63.97 -35.32 -4.60
C THR D 566 65.30 -34.90 -4.00
N GLY D 567 66.31 -35.75 -4.20
CA GLY D 567 67.63 -35.50 -3.66
C GLY D 567 68.70 -36.04 -4.58
N GLU D 568 69.96 -35.81 -4.19
CA GLU D 568 71.12 -36.25 -4.95
C GLU D 568 72.02 -37.07 -4.04
N VAL D 569 72.05 -38.38 -4.24
CA VAL D 569 72.86 -39.27 -3.43
C VAL D 569 74.18 -39.53 -4.16
N LYS D 570 75.29 -39.28 -3.47
CA LYS D 570 76.61 -39.55 -4.00
C LYS D 570 76.91 -41.03 -3.88
N MET D 571 77.13 -41.70 -5.00
CA MET D 571 77.39 -43.14 -5.03
C MET D 571 78.87 -43.39 -4.76
N ASN D 572 79.28 -43.10 -3.52
CA ASN D 572 80.66 -43.26 -3.09
C ASN D 572 81.00 -44.68 -2.67
N TYR D 573 80.15 -45.65 -3.00
CA TYR D 573 80.41 -47.04 -2.62
C TYR D 573 81.36 -47.72 -3.61
N LEU D 574 80.96 -47.82 -4.87
CA LEU D 574 81.73 -48.54 -5.88
C LEU D 574 82.65 -47.62 -6.67
N GLY D 575 83.46 -46.84 -5.96
CA GLY D 575 84.48 -46.02 -6.59
C GLY D 575 83.99 -44.76 -7.26
N LYS D 576 82.86 -44.21 -6.82
CA LYS D 576 82.26 -42.97 -7.32
C LYS D 576 82.08 -42.99 -8.84
N PRO D 577 81.10 -43.74 -9.37
CA PRO D 577 80.80 -43.62 -10.80
C PRO D 577 80.15 -42.29 -11.13
N TYR D 578 79.15 -41.91 -10.35
CA TYR D 578 78.36 -40.71 -10.59
C TYR D 578 77.51 -40.42 -9.35
N VAL D 579 76.73 -39.35 -9.44
CA VAL D 579 75.81 -38.93 -8.38
C VAL D 579 74.39 -39.08 -8.89
N ALA D 580 73.56 -39.82 -8.16
CA ALA D 580 72.24 -40.22 -8.65
C ALA D 580 71.17 -39.28 -8.11
N MET D 581 70.31 -38.79 -9.01
CA MET D 581 69.15 -37.98 -8.64
C MET D 581 68.00 -38.94 -8.34
N VAL D 582 67.56 -38.96 -7.09
CA VAL D 582 66.62 -39.96 -6.60
C VAL D 582 65.44 -39.24 -5.94
N THR D 583 64.43 -40.05 -5.58
CA THR D 583 63.32 -39.62 -4.75
C THR D 583 63.59 -40.05 -3.32
N THR D 584 62.98 -39.35 -2.35
CA THR D 584 63.27 -39.59 -0.94
C THR D 584 62.90 -40.99 -0.50
N TYR D 585 61.95 -41.64 -1.18
CA TYR D 585 61.71 -43.06 -0.92
C TYR D 585 62.94 -43.88 -1.28
N GLN D 586 63.45 -43.70 -2.49
CA GLN D 586 64.67 -44.38 -2.91
C GLN D 586 65.88 -43.91 -2.10
N MET D 587 65.92 -42.64 -1.71
CA MET D 587 67.00 -42.15 -0.86
C MET D 587 67.00 -42.85 0.50
N ALA D 588 65.82 -43.02 1.09
CA ALA D 588 65.73 -43.72 2.37
C ALA D 588 66.09 -45.20 2.23
N VAL D 589 65.68 -45.82 1.13
CA VAL D 589 66.06 -47.22 0.90
C VAL D 589 67.56 -47.36 0.76
N LEU D 590 68.19 -46.46 -0.01
CA LEU D 590 69.64 -46.51 -0.19
C LEU D 590 70.37 -46.20 1.12
N LEU D 591 69.84 -45.31 1.95
CA LEU D 591 70.46 -45.04 3.24
C LEU D 591 70.31 -46.24 4.18
N ALA D 592 69.18 -46.94 4.11
CA ALA D 592 69.02 -48.17 4.89
C ALA D 592 70.00 -49.24 4.43
N PHE D 593 70.27 -49.31 3.13
CA PHE D 593 71.33 -50.20 2.64
C PHE D 593 72.69 -49.73 3.13
N ASN D 594 72.90 -48.42 3.21
CA ASN D 594 74.16 -47.89 3.74
C ASN D 594 74.34 -48.25 5.21
N ASN D 595 73.24 -48.43 5.94
CA ASN D 595 73.34 -48.87 7.34
C ASN D 595 73.95 -50.25 7.45
N SER D 596 73.54 -51.18 6.59
CA SER D 596 74.09 -52.54 6.60
C SER D 596 73.97 -53.12 5.19
N GLU D 597 75.05 -53.78 4.75
CA GLU D 597 75.15 -54.23 3.36
C GLU D 597 74.05 -55.23 3.00
N THR D 598 73.57 -56.00 3.97
CA THR D 598 72.42 -56.86 3.75
C THR D 598 71.14 -56.11 4.13
N VAL D 599 70.10 -56.28 3.32
CA VAL D 599 68.82 -55.63 3.55
C VAL D 599 67.72 -56.67 3.47
N SER D 600 66.54 -56.30 3.96
CA SER D 600 65.38 -57.16 3.91
C SER D 600 64.13 -56.29 3.81
N TYR D 601 63.04 -56.91 3.36
CA TYR D 601 61.76 -56.21 3.30
C TYR D 601 61.29 -55.83 4.71
N LYS D 602 61.52 -56.70 5.68
CA LYS D 602 61.24 -56.37 7.07
C LYS D 602 62.12 -55.23 7.55
N GLU D 603 63.40 -55.25 7.16
CA GLU D 603 64.33 -54.18 7.56
C GLU D 603 63.91 -52.84 6.98
N LEU D 604 63.54 -52.80 5.70
CA LEU D 604 63.05 -51.56 5.10
C LEU D 604 61.73 -51.14 5.75
N GLN D 605 60.90 -52.11 6.12
CA GLN D 605 59.62 -51.81 6.77
C GLN D 605 59.83 -51.16 8.13
N ASP D 606 60.81 -51.63 8.90
CA ASP D 606 61.05 -51.05 10.21
C ASP D 606 61.97 -49.85 10.18
N SER D 607 62.65 -49.59 9.06
CA SER D 607 63.52 -48.42 8.95
C SER D 607 62.83 -47.24 8.28
N THR D 608 62.32 -47.42 7.06
CA THR D 608 61.68 -46.34 6.33
C THR D 608 60.20 -46.20 6.66
N GLN D 609 59.58 -47.23 7.24
CA GLN D 609 58.20 -47.21 7.72
C GLN D 609 57.19 -46.93 6.61
N MET D 610 57.56 -47.15 5.35
CA MET D 610 56.67 -46.86 4.23
C MET D 610 55.57 -47.92 4.14
N ASN D 611 54.54 -47.61 3.37
CA ASN D 611 53.50 -48.57 3.05
C ASN D 611 54.07 -49.66 2.14
N GLU D 612 53.43 -50.83 2.18
CA GLU D 612 53.93 -51.98 1.42
C GLU D 612 53.85 -51.75 -0.09
N LYS D 613 52.79 -51.08 -0.55
CA LYS D 613 52.64 -50.85 -1.98
C LYS D 613 53.68 -49.86 -2.49
N GLU D 614 53.88 -48.75 -1.78
CA GLU D 614 54.88 -47.77 -2.18
C GLU D 614 56.29 -48.34 -2.10
N LEU D 615 56.58 -49.10 -1.04
CA LEU D 615 57.89 -49.73 -0.91
C LEU D 615 58.15 -50.73 -2.02
N THR D 616 57.14 -51.52 -2.37
CA THR D 616 57.27 -52.47 -3.47
C THR D 616 57.49 -51.75 -4.80
N LYS D 617 56.77 -50.65 -5.02
CA LYS D 617 56.93 -49.88 -6.25
C LYS D 617 58.34 -49.29 -6.34
N THR D 618 58.86 -48.77 -5.22
CA THR D 618 60.20 -48.19 -5.23
C THR D 618 61.27 -49.27 -5.42
N ILE D 619 61.07 -50.45 -4.83
CA ILE D 619 61.99 -51.55 -5.04
C ILE D 619 61.98 -52.00 -6.50
N LYS D 620 60.78 -52.04 -7.11
CA LYS D 620 60.67 -52.37 -8.52
C LYS D 620 61.38 -51.35 -9.40
N SER D 621 61.21 -50.06 -9.08
CA SER D 621 61.91 -49.02 -9.85
C SER D 621 63.41 -49.08 -9.64
N LEU D 622 63.86 -49.50 -8.45
CA LEU D 622 65.28 -49.65 -8.20
C LEU D 622 65.88 -50.81 -8.99
N LEU D 623 65.18 -51.95 -9.03
CA LEU D 623 65.68 -53.07 -9.80
C LEU D 623 65.53 -52.87 -11.29
N ASP D 624 64.62 -51.99 -11.71
CA ASP D 624 64.48 -51.69 -13.14
C ASP D 624 65.67 -50.90 -13.67
N VAL D 625 66.25 -50.04 -12.83
CA VAL D 625 67.38 -49.20 -13.22
C VAL D 625 68.66 -49.92 -12.79
N LYS D 626 68.50 -51.18 -12.36
CA LYS D 626 69.57 -52.09 -11.91
C LYS D 626 70.53 -51.43 -10.91
N MET D 627 70.02 -50.49 -10.12
CA MET D 627 70.78 -49.96 -9.00
C MET D 627 71.03 -51.04 -7.95
N ILE D 628 70.09 -51.98 -7.82
CA ILE D 628 70.25 -53.12 -6.94
C ILE D 628 70.54 -54.34 -7.80
N ASN D 629 71.00 -55.42 -7.14
CA ASN D 629 71.32 -56.65 -7.85
C ASN D 629 70.29 -57.76 -7.62
N HIS D 630 69.42 -57.62 -6.63
CA HIS D 630 68.33 -58.56 -6.36
C HIS D 630 68.87 -59.98 -6.11
N ASP D 631 69.61 -60.09 -5.01
CA ASP D 631 70.27 -61.36 -4.66
C ASP D 631 69.29 -62.49 -4.37
N SER D 632 68.05 -62.16 -3.99
CA SER D 632 67.05 -63.20 -3.76
C SER D 632 66.63 -63.83 -5.09
N GLU D 633 66.15 -65.07 -5.00
CA GLU D 633 65.86 -65.85 -6.20
C GLU D 633 64.65 -65.30 -6.95
N LYS D 634 63.55 -65.03 -6.25
CA LYS D 634 62.32 -64.59 -6.90
C LYS D 634 62.38 -63.11 -7.21
N GLU D 635 61.85 -62.74 -8.38
CA GLU D 635 61.90 -61.36 -8.86
C GLU D 635 60.63 -60.58 -8.56
N ASP D 636 59.57 -61.23 -8.08
CA ASP D 636 58.33 -60.55 -7.76
C ASP D 636 58.40 -60.01 -6.33
N ILE D 637 57.24 -59.62 -5.78
CA ILE D 637 57.20 -59.16 -4.39
C ILE D 637 57.59 -60.31 -3.48
N ASP D 638 58.44 -60.00 -2.49
CA ASP D 638 59.01 -61.02 -1.63
C ASP D 638 59.20 -60.47 -0.22
N ALA D 639 59.13 -61.37 0.76
CA ALA D 639 59.47 -61.02 2.13
C ALA D 639 60.97 -61.09 2.40
N GLU D 640 61.74 -61.67 1.48
CA GLU D 640 63.19 -61.72 1.65
C GLU D 640 63.83 -60.39 1.28
N SER D 641 63.70 -60.00 0.01
CA SER D 641 64.19 -58.70 -0.51
C SER D 641 65.66 -58.48 -0.18
N SER D 642 66.47 -59.51 -0.38
CA SER D 642 67.89 -59.45 -0.07
C SER D 642 68.66 -58.99 -1.30
N PHE D 643 69.43 -57.92 -1.15
CA PHE D 643 70.24 -57.34 -2.21
C PHE D 643 71.21 -56.34 -1.61
N SER D 644 72.45 -56.35 -2.07
CA SER D 644 73.35 -55.29 -1.66
C SER D 644 73.42 -54.18 -2.71
N LEU D 645 73.96 -54.49 -3.88
CA LEU D 645 74.17 -53.53 -4.96
C LEU D 645 74.72 -54.25 -6.19
N ASN D 646 74.39 -53.75 -7.38
CA ASN D 646 74.91 -54.30 -8.63
C ASN D 646 76.20 -53.57 -8.98
N MET D 647 77.33 -54.26 -8.85
CA MET D 647 78.64 -53.64 -9.02
C MET D 647 78.91 -53.23 -10.47
N ASN D 648 78.13 -53.74 -11.42
CA ASN D 648 78.32 -53.35 -12.82
C ASN D 648 77.72 -51.99 -13.15
N PHE D 649 76.96 -51.40 -12.22
CA PHE D 649 76.30 -50.11 -12.46
C PHE D 649 77.32 -48.99 -12.34
N SER D 650 78.04 -48.76 -13.45
CA SER D 650 79.05 -47.71 -13.56
C SER D 650 78.89 -46.97 -14.87
N SER D 651 77.65 -46.53 -15.14
CA SER D 651 77.31 -45.95 -16.42
C SER D 651 77.99 -44.58 -16.61
N LYS D 652 77.98 -44.10 -17.86
CA LYS D 652 78.77 -42.94 -18.23
C LYS D 652 78.17 -41.63 -17.73
N ARG D 653 76.84 -41.55 -17.65
CA ARG D 653 76.19 -40.28 -17.30
C ARG D 653 76.48 -39.91 -15.85
N THR D 654 76.74 -38.63 -15.63
CA THR D 654 77.06 -38.14 -14.29
C THR D 654 75.83 -38.04 -13.39
N LYS D 655 74.63 -38.02 -13.96
CA LYS D 655 73.40 -37.95 -13.18
C LYS D 655 72.34 -38.80 -13.87
N PHE D 656 71.63 -39.61 -13.10
CA PHE D 656 70.56 -40.46 -13.61
C PHE D 656 69.28 -40.23 -12.83
N LYS D 657 68.16 -40.19 -13.54
CA LYS D 657 66.83 -40.22 -12.92
C LYS D 657 66.44 -41.68 -12.80
N ILE D 658 66.74 -42.27 -11.63
CA ILE D 658 66.51 -43.70 -11.44
C ILE D 658 65.03 -44.03 -11.41
N THR D 659 64.18 -43.05 -11.16
CA THR D 659 62.73 -43.22 -11.30
C THR D 659 62.16 -41.95 -11.91
N THR D 660 61.06 -42.11 -12.65
CA THR D 660 60.42 -41.01 -13.34
C THR D 660 59.00 -40.80 -12.81
N SER D 661 58.60 -39.54 -12.72
CA SER D 661 57.23 -39.20 -12.33
C SER D 661 56.69 -38.02 -13.11
N MET D 662 57.42 -37.52 -14.12
CA MET D 662 56.99 -36.32 -14.82
C MET D 662 55.78 -36.60 -15.71
N GLN D 663 55.84 -37.67 -16.51
CA GLN D 663 54.74 -37.94 -17.45
C GLN D 663 53.60 -38.67 -16.76
N LYS D 664 53.85 -39.90 -16.30
CA LYS D 664 52.86 -40.75 -15.64
C LYS D 664 51.58 -40.89 -16.45
N ASP D 665 50.58 -40.07 -16.11
CA ASP D 665 49.25 -40.09 -16.73
C ASP D 665 48.62 -41.48 -16.64
N THR D 666 48.71 -42.08 -15.45
CA THR D 666 48.05 -43.35 -15.20
C THR D 666 46.53 -43.16 -15.22
N PRO D 667 45.78 -44.20 -15.59
CA PRO D 667 44.32 -44.09 -15.53
C PRO D 667 43.77 -43.83 -14.14
N GLN D 668 44.50 -44.22 -13.09
CA GLN D 668 44.04 -43.97 -11.73
C GLN D 668 43.97 -42.48 -11.43
N GLU D 669 45.02 -41.73 -11.80
CA GLU D 669 45.02 -40.30 -11.52
C GLU D 669 44.03 -39.56 -12.41
N MET D 670 43.83 -40.02 -13.64
CA MET D 670 42.82 -39.41 -14.50
C MET D 670 41.42 -39.66 -13.95
N GLU D 671 41.16 -40.87 -13.46
CA GLU D 671 39.87 -41.17 -12.84
C GLU D 671 39.66 -40.35 -11.58
N GLN D 672 40.71 -40.17 -10.78
CA GLN D 672 40.60 -39.33 -9.58
C GLN D 672 40.33 -37.87 -9.95
N THR D 673 40.99 -37.37 -10.99
CA THR D 673 40.76 -36.00 -11.43
C THR D 673 39.33 -35.83 -11.93
N ARG D 674 38.82 -36.80 -12.71
CA ARG D 674 37.44 -36.71 -13.18
C ARG D 674 36.44 -36.85 -12.03
N SER D 675 36.76 -37.65 -11.01
CA SER D 675 35.89 -37.76 -9.85
C SER D 675 35.84 -36.45 -9.07
N ALA D 676 36.99 -35.78 -8.92
CA ALA D 676 37.01 -34.48 -8.28
C ALA D 676 36.24 -33.46 -9.11
N VAL D 677 36.33 -33.55 -10.44
CA VAL D 677 35.55 -32.70 -11.33
C VAL D 677 34.06 -32.92 -11.11
N ASP D 678 33.65 -34.19 -11.01
CA ASP D 678 32.25 -34.50 -10.79
C ASP D 678 31.77 -34.01 -9.42
N GLU D 679 32.61 -34.13 -8.40
CA GLU D 679 32.24 -33.64 -7.07
C GLU D 679 32.07 -32.12 -7.07
N ASP D 680 33.01 -31.40 -7.68
CA ASP D 680 32.88 -29.95 -7.78
C ASP D 680 31.69 -29.56 -8.65
N ARG D 681 31.39 -30.35 -9.68
CA ARG D 681 30.22 -30.10 -10.51
C ARG D 681 28.94 -30.26 -9.71
N LYS D 682 28.86 -31.31 -8.88
CA LYS D 682 27.68 -31.49 -8.03
C LYS D 682 27.54 -30.37 -7.02
N MET D 683 28.66 -29.92 -6.43
CA MET D 683 28.62 -28.81 -5.48
C MET D 683 28.13 -27.53 -6.15
N TYR D 684 28.68 -27.22 -7.32
CA TYR D 684 28.27 -26.01 -8.03
C TYR D 684 26.82 -26.12 -8.51
N LEU D 685 26.40 -27.31 -8.92
CA LEU D 685 25.03 -27.50 -9.39
C LEU D 685 24.03 -27.31 -8.26
N GLN D 686 24.32 -27.86 -7.07
CA GLN D 686 23.40 -27.67 -5.96
C GLN D 686 23.44 -26.23 -5.45
N ALA D 687 24.60 -25.56 -5.54
CA ALA D 687 24.65 -24.13 -5.23
C ALA D 687 23.77 -23.34 -6.17
N ALA D 688 23.83 -23.65 -7.47
CA ALA D 688 22.98 -22.99 -8.45
C ALA D 688 21.51 -23.30 -8.21
N ILE D 689 21.19 -24.54 -7.83
CA ILE D 689 19.81 -24.91 -7.52
C ILE D 689 19.28 -24.05 -6.39
N VAL D 690 20.01 -23.99 -5.28
CA VAL D 690 19.54 -23.24 -4.11
C VAL D 690 19.44 -21.75 -4.43
N ARG D 691 20.45 -21.21 -5.13
CA ARG D 691 20.44 -19.78 -5.47
C ARG D 691 19.27 -19.43 -6.38
N ILE D 692 19.04 -20.22 -7.44
CA ILE D 692 18.04 -19.82 -8.40
C ILE D 692 16.63 -20.11 -7.86
N MET D 693 16.46 -21.10 -6.99
CA MET D 693 15.13 -21.28 -6.41
C MET D 693 14.92 -20.35 -5.20
N LYS D 694 15.98 -19.75 -4.68
CA LYS D 694 15.80 -18.63 -3.77
C LYS D 694 15.40 -17.37 -4.53
N ALA D 695 15.91 -17.22 -5.75
CA ALA D 695 15.53 -16.08 -6.58
C ALA D 695 14.10 -16.23 -7.11
N ARG D 696 13.68 -17.45 -7.42
CA ARG D 696 12.39 -17.70 -8.05
C ARG D 696 11.29 -18.09 -7.07
N LYS D 697 11.56 -19.05 -6.18
CA LYS D 697 10.69 -19.55 -5.12
C LYS D 697 9.52 -20.38 -5.65
N VAL D 698 9.35 -20.42 -6.97
CA VAL D 698 8.34 -21.26 -7.62
C VAL D 698 8.94 -21.76 -8.93
N LEU D 699 9.04 -23.08 -9.07
CA LEU D 699 9.69 -23.66 -10.24
C LEU D 699 9.08 -25.02 -10.57
N ARG D 700 9.28 -25.43 -11.82
CA ARG D 700 8.89 -26.74 -12.33
C ARG D 700 10.15 -27.49 -12.74
N HIS D 701 9.97 -28.68 -13.34
CA HIS D 701 11.12 -29.46 -13.77
C HIS D 701 11.83 -28.80 -14.95
N ASN D 702 11.10 -28.60 -16.06
CA ASN D 702 11.73 -28.18 -17.31
C ASN D 702 12.34 -26.79 -17.19
N ALA D 703 11.63 -25.86 -16.54
CA ALA D 703 12.15 -24.50 -16.39
C ALA D 703 13.42 -24.48 -15.54
N LEU D 704 13.41 -25.22 -14.42
CA LEU D 704 14.59 -25.29 -13.58
C LEU D 704 15.77 -25.91 -14.31
N ILE D 705 15.53 -27.00 -15.07
CA ILE D 705 16.60 -27.65 -15.81
C ILE D 705 17.17 -26.70 -16.86
N GLN D 706 16.30 -26.00 -17.58
CA GLN D 706 16.76 -25.07 -18.62
C GLN D 706 17.57 -23.92 -18.03
N GLU D 707 17.10 -23.33 -16.93
CA GLU D 707 17.82 -22.19 -16.35
C GLU D 707 19.12 -22.63 -15.70
N VAL D 708 19.17 -23.83 -15.13
CA VAL D 708 20.41 -24.33 -14.55
C VAL D 708 21.42 -24.65 -15.66
N ILE D 709 20.95 -25.21 -16.78
CA ILE D 709 21.82 -25.45 -17.93
C ILE D 709 22.37 -24.14 -18.47
N SER D 710 21.52 -23.12 -18.56
CA SER D 710 21.97 -21.82 -19.04
C SER D 710 22.99 -21.19 -18.08
N GLN D 711 22.76 -21.30 -16.78
CA GLN D 711 23.67 -20.71 -15.80
C GLN D 711 25.01 -21.44 -15.79
N SER D 712 25.00 -22.77 -15.91
CA SER D 712 26.21 -23.55 -15.82
C SER D 712 27.04 -23.54 -17.11
N ARG D 713 26.50 -22.98 -18.20
CA ARG D 713 27.14 -23.05 -19.51
C ARG D 713 28.50 -22.37 -19.54
N ALA D 714 28.79 -21.48 -18.58
CA ALA D 714 30.10 -20.85 -18.52
C ALA D 714 31.20 -21.86 -18.19
N ARG D 715 30.85 -22.97 -17.56
CA ARG D 715 31.82 -23.99 -17.18
C ARG D 715 31.57 -25.34 -17.84
N PHE D 716 30.34 -25.85 -17.77
CA PHE D 716 30.06 -27.19 -18.28
C PHE D 716 28.59 -27.30 -18.65
N ASN D 717 28.27 -28.32 -19.43
CA ASN D 717 26.88 -28.67 -19.70
C ASN D 717 26.41 -29.71 -18.68
N PRO D 718 25.46 -29.38 -17.82
CA PRO D 718 25.10 -30.32 -16.74
C PRO D 718 24.11 -31.38 -17.18
N SER D 719 24.48 -32.64 -16.96
CA SER D 719 23.56 -33.75 -17.22
C SER D 719 22.47 -33.79 -16.15
N ILE D 720 21.24 -34.06 -16.60
CA ILE D 720 20.06 -33.95 -15.74
C ILE D 720 20.14 -34.90 -14.55
N SER D 721 20.81 -36.05 -14.74
CA SER D 721 21.01 -36.98 -13.63
C SER D 721 21.82 -36.35 -12.50
N MET D 722 22.75 -35.46 -12.82
CA MET D 722 23.53 -34.79 -11.78
C MET D 722 22.66 -33.81 -10.98
N ILE D 723 21.76 -33.09 -11.66
CA ILE D 723 20.82 -32.22 -10.96
C ILE D 723 19.92 -33.05 -10.06
N LYS D 724 19.46 -34.21 -10.55
CA LYS D 724 18.63 -35.09 -9.72
C LYS D 724 19.39 -35.59 -8.50
N LYS D 725 20.66 -35.96 -8.69
CA LYS D 725 21.48 -36.44 -7.58
C LYS D 725 21.70 -35.37 -6.53
N CYS D 726 22.01 -34.13 -6.96
CA CYS D 726 22.24 -33.09 -5.96
C CYS D 726 20.94 -32.67 -5.29
N ILE D 727 19.81 -32.73 -6.00
CA ILE D 727 18.51 -32.49 -5.39
C ILE D 727 18.24 -33.54 -4.33
N GLU D 728 18.54 -34.81 -4.63
CA GLU D 728 18.36 -35.88 -3.64
C GLU D 728 19.29 -35.68 -2.45
N VAL D 729 20.51 -35.21 -2.69
CA VAL D 729 21.44 -34.94 -1.59
C VAL D 729 20.91 -33.83 -0.68
N LEU D 730 20.39 -32.76 -1.29
CA LEU D 730 19.82 -31.67 -0.50
C LEU D 730 18.57 -32.12 0.26
N ILE D 731 17.78 -33.01 -0.34
CA ILE D 731 16.61 -33.56 0.34
C ILE D 731 17.03 -34.40 1.54
N ASP D 732 18.04 -35.24 1.36
CA ASP D 732 18.52 -36.10 2.44
C ASP D 732 19.15 -35.29 3.56
N LYS D 733 19.82 -34.20 3.23
CA LYS D 733 20.42 -33.33 4.23
C LYS D 733 19.43 -32.25 4.71
N GLN D 734 18.14 -32.45 4.41
CA GLN D 734 17.01 -31.59 4.81
C GLN D 734 17.28 -30.10 4.61
N TYR D 735 18.00 -29.76 3.54
CA TYR D 735 18.18 -28.37 3.16
C TYR D 735 17.16 -27.88 2.14
N ILE D 736 16.43 -28.79 1.50
CA ILE D 736 15.38 -28.41 0.57
C ILE D 736 14.18 -29.31 0.83
N GLU D 737 12.99 -28.78 0.51
CA GLU D 737 11.76 -29.55 0.69
C GLU D 737 10.83 -29.20 -0.47
N ARG D 738 10.81 -30.07 -1.48
CA ARG D 738 9.87 -29.92 -2.56
C ARG D 738 8.46 -30.26 -2.07
N SER D 739 7.47 -29.84 -2.84
CA SER D 739 6.07 -29.96 -2.42
C SER D 739 5.66 -31.43 -2.33
N GLN D 740 4.89 -31.76 -1.29
CA GLN D 740 4.43 -33.12 -1.10
C GLN D 740 3.31 -33.50 -2.04
N ALA D 741 2.60 -32.52 -2.61
CA ALA D 741 1.53 -32.83 -3.55
C ALA D 741 2.07 -33.47 -4.82
N SER D 742 3.17 -32.95 -5.34
CA SER D 742 3.80 -33.51 -6.54
C SER D 742 5.27 -33.11 -6.56
N ALA D 743 6.08 -33.93 -7.22
CA ALA D 743 7.50 -33.65 -7.34
C ALA D 743 7.81 -32.56 -8.35
N ASP D 744 6.81 -32.10 -9.11
CA ASP D 744 7.05 -31.06 -10.11
C ASP D 744 7.23 -29.70 -9.46
N GLU D 745 6.27 -29.28 -8.63
CA GLU D 745 6.35 -28.01 -7.94
C GLU D 745 7.36 -28.08 -6.80
N TYR D 746 7.97 -26.93 -6.49
CA TYR D 746 9.01 -26.84 -5.48
C TYR D 746 8.68 -25.73 -4.49
N SER D 747 9.20 -25.87 -3.27
CA SER D 747 8.99 -24.90 -2.21
C SER D 747 10.32 -24.61 -1.53
N TYR D 748 10.43 -23.40 -0.98
CA TYR D 748 11.65 -22.94 -0.33
C TYR D 748 11.70 -23.45 1.11
N VAL D 749 12.73 -24.24 1.40
CA VAL D 749 12.99 -24.80 2.74
C VAL D 749 11.80 -25.58 3.26
N MET E 1 25.31 42.85 -53.56
CA MET E 1 25.77 43.19 -52.22
C MET E 1 25.08 44.46 -51.72
N TYR E 2 24.91 45.43 -52.60
CA TYR E 2 24.27 46.70 -52.28
C TYR E 2 22.99 46.85 -53.10
N VAL E 3 21.91 47.19 -52.43
CA VAL E 3 20.62 47.41 -53.07
C VAL E 3 20.28 48.88 -53.01
N LYS E 4 19.40 49.31 -53.92
CA LYS E 4 19.01 50.71 -54.05
C LYS E 4 17.54 50.86 -53.72
N LEU E 5 17.21 51.88 -52.92
CA LEU E 5 15.85 52.16 -52.52
C LEU E 5 15.51 53.58 -52.94
N ILE E 6 14.52 53.71 -53.82
CA ILE E 6 14.13 55.01 -54.37
C ILE E 6 12.78 55.40 -53.80
N SER E 7 12.71 56.60 -53.22
CA SER E 7 11.47 57.12 -52.67
C SER E 7 10.58 57.67 -53.77
N SER E 8 9.37 58.09 -53.37
CA SER E 8 8.45 58.70 -54.32
C SER E 8 8.97 60.06 -54.80
N ASP E 9 9.58 60.83 -53.91
CA ASP E 9 10.07 62.16 -54.26
C ASP E 9 11.52 62.13 -54.74
N GLY E 10 11.80 61.27 -55.71
CA GLY E 10 13.08 61.27 -56.42
C GLY E 10 14.30 60.81 -55.65
N HIS E 11 14.23 60.77 -54.32
CA HIS E 11 15.38 60.45 -53.50
C HIS E 11 15.79 58.99 -53.67
N GLU E 12 17.09 58.76 -53.74
CA GLU E 12 17.66 57.43 -53.89
C GLU E 12 18.48 57.08 -52.65
N PHE E 13 18.27 55.87 -52.14
CA PHE E 13 18.97 55.39 -50.97
C PHE E 13 19.61 54.05 -51.29
N ILE E 14 20.89 53.90 -50.95
CA ILE E 14 21.64 52.68 -51.21
C ILE E 14 22.09 52.11 -49.88
N VAL E 15 21.73 50.85 -49.63
CA VAL E 15 22.10 50.16 -48.39
C VAL E 15 22.49 48.74 -48.77
N LYS E 16 23.20 48.07 -47.86
CA LYS E 16 23.64 46.70 -48.09
C LYS E 16 22.43 45.77 -48.22
N ARG E 17 22.60 44.74 -49.05
CA ARG E 17 21.50 43.80 -49.30
C ARG E 17 21.09 43.07 -48.03
N GLU E 18 22.07 42.62 -47.23
CA GLU E 18 21.76 41.95 -45.97
C GLU E 18 21.06 42.90 -45.01
N HIS E 19 21.38 44.19 -45.07
CA HIS E 19 20.71 45.16 -44.22
C HIS E 19 19.26 45.38 -44.64
N ALA E 20 18.98 45.31 -45.95
CA ALA E 20 17.64 45.56 -46.45
C ALA E 20 16.77 44.31 -46.53
N LEU E 21 17.33 43.13 -46.30
CA LEU E 21 16.55 41.90 -46.30
C LEU E 21 15.91 41.61 -44.95
N THR E 22 16.13 42.47 -43.95
CA THR E 22 15.47 42.28 -42.67
C THR E 22 14.01 42.67 -42.69
N SER E 23 13.53 43.30 -43.76
CA SER E 23 12.13 43.62 -43.94
C SER E 23 11.56 42.70 -45.01
N GLY E 24 10.41 42.09 -44.70
CA GLY E 24 9.86 41.07 -45.58
C GLY E 24 9.42 41.59 -46.93
N THR E 25 8.87 42.81 -46.96
CA THR E 25 8.35 43.34 -48.22
C THR E 25 9.47 43.65 -49.20
N ILE E 26 10.58 44.23 -48.73
CA ILE E 26 11.72 44.48 -49.60
C ILE E 26 12.32 43.16 -50.07
N LYS E 27 12.32 42.14 -49.20
CA LYS E 27 12.79 40.82 -49.61
C LYS E 27 11.91 40.25 -50.71
N ALA E 28 10.60 40.46 -50.61
CA ALA E 28 9.70 40.00 -51.67
C ALA E 28 9.89 40.79 -52.96
N MET E 29 10.14 42.10 -52.84
CA MET E 29 10.39 42.92 -54.02
C MET E 29 11.66 42.51 -54.74
N LEU E 30 12.72 42.20 -53.98
CA LEU E 30 13.97 41.76 -54.59
C LEU E 30 13.81 40.39 -55.24
N SER E 31 13.03 39.51 -54.62
CA SER E 31 12.73 38.22 -55.22
C SER E 31 11.67 38.38 -56.31
N GLY E 32 11.34 37.27 -56.98
CA GLY E 32 10.38 37.30 -58.05
C GLY E 32 10.99 37.84 -59.33
N PRO E 33 10.14 38.29 -60.25
CA PRO E 33 10.64 38.84 -61.51
C PRO E 33 11.33 40.18 -61.29
N GLY E 34 12.17 40.54 -62.24
CA GLY E 34 12.89 41.79 -62.20
C GLY E 34 13.88 41.90 -61.05
N GLN E 35 14.68 40.86 -60.83
CA GLN E 35 15.74 40.94 -59.84
C GLN E 35 16.82 41.91 -60.27
N PHE E 36 17.04 42.06 -61.58
CA PHE E 36 18.07 42.93 -62.16
C PHE E 36 19.45 42.59 -61.60
N ALA E 37 19.89 41.38 -61.95
CA ALA E 37 21.09 40.81 -61.34
C ALA E 37 22.36 41.47 -61.86
N GLU E 38 22.54 42.75 -61.56
CA GLU E 38 23.81 43.44 -61.75
C GLU E 38 24.69 43.38 -60.51
N ASN E 39 24.17 42.84 -59.40
CA ASN E 39 24.85 42.68 -58.12
C ASN E 39 25.27 44.00 -57.49
N GLU E 40 24.79 45.14 -58.02
CA GLU E 40 25.18 46.43 -57.47
C GLU E 40 24.03 47.42 -57.27
N THR E 41 22.91 47.29 -57.99
CA THR E 41 21.83 48.26 -57.88
C THR E 41 20.57 47.67 -57.26
N ASN E 42 19.98 46.65 -57.89
CA ASN E 42 18.76 45.99 -57.43
C ASN E 42 17.68 46.99 -57.00
N GLU E 43 17.49 48.01 -57.84
CA GLU E 43 16.76 49.20 -57.41
C GLU E 43 15.26 48.95 -57.31
N VAL E 44 14.70 49.27 -56.16
CA VAL E 44 13.26 49.16 -55.91
C VAL E 44 12.67 50.56 -55.87
N ASN E 45 11.51 50.74 -56.49
CA ASN E 45 10.88 52.05 -56.61
C ASN E 45 9.67 52.10 -55.67
N PHE E 46 9.81 52.84 -54.58
CA PHE E 46 8.71 53.05 -53.63
C PHE E 46 7.96 54.30 -54.07
N ARG E 47 6.78 54.11 -54.65
CA ARG E 47 6.00 55.20 -55.22
C ARG E 47 5.13 55.91 -54.20
N GLU E 48 5.14 55.48 -52.95
CA GLU E 48 4.23 56.04 -51.94
C GLU E 48 4.94 56.76 -50.83
N ILE E 49 5.94 56.15 -50.19
CA ILE E 49 6.52 56.71 -48.98
C ILE E 49 7.40 57.91 -49.33
N PRO E 50 7.38 58.97 -48.51
CA PRO E 50 8.28 60.10 -48.77
C PRO E 50 9.73 59.80 -48.47
N SER E 51 10.60 60.81 -48.62
CA SER E 51 12.04 60.57 -48.52
C SER E 51 12.49 60.40 -47.07
N HIS E 52 11.89 61.16 -46.14
CA HIS E 52 12.36 61.13 -44.76
C HIS E 52 12.05 59.79 -44.10
N VAL E 53 10.88 59.22 -44.38
CA VAL E 53 10.56 57.91 -43.80
C VAL E 53 11.46 56.83 -44.39
N LEU E 54 11.82 56.95 -45.67
CA LEU E 54 12.75 55.99 -46.26
C LEU E 54 14.14 56.11 -45.64
N SER E 55 14.58 57.34 -45.36
CA SER E 55 15.84 57.53 -44.66
C SER E 55 15.77 56.90 -43.27
N LYS E 56 14.64 57.08 -42.58
CA LYS E 56 14.50 56.54 -41.24
C LYS E 56 14.45 55.01 -41.24
N VAL E 57 13.80 54.41 -42.25
CA VAL E 57 13.77 52.95 -42.27
C VAL E 57 15.14 52.38 -42.69
N CYS E 58 15.91 53.11 -43.50
CA CYS E 58 17.27 52.66 -43.78
C CYS E 58 18.14 52.75 -42.53
N MET E 59 17.99 53.83 -41.77
CA MET E 59 18.67 53.94 -40.48
C MET E 59 18.24 52.82 -39.54
N TYR E 60 16.96 52.46 -39.56
CA TYR E 60 16.49 51.34 -38.75
C TYR E 60 17.10 50.03 -39.21
N PHE E 61 17.25 49.84 -40.53
CA PHE E 61 17.87 48.62 -41.04
C PHE E 61 19.29 48.49 -40.51
N THR E 62 20.07 49.57 -40.62
CA THR E 62 21.43 49.55 -40.11
C THR E 62 21.45 49.35 -38.60
N TYR E 63 20.53 50.00 -37.89
CA TYR E 63 20.46 49.91 -36.43
C TYR E 63 20.13 48.51 -35.97
N LYS E 64 19.19 47.84 -36.66
CA LYS E 64 18.81 46.48 -36.29
C LYS E 64 19.91 45.49 -36.64
N VAL E 65 20.59 45.68 -37.78
CA VAL E 65 21.70 44.80 -38.12
C VAL E 65 22.82 44.93 -37.10
N ARG E 66 23.11 46.16 -36.66
CA ARG E 66 24.13 46.36 -35.63
C ARG E 66 23.71 45.77 -34.30
N TYR E 67 22.44 45.92 -33.92
CA TYR E 67 21.95 45.49 -32.62
C TYR E 67 20.92 44.37 -32.73
N THR E 68 21.17 43.38 -33.58
CA THR E 68 20.25 42.23 -33.64
C THR E 68 20.35 41.39 -32.37
N ASN E 69 21.54 41.28 -31.78
CA ASN E 69 21.72 40.64 -30.49
C ASN E 69 23.01 41.11 -29.82
N SER E 70 22.87 41.86 -28.73
CA SER E 70 24.01 42.49 -28.07
C SER E 70 23.74 42.46 -26.57
N SER E 71 24.52 43.25 -25.83
CA SER E 71 24.36 43.35 -24.38
C SER E 71 23.19 44.27 -24.06
N THR E 72 23.08 44.66 -22.78
CA THR E 72 21.99 45.54 -22.36
C THR E 72 22.12 46.95 -22.94
N GLU E 73 23.28 47.32 -23.45
CA GLU E 73 23.51 48.64 -24.03
C GLU E 73 22.86 48.70 -25.41
N ILE E 74 21.55 48.87 -25.43
CA ILE E 74 20.80 49.04 -26.66
C ILE E 74 20.22 50.46 -26.67
N PRO E 75 20.83 51.38 -27.40
CA PRO E 75 20.33 52.77 -27.40
C PRO E 75 18.97 52.88 -28.05
N GLU E 76 18.18 53.84 -27.57
CA GLU E 76 16.83 54.03 -28.08
C GLU E 76 16.87 54.61 -29.49
N PHE E 77 15.85 54.31 -30.26
CA PHE E 77 15.74 54.82 -31.62
C PHE E 77 15.19 56.25 -31.58
N PRO E 78 15.92 57.23 -32.09
CA PRO E 78 15.48 58.65 -32.03
C PRO E 78 14.39 58.98 -33.06
N ILE E 79 13.15 58.68 -32.70
CA ILE E 79 12.01 58.95 -33.57
C ILE E 79 11.43 60.31 -33.20
N ALA E 80 11.43 61.23 -34.16
CA ALA E 80 10.81 62.52 -33.96
C ALA E 80 9.28 62.37 -33.95
N PRO E 81 8.57 63.21 -33.19
CA PRO E 81 7.10 63.15 -33.22
C PRO E 81 6.51 63.42 -34.58
N GLU E 82 7.15 64.26 -35.40
CA GLU E 82 6.61 64.56 -36.72
C GLU E 82 6.77 63.39 -37.68
N ILE E 83 7.82 62.59 -37.53
CA ILE E 83 8.03 61.45 -38.42
C ILE E 83 7.22 60.23 -38.00
N ALA E 84 6.70 60.20 -36.78
CA ALA E 84 5.81 59.13 -36.37
C ALA E 84 4.45 59.27 -37.05
N LEU E 85 3.70 58.17 -37.07
CA LEU E 85 2.40 58.02 -37.73
C LEU E 85 2.52 58.06 -39.25
N GLU E 86 3.72 58.32 -39.75
CA GLU E 86 4.07 58.08 -41.14
C GLU E 86 5.16 57.04 -41.28
N LEU E 87 5.98 56.85 -40.25
CA LEU E 87 6.88 55.72 -40.20
C LEU E 87 6.18 54.45 -39.73
N LEU E 88 5.08 54.60 -38.97
CA LEU E 88 4.32 53.43 -38.54
C LEU E 88 3.70 52.72 -39.74
N MET E 89 3.06 53.49 -40.63
CA MET E 89 2.52 52.91 -41.86
C MET E 89 3.62 52.41 -42.77
N ALA E 90 4.78 53.08 -42.77
CA ALA E 90 5.92 52.60 -43.56
C ALA E 90 6.41 51.24 -43.05
N ALA E 91 6.49 51.08 -41.73
CA ALA E 91 6.89 49.79 -41.17
C ALA E 91 5.83 48.73 -41.38
N ASN E 92 4.55 49.13 -41.41
CA ASN E 92 3.50 48.20 -41.77
C ASN E 92 3.64 47.71 -43.20
N PHE E 93 3.94 48.63 -44.12
CA PHE E 93 4.15 48.25 -45.51
C PHE E 93 5.37 47.37 -45.68
N LEU E 94 6.45 47.70 -44.97
CA LEU E 94 7.70 46.94 -45.09
C LEU E 94 7.73 45.69 -44.24
N ASP E 95 6.76 45.51 -43.33
CA ASP E 95 6.73 44.39 -42.39
C ASP E 95 8.03 44.30 -41.59
N CYS E 96 8.52 45.45 -41.14
CA CYS E 96 9.76 45.52 -40.39
C CYS E 96 9.64 44.88 -39.02
N ASP F 5 33.59 51.12 -35.17
CA ASP F 5 32.35 50.91 -35.91
C ASP F 5 31.61 52.23 -36.14
N VAL F 6 32.17 53.05 -37.02
CA VAL F 6 31.53 54.31 -37.41
C VAL F 6 30.53 54.04 -38.53
N PHE F 7 29.45 54.82 -38.56
CA PHE F 7 28.42 54.66 -39.56
C PHE F 7 28.17 56.01 -40.22
N LEU F 8 28.23 56.03 -41.55
CA LEU F 8 28.19 57.27 -42.32
C LEU F 8 27.05 57.24 -43.32
N MET F 9 26.39 58.38 -43.47
CA MET F 9 25.29 58.58 -44.42
C MET F 9 25.79 59.51 -45.52
N ILE F 10 26.45 58.91 -46.51
CA ILE F 10 27.04 59.69 -47.60
C ILE F 10 25.93 60.19 -48.52
N ARG F 11 25.97 61.49 -48.83
CA ARG F 11 24.95 62.12 -49.66
C ARG F 11 25.57 62.71 -50.91
N ARG F 12 24.81 62.66 -52.01
CA ARG F 12 25.21 63.29 -53.26
C ARG F 12 23.92 63.62 -54.01
N HIS F 13 23.54 64.91 -53.99
CA HIS F 13 22.27 65.38 -54.52
C HIS F 13 21.10 64.63 -53.90
N LYS F 14 20.60 63.61 -54.60
CA LYS F 14 19.53 62.77 -54.09
C LYS F 14 20.01 61.40 -53.63
N THR F 15 21.11 60.90 -54.20
CA THR F 15 21.62 59.59 -53.86
C THR F 15 22.18 59.57 -52.43
N THR F 16 21.87 58.50 -51.70
CA THR F 16 22.31 58.35 -50.32
C THR F 16 22.82 56.93 -50.12
N ILE F 17 23.98 56.81 -49.46
CA ILE F 17 24.63 55.54 -49.22
C ILE F 17 24.91 55.40 -47.73
N PHE F 18 24.52 54.28 -47.14
CA PHE F 18 24.80 54.01 -45.74
C PHE F 18 25.98 53.04 -45.67
N THR F 19 27.04 53.46 -44.96
CA THR F 19 28.29 52.71 -44.96
C THR F 19 28.80 52.53 -43.54
N ASP F 20 29.36 51.35 -43.27
CA ASP F 20 29.98 51.04 -41.99
C ASP F 20 31.49 50.94 -42.15
N ALA F 21 32.22 51.52 -41.21
CA ALA F 21 33.68 51.50 -41.23
C ALA F 21 34.17 51.47 -39.79
N LYS F 22 35.46 51.76 -39.61
CA LYS F 22 36.08 51.80 -38.29
C LYS F 22 36.46 53.22 -37.92
N GLU F 23 36.71 53.43 -36.63
CA GLU F 23 37.07 54.76 -36.14
C GLU F 23 38.44 55.18 -36.64
N SER F 24 39.44 54.31 -36.51
CA SER F 24 40.82 54.62 -36.86
C SER F 24 41.13 53.95 -38.20
N SER F 25 40.84 54.68 -39.28
CA SER F 25 41.11 54.20 -40.64
C SER F 25 41.19 55.40 -41.56
N THR F 26 41.75 55.17 -42.75
CA THR F 26 41.85 56.21 -43.74
C THR F 26 40.61 56.22 -44.64
N VAL F 27 40.45 57.31 -45.38
CA VAL F 27 39.29 57.49 -46.26
C VAL F 27 39.63 56.95 -47.64
N PHE F 28 40.81 56.35 -47.78
CA PHE F 28 41.20 55.74 -49.05
C PHE F 28 40.29 54.59 -49.42
N GLU F 29 40.10 53.64 -48.49
CA GLU F 29 39.21 52.52 -48.77
C GLU F 29 37.75 52.97 -48.82
N LEU F 30 37.41 54.06 -48.14
CA LEU F 30 36.06 54.60 -48.24
C LEU F 30 35.80 55.12 -49.66
N LYS F 31 36.75 55.86 -50.22
CA LYS F 31 36.64 56.31 -51.60
C LYS F 31 36.60 55.12 -52.55
N ARG F 32 37.41 54.09 -52.28
CA ARG F 32 37.41 52.92 -53.15
C ARG F 32 36.08 52.17 -53.13
N ILE F 33 35.47 52.01 -51.94
CA ILE F 33 34.22 51.27 -51.88
C ILE F 33 33.08 52.07 -52.48
N VAL F 34 33.06 53.39 -52.28
CA VAL F 34 32.00 54.18 -52.91
C VAL F 34 32.22 54.25 -54.42
N GLU F 35 33.47 54.18 -54.87
CA GLU F 35 33.75 54.03 -56.30
C GLU F 35 33.22 52.71 -56.82
N GLY F 36 33.41 51.63 -56.07
CA GLY F 36 32.95 50.32 -56.51
C GLY F 36 31.44 50.22 -56.57
N ILE F 37 30.73 50.82 -55.59
CA ILE F 37 29.29 50.71 -55.56
C ILE F 37 28.59 51.86 -56.29
N LEU F 38 29.34 52.83 -56.79
CA LEU F 38 28.75 53.92 -57.57
C LEU F 38 29.06 53.85 -59.05
N LYS F 39 30.08 53.08 -59.45
CA LYS F 39 30.48 52.90 -60.85
C LYS F 39 30.82 54.23 -61.50
N ARG F 40 31.78 54.93 -60.89
CA ARG F 40 32.24 56.23 -61.33
C ARG F 40 33.76 56.23 -61.28
N PRO F 41 34.41 57.13 -62.02
CA PRO F 41 35.88 57.25 -61.93
C PRO F 41 36.32 57.62 -60.51
N PRO F 42 37.45 57.10 -60.05
CA PRO F 42 37.83 57.27 -58.64
C PRO F 42 38.53 58.59 -58.33
N ASP F 43 38.46 59.56 -59.24
CA ASP F 43 39.13 60.84 -59.04
C ASP F 43 38.17 61.96 -58.67
N GLU F 44 36.88 61.70 -58.57
CA GLU F 44 35.89 62.73 -58.30
C GLU F 44 35.37 62.71 -56.87
N GLN F 45 35.88 61.82 -56.01
CA GLN F 45 35.43 61.78 -54.63
C GLN F 45 36.04 62.94 -53.86
N ARG F 46 35.19 63.87 -53.41
CA ARG F 46 35.60 64.99 -52.58
C ARG F 46 34.63 65.04 -51.41
N LEU F 47 34.98 64.34 -50.33
CA LEU F 47 34.10 64.25 -49.17
C LEU F 47 34.03 65.57 -48.43
N TYR F 48 32.81 65.95 -48.04
CA TYR F 48 32.55 67.21 -47.34
C TYR F 48 31.84 66.92 -46.04
N LYS F 49 32.37 67.44 -44.94
CA LYS F 49 31.74 67.35 -43.64
C LYS F 49 31.35 68.76 -43.20
N ASP F 50 30.05 69.01 -43.08
CA ASP F 50 29.49 70.32 -42.74
C ASP F 50 29.97 71.39 -43.73
N ASP F 51 29.97 71.04 -45.02
CA ASP F 51 30.30 71.94 -46.13
C ASP F 51 31.73 72.48 -46.00
N GLN F 52 32.69 71.57 -45.85
CA GLN F 52 34.10 71.93 -45.84
C GLN F 52 34.91 70.72 -46.29
N LEU F 53 36.07 71.00 -46.89
CA LEU F 53 36.92 69.93 -47.38
C LEU F 53 37.71 69.31 -46.24
N LEU F 54 38.20 68.09 -46.48
CA LEU F 54 38.99 67.35 -45.48
C LEU F 54 40.13 66.63 -46.18
N ASP F 55 41.16 66.31 -45.40
CA ASP F 55 42.33 65.65 -45.94
C ASP F 55 42.01 64.21 -46.32
N ASP F 56 42.64 63.73 -47.39
CA ASP F 56 42.44 62.39 -47.90
C ASP F 56 43.32 61.36 -47.18
N GLY F 57 44.19 61.79 -46.28
CA GLY F 57 45.03 60.87 -45.54
C GLY F 57 44.73 60.87 -44.05
N LYS F 58 44.05 61.92 -43.59
CA LYS F 58 43.68 62.01 -42.18
C LYS F 58 42.61 60.97 -41.86
N THR F 59 42.67 60.43 -40.64
CA THR F 59 41.69 59.44 -40.22
C THR F 59 40.30 60.09 -40.08
N LEU F 60 39.27 59.30 -40.37
CA LEU F 60 37.91 59.84 -40.33
C LEU F 60 37.40 60.02 -38.91
N GLY F 61 38.05 59.37 -37.92
CA GLY F 61 37.69 59.62 -36.54
C GLY F 61 37.99 61.03 -36.10
N GLU F 62 39.11 61.58 -36.58
CA GLU F 62 39.48 62.96 -36.32
C GLU F 62 38.89 63.94 -37.34
N CYS F 63 38.20 63.43 -38.37
CA CYS F 63 37.64 64.30 -39.39
C CYS F 63 36.43 65.09 -38.91
N GLY F 64 35.81 64.67 -37.80
CA GLY F 64 34.68 65.41 -37.28
C GLY F 64 33.56 64.52 -36.74
N PHE F 65 33.72 63.21 -36.85
CA PHE F 65 32.73 62.27 -36.32
C PHE F 65 33.45 61.09 -35.68
N THR F 66 32.78 60.49 -34.71
CA THR F 66 33.33 59.35 -33.98
C THR F 66 32.18 58.41 -33.62
N SER F 67 32.46 57.46 -32.73
CA SER F 67 31.42 56.52 -32.29
C SER F 67 30.32 57.24 -31.50
N GLN F 68 30.70 58.20 -30.67
CA GLN F 68 29.71 58.96 -29.91
C GLN F 68 28.98 59.98 -30.78
N THR F 69 29.54 60.35 -31.92
CA THR F 69 28.91 61.31 -32.83
C THR F 69 28.15 60.63 -33.95
N ALA F 70 28.77 59.67 -34.64
CA ALA F 70 28.13 58.94 -35.72
C ALA F 70 27.67 57.58 -35.19
N ARG F 71 26.37 57.33 -35.30
CA ARG F 71 25.74 56.13 -34.78
C ARG F 71 24.87 55.49 -35.85
N PRO F 72 24.63 54.18 -35.77
CA PRO F 72 23.69 53.57 -36.72
C PRO F 72 22.29 54.12 -36.63
N GLN F 73 21.87 54.56 -35.44
CA GLN F 73 20.55 55.16 -35.28
C GLN F 73 20.48 56.58 -35.87
N ALA F 74 21.61 57.27 -35.97
CA ALA F 74 21.64 58.63 -36.52
C ALA F 74 23.01 58.89 -37.12
N PRO F 75 23.24 58.45 -38.36
CA PRO F 75 24.55 58.64 -38.99
C PRO F 75 24.79 60.10 -39.36
N ALA F 76 26.07 60.44 -39.48
CA ALA F 76 26.48 61.78 -39.86
C ALA F 76 26.57 61.90 -41.38
N THR F 77 26.06 63.01 -41.90
CA THR F 77 26.04 63.21 -43.35
C THR F 77 27.44 63.55 -43.87
N VAL F 78 27.77 62.99 -45.03
CA VAL F 78 29.04 63.25 -45.71
C VAL F 78 28.71 63.52 -47.18
N GLY F 79 28.85 64.77 -47.59
CA GLY F 79 28.62 65.10 -49.00
C GLY F 79 29.71 64.50 -49.89
N LEU F 80 29.30 64.07 -51.08
CA LEU F 80 30.20 63.41 -52.02
C LEU F 80 30.02 64.00 -53.41
N ALA F 81 30.12 65.33 -53.50
CA ALA F 81 30.02 66.01 -54.79
C ALA F 81 31.15 65.57 -55.71
N PHE F 82 30.81 65.25 -56.95
CA PHE F 82 31.75 64.74 -57.93
C PHE F 82 32.19 65.85 -58.88
N ARG F 83 33.44 65.74 -59.34
CA ARG F 83 33.95 66.67 -60.33
C ARG F 83 33.30 66.43 -61.67
N ALA F 84 32.85 67.51 -62.33
CA ALA F 84 32.18 67.41 -63.61
C ALA F 84 33.15 67.02 -64.72
N PHE F 88 35.62 70.17 -58.78
CA PHE F 88 34.55 69.56 -58.01
C PHE F 88 33.29 70.42 -58.05
N GLU F 89 32.14 69.77 -58.15
CA GLU F 89 30.88 70.48 -58.21
C GLU F 89 30.52 71.06 -56.84
N ALA F 90 29.67 72.07 -56.85
CA ALA F 90 29.20 72.67 -55.61
C ALA F 90 28.31 71.70 -54.84
N LEU F 91 28.33 71.83 -53.52
CA LEU F 91 27.54 70.95 -52.66
C LEU F 91 26.06 71.26 -52.85
N CYS F 92 25.33 70.32 -53.45
CA CYS F 92 23.91 70.50 -53.72
C CYS F 92 23.11 69.35 -53.11
N ILE F 93 23.38 69.06 -51.85
CA ILE F 93 22.70 67.97 -51.14
C ILE F 93 21.23 68.35 -50.99
N GLU F 94 20.35 67.60 -51.65
CA GLU F 94 18.92 67.87 -51.57
C GLU F 94 18.40 67.42 -50.20
N PRO F 95 17.77 68.31 -49.44
CA PRO F 95 17.25 67.90 -48.13
C PRO F 95 16.05 66.97 -48.27
N PHE F 96 15.84 66.18 -47.24
CA PHE F 96 14.69 65.28 -47.20
C PHE F 96 13.40 66.08 -47.11
N SER F 97 12.32 65.49 -47.61
CA SER F 97 11.02 66.15 -47.60
C SER F 97 10.54 66.36 -46.17
N SER F 98 10.06 67.57 -45.89
CA SER F 98 9.61 67.89 -44.55
C SER F 98 8.34 67.11 -44.21
N PRO F 99 8.19 66.64 -42.97
CA PRO F 99 6.97 65.95 -42.58
C PRO F 99 5.79 66.91 -42.57
N PRO F 100 4.58 66.41 -42.80
CA PRO F 100 3.40 67.28 -42.77
C PRO F 100 3.17 67.86 -41.38
N GLU F 101 2.54 69.04 -41.36
CA GLU F 101 2.29 69.75 -40.11
C GLU F 101 1.25 68.98 -39.29
N LEU F 102 1.71 68.35 -38.21
CA LEU F 102 0.80 67.60 -37.35
C LEU F 102 -0.11 68.56 -36.58
N PRO F 103 -1.36 68.15 -36.31
CA PRO F 103 -2.29 68.98 -35.54
C PRO F 103 -1.88 69.15 -34.08
N MET G 1 -33.38 60.32 10.28
CA MET G 1 -31.93 60.30 10.37
C MET G 1 -31.39 58.88 10.51
N GLU G 2 -30.33 58.58 9.76
CA GLU G 2 -29.72 57.25 9.84
C GLU G 2 -29.09 57.01 11.20
N GLY G 3 -28.43 58.03 11.77
CA GLY G 3 -27.89 57.90 13.12
C GLY G 3 -28.98 57.71 14.16
N LEU G 4 -30.09 58.45 14.01
CA LEU G 4 -31.22 58.25 14.91
C LEU G 4 -31.87 56.88 14.71
N ALA G 5 -31.88 56.38 13.47
CA ALA G 5 -32.37 55.03 13.22
C ALA G 5 -31.50 53.99 13.93
N GLY G 6 -30.18 54.16 13.86
CA GLY G 6 -29.30 53.27 14.59
C GLY G 6 -29.47 53.38 16.10
N TYR G 7 -29.71 54.60 16.60
CA TYR G 7 -29.92 54.80 18.02
C TYR G 7 -31.19 54.11 18.50
N VAL G 8 -32.29 54.25 17.76
CA VAL G 8 -33.52 53.59 18.17
C VAL G 8 -33.43 52.09 17.98
N TYR G 9 -32.64 51.63 16.99
CA TYR G 9 -32.40 50.20 16.83
C TYR G 9 -31.65 49.64 18.04
N LYS G 10 -30.63 50.35 18.52
CA LYS G 10 -29.90 49.92 19.70
C LYS G 10 -30.79 49.98 20.94
N ALA G 11 -31.66 50.99 21.02
CA ALA G 11 -32.57 51.10 22.15
C ALA G 11 -33.55 49.93 22.18
N ALA G 12 -34.09 49.55 21.02
CA ALA G 12 -34.99 48.40 20.96
C ALA G 12 -34.24 47.08 21.13
N SER G 13 -32.94 47.06 20.84
CA SER G 13 -32.14 45.86 21.05
C SER G 13 -31.96 45.54 22.53
N GLU G 14 -31.92 46.57 23.37
CA GLU G 14 -31.80 46.39 24.81
C GLU G 14 -33.14 46.23 25.51
N GLY G 15 -34.25 46.47 24.82
CA GLY G 15 -35.57 46.30 25.41
C GLY G 15 -35.87 47.28 26.53
N LYS G 16 -35.50 48.54 26.37
CA LYS G 16 -35.75 49.57 27.35
C LYS G 16 -36.98 50.39 26.97
N VAL G 17 -37.39 51.26 27.90
CA VAL G 17 -38.56 52.10 27.73
C VAL G 17 -38.18 53.58 27.64
N LEU G 18 -37.40 54.06 28.61
CA LEU G 18 -37.05 55.48 28.65
C LEU G 18 -36.14 55.88 27.50
N THR G 19 -35.24 54.99 27.08
CA THR G 19 -34.35 55.31 25.96
C THR G 19 -35.13 55.50 24.67
N LEU G 20 -36.07 54.59 24.38
CA LEU G 20 -36.88 54.74 23.18
C LEU G 20 -37.87 55.88 23.30
N ALA G 21 -38.34 56.17 24.53
CA ALA G 21 -39.21 57.33 24.72
C ALA G 21 -38.47 58.64 24.44
N ALA G 22 -37.21 58.73 24.87
CA ALA G 22 -36.43 59.93 24.61
C ALA G 22 -35.95 60.01 23.17
N LEU G 23 -35.75 58.86 22.51
CA LEU G 23 -35.23 58.84 21.16
C LEU G 23 -36.33 58.82 20.09
N LEU G 24 -37.60 58.89 20.49
CA LEU G 24 -38.69 58.89 19.51
C LEU G 24 -39.74 59.94 19.86
N LEU G 25 -39.33 61.02 20.52
CA LEU G 25 -40.23 62.11 20.88
C LEU G 25 -39.50 63.43 20.67
N ASN G 26 -40.15 64.53 21.08
CA ASN G 26 -39.61 65.88 21.00
C ASN G 26 -39.26 66.27 19.55
N ARG G 27 -40.01 65.72 18.60
CA ARG G 27 -39.77 65.96 17.18
C ARG G 27 -41.11 66.10 16.48
N SER G 28 -41.08 66.15 15.15
CA SER G 28 -42.30 66.28 14.36
C SER G 28 -42.93 64.90 14.15
N GLU G 29 -43.90 64.83 13.24
CA GLU G 29 -44.59 63.58 12.97
C GLU G 29 -43.97 62.80 11.81
N SER G 30 -43.55 63.50 10.76
CA SER G 30 -43.04 62.83 9.56
C SER G 30 -41.76 62.04 9.85
N ASP G 31 -40.81 62.66 10.58
CA ASP G 31 -39.57 61.98 10.89
C ASP G 31 -39.79 60.80 11.82
N ILE G 32 -40.72 60.92 12.77
CA ILE G 32 -41.03 59.81 13.67
C ILE G 32 -41.66 58.66 12.89
N ARG G 33 -42.58 58.97 11.97
CA ARG G 33 -43.19 57.93 11.15
C ARG G 33 -42.15 57.25 10.25
N TYR G 34 -41.22 58.03 9.70
CA TYR G 34 -40.15 57.45 8.91
C TYR G 34 -39.26 56.55 9.76
N LEU G 35 -38.97 56.97 10.99
CA LEU G 35 -38.14 56.17 11.89
C LEU G 35 -38.81 54.84 12.23
N LEU G 36 -40.11 54.88 12.52
CA LEU G 36 -40.82 53.65 12.83
C LEU G 36 -41.17 52.83 11.59
N GLY G 37 -41.00 53.39 10.40
CA GLY G 37 -41.26 52.64 9.18
C GLY G 37 -40.03 52.44 8.32
N TYR G 38 -38.87 52.25 8.94
CA TYR G 38 -37.62 52.03 8.22
C TYR G 38 -36.83 50.94 8.92
N VAL G 39 -35.94 50.31 8.16
CA VAL G 39 -35.08 49.25 8.67
C VAL G 39 -33.66 49.78 8.81
N SER G 40 -32.95 49.28 9.81
CA SER G 40 -31.54 49.58 10.01
C SER G 40 -30.70 48.42 9.49
N GLN G 41 -29.54 48.74 8.92
CA GLN G 41 -28.68 47.76 8.29
C GLN G 41 -27.51 47.45 9.23
N GLN G 42 -27.52 46.24 9.79
CA GLN G 42 -26.44 45.76 10.64
C GLN G 42 -25.89 44.48 10.04
N GLY G 43 -24.56 44.38 9.99
CA GLY G 43 -23.91 43.19 9.46
C GLY G 43 -24.22 42.90 8.01
N GLY G 44 -24.57 43.92 7.24
CA GLY G 44 -24.98 43.71 5.86
C GLY G 44 -26.41 43.26 5.69
N GLN G 45 -27.20 43.20 6.77
CA GLN G 45 -28.59 42.76 6.70
C GLN G 45 -29.50 43.81 7.30
N ARG G 46 -30.61 44.07 6.65
CA ARG G 46 -31.56 45.09 7.08
C ARG G 46 -32.66 44.46 7.92
N SER G 47 -32.98 45.11 9.03
CA SER G 47 -34.03 44.62 9.92
C SER G 47 -34.69 45.80 10.61
N THR G 48 -35.97 45.65 10.91
CA THR G 48 -36.72 46.66 11.64
C THR G 48 -36.28 46.67 13.10
N PRO G 49 -36.34 47.81 13.79
CA PRO G 49 -36.21 47.77 15.26
C PRO G 49 -37.23 46.86 15.94
N LEU G 50 -38.42 46.72 15.35
CA LEU G 50 -39.36 45.71 15.83
C LEU G 50 -38.81 44.30 15.65
N ILE G 51 -38.06 44.06 14.57
CA ILE G 51 -37.46 42.74 14.35
C ILE G 51 -36.45 42.43 15.45
N ILE G 52 -35.59 43.40 15.80
CA ILE G 52 -34.63 43.16 16.86
C ILE G 52 -35.28 43.17 18.23
N ALA G 53 -36.47 43.77 18.36
CA ALA G 53 -37.21 43.67 19.62
C ALA G 53 -37.79 42.28 19.79
N ALA G 54 -38.39 41.72 18.74
CA ALA G 54 -38.99 40.39 18.81
C ALA G 54 -37.94 39.28 18.83
N ARG G 55 -36.79 39.50 18.19
CA ARG G 55 -35.77 38.46 18.11
C ARG G 55 -35.09 38.23 19.45
N ASN G 56 -34.90 39.30 20.23
CA ASN G 56 -34.24 39.21 21.52
C ASN G 56 -35.21 38.92 22.67
N GLY G 57 -36.49 38.70 22.36
CA GLY G 57 -37.47 38.44 23.40
C GLY G 57 -38.03 39.66 24.08
N HIS G 58 -37.69 40.86 23.60
CA HIS G 58 -38.16 42.10 24.19
C HIS G 58 -39.52 42.43 23.58
N ALA G 59 -40.57 41.86 24.17
CA ALA G 59 -41.93 42.14 23.72
C ALA G 59 -42.57 43.31 24.46
N LYS G 60 -42.02 43.70 25.61
CA LYS G 60 -42.55 44.85 26.33
C LYS G 60 -42.35 46.14 25.54
N VAL G 61 -41.18 46.29 24.90
CA VAL G 61 -40.89 47.51 24.16
C VAL G 61 -41.79 47.63 22.93
N VAL G 62 -42.05 46.52 22.23
CA VAL G 62 -42.92 46.59 21.07
C VAL G 62 -44.38 46.73 21.50
N ARG G 63 -44.75 46.19 22.67
CA ARG G 63 -46.09 46.40 23.19
C ARG G 63 -46.33 47.87 23.53
N LEU G 64 -45.35 48.52 24.16
CA LEU G 64 -45.47 49.95 24.44
C LEU G 64 -45.40 50.77 23.16
N LEU G 65 -44.65 50.32 22.15
CA LEU G 65 -44.65 50.99 20.86
C LEU G 65 -46.03 50.94 20.21
N LEU G 66 -46.69 49.79 20.28
CA LEU G 66 -48.04 49.67 19.73
C LEU G 66 -49.04 50.47 20.56
N GLU G 67 -48.82 50.57 21.88
CA GLU G 67 -49.72 51.35 22.72
C GLU G 67 -49.53 52.85 22.49
N HIS G 68 -48.27 53.31 22.45
CA HIS G 68 -48.00 54.73 22.33
C HIS G 68 -48.21 55.24 20.91
N TYR G 69 -47.85 54.45 19.91
CA TYR G 69 -47.92 54.91 18.52
C TYR G 69 -48.74 53.97 17.65
N ARG G 70 -48.70 54.19 16.34
CA ARG G 70 -49.44 53.35 15.40
C ARG G 70 -48.49 52.69 14.42
N VAL G 71 -47.39 52.13 14.93
CA VAL G 71 -46.40 51.48 14.08
C VAL G 71 -47.00 50.22 13.46
N GLN G 72 -46.74 50.02 12.17
CA GLN G 72 -47.28 48.89 11.44
C GLN G 72 -46.30 47.73 11.42
N THR G 73 -46.85 46.53 11.20
CA THR G 73 -46.06 45.31 11.09
C THR G 73 -45.81 44.91 9.64
N GLN G 74 -46.16 45.76 8.68
CA GLN G 74 -46.04 45.45 7.27
C GLN G 74 -44.70 45.90 6.68
N GLN G 75 -43.67 46.07 7.52
CA GLN G 75 -42.37 46.47 7.02
C GLN G 75 -41.70 45.30 6.30
N THR G 76 -41.00 45.62 5.21
CA THR G 76 -40.33 44.60 4.40
C THR G 76 -38.93 44.36 4.96
N GLY G 77 -38.63 43.10 5.29
CA GLY G 77 -37.34 42.74 5.83
C GLY G 77 -36.96 41.33 5.43
N THR G 78 -35.82 40.88 5.95
CA THR G 78 -35.31 39.55 5.65
C THR G 78 -36.11 38.49 6.39
N VAL G 79 -35.75 37.22 6.16
CA VAL G 79 -36.47 36.11 6.78
C VAL G 79 -35.74 35.64 8.04
N ARG G 80 -34.45 35.32 7.91
CA ARG G 80 -33.68 34.73 9.00
C ARG G 80 -32.20 34.80 8.62
N PHE G 81 -31.35 34.42 9.57
CA PHE G 81 -29.91 34.41 9.38
C PHE G 81 -29.36 33.00 9.16
N ASP G 82 -30.22 32.01 8.97
CA ASP G 82 -29.78 30.61 8.83
C ASP G 82 -29.57 30.23 7.36
N GLY G 83 -28.76 31.01 6.66
CA GLY G 83 -28.39 30.69 5.29
C GLY G 83 -29.44 30.98 4.25
N TYR G 84 -30.52 31.69 4.60
CA TYR G 84 -31.55 32.05 3.64
C TYR G 84 -31.43 33.50 3.18
N VAL G 85 -31.39 34.43 4.15
CA VAL G 85 -31.24 35.89 3.99
C VAL G 85 -31.87 36.46 2.73
N ILE G 86 -33.13 36.12 2.48
CA ILE G 86 -33.91 36.72 1.41
C ILE G 86 -34.93 37.68 2.02
N ASP G 87 -35.12 38.82 1.37
CA ASP G 87 -35.98 39.87 1.89
C ASP G 87 -37.44 39.60 1.49
N GLY G 88 -38.31 40.56 1.77
CA GLY G 88 -39.73 40.45 1.46
C GLY G 88 -40.60 40.03 2.60
N ALA G 89 -40.03 39.55 3.70
CA ALA G 89 -40.82 39.10 4.84
C ALA G 89 -41.30 40.28 5.66
N THR G 90 -42.40 40.06 6.38
CA THR G 90 -42.97 41.07 7.25
C THR G 90 -42.43 40.91 8.67
N ALA G 91 -42.82 41.83 9.56
CA ALA G 91 -42.37 41.76 10.93
C ALA G 91 -43.00 40.58 11.68
N LEU G 92 -44.26 40.27 11.35
CA LEU G 92 -44.94 39.16 12.00
C LEU G 92 -44.32 37.82 11.61
N TRP G 93 -43.73 37.74 10.41
CA TRP G 93 -43.07 36.50 9.99
C TRP G 93 -41.89 36.17 10.91
N CYS G 94 -41.00 37.14 11.13
CA CYS G 94 -39.87 36.90 12.02
C CYS G 94 -40.30 36.87 13.48
N ALA G 95 -41.42 37.52 13.82
CA ALA G 95 -41.96 37.40 15.18
C ALA G 95 -42.41 35.97 15.45
N ALA G 96 -43.06 35.34 14.48
CA ALA G 96 -43.40 33.93 14.61
C ALA G 96 -42.15 33.06 14.58
N GLY G 97 -41.16 33.42 13.77
CA GLY G 97 -39.92 32.68 13.72
C GLY G 97 -39.04 32.86 14.94
N ALA G 98 -39.26 33.92 15.72
CA ALA G 98 -38.48 34.17 16.92
C ALA G 98 -38.84 33.23 18.07
N GLY G 99 -39.92 32.48 17.96
CA GLY G 99 -40.34 31.57 19.02
C GLY G 99 -40.82 32.27 20.27
N HIS G 100 -41.52 33.39 20.13
CA HIS G 100 -42.10 34.11 21.25
C HIS G 100 -43.57 34.33 20.97
N PHE G 101 -44.43 33.79 21.83
CA PHE G 101 -45.87 33.85 21.60
C PHE G 101 -46.47 35.21 21.91
N GLU G 102 -45.93 35.91 22.90
CA GLU G 102 -46.53 37.17 23.35
C GLU G 102 -46.39 38.26 22.30
N VAL G 103 -45.24 38.34 21.62
CA VAL G 103 -45.05 39.36 20.59
C VAL G 103 -45.97 39.07 19.40
N VAL G 104 -46.15 37.79 19.07
CA VAL G 104 -47.05 37.41 17.99
C VAL G 104 -48.49 37.79 18.34
N LYS G 105 -48.91 37.52 19.58
CA LYS G 105 -50.28 37.81 19.96
C LYS G 105 -50.53 39.32 20.07
N LEU G 106 -49.52 40.11 20.48
CA LEU G 106 -49.73 41.55 20.51
C LEU G 106 -49.68 42.17 19.11
N LEU G 107 -48.89 41.59 18.20
CA LEU G 107 -48.91 42.06 16.82
C LEU G 107 -50.23 41.70 16.14
N VAL G 108 -50.80 40.55 16.48
CA VAL G 108 -52.09 40.16 15.91
C VAL G 108 -53.21 41.02 16.48
N SER G 109 -53.16 41.31 17.79
CA SER G 109 -54.23 42.08 18.44
C SER G 109 -54.34 43.50 17.92
N HIS G 110 -53.29 44.03 17.30
CA HIS G 110 -53.34 45.36 16.69
C HIS G 110 -52.69 45.27 15.32
N GLY G 111 -53.51 45.20 14.27
CA GLY G 111 -53.00 45.11 12.92
C GLY G 111 -52.40 43.75 12.59
N ALA G 112 -53.23 42.71 12.55
CA ALA G 112 -52.75 41.37 12.28
C ALA G 112 -52.28 41.24 10.83
N ASN G 113 -51.17 40.52 10.65
CA ASN G 113 -50.63 40.26 9.32
C ASN G 113 -50.46 38.77 9.10
N VAL G 114 -51.48 37.99 9.47
CA VAL G 114 -51.40 36.54 9.38
C VAL G 114 -51.35 36.06 7.94
N ASN G 115 -51.97 36.81 7.02
CA ASN G 115 -52.03 36.42 5.61
C ASN G 115 -50.96 37.12 4.77
N HIS G 116 -49.81 37.41 5.36
CA HIS G 116 -48.74 38.07 4.62
C HIS G 116 -48.09 37.10 3.64
N THR G 117 -47.76 37.60 2.45
CA THR G 117 -47.09 36.82 1.42
C THR G 117 -45.84 37.57 0.98
N THR G 118 -44.69 36.90 1.03
CA THR G 118 -43.43 37.47 0.59
C THR G 118 -43.23 37.16 -0.90
N VAL G 119 -42.00 37.36 -1.39
CA VAL G 119 -41.68 37.01 -2.77
C VAL G 119 -41.85 35.52 -3.03
N THR G 120 -41.68 34.70 -2.00
CA THR G 120 -41.97 33.27 -2.06
C THR G 120 -43.35 32.94 -1.51
N ASN G 121 -44.17 33.97 -1.25
CA ASN G 121 -45.48 33.89 -0.60
C ASN G 121 -45.52 32.89 0.55
N SER G 122 -44.54 33.04 1.45
CA SER G 122 -44.45 32.22 2.64
C SER G 122 -45.09 32.98 3.80
N THR G 123 -46.18 32.43 4.34
CA THR G 123 -46.89 33.04 5.44
C THR G 123 -46.08 32.92 6.73
N PRO G 124 -46.41 33.72 7.76
CA PRO G 124 -45.80 33.48 9.08
C PRO G 124 -46.08 32.09 9.65
N LEU G 125 -47.08 31.38 9.11
CA LEU G 125 -47.27 29.98 9.47
C LEU G 125 -46.06 29.14 9.11
N ARG G 126 -45.35 29.49 8.04
CA ARG G 126 -44.12 28.77 7.69
C ARG G 126 -43.07 28.91 8.79
N ALA G 127 -42.88 30.14 9.30
CA ALA G 127 -41.90 30.36 10.36
C ALA G 127 -42.36 29.73 11.67
N ALA G 128 -43.68 29.74 11.93
CA ALA G 128 -44.20 29.10 13.14
C ALA G 128 -43.98 27.60 13.09
N CYS G 129 -44.17 26.98 11.92
CA CYS G 129 -43.93 25.55 11.79
C CYS G 129 -42.44 25.23 11.86
N PHE G 130 -41.60 26.09 11.29
CA PHE G 130 -40.16 25.88 11.36
C PHE G 130 -39.66 25.98 12.79
N ASP G 131 -40.16 26.95 13.56
CA ASP G 131 -39.81 27.05 14.97
C ASP G 131 -40.39 25.89 15.77
N GLY G 132 -41.61 25.48 15.44
CA GLY G 132 -42.22 24.35 16.10
C GLY G 132 -43.01 24.65 17.35
N ARG G 133 -43.40 25.91 17.55
CA ARG G 133 -44.22 26.28 18.71
C ARG G 133 -45.69 26.07 18.37
N LEU G 134 -46.35 25.18 19.12
CA LEU G 134 -47.73 24.82 18.81
C LEU G 134 -48.69 25.95 19.12
N ASP G 135 -48.41 26.77 20.15
CA ASP G 135 -49.31 27.84 20.53
C ASP G 135 -49.42 28.90 19.44
N ILE G 136 -48.31 29.24 18.80
CA ILE G 136 -48.33 30.22 17.72
C ILE G 136 -49.13 29.71 16.54
N VAL G 137 -48.97 28.43 16.20
CA VAL G 137 -49.75 27.83 15.11
C VAL G 137 -51.22 27.81 15.45
N LYS G 138 -51.56 27.48 16.70
CA LYS G 138 -52.96 27.46 17.13
C LYS G 138 -53.58 28.85 17.04
N TYR G 139 -52.84 29.87 17.48
CA TYR G 139 -53.35 31.24 17.41
C TYR G 139 -53.51 31.69 15.96
N LEU G 140 -52.55 31.34 15.10
CA LEU G 140 -52.63 31.73 13.70
C LEU G 140 -53.81 31.05 13.00
N VAL G 141 -54.09 29.79 13.35
CA VAL G 141 -55.26 29.11 12.79
C VAL G 141 -56.54 29.76 13.31
N GLU G 142 -56.59 30.08 14.61
CA GLU G 142 -57.78 30.67 15.19
C GLU G 142 -58.00 32.12 14.75
N ASN G 143 -56.99 32.76 14.17
CA ASN G 143 -57.09 34.13 13.68
C ASN G 143 -57.64 34.21 12.27
N ASN G 144 -58.32 33.17 11.79
CA ASN G 144 -58.93 33.12 10.46
C ASN G 144 -57.89 33.33 9.36
N ALA G 145 -56.82 32.54 9.42
CA ALA G 145 -55.77 32.56 8.41
C ALA G 145 -55.78 31.23 7.65
N ASN G 146 -55.67 31.32 6.33
CA ASN G 146 -55.72 30.13 5.50
C ASN G 146 -54.47 29.28 5.70
N ILE G 147 -54.66 27.98 5.92
CA ILE G 147 -53.55 27.05 6.12
C ILE G 147 -53.16 26.33 4.84
N SER G 148 -53.91 26.51 3.75
CA SER G 148 -53.62 25.88 2.48
C SER G 148 -52.82 26.79 1.54
N ILE G 149 -52.04 27.71 2.10
CA ILE G 149 -51.24 28.63 1.30
C ILE G 149 -49.97 27.90 0.87
N ALA G 150 -49.98 27.36 -0.33
CA ALA G 150 -48.82 26.68 -0.89
C ALA G 150 -47.90 27.69 -1.57
N ASN G 151 -46.60 27.42 -1.52
CA ASN G 151 -45.61 28.29 -2.13
C ASN G 151 -45.61 28.12 -3.65
N LYS G 152 -44.73 28.86 -4.32
CA LYS G 152 -44.57 28.70 -5.75
C LYS G 152 -44.04 27.31 -6.10
N TYR G 153 -43.28 26.71 -5.19
CA TYR G 153 -42.88 25.31 -5.29
C TYR G 153 -43.70 24.42 -4.36
N ASP G 154 -44.83 24.94 -3.84
CA ASP G 154 -45.82 24.18 -3.07
C ASP G 154 -45.20 23.58 -1.81
N ASN G 155 -44.78 24.46 -0.91
CA ASN G 155 -44.28 24.06 0.42
C ASN G 155 -45.42 24.28 1.41
N THR G 156 -46.22 23.24 1.61
CA THR G 156 -47.30 23.31 2.59
C THR G 156 -46.73 23.25 4.00
N CYS G 157 -47.40 23.95 4.92
CA CYS G 157 -46.97 23.97 6.31
C CYS G 157 -46.91 22.58 6.93
N LEU G 158 -47.77 21.66 6.47
CA LEU G 158 -47.71 20.29 6.98
C LEU G 158 -46.38 19.63 6.63
N MET G 159 -45.90 19.84 5.40
CA MET G 159 -44.63 19.24 4.98
C MET G 159 -43.46 19.83 5.75
N ILE G 160 -43.42 21.16 5.87
CA ILE G 160 -42.31 21.81 6.57
C ILE G 160 -42.35 21.55 8.07
N ALA G 161 -43.53 21.24 8.62
CA ALA G 161 -43.59 20.78 10.01
C ALA G 161 -43.17 19.32 10.14
N ALA G 162 -43.45 18.51 9.12
CA ALA G 162 -43.07 17.11 9.14
C ALA G 162 -41.57 16.92 8.95
N TYR G 163 -40.89 17.87 8.30
CA TYR G 163 -39.46 17.71 8.06
C TYR G 163 -38.63 17.78 9.35
N LYS G 164 -39.17 18.36 10.42
CA LYS G 164 -38.49 18.45 11.70
C LYS G 164 -39.37 17.83 12.79
N GLY G 165 -38.86 17.83 14.02
CA GLY G 165 -39.55 17.23 15.14
C GLY G 165 -40.70 18.07 15.64
N HIS G 166 -41.75 18.18 14.83
CA HIS G 166 -42.93 18.99 15.14
C HIS G 166 -44.21 18.20 14.87
N THR G 167 -44.25 16.97 15.41
CA THR G 167 -45.41 16.11 15.20
C THR G 167 -46.68 16.69 15.82
N ASP G 168 -46.53 17.54 16.84
CA ASP G 168 -47.70 18.21 17.42
C ASP G 168 -48.33 19.17 16.42
N VAL G 169 -47.51 19.90 15.66
CA VAL G 169 -48.03 20.82 14.66
C VAL G 169 -48.72 20.06 13.54
N VAL G 170 -48.11 18.97 13.06
CA VAL G 170 -48.71 18.15 12.02
C VAL G 170 -50.03 17.55 12.50
N ARG G 171 -50.08 17.12 13.75
CA ARG G 171 -51.31 16.60 14.31
C ARG G 171 -52.40 17.66 14.36
N TYR G 172 -52.10 18.81 14.99
CA TYR G 172 -53.07 19.89 15.10
C TYR G 172 -53.54 20.37 13.73
N LEU G 173 -52.69 20.21 12.72
CA LEU G 173 -53.14 20.46 11.34
C LEU G 173 -54.11 19.38 10.87
N LEU G 174 -53.77 18.11 11.10
CA LEU G 174 -54.52 17.03 10.43
C LEU G 174 -55.86 16.74 11.08
N GLU G 175 -56.03 16.95 12.40
CA GLU G 175 -57.41 16.99 12.89
C GLU G 175 -58.10 18.34 12.71
N GLN G 176 -57.67 19.14 11.74
CA GLN G 176 -58.43 20.31 11.30
C GLN G 176 -58.67 20.27 9.80
N ARG G 177 -58.79 19.06 9.24
CA ARG G 177 -59.00 18.82 7.81
C ARG G 177 -57.89 19.45 6.97
N ALA G 178 -56.68 18.95 7.18
CA ALA G 178 -55.52 19.40 6.42
C ALA G 178 -55.50 18.71 5.06
N ASP G 179 -54.41 18.89 4.32
CA ASP G 179 -54.31 18.31 2.99
C ASP G 179 -53.93 16.84 3.08
N PRO G 180 -54.76 15.93 2.56
CA PRO G 180 -54.39 14.51 2.59
C PRO G 180 -53.53 14.08 1.40
N ASN G 181 -53.69 14.75 0.26
CA ASN G 181 -53.03 14.32 -0.97
C ASN G 181 -52.51 15.50 -1.78
N ALA G 182 -51.85 16.45 -1.11
CA ALA G 182 -51.29 17.62 -1.79
C ALA G 182 -49.86 17.33 -2.22
N LYS G 183 -49.58 17.54 -3.50
CA LYS G 183 -48.25 17.31 -4.06
C LYS G 183 -47.37 18.53 -3.80
N ALA G 184 -46.20 18.55 -4.42
CA ALA G 184 -45.25 19.65 -4.28
C ALA G 184 -44.56 19.87 -5.62
N HIS G 185 -43.47 20.64 -5.61
CA HIS G 185 -42.69 20.86 -6.82
C HIS G 185 -42.08 19.55 -7.33
N CYS G 186 -41.56 18.74 -6.40
CA CYS G 186 -40.99 17.44 -6.75
C CYS G 186 -41.99 16.30 -6.60
N GLY G 187 -43.26 16.62 -6.41
CA GLY G 187 -44.27 15.59 -6.27
C GLY G 187 -44.34 14.94 -4.90
N ALA G 188 -43.70 15.53 -3.90
CA ALA G 188 -43.68 14.95 -2.56
C ALA G 188 -44.99 15.24 -1.85
N THR G 189 -45.75 14.19 -1.55
CA THR G 189 -47.03 14.33 -0.84
C THR G 189 -46.81 14.22 0.67
N ALA G 190 -45.82 14.96 1.15
CA ALA G 190 -45.42 15.10 2.55
C ALA G 190 -44.87 13.80 3.14
N LEU G 191 -44.98 12.70 2.41
CA LEU G 191 -44.45 11.42 2.87
C LEU G 191 -43.03 11.20 2.37
N HIS G 192 -42.76 11.56 1.12
CA HIS G 192 -41.38 11.67 0.67
C HIS G 192 -40.62 12.69 1.50
N PHE G 193 -41.30 13.77 1.89
CA PHE G 193 -40.71 14.84 2.67
C PHE G 193 -40.68 14.53 4.16
N ALA G 194 -41.39 13.51 4.62
CA ALA G 194 -41.35 13.10 6.02
C ALA G 194 -40.46 11.89 6.28
N ALA G 195 -40.37 10.97 5.33
CA ALA G 195 -39.55 9.78 5.54
C ALA G 195 -38.07 10.09 5.50
N GLU G 196 -37.67 11.15 4.79
CA GLU G 196 -36.29 11.59 4.83
C GLU G 196 -35.89 12.05 6.23
N ALA G 197 -36.80 12.75 6.91
CA ALA G 197 -36.58 13.10 8.31
C ALA G 197 -36.54 11.84 9.19
N GLY G 198 -37.42 10.87 8.91
CA GLY G 198 -37.43 9.64 9.65
C GLY G 198 -38.23 9.66 10.93
N HIS G 199 -39.03 10.70 11.17
CA HIS G 199 -39.85 10.78 12.38
C HIS G 199 -40.98 9.77 12.27
N ILE G 200 -40.92 8.70 13.07
CA ILE G 200 -41.86 7.60 12.94
C ILE G 200 -43.26 8.00 13.37
N ASP G 201 -43.38 8.90 14.36
CA ASP G 201 -44.70 9.31 14.84
C ASP G 201 -45.43 10.16 13.79
N ILE G 202 -44.70 10.97 13.04
CA ILE G 202 -45.32 11.76 11.97
C ILE G 202 -45.88 10.84 10.89
N VAL G 203 -45.13 9.80 10.51
CA VAL G 203 -45.62 8.84 9.53
C VAL G 203 -46.80 8.06 10.11
N LYS G 204 -46.79 7.78 11.41
CA LYS G 204 -47.95 7.15 12.05
C LYS G 204 -49.18 8.03 11.92
N GLU G 205 -49.03 9.33 12.18
CA GLU G 205 -50.15 10.25 12.07
C GLU G 205 -50.65 10.36 10.64
N LEU G 206 -49.74 10.39 9.67
CA LEU G 206 -50.14 10.48 8.27
C LEU G 206 -50.83 9.21 7.79
N ILE G 207 -50.38 8.04 8.24
CA ILE G 207 -51.05 6.80 7.87
C ILE G 207 -52.42 6.72 8.52
N LYS G 208 -52.53 7.18 9.78
CA LYS G 208 -53.82 7.17 10.46
C LYS G 208 -54.82 8.10 9.79
N TRP G 209 -54.36 9.21 9.22
CA TRP G 209 -55.22 10.13 8.49
C TRP G 209 -55.33 9.79 7.01
N ARG G 210 -54.77 8.66 6.60
CA ARG G 210 -54.84 8.16 5.21
C ARG G 210 -54.24 9.17 4.22
N ALA G 211 -52.94 9.40 4.38
CA ALA G 211 -52.20 10.26 3.47
C ALA G 211 -51.94 9.62 2.12
N ALA G 212 -52.21 8.31 1.98
CA ALA G 212 -52.08 7.54 0.74
C ALA G 212 -50.64 7.46 0.24
N ILE G 213 -50.44 6.71 -0.84
CA ILE G 213 -49.11 6.47 -1.40
C ILE G 213 -49.15 6.77 -2.89
N VAL G 214 -48.24 7.62 -3.34
CA VAL G 214 -48.12 7.96 -4.75
C VAL G 214 -46.67 8.32 -5.04
N VAL G 215 -46.24 8.05 -6.27
CA VAL G 215 -44.86 8.34 -6.66
C VAL G 215 -44.68 9.84 -6.82
N ASN G 216 -43.48 10.31 -6.49
CA ASN G 216 -43.16 11.74 -6.60
C ASN G 216 -42.69 12.03 -8.03
N GLY G 217 -42.11 13.22 -8.23
CA GLY G 217 -41.65 13.62 -9.55
C GLY G 217 -40.47 12.81 -10.08
N HIS G 218 -39.74 12.13 -9.20
CA HIS G 218 -38.63 11.27 -9.59
C HIS G 218 -39.05 9.82 -9.70
N GLY G 219 -40.35 9.52 -9.65
CA GLY G 219 -40.83 8.16 -9.73
C GLY G 219 -40.43 7.29 -8.56
N MET G 220 -40.52 7.83 -7.35
CA MET G 220 -40.15 7.10 -6.13
C MET G 220 -41.33 7.11 -5.17
N THR G 221 -41.77 5.92 -4.76
CA THR G 221 -42.75 5.80 -3.71
C THR G 221 -42.13 6.24 -2.37
N PRO G 222 -42.94 6.75 -1.43
CA PRO G 222 -42.38 7.13 -0.13
C PRO G 222 -41.70 5.99 0.61
N LEU G 223 -42.13 4.76 0.36
CA LEU G 223 -41.42 3.59 0.89
C LEU G 223 -40.00 3.52 0.36
N LYS G 224 -39.81 3.79 -0.94
CA LYS G 224 -38.47 3.81 -1.51
C LYS G 224 -37.65 5.00 -0.97
N VAL G 225 -38.30 6.12 -0.69
CA VAL G 225 -37.61 7.25 -0.10
C VAL G 225 -37.12 6.89 1.30
N ALA G 226 -37.96 6.19 2.08
CA ALA G 226 -37.54 5.73 3.39
C ALA G 226 -36.41 4.71 3.30
N ALA G 227 -36.48 3.81 2.31
CA ALA G 227 -35.43 2.81 2.14
C ALA G 227 -34.12 3.45 1.69
N GLU G 228 -34.18 4.55 0.95
CA GLU G 228 -32.96 5.20 0.47
C GLU G 228 -32.21 5.88 1.61
N SER G 229 -32.92 6.28 2.67
CA SER G 229 -32.32 7.05 3.75
C SER G 229 -31.83 6.18 4.90
N CYS G 230 -31.78 4.86 4.71
CA CYS G 230 -31.26 3.91 5.70
C CYS G 230 -32.01 3.98 7.03
N LYS G 231 -33.33 4.15 6.94
CA LYS G 231 -34.17 4.29 8.14
C LYS G 231 -35.18 3.14 8.13
N ALA G 232 -34.94 2.15 8.99
CA ALA G 232 -35.71 0.91 8.94
C ALA G 232 -37.10 1.05 9.54
N ASP G 233 -37.27 1.91 10.54
CA ASP G 233 -38.56 2.01 11.24
C ASP G 233 -39.66 2.54 10.33
N VAL G 234 -39.37 3.63 9.61
CA VAL G 234 -40.35 4.17 8.67
C VAL G 234 -40.56 3.21 7.51
N VAL G 235 -39.53 2.44 7.14
CA VAL G 235 -39.69 1.41 6.11
C VAL G 235 -40.70 0.36 6.56
N GLU G 236 -40.57 -0.10 7.81
CA GLU G 236 -41.53 -1.07 8.34
C GLU G 236 -42.93 -0.49 8.40
N LEU G 237 -43.05 0.75 8.87
CA LEU G 237 -44.37 1.36 9.02
C LEU G 237 -45.05 1.54 7.68
N LEU G 238 -44.30 1.96 6.66
CA LEU G 238 -44.88 2.10 5.33
C LEU G 238 -45.14 0.73 4.70
N LEU G 239 -44.38 -0.29 5.10
CA LEU G 239 -44.65 -1.65 4.63
C LEU G 239 -45.98 -2.15 5.18
N SER G 240 -46.28 -1.84 6.44
CA SER G 240 -47.56 -2.22 7.04
C SER G 240 -48.63 -1.26 6.54
N HIS G 241 -49.08 -1.50 5.31
CA HIS G 241 -50.07 -0.65 4.66
C HIS G 241 -51.18 -1.41 3.97
N ALA G 242 -51.08 -2.73 3.85
CA ALA G 242 -52.10 -3.63 3.28
C ALA G 242 -52.39 -3.37 1.81
N ASP G 243 -51.59 -2.54 1.14
CA ASP G 243 -51.75 -2.35 -0.30
C ASP G 243 -50.41 -2.23 -1.02
N CYS G 244 -49.29 -2.50 -0.34
CA CYS G 244 -47.98 -2.33 -0.97
C CYS G 244 -47.67 -3.45 -1.95
N ASP G 245 -48.19 -4.66 -1.69
CA ASP G 245 -47.99 -5.87 -2.50
C ASP G 245 -46.56 -6.39 -2.44
N ARG G 246 -46.40 -7.67 -2.82
CA ARG G 246 -45.16 -8.39 -2.59
C ARG G 246 -44.02 -7.81 -3.40
N ARG G 247 -44.28 -7.37 -4.63
CA ARG G 247 -43.21 -6.84 -5.48
C ARG G 247 -42.58 -5.61 -4.86
N SER G 248 -43.42 -4.65 -4.46
CA SER G 248 -42.88 -3.43 -3.85
C SER G 248 -42.27 -3.70 -2.49
N ARG G 249 -42.84 -4.64 -1.73
CA ARG G 249 -42.25 -5.00 -0.44
C ARG G 249 -40.85 -5.58 -0.62
N ILE G 250 -40.68 -6.48 -1.59
CA ILE G 250 -39.39 -7.11 -1.84
C ILE G 250 -38.38 -6.09 -2.33
N GLU G 251 -38.78 -5.24 -3.28
CA GLU G 251 -37.81 -4.27 -3.80
C GLU G 251 -37.47 -3.20 -2.77
N ALA G 252 -38.42 -2.88 -1.87
CA ALA G 252 -38.12 -1.94 -0.80
C ALA G 252 -37.13 -2.52 0.20
N LEU G 253 -37.32 -3.80 0.58
CA LEU G 253 -36.34 -4.44 1.47
C LEU G 253 -34.98 -4.53 0.80
N GLU G 254 -34.95 -4.85 -0.49
CA GLU G 254 -33.69 -4.95 -1.22
C GLU G 254 -33.01 -3.58 -1.32
N LEU G 255 -33.79 -2.53 -1.53
CA LEU G 255 -33.22 -1.18 -1.60
C LEU G 255 -32.70 -0.74 -0.23
N LEU G 256 -33.39 -1.11 0.84
CA LEU G 256 -32.90 -0.79 2.18
C LEU G 256 -31.58 -1.49 2.46
N GLY G 257 -31.49 -2.78 2.11
CA GLY G 257 -30.23 -3.49 2.24
C GLY G 257 -29.14 -2.90 1.37
N ALA G 258 -29.49 -2.42 0.18
CA ALA G 258 -28.52 -1.76 -0.69
C ALA G 258 -28.01 -0.47 -0.07
N SER G 259 -28.92 0.33 0.48
CA SER G 259 -28.54 1.61 1.06
C SER G 259 -27.69 1.43 2.31
N PHE G 260 -27.94 0.38 3.09
CA PHE G 260 -27.13 0.12 4.27
C PHE G 260 -25.67 -0.20 3.92
N ALA G 261 -25.40 -0.61 2.68
CA ALA G 261 -24.04 -1.00 2.31
C ALA G 261 -23.14 0.21 2.11
N ASN G 262 -23.66 1.29 1.55
CA ASN G 262 -22.86 2.48 1.22
C ASN G 262 -23.56 3.71 1.77
N ASP G 263 -23.21 4.08 3.01
CA ASP G 263 -23.75 5.28 3.63
C ASP G 263 -22.79 5.69 4.74
N ARG G 264 -22.72 7.00 4.98
CA ARG G 264 -21.78 7.53 5.97
C ARG G 264 -22.25 7.24 7.38
N GLU G 265 -23.43 7.75 7.75
CA GLU G 265 -23.89 7.64 9.13
C GLU G 265 -24.36 6.23 9.45
N ASN G 266 -25.07 5.57 8.54
CA ASN G 266 -25.65 4.27 8.77
C ASN G 266 -24.95 3.25 7.87
N TYR G 267 -23.85 2.69 8.35
CA TYR G 267 -23.07 1.71 7.62
C TYR G 267 -23.00 0.42 8.42
N ASP G 268 -23.77 -0.59 8.00
CA ASP G 268 -23.74 -1.91 8.62
C ASP G 268 -23.77 -2.94 7.51
N ILE G 269 -22.66 -3.65 7.32
CA ILE G 269 -22.62 -4.65 6.25
C ILE G 269 -23.36 -5.92 6.67
N ILE G 270 -23.44 -6.20 7.99
CA ILE G 270 -24.21 -7.34 8.45
C ILE G 270 -25.70 -7.09 8.26
N LYS G 271 -26.15 -5.87 8.50
CA LYS G 271 -27.53 -5.51 8.20
C LYS G 271 -27.78 -5.57 6.70
N THR G 272 -26.79 -5.18 5.90
CA THR G 272 -26.91 -5.27 4.45
C THR G 272 -27.15 -6.71 4.01
N TYR G 273 -26.31 -7.63 4.49
CA TYR G 273 -26.49 -9.03 4.13
C TYR G 273 -27.82 -9.58 4.63
N HIS G 274 -28.21 -9.21 5.85
CA HIS G 274 -29.44 -9.75 6.41
C HIS G 274 -30.67 -9.25 5.67
N TYR G 275 -30.69 -7.97 5.29
CA TYR G 275 -31.83 -7.45 4.54
C TYR G 275 -31.85 -8.00 3.12
N LEU G 276 -30.68 -8.21 2.50
CA LEU G 276 -30.64 -8.85 1.20
C LEU G 276 -31.14 -10.29 1.28
N TYR G 277 -30.77 -10.99 2.36
CA TYR G 277 -31.25 -12.36 2.57
C TYR G 277 -32.75 -12.39 2.80
N LEU G 278 -33.28 -11.41 3.53
CA LEU G 278 -34.72 -11.33 3.73
C LEU G 278 -35.45 -11.06 2.42
N ALA G 279 -34.89 -10.19 1.58
CA ALA G 279 -35.49 -9.93 0.27
C ALA G 279 -35.43 -11.17 -0.62
N MET G 280 -34.32 -11.89 -0.60
CA MET G 280 -34.18 -13.07 -1.45
C MET G 280 -35.06 -14.22 -0.98
N LEU G 281 -35.18 -14.41 0.33
CA LEU G 281 -35.99 -15.50 0.87
C LEU G 281 -37.46 -15.29 0.54
N GLU G 282 -37.94 -14.05 0.62
CA GLU G 282 -39.32 -13.76 0.24
C GLU G 282 -39.53 -13.91 -1.26
N ARG G 283 -38.48 -13.74 -2.06
CA ARG G 283 -38.57 -14.02 -3.49
C ARG G 283 -38.67 -15.53 -3.73
N PHE G 284 -37.70 -16.28 -3.22
CA PHE G 284 -37.64 -17.73 -3.43
C PHE G 284 -38.23 -18.45 -2.22
N GLN G 285 -39.55 -18.33 -2.07
CA GLN G 285 -40.25 -18.98 -0.98
C GLN G 285 -41.30 -19.99 -1.42
N ASP G 286 -41.80 -19.90 -2.65
CA ASP G 286 -42.87 -20.77 -3.11
C ASP G 286 -42.44 -21.68 -4.25
N GLY G 287 -41.85 -21.12 -5.30
CA GLY G 287 -41.62 -21.83 -6.54
C GLY G 287 -42.71 -21.64 -7.56
N ASP G 288 -43.89 -21.19 -7.14
CA ASP G 288 -44.98 -20.79 -8.02
C ASP G 288 -45.22 -19.30 -7.83
N ASN G 289 -45.77 -18.68 -8.88
CA ASN G 289 -45.88 -17.22 -9.02
C ASN G 289 -44.65 -16.49 -8.49
N ILE G 290 -43.49 -16.97 -8.94
CA ILE G 290 -42.21 -16.48 -8.43
C ILE G 290 -41.94 -15.08 -8.99
N LEU G 291 -41.10 -14.33 -8.28
CA LEU G 291 -40.74 -12.97 -8.67
C LEU G 291 -39.25 -12.96 -8.99
N GLU G 292 -38.91 -13.24 -10.25
CA GLU G 292 -37.53 -13.22 -10.69
C GLU G 292 -37.03 -11.79 -10.82
N LYS G 293 -35.71 -11.61 -10.68
CA LYS G 293 -35.12 -10.30 -10.72
C LYS G 293 -34.93 -9.82 -12.16
N GLU G 294 -35.18 -8.53 -12.39
CA GLU G 294 -34.93 -7.90 -13.68
C GLU G 294 -33.46 -7.48 -13.73
N VAL G 295 -32.59 -8.49 -13.88
CA VAL G 295 -31.16 -8.29 -13.72
C VAL G 295 -30.62 -7.47 -14.87
N LEU G 296 -30.02 -6.32 -14.55
CA LEU G 296 -29.39 -5.47 -15.54
C LEU G 296 -28.09 -6.12 -16.02
N PRO G 297 -27.63 -5.76 -17.22
CA PRO G 297 -26.32 -6.24 -17.67
C PRO G 297 -25.23 -5.70 -16.77
N PRO G 298 -24.13 -6.46 -16.60
CA PRO G 298 -23.06 -6.02 -15.70
C PRO G 298 -22.42 -4.72 -16.15
N ILE G 299 -22.06 -3.90 -15.18
CA ILE G 299 -21.43 -2.60 -15.42
C ILE G 299 -19.99 -2.66 -14.95
N HIS G 300 -19.08 -2.16 -15.78
CA HIS G 300 -17.65 -2.26 -15.49
C HIS G 300 -17.25 -1.49 -14.23
N ALA G 301 -18.02 -0.47 -13.85
CA ALA G 301 -17.69 0.30 -12.65
C ALA G 301 -17.80 -0.55 -11.39
N TYR G 302 -18.85 -1.35 -11.28
CA TYR G 302 -19.02 -2.23 -10.13
C TYR G 302 -18.43 -3.61 -10.39
N GLY G 303 -17.16 -3.63 -10.80
CA GLY G 303 -16.54 -4.88 -11.17
C GLY G 303 -17.21 -5.50 -12.37
N ASN G 304 -17.59 -6.76 -12.27
CA ASN G 304 -18.35 -7.43 -13.31
C ASN G 304 -19.43 -8.33 -12.72
N ARG G 305 -19.96 -7.96 -11.56
CA ARG G 305 -21.00 -8.76 -10.91
C ARG G 305 -22.32 -8.67 -11.68
N THR G 306 -23.14 -9.70 -11.53
CA THR G 306 -24.42 -9.81 -12.23
C THR G 306 -25.54 -10.04 -11.21
N GLU G 307 -25.55 -9.20 -10.18
CA GLU G 307 -26.51 -9.23 -9.07
C GLU G 307 -26.40 -10.58 -8.35
N CYS G 308 -27.48 -11.02 -7.72
CA CYS G 308 -27.53 -12.33 -7.06
C CYS G 308 -28.92 -12.91 -7.33
N ARG G 309 -29.02 -13.76 -8.34
CA ARG G 309 -30.29 -14.36 -8.74
C ARG G 309 -30.58 -15.66 -8.00
N ASN G 310 -29.72 -16.06 -7.07
CA ASN G 310 -29.93 -17.25 -6.25
C ASN G 310 -29.52 -16.95 -4.82
N PRO G 311 -30.14 -17.61 -3.84
CA PRO G 311 -29.65 -17.48 -2.46
C PRO G 311 -28.28 -18.11 -2.24
N GLN G 312 -27.87 -19.05 -3.10
CA GLN G 312 -26.60 -19.72 -2.91
C GLN G 312 -25.42 -18.77 -3.12
N GLU G 313 -25.48 -17.96 -4.18
CA GLU G 313 -24.40 -16.99 -4.41
C GLU G 313 -24.41 -15.88 -3.37
N LEU G 314 -25.59 -15.51 -2.88
CA LEU G 314 -25.68 -14.52 -1.80
C LEU G 314 -25.04 -15.07 -0.52
N GLU G 315 -25.28 -16.35 -0.22
CA GLU G 315 -24.61 -16.99 0.91
C GLU G 315 -23.11 -17.08 0.68
N SER G 316 -22.69 -17.31 -0.57
CA SER G 316 -21.27 -17.37 -0.89
C SER G 316 -20.59 -16.03 -0.67
N ILE G 317 -21.28 -14.93 -0.99
CA ILE G 317 -20.71 -13.60 -0.86
C ILE G 317 -21.08 -12.96 0.49
N ARG G 318 -21.54 -13.77 1.45
CA ARG G 318 -21.93 -13.24 2.76
C ARG G 318 -20.74 -12.64 3.49
N GLN G 319 -19.59 -13.30 3.46
CA GLN G 319 -18.42 -12.86 4.20
C GLN G 319 -17.46 -12.02 3.35
N ASP G 320 -17.80 -11.73 2.10
CA ASP G 320 -16.93 -10.98 1.20
C ASP G 320 -17.47 -9.55 1.13
N ARG G 321 -16.75 -8.62 1.76
CA ARG G 321 -17.29 -7.29 2.00
C ARG G 321 -17.38 -6.45 0.72
N ASP G 322 -16.33 -6.46 -0.10
CA ASP G 322 -16.36 -5.66 -1.32
C ASP G 322 -17.40 -6.18 -2.31
N ALA G 323 -17.59 -7.49 -2.38
CA ALA G 323 -18.67 -8.02 -3.21
C ALA G 323 -20.03 -7.57 -2.71
N LEU G 324 -20.22 -7.51 -1.39
CA LEU G 324 -21.46 -7.01 -0.83
C LEU G 324 -21.67 -5.54 -1.17
N HIS G 325 -20.59 -4.74 -1.10
CA HIS G 325 -20.71 -3.32 -1.44
C HIS G 325 -21.10 -3.14 -2.91
N MET G 326 -20.45 -3.90 -3.80
CA MET G 326 -20.76 -3.78 -5.22
C MET G 326 -22.16 -4.30 -5.52
N GLU G 327 -22.59 -5.37 -4.84
CA GLU G 327 -23.94 -5.88 -5.01
C GLU G 327 -24.98 -4.86 -4.56
N GLY G 328 -24.73 -4.22 -3.42
CA GLY G 328 -25.64 -3.18 -2.96
C GLY G 328 -25.71 -2.01 -3.91
N LEU G 329 -24.56 -1.58 -4.44
CA LEU G 329 -24.56 -0.52 -5.43
C LEU G 329 -25.33 -0.91 -6.68
N ILE G 330 -25.16 -2.15 -7.13
CA ILE G 330 -25.83 -2.60 -8.36
C ILE G 330 -27.34 -2.64 -8.17
N VAL G 331 -27.80 -3.24 -7.06
CA VAL G 331 -29.25 -3.34 -6.87
C VAL G 331 -29.86 -1.99 -6.55
N ARG G 332 -29.10 -1.09 -5.90
CA ARG G 332 -29.58 0.27 -5.69
C ARG G 332 -29.72 1.02 -7.01
N GLU G 333 -28.76 0.85 -7.92
CA GLU G 333 -28.86 1.46 -9.23
C GLU G 333 -30.04 0.89 -10.01
N ARG G 334 -30.28 -0.42 -9.89
CA ARG G 334 -31.41 -1.03 -10.59
C ARG G 334 -32.74 -0.53 -10.05
N ILE G 335 -32.88 -0.45 -8.72
CA ILE G 335 -34.16 -0.07 -8.12
C ILE G 335 -34.42 1.42 -8.34
N LEU G 336 -33.43 2.26 -8.08
CA LEU G 336 -33.62 3.71 -8.18
C LEU G 336 -33.47 4.23 -9.60
N GLY G 337 -33.05 3.40 -10.55
CA GLY G 337 -32.84 3.84 -11.91
C GLY G 337 -31.49 4.54 -12.08
N ALA G 338 -31.18 4.87 -13.33
CA ALA G 338 -29.94 5.55 -13.66
C ALA G 338 -30.09 7.06 -13.74
N ASP G 339 -31.27 7.59 -13.44
CA ASP G 339 -31.56 9.02 -13.56
C ASP G 339 -32.15 9.55 -12.26
N ASN G 340 -31.54 9.21 -11.14
CA ASN G 340 -31.99 9.64 -9.83
C ASN G 340 -30.97 10.58 -9.20
N ILE G 341 -31.47 11.45 -8.32
CA ILE G 341 -30.60 12.42 -7.65
C ILE G 341 -29.68 11.72 -6.66
N ASP G 342 -30.22 10.80 -5.87
CA ASP G 342 -29.49 10.21 -4.74
C ASP G 342 -28.76 8.92 -5.10
N VAL G 343 -28.77 8.50 -6.37
CA VAL G 343 -28.11 7.26 -6.73
C VAL G 343 -26.60 7.42 -6.81
N SER G 344 -26.11 8.64 -6.97
CA SER G 344 -24.68 8.86 -7.19
C SER G 344 -23.88 9.03 -5.92
N HIS G 345 -24.49 9.57 -4.85
CA HIS G 345 -23.75 9.83 -3.62
C HIS G 345 -23.17 8.58 -2.96
N PRO G 346 -23.88 7.45 -2.82
CA PRO G 346 -23.21 6.24 -2.30
C PRO G 346 -22.06 5.77 -3.16
N ILE G 347 -22.13 5.96 -4.47
CA ILE G 347 -21.00 5.61 -5.33
C ILE G 347 -19.79 6.48 -5.01
N ILE G 348 -20.02 7.77 -4.77
CA ILE G 348 -18.94 8.67 -4.39
C ILE G 348 -18.35 8.27 -3.04
N TYR G 349 -19.20 7.91 -2.08
CA TYR G 349 -18.71 7.49 -0.77
C TYR G 349 -17.90 6.20 -0.88
N ARG G 350 -18.36 5.24 -1.68
CA ARG G 350 -17.62 4.00 -1.87
C ARG G 350 -16.29 4.26 -2.56
N GLY G 351 -16.27 5.19 -3.52
CA GLY G 351 -15.01 5.56 -4.14
C GLY G 351 -14.05 6.19 -3.16
N ALA G 352 -14.56 7.05 -2.27
CA ALA G 352 -13.70 7.66 -1.25
C ALA G 352 -13.15 6.61 -0.29
N VAL G 353 -13.97 5.64 0.10
CA VAL G 353 -13.50 4.56 0.97
C VAL G 353 -12.44 3.73 0.27
N TYR G 354 -12.65 3.44 -1.02
CA TYR G 354 -11.65 2.70 -1.79
C TYR G 354 -10.35 3.48 -1.91
N ALA G 355 -10.44 4.80 -2.10
CA ALA G 355 -9.24 5.62 -2.22
C ALA G 355 -8.49 5.72 -0.89
N ASP G 356 -9.22 5.67 0.23
CA ASP G 356 -8.56 5.69 1.53
C ASP G 356 -7.70 4.44 1.73
N ASN G 357 -8.14 3.32 1.18
CA ASN G 357 -7.38 2.08 1.24
C ASN G 357 -6.42 1.93 0.06
N MET G 358 -6.15 3.01 -0.68
CA MET G 358 -5.21 3.04 -1.79
C MET G 358 -5.60 2.07 -2.91
N GLU G 359 -6.89 1.83 -3.08
CA GLU G 359 -7.39 1.05 -4.22
C GLU G 359 -7.88 2.07 -5.26
N PHE G 360 -6.92 2.66 -5.97
CA PHE G 360 -7.21 3.84 -6.78
C PHE G 360 -7.96 3.50 -8.06
N GLU G 361 -7.75 2.32 -8.63
CA GLU G 361 -8.35 1.99 -9.92
C GLU G 361 -9.86 1.84 -9.80
N GLN G 362 -10.32 1.07 -8.80
CA GLN G 362 -11.75 0.94 -8.56
C GLN G 362 -12.37 2.24 -8.13
N CYS G 363 -11.63 3.06 -7.38
CA CYS G 363 -12.10 4.40 -7.04
C CYS G 363 -12.34 5.25 -8.28
N ILE G 364 -11.41 5.18 -9.24
CA ILE G 364 -11.54 5.94 -10.47
C ILE G 364 -12.75 5.44 -11.26
N LYS G 365 -12.94 4.12 -11.33
CA LYS G 365 -14.09 3.57 -12.04
C LYS G 365 -15.40 4.03 -11.41
N LEU G 366 -15.50 3.95 -10.08
CA LEU G 366 -16.73 4.34 -9.40
C LEU G 366 -17.01 5.83 -9.55
N TRP G 367 -15.97 6.66 -9.41
CA TRP G 367 -16.18 8.10 -9.53
C TRP G 367 -16.47 8.50 -10.96
N LEU G 368 -15.92 7.79 -11.95
CA LEU G 368 -16.27 8.04 -13.34
C LEU G 368 -17.72 7.69 -13.60
N HIS G 369 -18.21 6.58 -13.02
CA HIS G 369 -19.62 6.25 -13.15
C HIS G 369 -20.50 7.30 -12.50
N ALA G 370 -20.10 7.78 -11.33
CA ALA G 370 -20.87 8.83 -10.65
C ALA G 370 -20.89 10.12 -11.46
N LEU G 371 -19.75 10.48 -12.06
CA LEU G 371 -19.66 11.67 -12.90
C LEU G 371 -20.55 11.52 -14.14
N HIS G 372 -20.53 10.34 -14.76
CA HIS G 372 -21.39 10.10 -15.92
C HIS G 372 -22.86 10.20 -15.56
N LEU G 373 -23.25 9.63 -14.42
CA LEU G 373 -24.64 9.69 -13.98
C LEU G 373 -25.06 11.13 -13.67
N ARG G 374 -24.19 11.89 -13.01
CA ARG G 374 -24.53 13.26 -12.67
C ARG G 374 -24.57 14.17 -13.90
N GLN G 375 -23.72 13.90 -14.90
CA GLN G 375 -23.78 14.67 -16.12
C GLN G 375 -25.00 14.30 -16.97
N LYS G 376 -25.41 13.03 -16.92
CA LYS G 376 -26.67 12.66 -17.56
C LYS G 376 -27.85 13.31 -16.85
N GLY G 377 -27.76 13.48 -15.53
CA GLY G 377 -28.80 14.20 -14.80
C GLY G 377 -28.70 15.70 -14.87
N ASN G 378 -27.63 16.23 -15.47
CA ASN G 378 -27.41 17.67 -15.66
C ASN G 378 -27.44 18.42 -14.33
N ARG G 379 -26.48 18.08 -13.48
CA ARG G 379 -26.33 18.69 -12.17
C ARG G 379 -24.92 19.25 -12.02
N ASN G 380 -24.72 20.03 -10.96
CA ASN G 380 -23.44 20.69 -10.73
C ASN G 380 -22.43 19.66 -10.23
N THR G 381 -21.42 19.36 -11.05
CA THR G 381 -20.37 18.42 -10.70
C THR G 381 -19.03 19.13 -10.52
N HIS G 382 -19.07 20.40 -10.10
CA HIS G 382 -17.83 21.13 -9.86
C HIS G 382 -17.04 20.55 -8.70
N LYS G 383 -17.73 20.00 -7.69
CA LYS G 383 -17.03 19.35 -6.59
C LYS G 383 -16.47 18.00 -6.99
N ASP G 384 -17.11 17.32 -7.95
CA ASP G 384 -16.66 15.99 -8.33
C ASP G 384 -15.38 16.05 -9.16
N LEU G 385 -15.27 17.04 -10.05
CA LEU G 385 -14.04 17.20 -10.81
C LEU G 385 -12.88 17.61 -9.91
N LEU G 386 -13.17 18.39 -8.86
CA LEU G 386 -12.14 18.69 -7.87
C LEU G 386 -11.68 17.42 -7.16
N ARG G 387 -12.62 16.52 -6.86
CA ARG G 387 -12.25 15.24 -6.26
C ARG G 387 -11.41 14.40 -7.21
N PHE G 388 -11.74 14.43 -8.50
CA PHE G 388 -10.93 13.73 -9.50
C PHE G 388 -9.52 14.30 -9.55
N ALA G 389 -9.38 15.62 -9.54
CA ALA G 389 -8.06 16.23 -9.57
C ALA G 389 -7.29 15.93 -8.30
N GLN G 390 -7.99 15.83 -7.16
CA GLN G 390 -7.33 15.51 -5.90
C GLN G 390 -6.84 14.06 -5.89
N VAL G 391 -7.66 13.13 -6.36
CA VAL G 391 -7.25 11.72 -6.33
C VAL G 391 -6.22 11.43 -7.43
N PHE G 392 -6.20 12.21 -8.51
CA PHE G 392 -5.16 12.05 -9.51
C PHE G 392 -3.83 12.62 -9.01
N SER G 393 -3.90 13.71 -8.25
CA SER G 393 -2.68 14.29 -7.68
C SER G 393 -2.09 13.38 -6.60
N GLN G 394 -2.96 12.69 -5.83
CA GLN G 394 -2.47 11.77 -4.82
C GLN G 394 -1.79 10.56 -5.45
N MET G 395 -2.24 10.13 -6.62
CA MET G 395 -1.59 9.04 -7.32
C MET G 395 -0.19 9.44 -7.78
N ILE G 396 -0.04 10.67 -8.26
CA ILE G 396 1.27 11.16 -8.69
C ILE G 396 2.19 11.36 -7.49
N HIS G 397 1.65 11.92 -6.40
CA HIS G 397 2.44 12.12 -5.19
C HIS G 397 2.86 10.80 -4.55
N LEU G 398 2.12 9.73 -4.80
CA LEU G 398 2.49 8.39 -4.33
C LEU G 398 3.25 7.60 -5.38
N ASN G 399 3.63 8.24 -6.49
CA ASN G 399 4.38 7.61 -7.58
C ASN G 399 3.64 6.40 -8.16
N GLU G 400 2.32 6.52 -8.28
CA GLU G 400 1.49 5.48 -8.87
C GLU G 400 1.08 5.89 -10.28
N THR G 401 1.09 4.92 -11.18
CA THR G 401 0.73 5.19 -12.58
C THR G 401 -0.74 5.54 -12.69
N VAL G 402 -1.04 6.45 -13.62
CA VAL G 402 -2.39 6.93 -13.86
C VAL G 402 -2.79 6.55 -15.27
N LYS G 403 -3.96 5.94 -15.41
CA LYS G 403 -4.42 5.48 -16.72
C LYS G 403 -4.80 6.66 -17.59
N ALA G 404 -4.18 6.72 -18.77
CA ALA G 404 -4.45 7.81 -19.70
C ALA G 404 -5.89 7.89 -20.21
N PRO G 405 -6.58 6.79 -20.57
CA PRO G 405 -8.00 6.93 -20.93
C PRO G 405 -8.86 7.49 -19.82
N ASP G 406 -8.54 7.21 -18.56
CA ASP G 406 -9.26 7.84 -17.46
C ASP G 406 -9.08 9.35 -17.45
N ILE G 407 -7.85 9.81 -17.71
CA ILE G 407 -7.59 11.25 -17.82
C ILE G 407 -8.36 11.84 -18.98
N GLU G 408 -8.41 11.13 -20.12
CA GLU G 408 -9.16 11.62 -21.27
C GLU G 408 -10.64 11.72 -20.95
N CYS G 409 -11.20 10.71 -20.26
CA CYS G 409 -12.62 10.72 -19.93
C CYS G 409 -12.95 11.86 -18.97
N VAL G 410 -12.13 12.03 -17.93
CA VAL G 410 -12.43 13.10 -16.98
C VAL G 410 -12.20 14.47 -17.61
N LEU G 411 -11.26 14.58 -18.55
CA LEU G 411 -11.04 15.86 -19.21
C LEU G 411 -12.19 16.20 -20.14
N ARG G 412 -12.72 15.21 -20.87
CA ARG G 412 -13.89 15.44 -21.71
C ARG G 412 -15.10 15.81 -20.86
N CYS G 413 -15.28 15.14 -19.73
CA CYS G 413 -16.37 15.48 -18.82
C CYS G 413 -16.22 16.89 -18.27
N SER G 414 -14.99 17.29 -17.94
CA SER G 414 -14.75 18.65 -17.46
C SER G 414 -15.03 19.68 -18.54
N VAL G 415 -14.63 19.40 -19.78
CA VAL G 415 -14.90 20.31 -20.89
C VAL G 415 -16.40 20.49 -21.07
N LEU G 416 -17.14 19.37 -21.07
CA LEU G 416 -18.59 19.46 -21.20
C LEU G 416 -19.21 20.25 -20.06
N GLU G 417 -18.78 19.95 -18.81
CA GLU G 417 -19.37 20.63 -17.66
C GLU G 417 -19.05 22.11 -17.66
N ILE G 418 -17.87 22.50 -18.17
CA ILE G 418 -17.57 23.91 -18.33
C ILE G 418 -18.49 24.52 -19.40
N GLU G 419 -18.84 23.75 -20.42
CA GLU G 419 -19.78 24.25 -21.42
C GLU G 419 -21.16 24.54 -20.81
N GLN G 420 -21.72 23.58 -20.06
CA GLN G 420 -23.00 23.89 -19.40
C GLN G 420 -22.84 24.95 -18.31
N SER G 421 -21.67 25.08 -17.71
CA SER G 421 -21.48 26.15 -16.74
C SER G 421 -21.52 27.52 -17.41
N MET G 422 -20.93 27.62 -18.61
CA MET G 422 -21.05 28.84 -19.40
C MET G 422 -22.49 29.11 -19.79
N ASN G 423 -23.22 28.06 -20.17
CA ASN G 423 -24.63 28.20 -20.53
C ASN G 423 -25.45 28.69 -19.34
N ARG G 424 -25.17 28.15 -18.15
CA ARG G 424 -25.89 28.55 -16.94
C ARG G 424 -25.54 29.99 -16.55
N VAL G 425 -24.28 30.38 -16.71
CA VAL G 425 -23.88 31.76 -16.41
C VAL G 425 -24.57 32.73 -17.36
N LYS G 426 -24.60 32.40 -18.65
CA LYS G 426 -25.28 33.26 -19.62
C LYS G 426 -26.78 33.32 -19.36
N ASN G 427 -27.39 32.19 -19.02
CA ASN G 427 -28.84 32.15 -18.85
C ASN G 427 -29.28 32.85 -17.57
N ILE G 428 -28.53 32.68 -16.48
CA ILE G 428 -28.90 33.27 -15.21
C ILE G 428 -28.42 34.71 -15.17
N SER G 429 -29.35 35.65 -14.97
CA SER G 429 -29.00 37.06 -14.90
C SER G 429 -28.50 37.44 -13.51
N ASP G 430 -29.35 37.26 -12.49
CA ASP G 430 -28.98 37.63 -11.13
C ASP G 430 -29.58 36.70 -10.08
N ALA G 431 -30.07 35.52 -10.47
CA ALA G 431 -30.65 34.60 -9.50
C ALA G 431 -29.58 34.02 -8.58
N ASP G 432 -28.60 33.33 -9.17
CA ASP G 432 -27.45 32.80 -8.43
C ASP G 432 -26.19 33.00 -9.26
N VAL G 433 -26.03 34.20 -9.82
CA VAL G 433 -24.91 34.48 -10.71
C VAL G 433 -23.58 34.46 -9.96
N HIS G 434 -23.58 34.79 -8.67
CA HIS G 434 -22.36 34.68 -7.88
C HIS G 434 -21.94 33.23 -7.69
N ASN G 435 -22.91 32.37 -7.34
CA ASN G 435 -22.62 30.94 -7.22
C ASN G 435 -22.23 30.35 -8.57
N ALA G 436 -22.89 30.80 -9.65
CA ALA G 436 -22.54 30.33 -10.99
C ALA G 436 -21.12 30.72 -11.36
N MET G 437 -20.72 31.95 -11.04
CA MET G 437 -19.35 32.39 -11.35
C MET G 437 -18.33 31.66 -10.48
N ASP G 438 -18.67 31.39 -9.22
CA ASP G 438 -17.79 30.60 -8.37
C ASP G 438 -17.61 29.19 -8.94
N ASN G 439 -18.70 28.58 -9.39
CA ASN G 439 -18.62 27.27 -10.03
C ASN G 439 -17.78 27.32 -11.31
N TYR G 440 -17.94 28.40 -12.08
CA TYR G 440 -17.17 28.55 -13.32
C TYR G 440 -15.68 28.64 -13.03
N GLU G 441 -15.30 29.47 -12.06
CA GLU G 441 -13.89 29.60 -11.69
C GLU G 441 -13.34 28.29 -11.13
N CYS G 442 -14.13 27.61 -10.30
CA CYS G 442 -13.70 26.32 -9.76
C CYS G 442 -13.52 25.28 -10.87
N ASN G 443 -14.42 25.29 -11.86
CA ASN G 443 -14.31 24.34 -12.97
C ASN G 443 -13.08 24.63 -13.81
N LEU G 444 -12.78 25.90 -14.06
CA LEU G 444 -11.56 26.25 -14.79
C LEU G 444 -10.32 25.81 -14.03
N TYR G 445 -10.32 26.02 -12.70
CA TYR G 445 -9.18 25.60 -11.90
C TYR G 445 -9.01 24.09 -11.90
N THR G 446 -10.12 23.35 -11.82
CA THR G 446 -10.03 21.89 -11.85
C THR G 446 -9.57 21.39 -13.21
N PHE G 447 -9.98 22.05 -14.29
CA PHE G 447 -9.47 21.71 -15.61
C PHE G 447 -7.97 21.93 -15.68
N LEU G 448 -7.49 23.03 -15.09
CA LEU G 448 -6.05 23.26 -15.06
C LEU G 448 -5.33 22.20 -14.25
N TYR G 449 -5.90 21.79 -13.12
CA TYR G 449 -5.28 20.74 -12.32
C TYR G 449 -5.20 19.43 -13.09
N LEU G 450 -6.29 19.09 -13.81
CA LEU G 450 -6.29 17.87 -14.61
C LEU G 450 -5.28 17.94 -15.75
N VAL G 451 -5.15 19.12 -16.38
CA VAL G 451 -4.15 19.29 -17.44
C VAL G 451 -2.75 19.14 -16.89
N CYS G 452 -2.48 19.75 -15.72
CA CYS G 452 -1.16 19.65 -15.11
C CYS G 452 -0.84 18.21 -14.72
N ILE G 453 -1.85 17.48 -14.25
CA ILE G 453 -1.67 16.05 -13.96
C ILE G 453 -1.39 15.28 -15.25
N SER G 454 -2.10 15.60 -16.33
CA SER G 454 -1.90 14.92 -17.60
C SER G 454 -0.51 15.18 -18.16
N THR G 455 0.06 16.35 -17.90
CA THR G 455 1.43 16.63 -18.35
C THR G 455 2.45 15.78 -17.61
N LYS G 456 2.16 15.40 -16.37
CA LYS G 456 3.07 14.63 -15.55
C LYS G 456 2.86 13.12 -15.67
N THR G 457 1.94 12.69 -16.52
CA THR G 457 1.67 11.26 -16.73
C THR G 457 2.16 10.85 -18.11
N GLN G 458 2.87 9.73 -18.16
CA GLN G 458 3.28 9.17 -19.44
C GLN G 458 2.06 8.59 -20.16
N CYS G 459 1.85 9.02 -21.40
CA CYS G 459 0.69 8.62 -22.18
C CYS G 459 1.10 8.24 -23.59
N SER G 460 0.27 7.41 -24.21
CA SER G 460 0.51 7.00 -25.58
C SER G 460 0.20 8.15 -26.55
N GLU G 461 0.56 7.94 -27.82
CA GLU G 461 0.33 8.97 -28.83
C GLU G 461 -1.15 9.23 -29.04
N GLU G 462 -1.95 8.16 -29.11
CA GLU G 462 -3.39 8.33 -29.29
C GLU G 462 -4.04 8.99 -28.08
N ASP G 463 -3.62 8.60 -26.87
CA ASP G 463 -4.16 9.20 -25.66
C ASP G 463 -3.77 10.66 -25.55
N GLN G 464 -2.51 10.98 -25.89
CA GLN G 464 -2.08 12.38 -25.91
C GLN G 464 -2.85 13.19 -26.94
N CYS G 465 -3.14 12.57 -28.10
CA CYS G 465 -3.93 13.24 -29.12
C CYS G 465 -5.36 13.51 -28.63
N LYS G 466 -5.95 12.56 -27.92
CA LYS G 466 -7.29 12.76 -27.38
C LYS G 466 -7.31 13.86 -26.31
N ILE G 467 -6.29 13.87 -25.44
CA ILE G 467 -6.18 14.91 -24.43
C ILE G 467 -6.03 16.28 -25.07
N ASN G 468 -5.16 16.37 -26.09
CA ASN G 468 -4.98 17.63 -26.80
C ASN G 468 -6.24 18.03 -27.56
N LYS G 469 -7.02 17.07 -28.05
CA LYS G 469 -8.28 17.39 -28.70
C LYS G 469 -9.26 17.99 -27.71
N GLN G 470 -9.37 17.42 -26.51
CA GLN G 470 -10.25 17.98 -25.49
C GLN G 470 -9.80 19.39 -25.08
N ILE G 471 -8.49 19.57 -24.90
CA ILE G 471 -7.96 20.88 -24.53
C ILE G 471 -8.24 21.90 -25.64
N TYR G 472 -8.03 21.49 -26.90
CA TYR G 472 -8.31 22.35 -28.04
C TYR G 472 -9.78 22.74 -28.11
N ASN G 473 -10.66 21.78 -27.84
CA ASN G 473 -12.10 22.06 -27.83
C ASN G 473 -12.45 23.07 -26.75
N LEU G 474 -11.82 22.96 -25.57
CA LEU G 474 -12.12 23.93 -24.52
C LEU G 474 -11.54 25.31 -24.85
N ILE G 475 -10.33 25.35 -25.43
CA ILE G 475 -9.70 26.62 -25.78
C ILE G 475 -10.54 27.37 -26.81
N HIS G 476 -11.12 26.64 -27.77
CA HIS G 476 -11.91 27.33 -28.79
C HIS G 476 -13.19 27.95 -28.26
N LEU G 477 -13.60 27.64 -27.02
CA LEU G 477 -14.66 28.41 -26.38
C LEU G 477 -14.16 29.70 -25.73
N ASP G 478 -12.84 29.81 -25.51
CA ASP G 478 -12.20 30.92 -24.84
C ASP G 478 -12.83 31.21 -23.48
N PRO G 479 -12.61 30.36 -22.48
CA PRO G 479 -13.23 30.59 -21.17
C PRO G 479 -12.52 31.69 -20.41
N ARG G 480 -13.31 32.52 -19.73
CA ARG G 480 -12.78 33.66 -18.98
C ARG G 480 -13.38 33.70 -17.59
N THR G 481 -12.54 34.03 -16.60
CA THR G 481 -12.99 34.16 -15.22
C THR G 481 -13.61 35.54 -15.01
N ARG G 482 -13.79 35.92 -13.75
CA ARG G 482 -14.37 37.23 -13.43
C ARG G 482 -13.48 38.36 -13.93
N GLU G 483 -12.18 38.28 -13.65
CA GLU G 483 -11.26 39.34 -14.08
C GLU G 483 -10.62 39.02 -15.42
N GLY G 484 -11.44 38.63 -16.39
CA GLY G 484 -11.01 38.42 -17.77
C GLY G 484 -9.92 37.39 -18.00
N PHE G 485 -9.56 36.62 -16.98
CA PHE G 485 -8.44 35.69 -17.10
C PHE G 485 -8.80 34.54 -18.02
N THR G 486 -8.09 34.41 -19.13
CA THR G 486 -8.25 33.25 -19.99
C THR G 486 -7.59 32.04 -19.34
N LEU G 487 -7.69 30.88 -20.00
CA LEU G 487 -7.10 29.68 -19.46
C LEU G 487 -5.57 29.73 -19.50
N LEU G 488 -5.00 30.52 -20.40
CA LEU G 488 -3.55 30.69 -20.43
C LEU G 488 -3.07 31.58 -19.28
N HIS G 489 -3.85 32.61 -18.93
CA HIS G 489 -3.44 33.53 -17.88
C HIS G 489 -3.36 32.84 -16.53
N LEU G 490 -4.34 31.99 -16.22
CA LEU G 490 -4.34 31.31 -14.93
C LEU G 490 -3.18 30.32 -14.80
N ALA G 491 -2.85 29.62 -15.89
CA ALA G 491 -1.69 28.75 -15.90
C ALA G 491 -0.38 29.53 -15.85
N VAL G 492 -0.41 30.83 -16.13
CA VAL G 492 0.74 31.70 -16.01
C VAL G 492 0.77 32.40 -14.65
N ASN G 493 -0.39 32.83 -14.17
CA ASN G 493 -0.47 33.58 -12.92
C ASN G 493 -0.08 32.71 -11.73
N SER G 494 0.71 33.30 -10.83
CA SER G 494 1.04 32.65 -9.57
C SER G 494 -0.04 32.80 -8.52
N ASN G 495 -1.03 33.66 -8.75
CA ASN G 495 -2.13 33.87 -7.82
C ASN G 495 -3.28 32.91 -8.05
N THR G 496 -3.15 31.98 -8.99
CA THR G 496 -4.20 30.99 -9.23
C THR G 496 -4.32 30.08 -8.02
N PRO G 497 -5.49 29.96 -7.41
CA PRO G 497 -5.61 29.15 -6.19
C PRO G 497 -5.41 27.67 -6.47
N VAL G 498 -4.84 26.98 -5.48
CA VAL G 498 -4.68 25.54 -5.50
C VAL G 498 -5.41 24.99 -4.29
N ASP G 499 -6.13 23.89 -4.49
CA ASP G 499 -6.90 23.28 -3.40
C ASP G 499 -5.96 22.77 -2.31
N ASP G 500 -6.43 22.87 -1.06
CA ASP G 500 -5.60 22.54 0.10
C ASP G 500 -5.31 21.04 0.21
N PHE G 501 -5.99 20.21 -0.56
CA PHE G 501 -5.77 18.77 -0.52
C PHE G 501 -4.55 18.44 -1.41
N HIS G 502 -4.38 17.18 -1.79
CA HIS G 502 -3.18 16.69 -2.47
C HIS G 502 -2.82 17.43 -3.77
N THR G 503 -3.69 18.31 -4.27
CA THR G 503 -3.35 19.09 -5.46
C THR G 503 -2.19 20.04 -5.24
N ASN G 504 -1.88 20.39 -3.99
CA ASN G 504 -0.70 21.22 -3.72
C ASN G 504 0.59 20.50 -4.07
N ASP G 505 0.62 19.17 -3.94
CA ASP G 505 1.84 18.42 -4.19
C ASP G 505 2.18 18.31 -5.67
N VAL G 506 1.22 18.57 -6.55
CA VAL G 506 1.43 18.37 -7.98
C VAL G 506 1.16 19.67 -8.74
N CYS G 507 -0.02 20.23 -8.57
CA CYS G 507 -0.46 21.39 -9.34
C CYS G 507 0.11 22.64 -8.71
N SER G 508 1.30 23.04 -9.17
CA SER G 508 1.96 24.25 -8.73
C SER G 508 2.03 25.22 -9.90
N PHE G 509 1.51 26.43 -9.69
CA PHE G 509 1.50 27.42 -10.76
C PHE G 509 2.46 28.55 -10.44
N PRO G 510 3.16 29.11 -11.45
CA PRO G 510 3.09 28.82 -12.89
C PRO G 510 3.76 27.50 -13.27
N ASN G 511 3.26 26.83 -14.31
CA ASN G 511 3.82 25.57 -14.77
C ASN G 511 4.12 25.69 -16.26
N ALA G 512 5.36 25.40 -16.63
CA ALA G 512 5.78 25.54 -18.03
C ALA G 512 5.15 24.47 -18.91
N LEU G 513 4.94 23.26 -18.37
CA LEU G 513 4.33 22.19 -19.15
C LEU G 513 2.90 22.52 -19.53
N VAL G 514 2.13 23.08 -18.60
CA VAL G 514 0.75 23.46 -18.89
C VAL G 514 0.70 24.56 -19.95
N THR G 515 1.55 25.58 -19.81
CA THR G 515 1.57 26.67 -20.77
C THR G 515 2.00 26.19 -22.15
N LYS G 516 3.02 25.32 -22.21
CA LYS G 516 3.47 24.79 -23.49
C LYS G 516 2.38 23.94 -24.13
N LEU G 517 1.69 23.11 -23.34
CA LEU G 517 0.61 22.29 -23.89
C LEU G 517 -0.54 23.15 -24.39
N LEU G 518 -0.89 24.20 -23.65
CA LEU G 518 -1.96 25.09 -24.07
C LEU G 518 -1.60 25.83 -25.35
N LEU G 519 -0.35 26.29 -25.47
CA LEU G 519 0.08 26.98 -26.67
C LEU G 519 0.15 26.03 -27.86
N ASP G 520 0.54 24.77 -27.62
CA ASP G 520 0.50 23.78 -28.68
C ASP G 520 -0.93 23.46 -29.10
N CYS G 521 -1.87 23.54 -28.16
CA CYS G 521 -3.28 23.30 -28.45
C CYS G 521 -3.98 24.52 -29.04
N GLY G 522 -3.30 25.65 -29.17
CA GLY G 522 -3.86 26.80 -29.85
C GLY G 522 -4.46 27.85 -28.94
N ALA G 523 -3.82 28.10 -27.80
CA ALA G 523 -4.30 29.14 -26.91
C ALA G 523 -4.00 30.51 -27.48
N GLU G 524 -4.93 31.45 -27.25
CA GLU G 524 -4.73 32.83 -27.71
C GLU G 524 -3.67 33.47 -26.84
N VAL G 525 -2.44 33.51 -27.35
CA VAL G 525 -1.31 33.99 -26.55
C VAL G 525 -1.32 35.50 -26.39
N ASN G 526 -1.95 36.24 -27.30
CA ASN G 526 -2.05 37.69 -27.20
C ASN G 526 -3.32 38.15 -26.50
N ALA G 527 -4.12 37.23 -25.98
CA ALA G 527 -5.36 37.60 -25.31
C ALA G 527 -5.07 38.32 -24.01
N VAL G 528 -5.87 39.35 -23.72
CA VAL G 528 -5.71 40.14 -22.51
C VAL G 528 -6.92 39.93 -21.61
N ASP G 529 -6.74 40.25 -20.34
CA ASP G 529 -7.80 40.14 -19.36
C ASP G 529 -8.59 41.45 -19.34
N ASN G 530 -9.44 41.62 -18.32
CA ASN G 530 -10.19 42.87 -18.19
C ASN G 530 -9.28 44.04 -17.88
N GLU G 531 -8.23 43.82 -17.08
CA GLU G 531 -7.27 44.87 -16.79
C GLU G 531 -6.37 45.18 -17.99
N GLY G 532 -6.31 44.27 -18.96
CA GLY G 532 -5.49 44.47 -20.15
C GLY G 532 -4.18 43.71 -20.15
N ASN G 533 -3.82 43.07 -19.04
CA ASN G 533 -2.59 42.30 -18.98
C ASN G 533 -2.67 41.09 -19.89
N SER G 534 -1.62 40.86 -20.66
CA SER G 534 -1.55 39.69 -21.52
C SER G 534 -0.96 38.51 -20.74
N ALA G 535 -0.67 37.42 -21.44
CA ALA G 535 -0.01 36.29 -20.78
C ALA G 535 1.42 36.63 -20.39
N LEU G 536 2.08 37.49 -21.16
CA LEU G 536 3.44 37.88 -20.82
C LEU G 536 3.47 38.88 -19.67
N HIS G 537 2.41 39.65 -19.49
CA HIS G 537 2.37 40.64 -18.41
C HIS G 537 2.31 40.02 -17.03
N ILE G 538 1.81 38.79 -16.92
CA ILE G 538 1.66 38.17 -15.61
C ILE G 538 2.88 37.32 -15.25
N ILE G 539 3.56 36.73 -16.24
CA ILE G 539 4.72 35.91 -15.94
C ILE G 539 5.90 36.76 -15.48
N VAL G 540 6.00 38.00 -16.00
CA VAL G 540 7.10 38.86 -15.56
C VAL G 540 6.88 39.31 -14.13
N GLN G 541 5.63 39.45 -13.70
CA GLN G 541 5.29 39.83 -12.32
C GLN G 541 5.51 38.71 -11.31
N TYR G 542 6.13 37.60 -11.72
CA TYR G 542 6.40 36.51 -10.79
C TYR G 542 7.43 36.94 -9.76
N ASN G 543 7.15 36.64 -8.49
CA ASN G 543 7.98 37.08 -7.38
C ASN G 543 9.04 36.07 -6.97
N ARG G 544 9.17 34.96 -7.70
CA ARG G 544 10.17 33.94 -7.41
C ARG G 544 10.96 33.66 -8.68
N PRO G 545 11.88 34.56 -9.05
CA PRO G 545 12.58 34.39 -10.32
C PRO G 545 13.65 33.32 -10.29
N ILE G 546 14.26 33.05 -9.14
CA ILE G 546 15.40 32.15 -9.07
C ILE G 546 15.05 30.81 -8.42
N SER G 547 14.01 30.76 -7.58
CA SER G 547 13.66 29.51 -6.91
C SER G 547 13.22 28.45 -7.91
N ASP G 548 12.43 28.84 -8.91
CA ASP G 548 11.99 27.95 -9.98
C ASP G 548 12.31 28.58 -11.33
N PHE G 549 13.57 29.00 -11.48
CA PHE G 549 14.01 29.66 -12.71
C PHE G 549 13.88 28.75 -13.93
N LEU G 550 13.99 27.43 -13.72
CA LEU G 550 13.80 26.50 -14.83
C LEU G 550 12.37 26.58 -15.37
N THR G 551 11.40 26.76 -14.48
CA THR G 551 10.02 26.95 -14.92
C THR G 551 9.84 28.32 -15.57
N LEU G 552 10.39 29.37 -14.94
CA LEU G 552 10.21 30.73 -15.44
C LEU G 552 10.87 30.92 -16.80
N HIS G 553 12.05 30.34 -17.00
CA HIS G 553 12.70 30.45 -18.30
C HIS G 553 11.94 29.69 -19.37
N SER G 554 11.44 28.50 -19.05
CA SER G 554 10.78 27.66 -20.05
C SER G 554 9.39 28.18 -20.43
N ILE G 555 8.84 29.15 -19.70
CA ILE G 555 7.52 29.68 -20.01
C ILE G 555 7.59 31.03 -20.72
N ILE G 556 8.61 31.84 -20.44
CA ILE G 556 8.78 33.09 -21.19
C ILE G 556 9.14 32.80 -22.64
N ILE G 557 10.00 31.80 -22.87
CA ILE G 557 10.37 31.41 -24.22
C ILE G 557 9.15 30.90 -24.98
N SER G 558 8.31 30.10 -24.31
CA SER G 558 7.15 29.52 -24.97
C SER G 558 6.15 30.59 -25.41
N LEU G 559 5.90 31.58 -24.54
CA LEU G 559 4.95 32.64 -24.89
C LEU G 559 5.45 33.49 -26.05
N VAL G 560 6.73 33.85 -26.05
CA VAL G 560 7.28 34.67 -27.12
C VAL G 560 7.35 33.88 -28.42
N GLU G 561 7.74 32.61 -28.34
CA GLU G 561 7.80 31.78 -29.55
C GLU G 561 6.40 31.51 -30.10
N ALA G 562 5.38 31.49 -29.24
CA ALA G 562 4.02 31.34 -29.73
C ALA G 562 3.55 32.57 -30.49
N GLY G 563 4.05 33.74 -30.14
CA GLY G 563 3.71 34.95 -30.86
C GLY G 563 3.19 36.08 -29.99
N ALA G 564 3.44 36.00 -28.68
CA ALA G 564 3.04 37.08 -27.79
C ALA G 564 3.90 38.31 -28.03
N HIS G 565 3.27 39.48 -28.00
CA HIS G 565 4.01 40.72 -28.14
C HIS G 565 4.78 41.03 -26.87
N THR G 566 6.06 41.34 -27.01
CA THR G 566 6.90 41.72 -25.90
C THR G 566 6.88 43.22 -25.62
N ASP G 567 6.05 43.96 -26.37
CA ASP G 567 5.97 45.41 -26.21
C ASP G 567 4.55 45.92 -25.99
N MET G 568 3.54 45.05 -26.03
CA MET G 568 2.16 45.51 -25.88
C MET G 568 1.91 46.01 -24.46
N THR G 569 0.93 46.89 -24.33
CA THR G 569 0.63 47.54 -23.06
C THR G 569 -0.78 47.22 -22.62
N ASN G 570 -1.00 47.21 -21.32
CA ASN G 570 -2.32 46.99 -20.73
C ASN G 570 -3.11 48.30 -20.78
N LYS G 571 -4.23 48.34 -20.05
CA LYS G 571 -5.04 49.56 -19.99
C LYS G 571 -4.35 50.68 -19.24
N GLN G 572 -3.35 50.35 -18.41
CA GLN G 572 -2.56 51.35 -17.70
C GLN G 572 -1.33 51.79 -18.47
N ASN G 573 -1.17 51.30 -19.71
CA ASN G 573 -0.05 51.62 -20.59
C ASN G 573 1.30 51.27 -19.94
N LYS G 574 1.47 49.99 -19.67
CA LYS G 574 2.68 49.48 -19.03
C LYS G 574 3.26 48.34 -19.85
N THR G 575 4.48 48.52 -20.33
CA THR G 575 5.22 47.47 -20.99
C THR G 575 5.53 46.35 -19.99
N PRO G 576 5.53 45.09 -20.42
CA PRO G 576 5.99 44.02 -19.51
C PRO G 576 7.42 44.19 -19.04
N LEU G 577 8.25 44.91 -19.79
CA LEU G 577 9.55 45.32 -19.27
C LEU G 577 9.38 46.24 -18.07
N ASP G 578 8.43 47.18 -18.15
CA ASP G 578 8.18 48.06 -17.02
C ASP G 578 7.51 47.32 -15.87
N LYS G 579 6.62 46.39 -16.19
CA LYS G 579 5.95 45.58 -15.17
C LYS G 579 6.74 44.32 -14.81
N SER G 580 8.01 44.25 -15.21
CA SER G 580 8.82 43.09 -14.90
C SER G 580 9.13 43.00 -13.41
N THR G 581 9.34 44.16 -12.75
CA THR G 581 9.64 44.33 -11.32
C THR G 581 10.67 43.35 -10.78
N THR G 582 11.57 42.88 -11.66
CA THR G 582 12.54 41.85 -11.32
C THR G 582 13.66 41.91 -12.35
N GLY G 583 14.90 41.89 -11.87
CA GLY G 583 16.03 41.93 -12.79
C GLY G 583 16.12 40.70 -13.67
N VAL G 584 15.83 39.53 -13.11
CA VAL G 584 15.96 38.27 -13.84
C VAL G 584 14.92 38.18 -14.95
N SER G 585 13.66 38.51 -14.63
CA SER G 585 12.60 38.47 -15.63
C SER G 585 12.84 39.50 -16.73
N GLU G 586 13.31 40.70 -16.35
CA GLU G 586 13.64 41.72 -17.33
C GLU G 586 14.77 41.26 -18.25
N ILE G 587 15.79 40.61 -17.68
CA ILE G 587 16.90 40.09 -18.48
C ILE G 587 16.41 39.03 -19.45
N LEU G 588 15.58 38.10 -18.98
CA LEU G 588 15.06 37.05 -19.85
C LEU G 588 14.22 37.64 -20.97
N LEU G 589 13.34 38.58 -20.65
CA LEU G 589 12.50 39.20 -21.67
C LEU G 589 13.34 39.96 -22.70
N LYS G 590 14.30 40.77 -22.22
CA LYS G 590 15.14 41.54 -23.14
C LYS G 590 15.99 40.64 -24.01
N THR G 591 16.41 39.48 -23.48
CA THR G 591 17.08 38.49 -24.32
C THR G 591 16.12 37.95 -25.38
N GLN G 592 14.86 37.75 -25.01
CA GLN G 592 13.89 37.20 -25.94
C GLN G 592 13.11 38.24 -26.74
N MET G 593 13.35 39.53 -26.51
CA MET G 593 12.72 40.55 -27.34
C MET G 593 13.25 40.48 -28.77
N LYS G 594 12.34 40.57 -29.73
CA LYS G 594 12.68 40.69 -31.14
C LYS G 594 12.29 42.10 -31.55
N MET G 595 13.29 42.98 -31.65
CA MET G 595 13.05 44.37 -31.97
C MET G 595 12.52 44.53 -33.39
N SER G 596 11.59 45.47 -33.57
CA SER G 596 11.02 45.77 -34.86
C SER G 596 10.73 47.27 -34.94
N LEU G 597 10.71 47.79 -36.16
CA LEU G 597 10.44 49.21 -36.36
C LEU G 597 8.99 49.55 -36.08
N LYS G 598 8.07 48.61 -36.35
CA LYS G 598 6.66 48.88 -36.13
C LYS G 598 6.37 49.11 -34.66
N CYS G 599 6.97 48.29 -33.78
CA CYS G 599 6.78 48.47 -32.34
C CYS G 599 7.34 49.81 -31.87
N LEU G 600 8.53 50.18 -32.35
CA LEU G 600 9.12 51.46 -31.96
C LEU G 600 8.29 52.64 -32.43
N ALA G 601 7.81 52.59 -33.68
CA ALA G 601 6.99 53.67 -34.21
C ALA G 601 5.66 53.77 -33.48
N ALA G 602 5.04 52.63 -33.16
CA ALA G 602 3.78 52.66 -32.41
C ALA G 602 3.99 53.17 -30.99
N ARG G 603 5.10 52.79 -30.37
CA ARG G 603 5.42 53.31 -29.04
C ARG G 603 5.64 54.81 -29.07
N ALA G 604 6.31 55.31 -30.12
CA ALA G 604 6.50 56.75 -30.26
C ALA G 604 5.17 57.46 -30.50
N VAL G 605 4.27 56.84 -31.28
CA VAL G 605 2.96 57.43 -31.52
C VAL G 605 2.16 57.52 -30.24
N ARG G 606 2.16 56.44 -29.45
CA ARG G 606 1.41 56.42 -28.20
C ARG G 606 2.02 57.34 -27.15
N ALA G 607 3.35 57.49 -27.16
CA ALA G 607 4.00 58.34 -26.17
C ALA G 607 3.72 59.81 -26.44
N ASN G 608 3.71 60.21 -27.71
CA ASN G 608 3.48 61.60 -28.07
C ASN G 608 2.01 61.96 -28.21
N ASP G 609 1.12 60.98 -28.00
CA ASP G 609 -0.34 61.18 -28.06
C ASP G 609 -0.77 61.77 -29.40
N ILE G 610 -0.19 61.26 -30.49
CA ILE G 610 -0.54 61.73 -31.82
C ILE G 610 -1.93 61.22 -32.20
N ASN G 611 -2.70 62.07 -32.88
CA ASN G 611 -4.06 61.73 -33.29
C ASN G 611 -4.00 60.68 -34.39
N TYR G 612 -4.20 59.41 -34.02
CA TYR G 612 -4.05 58.30 -34.95
C TYR G 612 -5.39 57.74 -35.42
N GLN G 613 -6.50 58.35 -35.04
CA GLN G 613 -7.79 57.88 -35.53
C GLN G 613 -8.00 58.28 -36.98
N ASP G 614 -8.38 57.30 -37.81
CA ASP G 614 -8.71 57.47 -39.22
C ASP G 614 -7.54 57.97 -40.08
N GLN G 615 -6.33 57.94 -39.53
CA GLN G 615 -5.13 58.24 -40.28
C GLN G 615 -4.28 57.01 -40.56
N ILE G 616 -4.68 55.85 -40.07
CA ILE G 616 -3.92 54.61 -40.20
C ILE G 616 -4.85 53.51 -40.68
N PRO G 617 -4.29 52.43 -41.22
CA PRO G 617 -5.12 51.26 -41.53
C PRO G 617 -5.81 50.71 -40.30
N ARG G 618 -7.02 50.17 -40.51
CA ARG G 618 -7.80 49.63 -39.41
C ARG G 618 -7.14 48.42 -38.78
N THR G 619 -6.34 47.66 -39.53
CA THR G 619 -5.56 46.58 -38.97
C THR G 619 -4.41 47.07 -38.12
N LEU G 620 -4.08 48.36 -38.19
CA LEU G 620 -3.02 48.96 -37.38
C LEU G 620 -3.55 49.80 -36.23
N GLU G 621 -4.85 50.11 -36.22
CA GLU G 621 -5.41 50.85 -35.09
C GLU G 621 -5.31 50.02 -33.81
N GLU G 622 -5.58 48.72 -33.90
CA GLU G 622 -5.37 47.83 -32.75
C GLU G 622 -3.89 47.76 -32.38
N PHE G 623 -3.01 47.77 -33.38
CA PHE G 623 -1.58 47.73 -33.13
C PHE G 623 -1.13 48.92 -32.31
N VAL G 624 -1.62 50.12 -32.65
CA VAL G 624 -1.38 51.27 -31.78
C VAL G 624 -2.12 51.10 -30.46
N GLY G 625 -3.24 50.38 -30.48
CA GLY G 625 -4.03 50.21 -29.26
C GLY G 625 -3.31 49.50 -28.14
N PHE G 626 -2.64 48.39 -28.46
CA PHE G 626 -1.89 47.72 -27.40
C PHE G 626 -0.41 48.12 -27.34
N HIS G 627 0.21 48.54 -28.44
CA HIS G 627 1.51 49.19 -28.31
C HIS G 627 1.33 50.66 -27.92
N ARG H 9 79.03 -46.30 1.28
CA ARG H 9 78.75 -45.02 1.90
C ARG H 9 77.89 -44.15 0.97
N PHE H 10 76.68 -43.83 1.43
CA PHE H 10 75.72 -43.05 0.65
C PHE H 10 75.40 -41.77 1.40
N GLU H 11 76.19 -40.71 1.15
CA GLU H 11 75.85 -39.39 1.64
C GLU H 11 74.81 -38.75 0.73
N VAL H 12 74.02 -37.85 1.30
CA VAL H 12 72.91 -37.22 0.59
C VAL H 12 73.15 -35.71 0.53
N LYS H 13 72.94 -35.13 -0.64
CA LYS H 13 73.06 -33.70 -0.85
C LYS H 13 71.95 -33.25 -1.79
N LYS H 14 71.70 -31.93 -1.79
CA LYS H 14 70.77 -31.29 -2.72
C LYS H 14 69.36 -31.88 -2.61
N TRP H 15 68.76 -31.71 -1.44
CA TRP H 15 67.40 -32.17 -1.20
C TRP H 15 66.43 -31.07 -1.63
N ASN H 16 65.82 -31.25 -2.80
CA ASN H 16 64.77 -30.35 -3.27
C ASN H 16 63.46 -30.86 -2.69
N ALA H 17 62.95 -30.16 -1.69
CA ALA H 17 61.80 -30.62 -0.93
C ALA H 17 60.58 -29.74 -1.22
N VAL H 18 59.40 -30.36 -1.24
CA VAL H 18 58.15 -29.69 -1.53
C VAL H 18 57.21 -29.93 -0.36
N ALA H 19 56.66 -28.85 0.19
CA ALA H 19 55.74 -28.93 1.32
C ALA H 19 54.52 -28.06 1.05
N LEU H 20 53.40 -28.44 1.67
CA LEU H 20 52.15 -27.71 1.53
C LEU H 20 51.85 -26.99 2.84
N TRP H 21 51.90 -25.66 2.82
CA TRP H 21 51.54 -24.87 3.98
C TRP H 21 50.03 -24.63 4.00
N ALA H 22 49.43 -24.78 5.17
CA ALA H 22 48.00 -24.56 5.34
C ALA H 22 47.78 -23.73 6.59
N TRP H 23 46.67 -23.00 6.60
CA TRP H 23 46.35 -22.14 7.73
C TRP H 23 45.88 -22.98 8.90
N ASP H 24 46.65 -23.00 9.98
CA ASP H 24 46.31 -23.73 11.18
C ASP H 24 46.39 -22.78 12.37
N ILE H 25 45.24 -22.29 12.82
CA ILE H 25 45.15 -21.43 13.98
C ILE H 25 44.10 -21.99 14.93
N VAL H 26 44.43 -22.04 16.20
CA VAL H 26 43.54 -22.54 17.25
C VAL H 26 42.87 -21.34 17.90
N VAL H 27 41.62 -21.52 18.31
CA VAL H 27 40.88 -20.44 18.97
C VAL H 27 41.56 -20.10 20.30
N ASP H 28 41.72 -18.80 20.54
CA ASP H 28 42.39 -18.27 21.73
C ASP H 28 43.82 -18.81 21.87
N ASN H 29 44.58 -18.66 20.80
CA ASN H 29 45.94 -19.18 20.74
C ASN H 29 46.85 -18.16 20.07
N CYS H 30 48.03 -17.92 20.66
CA CYS H 30 49.00 -17.02 20.06
C CYS H 30 49.60 -17.67 18.82
N ALA H 31 49.62 -16.93 17.71
CA ALA H 31 50.07 -17.49 16.44
C ALA H 31 51.57 -17.70 16.40
N ILE H 32 52.34 -17.04 17.25
CA ILE H 32 53.79 -17.23 17.30
C ILE H 32 54.18 -18.22 18.39
N CYS H 33 53.56 -18.10 19.57
CA CYS H 33 53.84 -19.03 20.66
C CYS H 33 53.33 -20.43 20.37
N ARG H 34 52.24 -20.54 19.61
CA ARG H 34 51.48 -21.78 19.46
C ARG H 34 51.02 -22.32 20.82
N ASN H 35 50.64 -21.40 21.71
CA ASN H 35 49.99 -21.74 22.97
C ASN H 35 48.95 -20.67 23.27
N HIS H 36 48.30 -20.80 24.43
CA HIS H 36 47.17 -19.95 24.77
C HIS H 36 47.61 -18.49 24.95
N ILE H 37 46.72 -17.58 24.55
CA ILE H 37 47.03 -16.16 24.63
C ILE H 37 47.06 -15.69 26.08
N MET H 38 46.16 -16.21 26.91
CA MET H 38 46.09 -15.78 28.30
C MET H 38 47.30 -16.23 29.11
N ASP H 39 47.99 -17.27 28.68
CA ASP H 39 49.20 -17.72 29.36
C ASP H 39 50.38 -16.82 28.98
N LEU H 40 51.54 -17.13 29.56
CA LEU H 40 52.73 -16.34 29.30
C LEU H 40 53.28 -16.64 27.91
N CYS H 41 54.01 -15.68 27.35
CA CYS H 41 54.60 -15.84 26.04
C CYS H 41 55.78 -16.81 26.10
N ILE H 42 56.20 -17.28 24.92
CA ILE H 42 57.31 -18.23 24.86
C ILE H 42 58.63 -17.59 25.29
N GLU H 43 58.75 -16.27 25.20
CA GLU H 43 59.90 -15.60 25.78
C GLU H 43 59.77 -15.47 27.30
N CYS H 44 58.55 -15.28 27.79
CA CYS H 44 58.29 -15.22 29.22
C CYS H 44 58.01 -16.60 29.83
N GLN H 45 57.85 -17.64 29.01
CA GLN H 45 57.74 -18.98 29.55
C GLN H 45 59.02 -19.40 30.25
N ALA H 46 60.17 -19.08 29.65
CA ALA H 46 61.43 -19.19 30.36
C ALA H 46 61.52 -18.09 31.43
N ASN H 47 62.42 -18.30 32.39
CA ASN H 47 62.57 -17.50 33.61
C ASN H 47 61.22 -17.06 34.18
N GLN H 48 60.35 -18.06 34.39
CA GLN H 48 59.01 -17.79 34.90
C GLN H 48 59.04 -17.31 36.34
N ALA H 49 60.06 -17.71 37.10
CA ALA H 49 60.19 -17.23 38.48
C ALA H 49 60.42 -15.72 38.53
N SER H 50 61.26 -15.20 37.64
CA SER H 50 61.50 -13.77 37.59
C SER H 50 60.34 -13.03 36.94
N ALA H 51 59.63 -13.67 36.01
CA ALA H 51 58.50 -13.02 35.34
C ALA H 51 57.34 -12.82 36.32
N THR H 52 56.72 -11.65 36.24
CA THR H 52 55.61 -11.30 37.11
C THR H 52 54.25 -11.72 36.57
N SER H 53 54.22 -12.29 35.36
CA SER H 53 52.98 -12.74 34.71
C SER H 53 51.96 -11.62 34.56
N GLU H 54 52.44 -10.40 34.33
CA GLU H 54 51.55 -9.26 34.16
C GLU H 54 51.90 -8.50 32.88
N GLU H 55 53.16 -8.55 32.48
CA GLU H 55 53.62 -7.84 31.29
C GLU H 55 53.17 -8.50 29.99
N CYS H 56 52.65 -9.72 30.05
CA CYS H 56 52.17 -10.43 28.85
C CYS H 56 50.72 -10.00 28.59
N THR H 57 50.58 -8.80 28.03
CA THR H 57 49.28 -8.29 27.67
C THR H 57 48.85 -8.81 26.30
N VAL H 58 47.54 -8.99 26.14
CA VAL H 58 46.97 -9.52 24.91
C VAL H 58 46.70 -8.35 23.99
N ALA H 59 47.59 -8.15 23.02
CA ALA H 59 47.46 -7.04 22.08
C ALA H 59 46.51 -7.41 20.95
N TRP H 60 45.64 -6.47 20.59
CA TRP H 60 44.67 -6.64 19.52
C TRP H 60 44.90 -5.55 18.47
N GLY H 61 44.87 -5.95 17.20
CA GLY H 61 44.99 -5.01 16.11
C GLY H 61 43.63 -4.59 15.57
N VAL H 62 43.68 -3.77 14.52
CA VAL H 62 42.45 -3.35 13.86
C VAL H 62 41.81 -4.49 13.09
N CYS H 63 42.54 -5.57 12.86
CA CYS H 63 42.02 -6.76 12.19
C CYS H 63 41.43 -7.76 13.18
N ASN H 64 41.31 -7.39 14.45
CA ASN H 64 40.73 -8.24 15.49
C ASN H 64 41.51 -9.55 15.65
N HIS H 65 42.83 -9.43 15.72
CA HIS H 65 43.71 -10.58 15.93
C HIS H 65 44.43 -10.40 17.26
N ALA H 66 44.47 -11.47 18.05
CA ALA H 66 45.05 -11.44 19.39
C ALA H 66 46.45 -12.02 19.36
N PHE H 67 47.41 -11.28 19.93
CA PHE H 67 48.79 -11.73 20.03
C PHE H 67 49.33 -11.40 21.42
N HIS H 68 50.49 -11.95 21.73
CA HIS H 68 51.22 -11.52 22.92
C HIS H 68 52.01 -10.27 22.60
N PHE H 69 52.16 -9.39 23.60
CA PHE H 69 52.85 -8.13 23.38
C PHE H 69 54.32 -8.35 23.06
N HIS H 70 54.97 -9.29 23.74
CA HIS H 70 56.37 -9.60 23.46
C HIS H 70 56.53 -10.18 22.05
N CYS H 71 55.64 -11.11 21.68
CA CYS H 71 55.72 -11.72 20.35
C CYS H 71 55.47 -10.70 19.26
N ILE H 72 54.45 -9.85 19.43
CA ILE H 72 54.16 -8.88 18.37
C ILE H 72 55.22 -7.79 18.34
N SER H 73 55.87 -7.51 19.47
CA SER H 73 56.96 -6.54 19.47
C SER H 73 58.18 -7.10 18.73
N ARG H 74 58.54 -8.35 19.01
CA ARG H 74 59.64 -8.99 18.29
C ARG H 74 59.30 -9.17 16.82
N TRP H 75 58.02 -9.33 16.50
CA TRP H 75 57.60 -9.40 15.11
C TRP H 75 57.77 -8.04 14.41
N LEU H 76 57.29 -6.98 15.05
CA LEU H 76 57.39 -5.63 14.47
C LEU H 76 58.82 -5.13 14.44
N LYS H 77 59.72 -5.73 15.22
CA LYS H 77 61.13 -5.34 15.15
C LYS H 77 61.73 -5.66 13.79
N THR H 78 61.19 -6.65 13.08
CA THR H 78 61.67 -7.02 11.76
C THR H 78 60.63 -6.81 10.67
N ARG H 79 59.40 -7.28 10.88
CA ARG H 79 58.34 -7.20 9.88
C ARG H 79 57.18 -6.37 10.41
N GLN H 80 56.78 -5.35 9.66
CA GLN H 80 55.68 -4.48 10.05
C GLN H 80 54.33 -5.02 9.59
N VAL H 81 54.23 -6.32 9.34
CA VAL H 81 53.05 -6.92 8.74
C VAL H 81 52.50 -7.99 9.68
N CYS H 82 51.18 -8.04 9.81
CA CYS H 82 50.55 -9.04 10.65
C CYS H 82 50.75 -10.44 10.04
N PRO H 83 51.02 -11.46 10.85
CA PRO H 83 51.30 -12.78 10.27
C PRO H 83 50.06 -13.50 9.77
N LEU H 84 48.93 -13.37 10.45
CA LEU H 84 47.73 -14.11 10.07
C LEU H 84 47.12 -13.57 8.78
N ASP H 85 47.07 -12.26 8.63
CA ASP H 85 46.65 -11.62 7.40
C ASP H 85 47.72 -10.60 7.00
N ASN H 86 48.12 -10.64 5.73
CA ASN H 86 49.25 -9.83 5.27
C ASN H 86 48.87 -8.35 5.19
N ARG H 87 48.68 -7.74 6.35
CA ARG H 87 48.30 -6.33 6.47
C ARG H 87 49.24 -5.60 7.41
N GLU H 88 49.32 -4.28 7.21
CA GLU H 88 50.03 -3.42 8.14
C GLU H 88 49.36 -3.49 9.50
N TRP H 89 50.19 -3.61 10.55
CA TRP H 89 49.72 -3.95 11.88
C TRP H 89 49.55 -2.68 12.71
N GLU H 90 48.40 -2.58 13.38
CA GLU H 90 48.09 -1.49 14.30
C GLU H 90 47.79 -2.08 15.68
N PHE H 91 47.48 -1.18 16.61
CA PHE H 91 47.05 -1.55 17.95
C PHE H 91 45.74 -0.84 18.26
N GLN H 92 44.81 -1.55 18.88
CA GLN H 92 43.57 -0.89 19.28
C GLN H 92 43.27 -1.02 20.77
N LYS H 93 43.55 -2.18 21.36
CA LYS H 93 43.27 -2.46 22.76
C LYS H 93 44.57 -2.74 23.50
N TYR H 94 44.45 -3.14 24.76
CA TYR H 94 45.61 -3.48 25.58
C TYR H 94 45.57 -4.94 26.01
N MET I 1 -80.39 -2.26 50.65
CA MET I 1 -79.93 -2.13 49.26
C MET I 1 -78.66 -1.29 49.20
N GLU I 2 -77.79 -1.63 48.23
CA GLU I 2 -76.54 -0.89 48.07
C GLU I 2 -76.78 0.50 47.52
N GLY I 3 -77.79 0.67 46.67
CA GLY I 3 -78.09 1.99 46.14
C GLY I 3 -78.59 2.95 47.20
N LEU I 4 -79.42 2.46 48.13
CA LEU I 4 -79.91 3.30 49.21
C LEU I 4 -78.80 3.65 50.20
N ALA I 5 -77.81 2.77 50.36
CA ALA I 5 -76.69 3.06 51.23
C ALA I 5 -75.82 4.18 50.68
N GLY I 6 -75.70 4.27 49.36
CA GLY I 6 -74.95 5.36 48.75
C GLY I 6 -75.68 6.68 48.78
N TYR I 7 -77.00 6.67 48.93
CA TYR I 7 -77.76 7.91 49.01
C TYR I 7 -77.50 8.65 50.32
N VAL I 8 -77.50 7.92 51.44
CA VAL I 8 -77.23 8.55 52.73
C VAL I 8 -75.75 8.87 52.91
N TYR I 9 -74.86 8.26 52.11
CA TYR I 9 -73.45 8.59 52.17
C TYR I 9 -73.20 10.00 51.65
N LYS I 10 -73.88 10.38 50.55
CA LYS I 10 -73.71 11.72 50.01
C LYS I 10 -74.34 12.78 50.90
N ALA I 11 -75.46 12.45 51.53
CA ALA I 11 -76.11 13.39 52.44
C ALA I 11 -75.24 13.67 53.66
N ALA I 12 -74.61 12.63 54.21
CA ALA I 12 -73.71 12.84 55.34
C ALA I 12 -72.38 13.45 54.91
N SER I 13 -72.02 13.37 53.63
CA SER I 13 -70.79 13.98 53.16
C SER I 13 -70.89 15.50 53.15
N GLU I 14 -72.07 16.03 52.84
CA GLU I 14 -72.30 17.47 52.82
C GLU I 14 -72.69 18.04 54.18
N GLY I 15 -72.92 17.18 55.17
CA GLY I 15 -73.30 17.64 56.50
C GLY I 15 -74.67 18.30 56.57
N LYS I 16 -75.65 17.76 55.86
CA LYS I 16 -77.01 18.30 55.86
C LYS I 16 -77.91 17.40 56.69
N VAL I 17 -78.61 18.00 57.65
CA VAL I 17 -79.46 17.22 58.55
C VAL I 17 -80.81 16.93 57.92
N LEU I 18 -81.41 17.92 57.26
CA LEU I 18 -82.75 17.75 56.71
C LEU I 18 -82.76 16.77 55.54
N THR I 19 -81.67 16.69 54.77
CA THR I 19 -81.62 15.74 53.66
C THR I 19 -81.45 14.32 54.15
N LEU I 20 -80.76 14.13 55.27
CA LEU I 20 -80.57 12.78 55.81
C LEU I 20 -81.84 12.23 56.45
N ALA I 21 -82.70 13.11 56.98
CA ALA I 21 -83.93 12.67 57.60
C ALA I 21 -84.88 12.04 56.59
N ALA I 22 -84.98 12.62 55.40
CA ALA I 22 -85.88 12.08 54.38
C ALA I 22 -85.34 10.80 53.74
N LEU I 23 -84.04 10.57 53.81
CA LEU I 23 -83.43 9.38 53.23
C LEU I 23 -83.26 8.24 54.23
N LEU I 24 -83.68 8.44 55.48
CA LEU I 24 -83.54 7.41 56.51
C LEU I 24 -84.83 7.29 57.31
N LEU I 25 -85.97 7.44 56.64
CA LEU I 25 -87.27 7.35 57.30
C LEU I 25 -88.27 6.75 56.33
N ASN I 26 -89.50 6.54 56.83
CA ASN I 26 -90.61 5.99 56.06
C ASN I 26 -90.27 4.63 55.45
N ARG I 27 -89.55 3.80 56.22
CA ARG I 27 -89.16 2.47 55.79
C ARG I 27 -89.37 1.50 56.93
N SER I 28 -88.96 0.25 56.72
CA SER I 28 -89.08 -0.78 57.74
C SER I 28 -87.93 -0.66 58.74
N GLU I 29 -87.83 -1.63 59.66
CA GLU I 29 -86.78 -1.60 60.67
C GLU I 29 -85.53 -2.35 60.25
N SER I 30 -85.66 -3.34 59.37
CA SER I 30 -84.49 -4.13 58.98
C SER I 30 -83.55 -3.34 58.09
N ASP I 31 -84.08 -2.62 57.10
CA ASP I 31 -83.24 -1.90 56.15
C ASP I 31 -82.63 -0.64 56.76
N ILE I 32 -83.33 0.01 57.69
CA ILE I 32 -82.82 1.24 58.30
C ILE I 32 -81.57 0.94 59.12
N ARG I 33 -81.60 -0.13 59.92
CA ARG I 33 -80.43 -0.48 60.73
C ARG I 33 -79.26 -0.93 59.87
N TYR I 34 -79.54 -1.53 58.71
CA TYR I 34 -78.46 -1.96 57.81
C TYR I 34 -77.74 -0.77 57.20
N LEU I 35 -78.47 0.30 56.88
CA LEU I 35 -77.86 1.48 56.27
C LEU I 35 -76.90 2.17 57.24
N LEU I 36 -77.27 2.26 58.52
CA LEU I 36 -76.41 2.87 59.51
C LEU I 36 -75.34 1.93 60.03
N GLY I 37 -75.37 0.65 59.64
CA GLY I 37 -74.39 -0.31 60.11
C GLY I 37 -73.64 -1.01 59.00
N TYR I 38 -73.38 -0.30 57.90
CA TYR I 38 -72.63 -0.86 56.79
C TYR I 38 -71.78 0.24 56.16
N VAL I 39 -70.57 -0.11 55.74
CA VAL I 39 -69.66 0.83 55.12
C VAL I 39 -69.92 0.91 53.63
N SER I 40 -69.43 1.97 53.00
CA SER I 40 -69.59 2.19 51.57
C SER I 40 -68.22 2.25 50.92
N GLN I 41 -68.05 1.51 49.82
CA GLN I 41 -66.78 1.43 49.11
C GLN I 41 -66.72 2.58 48.11
N GLN I 42 -66.02 3.66 48.48
CA GLN I 42 -65.87 4.83 47.63
C GLN I 42 -64.39 5.04 47.33
N GLY I 43 -64.06 5.13 46.04
CA GLY I 43 -62.68 5.36 45.65
C GLY I 43 -61.76 4.18 45.86
N GLY I 44 -62.31 2.96 45.92
CA GLY I 44 -61.50 1.78 46.14
C GLY I 44 -61.25 1.43 47.59
N GLN I 45 -61.68 2.26 48.53
CA GLN I 45 -61.51 2.01 49.96
C GLN I 45 -62.84 2.19 50.66
N ARG I 46 -63.24 1.20 51.45
CA ARG I 46 -64.51 1.26 52.16
C ARG I 46 -64.42 2.22 53.34
N SER I 47 -65.55 2.85 53.66
CA SER I 47 -65.62 3.79 54.76
C SER I 47 -67.06 3.87 55.25
N THR I 48 -67.21 4.01 56.56
CA THR I 48 -68.54 4.19 57.15
C THR I 48 -69.09 5.56 56.75
N PRO I 49 -70.41 5.66 56.51
CA PRO I 49 -71.01 6.99 56.30
C PRO I 49 -70.83 7.94 57.48
N LEU I 50 -70.71 7.41 58.70
CA LEU I 50 -70.43 8.27 59.85
C LEU I 50 -68.99 8.75 59.87
N ILE I 51 -68.09 8.08 59.15
CA ILE I 51 -66.70 8.52 59.11
C ILE I 51 -66.58 9.83 58.33
N ILE I 52 -67.28 9.93 57.19
CA ILE I 52 -67.19 11.12 56.35
C ILE I 52 -67.80 12.34 57.04
N ALA I 53 -68.65 12.14 58.05
CA ALA I 53 -69.11 13.26 58.86
C ALA I 53 -68.02 13.73 59.81
N ALA I 54 -67.28 12.78 60.40
CA ALA I 54 -66.17 13.13 61.28
C ALA I 54 -64.94 13.58 60.50
N ARG I 55 -64.72 13.01 59.31
CA ARG I 55 -63.56 13.38 58.52
C ARG I 55 -63.67 14.81 57.99
N ASN I 56 -64.89 15.22 57.62
CA ASN I 56 -65.14 16.57 57.14
C ASN I 56 -65.56 17.53 58.25
N GLY I 57 -65.58 17.08 59.50
CA GLY I 57 -65.99 17.92 60.61
C GLY I 57 -67.44 18.31 60.60
N HIS I 58 -68.32 17.39 60.17
CA HIS I 58 -69.77 17.64 60.16
C HIS I 58 -70.37 17.04 61.43
N ALA I 59 -70.16 17.74 62.54
CA ALA I 59 -70.65 17.26 63.82
C ALA I 59 -72.16 17.41 63.97
N LYS I 60 -72.78 18.32 63.22
CA LYS I 60 -74.21 18.55 63.35
C LYS I 60 -75.01 17.38 62.78
N VAL I 61 -74.57 16.82 61.65
CA VAL I 61 -75.32 15.75 61.03
C VAL I 61 -75.17 14.44 61.78
N VAL I 62 -74.10 14.27 62.56
CA VAL I 62 -73.89 13.02 63.30
C VAL I 62 -74.43 13.11 64.72
N ARG I 63 -74.53 14.31 65.30
CA ARG I 63 -75.06 14.45 66.66
C ARG I 63 -76.55 14.14 66.70
N LEU I 64 -77.31 14.64 65.72
CA LEU I 64 -78.73 14.33 65.67
C LEU I 64 -78.99 12.91 65.20
N LEU I 65 -78.01 12.26 64.57
CA LEU I 65 -78.13 10.84 64.26
C LEU I 65 -78.22 10.00 65.52
N LEU I 66 -77.41 10.34 66.53
CA LEU I 66 -77.47 9.65 67.81
C LEU I 66 -78.73 9.99 68.59
N GLU I 67 -79.34 11.15 68.32
CA GLU I 67 -80.59 11.50 69.00
C GLU I 67 -81.75 10.70 68.46
N HIS I 68 -81.86 10.57 67.13
CA HIS I 68 -82.99 9.90 66.51
C HIS I 68 -82.77 8.42 66.26
N TYR I 69 -81.55 7.91 66.46
CA TYR I 69 -81.25 6.50 66.23
C TYR I 69 -80.31 6.01 67.32
N ARG I 70 -79.97 4.72 67.24
CA ARG I 70 -79.06 4.08 68.19
C ARG I 70 -77.86 3.50 67.47
N VAL I 71 -77.29 4.27 66.53
CA VAL I 71 -76.13 3.81 65.78
C VAL I 71 -74.89 3.80 66.67
N GLN I 72 -74.07 2.76 66.54
CA GLN I 72 -72.87 2.61 67.32
C GLN I 72 -71.64 2.99 66.51
N THR I 73 -70.52 3.15 67.21
CA THR I 73 -69.25 3.51 66.59
C THR I 73 -68.32 2.32 66.40
N GLN I 74 -68.84 1.10 66.54
CA GLN I 74 -68.04 -0.11 66.41
C GLN I 74 -67.89 -0.57 64.96
N GLN I 75 -68.20 0.29 63.99
CA GLN I 75 -68.10 -0.09 62.58
C GLN I 75 -66.64 -0.20 62.16
N THR I 76 -66.31 -1.28 61.46
CA THR I 76 -64.94 -1.51 61.01
C THR I 76 -64.62 -0.62 59.81
N GLY I 77 -63.50 0.10 59.90
CA GLY I 77 -63.07 0.98 58.83
C GLY I 77 -61.56 1.07 58.78
N THR I 78 -61.07 1.80 57.78
CA THR I 78 -59.64 1.98 57.60
C THR I 78 -59.10 3.00 58.60
N VAL I 79 -57.77 3.12 58.62
CA VAL I 79 -57.12 4.05 59.54
C VAL I 79 -56.88 5.41 58.88
N ARG I 80 -56.30 5.43 57.68
CA ARG I 80 -55.95 6.66 56.98
C ARG I 80 -55.57 6.28 55.55
N PHE I 81 -55.46 7.31 54.70
CA PHE I 81 -55.09 7.13 53.31
C PHE I 81 -53.62 7.45 53.03
N ASP I 82 -52.81 7.63 54.08
CA ASP I 82 -51.42 8.04 53.91
C ASP I 82 -50.50 6.83 53.79
N GLY I 83 -50.76 6.01 52.78
CA GLY I 83 -49.94 4.86 52.50
C GLY I 83 -50.17 3.65 53.38
N TYR I 84 -51.25 3.63 54.16
CA TYR I 84 -51.58 2.51 55.02
C TYR I 84 -52.80 1.74 54.52
N VAL I 85 -53.92 2.45 54.33
CA VAL I 85 -55.26 1.95 53.94
C VAL I 85 -55.55 0.53 54.40
N ILE I 86 -55.28 0.25 55.67
CA ILE I 86 -55.57 -1.06 56.26
C ILE I 86 -56.81 -0.94 57.14
N ASP I 87 -57.71 -1.90 56.98
CA ASP I 87 -58.99 -1.88 57.69
C ASP I 87 -58.82 -2.42 59.11
N GLY I 88 -59.93 -2.56 59.82
CA GLY I 88 -59.95 -3.08 61.18
C GLY I 88 -60.23 -2.03 62.24
N ALA I 89 -59.93 -0.77 61.97
CA ALA I 89 -60.15 0.28 62.95
C ALA I 89 -61.64 0.58 63.11
N THR I 90 -62.01 0.99 64.32
CA THR I 90 -63.39 1.37 64.59
C THR I 90 -63.68 2.77 64.08
N ALA I 91 -64.95 3.16 64.15
CA ALA I 91 -65.34 4.48 63.69
C ALA I 91 -64.83 5.58 64.61
N LEU I 92 -64.61 5.28 65.89
CA LEU I 92 -64.06 6.25 66.81
C LEU I 92 -62.57 6.47 66.61
N TRP I 93 -61.87 5.54 65.97
CA TRP I 93 -60.44 5.69 65.73
C TRP I 93 -60.15 6.86 64.79
N CYS I 94 -60.95 6.99 63.72
CA CYS I 94 -60.75 8.08 62.77
C CYS I 94 -61.23 9.42 63.30
N ALA I 95 -62.06 9.42 64.35
CA ALA I 95 -62.52 10.68 64.93
C ALA I 95 -61.35 11.45 65.55
N ALA I 96 -60.45 10.75 66.23
CA ALA I 96 -59.28 11.39 66.82
C ALA I 96 -58.28 11.79 65.73
N GLY I 97 -58.15 10.98 64.69
CA GLY I 97 -57.20 11.25 63.63
C GLY I 97 -57.63 12.28 62.61
N ALA I 98 -58.88 12.74 62.68
CA ALA I 98 -59.38 13.76 61.76
C ALA I 98 -59.20 15.17 62.28
N GLY I 99 -58.70 15.33 63.51
CA GLY I 99 -58.51 16.66 64.09
C GLY I 99 -59.79 17.40 64.37
N HIS I 100 -60.80 16.71 64.89
CA HIS I 100 -62.09 17.33 65.23
C HIS I 100 -62.48 16.85 66.62
N PHE I 101 -62.32 17.73 67.62
CA PHE I 101 -62.69 17.38 68.99
C PHE I 101 -64.20 17.40 69.20
N GLU I 102 -64.95 18.09 68.34
CA GLU I 102 -66.39 18.18 68.51
C GLU I 102 -67.09 16.86 68.22
N VAL I 103 -66.50 16.03 67.37
CA VAL I 103 -67.13 14.74 67.03
C VAL I 103 -66.67 13.63 67.96
N VAL I 104 -65.54 13.80 68.65
CA VAL I 104 -65.05 12.76 69.56
C VAL I 104 -65.94 12.66 70.79
N LYS I 105 -66.37 13.79 71.35
CA LYS I 105 -67.11 13.78 72.61
C LYS I 105 -68.53 13.26 72.44
N LEU I 106 -69.13 13.43 71.26
CA LEU I 106 -70.51 12.99 71.08
C LEU I 106 -70.59 11.47 70.96
N LEU I 107 -69.59 10.84 70.33
CA LEU I 107 -69.59 9.38 70.21
C LEU I 107 -69.23 8.70 71.53
N VAL I 108 -68.47 9.37 72.38
CA VAL I 108 -68.10 8.80 73.68
C VAL I 108 -69.33 8.69 74.58
N SER I 109 -70.17 9.73 74.60
CA SER I 109 -71.35 9.74 75.46
C SER I 109 -72.39 8.72 75.03
N HIS I 110 -72.33 8.22 73.80
CA HIS I 110 -73.27 7.22 73.30
C HIS I 110 -72.46 6.03 72.78
N GLY I 111 -72.19 5.07 73.66
CA GLY I 111 -71.45 3.88 73.29
C GLY I 111 -69.98 4.15 73.02
N ALA I 112 -69.23 4.48 74.06
CA ALA I 112 -67.81 4.79 73.90
C ALA I 112 -67.02 3.57 73.47
N ASN I 113 -66.04 3.79 72.61
CA ASN I 113 -65.17 2.74 72.09
C ASN I 113 -63.70 3.15 72.26
N VAL I 114 -63.37 3.75 73.40
CA VAL I 114 -62.00 4.17 73.65
C VAL I 114 -61.08 2.98 73.88
N ASN I 115 -61.63 1.83 74.26
CA ASN I 115 -60.85 0.60 74.45
C ASN I 115 -60.98 -0.35 73.27
N HIS I 116 -61.09 0.19 72.06
CA HIS I 116 -61.22 -0.64 70.87
C HIS I 116 -59.92 -1.39 70.60
N THR I 117 -60.05 -2.66 70.24
CA THR I 117 -58.91 -3.53 69.97
C THR I 117 -59.11 -4.17 68.60
N THR I 118 -58.35 -3.71 67.61
CA THR I 118 -58.38 -4.27 66.28
C THR I 118 -57.32 -5.37 66.16
N VAL I 119 -57.02 -5.79 64.94
CA VAL I 119 -55.98 -6.78 64.71
C VAL I 119 -54.62 -6.25 65.15
N THR I 120 -54.43 -4.93 65.08
CA THR I 120 -53.23 -4.29 65.60
C THR I 120 -53.43 -3.72 67.00
N ASN I 121 -54.56 -4.05 67.64
CA ASN I 121 -55.00 -3.54 68.95
C ASN I 121 -54.71 -2.04 69.10
N SER I 122 -55.09 -1.28 68.08
CA SER I 122 -54.85 0.16 68.04
C SER I 122 -56.01 0.88 68.71
N THR I 123 -55.74 1.50 69.84
CA THR I 123 -56.73 2.31 70.53
C THR I 123 -56.93 3.63 69.80
N PRO I 124 -58.05 4.31 70.01
CA PRO I 124 -58.22 5.66 69.45
C PRO I 124 -57.21 6.67 69.96
N LEU I 125 -56.55 6.39 71.10
CA LEU I 125 -55.50 7.28 71.58
C LEU I 125 -54.30 7.31 70.65
N ARG I 126 -54.06 6.22 69.91
CA ARG I 126 -52.95 6.20 68.97
C ARG I 126 -53.13 7.21 67.86
N ALA I 127 -54.36 7.33 67.34
CA ALA I 127 -54.66 8.34 66.33
C ALA I 127 -54.65 9.74 66.93
N ALA I 128 -55.03 9.87 68.21
CA ALA I 128 -55.01 11.16 68.88
C ALA I 128 -53.59 11.68 69.03
N CYS I 129 -52.64 10.80 69.36
CA CYS I 129 -51.24 11.20 69.45
C CYS I 129 -50.69 11.57 68.09
N PHE I 130 -51.09 10.85 67.04
CA PHE I 130 -50.64 11.17 65.69
C PHE I 130 -51.19 12.50 65.21
N ASP I 131 -52.46 12.77 65.50
CA ASP I 131 -53.05 14.05 65.10
C ASP I 131 -52.42 15.22 65.86
N GLY I 132 -52.18 15.05 67.15
CA GLY I 132 -51.51 16.07 67.93
C GLY I 132 -52.43 17.11 68.52
N ARG I 133 -53.62 16.71 68.94
CA ARG I 133 -54.57 17.60 69.60
C ARG I 133 -54.65 17.23 71.08
N LEU I 134 -54.30 18.18 71.94
CA LEU I 134 -54.23 17.90 73.37
C LEU I 134 -55.61 17.65 73.98
N ASP I 135 -56.64 18.32 73.47
CA ASP I 135 -57.98 18.15 74.01
C ASP I 135 -58.51 16.75 73.77
N ILE I 136 -58.20 16.17 72.60
CA ILE I 136 -58.63 14.79 72.32
C ILE I 136 -57.89 13.80 73.21
N VAL I 137 -56.59 14.02 73.41
CA VAL I 137 -55.81 13.11 74.25
C VAL I 137 -56.25 13.21 75.70
N LYS I 138 -56.47 14.43 76.20
CA LYS I 138 -56.85 14.61 77.59
C LYS I 138 -58.23 14.04 77.88
N TYR I 139 -59.17 14.23 76.95
CA TYR I 139 -60.53 13.75 77.18
C TYR I 139 -60.63 12.23 77.07
N LEU I 140 -59.78 11.61 76.23
CA LEU I 140 -59.85 10.16 76.05
C LEU I 140 -59.38 9.42 77.30
N VAL I 141 -58.40 9.98 78.01
CA VAL I 141 -57.93 9.35 79.26
C VAL I 141 -59.01 9.39 80.32
N GLU I 142 -59.78 10.49 80.37
CA GLU I 142 -60.86 10.63 81.33
C GLU I 142 -62.02 9.67 81.08
N ASN I 143 -62.08 9.04 79.91
CA ASN I 143 -63.13 8.08 79.57
C ASN I 143 -62.75 6.65 79.95
N ASN I 144 -61.85 6.49 80.93
CA ASN I 144 -61.44 5.19 81.45
C ASN I 144 -60.86 4.30 80.35
N ALA I 145 -59.75 4.76 79.76
CA ALA I 145 -59.04 4.03 78.73
C ALA I 145 -57.58 3.92 79.13
N ASN I 146 -57.03 2.70 79.04
CA ASN I 146 -55.63 2.48 79.38
C ASN I 146 -54.73 3.11 78.33
N ILE I 147 -53.62 3.71 78.79
CA ILE I 147 -52.68 4.37 77.91
C ILE I 147 -51.41 3.55 77.67
N SER I 148 -51.31 2.38 78.28
CA SER I 148 -50.12 1.53 78.16
C SER I 148 -50.38 0.32 77.27
N ILE I 149 -51.18 0.51 76.22
CA ILE I 149 -51.49 -0.58 75.29
C ILE I 149 -50.34 -0.70 74.29
N ALA I 150 -49.75 -1.89 74.23
CA ALA I 150 -48.63 -2.17 73.34
C ALA I 150 -49.10 -3.07 72.21
N ASN I 151 -48.69 -2.73 70.98
CA ASN I 151 -49.08 -3.49 69.80
C ASN I 151 -48.17 -4.71 69.66
N LYS I 152 -48.23 -5.37 68.50
CA LYS I 152 -47.42 -6.56 68.27
C LYS I 152 -45.94 -6.22 68.23
N TYR I 153 -45.57 -5.00 67.86
CA TYR I 153 -44.20 -4.53 67.91
C TYR I 153 -44.00 -3.48 68.99
N ASP I 154 -44.88 -3.46 70.01
CA ASP I 154 -44.81 -2.55 71.16
C ASP I 154 -44.83 -1.09 70.73
N ASN I 155 -45.94 -0.70 70.11
CA ASN I 155 -46.14 0.67 69.64
C ASN I 155 -46.77 1.49 70.77
N THR I 156 -45.91 1.96 71.67
CA THR I 156 -46.37 2.82 72.75
C THR I 156 -46.76 4.19 72.20
N CYS I 157 -47.80 4.79 72.80
CA CYS I 157 -48.27 6.10 72.36
C CYS I 157 -47.24 7.20 72.59
N LEU I 158 -46.28 6.99 73.49
CA LEU I 158 -45.23 7.98 73.68
C LEU I 158 -44.23 7.93 72.54
N MET I 159 -44.03 6.76 71.92
CA MET I 159 -43.09 6.64 70.81
C MET I 159 -43.55 7.43 69.59
N ILE I 160 -44.83 7.32 69.23
CA ILE I 160 -45.34 8.04 68.07
C ILE I 160 -45.39 9.54 68.34
N ALA I 161 -45.58 9.94 69.60
CA ALA I 161 -45.52 11.35 69.94
C ALA I 161 -44.08 11.87 69.91
N ALA I 162 -43.13 11.03 70.34
CA ALA I 162 -41.73 11.42 70.31
C ALA I 162 -41.18 11.43 68.90
N TYR I 163 -41.60 10.47 68.07
CA TYR I 163 -41.15 10.43 66.68
C TYR I 163 -41.68 11.62 65.89
N LYS I 164 -42.94 11.98 66.11
CA LYS I 164 -43.53 13.12 65.43
C LYS I 164 -43.13 14.42 66.14
N GLY I 165 -43.53 15.54 65.53
CA GLY I 165 -43.23 16.85 66.08
C GLY I 165 -44.19 17.36 67.13
N HIS I 166 -45.16 16.54 67.54
CA HIS I 166 -46.15 16.95 68.53
C HIS I 166 -45.52 16.84 69.92
N THR I 167 -44.90 17.94 70.36
CA THR I 167 -44.27 17.97 71.68
C THR I 167 -45.28 18.17 72.80
N ASP I 168 -46.50 18.60 72.49
CA ASP I 168 -47.52 18.77 73.52
C ASP I 168 -48.12 17.45 73.98
N VAL I 169 -48.21 16.47 73.07
CA VAL I 169 -48.78 15.18 73.44
C VAL I 169 -47.84 14.41 74.33
N VAL I 170 -46.53 14.42 74.01
CA VAL I 170 -45.57 13.60 74.75
C VAL I 170 -45.39 14.12 76.17
N ARG I 171 -45.43 15.44 76.37
CA ARG I 171 -45.24 15.99 77.70
C ARG I 171 -46.45 15.71 78.59
N TYR I 172 -47.63 15.56 78.01
CA TYR I 172 -48.81 15.20 78.79
C TYR I 172 -48.81 13.71 79.17
N LEU I 173 -48.25 12.86 78.31
CA LEU I 173 -48.24 11.43 78.58
C LEU I 173 -47.36 11.09 79.78
N LEU I 174 -46.22 11.76 79.91
CA LEU I 174 -45.32 11.53 81.05
C LEU I 174 -45.86 12.09 82.35
N GLU I 175 -46.87 12.96 82.29
CA GLU I 175 -47.44 13.53 83.52
C GLU I 175 -48.29 12.52 84.27
N GLN I 176 -48.76 11.46 83.61
CA GLN I 176 -49.57 10.43 84.25
C GLN I 176 -48.74 9.20 84.63
N ARG I 177 -47.42 9.37 84.79
CA ARG I 177 -46.50 8.32 85.23
C ARG I 177 -46.52 7.12 84.28
N ALA I 178 -46.17 7.39 83.03
CA ALA I 178 -46.05 6.34 82.03
C ALA I 178 -44.67 5.67 82.12
N ASP I 179 -44.57 4.49 81.53
CA ASP I 179 -43.32 3.75 81.55
C ASP I 179 -42.33 4.36 80.58
N PRO I 180 -41.16 4.80 81.03
CA PRO I 180 -40.17 5.39 80.10
C PRO I 180 -39.36 4.33 79.36
N ASN I 181 -39.12 3.20 80.01
CA ASN I 181 -38.33 2.12 79.42
C ASN I 181 -39.24 1.07 78.78
N ALA I 182 -40.01 1.52 77.79
CA ALA I 182 -40.92 0.66 77.06
C ALA I 182 -40.12 -0.07 75.98
N LYS I 183 -39.82 -1.35 76.23
CA LYS I 183 -39.06 -2.14 75.27
C LYS I 183 -39.89 -2.42 74.03
N ALA I 184 -39.26 -2.25 72.87
CA ALA I 184 -39.92 -2.40 71.58
C ALA I 184 -39.39 -3.64 70.87
N HIS I 185 -39.83 -3.83 69.62
CA HIS I 185 -39.35 -4.94 68.81
C HIS I 185 -37.86 -4.83 68.54
N CYS I 186 -37.39 -3.61 68.26
CA CYS I 186 -35.98 -3.37 67.98
C CYS I 186 -35.20 -2.96 69.22
N GLY I 187 -35.84 -2.95 70.40
CA GLY I 187 -35.16 -2.58 71.62
C GLY I 187 -35.09 -1.09 71.89
N ALA I 188 -35.85 -0.27 71.16
CA ALA I 188 -35.83 1.17 71.34
C ALA I 188 -36.84 1.56 72.41
N THR I 189 -36.36 2.14 73.50
CA THR I 189 -37.21 2.52 74.63
C THR I 189 -37.59 4.00 74.56
N ALA I 190 -38.32 4.35 73.50
CA ALA I 190 -38.95 5.64 73.28
C ALA I 190 -37.96 6.81 73.25
N LEU I 191 -36.67 6.54 73.07
CA LEU I 191 -35.67 7.60 72.94
C LEU I 191 -34.95 7.59 71.61
N HIS I 192 -34.76 6.43 70.98
CA HIS I 192 -34.16 6.39 69.65
C HIS I 192 -35.06 7.03 68.61
N PHE I 193 -36.38 6.87 68.75
CA PHE I 193 -37.31 7.58 67.88
C PHE I 193 -37.33 9.07 68.17
N ALA I 194 -37.18 9.44 69.45
CA ALA I 194 -37.16 10.86 69.82
C ALA I 194 -35.96 11.57 69.24
N ALA I 195 -34.78 10.97 69.34
CA ALA I 195 -33.55 11.55 68.80
C ALA I 195 -33.29 11.07 67.37
N GLU I 196 -34.30 11.19 66.51
CA GLU I 196 -34.18 10.76 65.12
C GLU I 196 -34.66 11.86 64.18
N ALA I 197 -35.57 12.71 64.66
CA ALA I 197 -36.12 13.80 63.86
C ALA I 197 -35.62 15.17 64.31
N GLY I 198 -34.62 15.22 65.17
CA GLY I 198 -34.09 16.49 65.65
C GLY I 198 -35.04 17.29 66.51
N HIS I 199 -35.74 16.64 67.44
CA HIS I 199 -36.67 17.31 68.35
C HIS I 199 -35.90 17.72 69.58
N ILE I 200 -35.57 19.01 69.69
CA ILE I 200 -34.76 19.50 70.79
C ILE I 200 -35.55 19.47 72.11
N ASP I 201 -36.86 19.69 72.04
CA ASP I 201 -37.65 19.78 73.26
C ASP I 201 -38.20 18.44 73.71
N ILE I 202 -38.45 17.52 72.77
CA ILE I 202 -39.05 16.23 73.13
C ILE I 202 -38.06 15.37 73.90
N VAL I 203 -36.80 15.31 73.44
CA VAL I 203 -35.79 14.52 74.14
C VAL I 203 -35.49 15.10 75.51
N LYS I 204 -35.48 16.44 75.60
CA LYS I 204 -35.27 17.09 76.90
C LYS I 204 -36.39 16.80 77.88
N GLU I 205 -37.61 16.60 77.37
CA GLU I 205 -38.75 16.30 78.23
C GLU I 205 -38.55 14.98 78.97
N LEU I 206 -37.99 13.98 78.30
CA LEU I 206 -37.76 12.68 78.92
C LEU I 206 -36.49 12.65 79.78
N ILE I 207 -35.66 13.70 79.70
CA ILE I 207 -34.51 13.78 80.60
C ILE I 207 -34.97 13.98 82.04
N LYS I 208 -36.02 14.81 82.23
CA LYS I 208 -36.57 15.02 83.56
C LYS I 208 -37.14 13.74 84.13
N TRP I 209 -37.82 12.94 83.30
CA TRP I 209 -38.37 11.66 83.75
C TRP I 209 -37.30 10.59 83.93
N ARG I 210 -36.07 10.83 83.47
CA ARG I 210 -34.93 9.93 83.64
C ARG I 210 -35.20 8.55 83.04
N ALA I 211 -35.36 8.56 81.71
CA ALA I 211 -35.60 7.33 80.96
C ALA I 211 -34.35 6.48 80.80
N ALA I 212 -33.18 6.98 81.22
CA ALA I 212 -31.89 6.28 81.18
C ALA I 212 -31.48 5.91 79.76
N ILE I 213 -30.38 5.16 79.63
CA ILE I 213 -29.84 4.77 78.33
C ILE I 213 -29.66 3.26 78.32
N VAL I 214 -30.23 2.61 77.29
CA VAL I 214 -30.13 1.17 77.13
C VAL I 214 -29.70 0.87 75.70
N VAL I 215 -28.84 -0.14 75.53
CA VAL I 215 -28.38 -0.55 74.22
C VAL I 215 -29.43 -1.46 73.59
N ASN I 216 -29.85 -1.12 72.37
CA ASN I 216 -30.88 -1.87 71.68
C ASN I 216 -30.28 -3.12 71.04
N GLY I 217 -31.08 -3.82 70.21
CA GLY I 217 -30.61 -5.04 69.58
C GLY I 217 -29.50 -4.82 68.58
N HIS I 218 -29.50 -3.68 67.89
CA HIS I 218 -28.50 -3.37 66.88
C HIS I 218 -27.21 -2.79 67.46
N GLY I 219 -27.07 -2.79 68.78
CA GLY I 219 -25.88 -2.25 69.42
C GLY I 219 -25.70 -0.75 69.25
N MET I 220 -26.79 0.01 69.34
CA MET I 220 -26.74 1.46 69.17
C MET I 220 -27.36 2.13 70.40
N THR I 221 -26.61 3.04 71.01
CA THR I 221 -27.14 3.84 72.10
C THR I 221 -28.06 4.94 71.56
N PRO I 222 -28.97 5.45 72.39
CA PRO I 222 -29.76 6.62 71.97
C PRO I 222 -28.89 7.83 71.62
N LEU I 223 -27.73 7.98 72.28
CA LEU I 223 -26.79 9.03 71.89
C LEU I 223 -26.22 8.76 70.50
N LYS I 224 -25.94 7.48 70.18
CA LYS I 224 -25.43 7.14 68.86
C LYS I 224 -26.49 7.34 67.78
N VAL I 225 -27.76 7.13 68.10
CA VAL I 225 -28.83 7.36 67.14
C VAL I 225 -28.91 8.85 66.79
N ALA I 226 -28.78 9.72 67.80
CA ALA I 226 -28.76 11.15 67.53
C ALA I 226 -27.56 11.54 66.68
N ALA I 227 -26.40 10.93 66.94
CA ALA I 227 -25.23 11.19 66.11
C ALA I 227 -25.39 10.61 64.71
N GLU I 228 -26.15 9.53 64.56
CA GLU I 228 -26.35 8.93 63.26
C GLU I 228 -27.31 9.74 62.40
N SER I 229 -28.21 10.50 63.02
CA SER I 229 -29.25 11.24 62.31
C SER I 229 -28.81 12.65 61.94
N CYS I 230 -27.54 13.00 62.18
CA CYS I 230 -26.99 14.33 61.89
C CYS I 230 -27.77 15.44 62.61
N LYS I 231 -28.18 15.15 63.83
CA LYS I 231 -28.94 16.09 64.67
C LYS I 231 -28.04 16.47 65.84
N ALA I 232 -27.22 17.51 65.64
CA ALA I 232 -26.26 17.92 66.66
C ALA I 232 -26.92 18.60 67.85
N ASP I 233 -28.17 19.06 67.71
CA ASP I 233 -28.86 19.70 68.82
C ASP I 233 -29.14 18.72 69.96
N VAL I 234 -29.54 17.49 69.62
CA VAL I 234 -29.84 16.50 70.64
C VAL I 234 -28.64 15.63 70.99
N VAL I 235 -27.53 15.74 70.26
CA VAL I 235 -26.32 15.01 70.61
C VAL I 235 -25.74 15.56 71.91
N GLU I 236 -25.62 16.88 72.00
CA GLU I 236 -25.13 17.50 73.23
C GLU I 236 -26.15 17.42 74.36
N LEU I 237 -27.44 17.31 74.03
CA LEU I 237 -28.47 17.19 75.06
C LEU I 237 -28.32 15.90 75.85
N LEU I 238 -28.03 14.79 75.18
CA LEU I 238 -27.87 13.51 75.85
C LEU I 238 -26.52 13.38 76.57
N LEU I 239 -25.59 14.30 76.33
CA LEU I 239 -24.31 14.26 77.02
C LEU I 239 -24.41 14.70 78.47
N SER I 240 -25.52 15.35 78.85
CA SER I 240 -25.72 15.83 80.22
C SER I 240 -26.62 14.91 81.03
N HIS I 241 -26.59 13.61 80.74
CA HIS I 241 -27.37 12.63 81.48
C HIS I 241 -26.61 12.07 82.68
N ALA I 242 -25.38 12.55 82.92
CA ALA I 242 -24.49 12.17 84.02
C ALA I 242 -24.04 10.71 83.95
N ASP I 243 -24.30 10.00 82.86
CA ASP I 243 -23.74 8.67 82.65
C ASP I 243 -23.36 8.54 81.18
N CYS I 244 -22.11 8.86 80.86
CA CYS I 244 -21.60 8.79 79.49
C CYS I 244 -20.20 8.21 79.38
N ASP I 245 -19.39 8.25 80.44
CA ASP I 245 -18.01 7.75 80.46
C ASP I 245 -17.17 8.40 79.37
N ARG I 246 -16.10 7.73 78.94
CA ARG I 246 -15.27 8.21 77.84
C ARG I 246 -15.33 7.34 76.60
N ARG I 247 -15.77 6.09 76.72
CA ARG I 247 -15.90 5.23 75.55
C ARG I 247 -16.99 5.73 74.61
N SER I 248 -18.12 6.18 75.17
CA SER I 248 -19.24 6.67 74.37
C SER I 248 -19.24 8.19 74.21
N ARG I 249 -18.23 8.88 74.72
CA ARG I 249 -18.18 10.33 74.63
C ARG I 249 -17.49 10.80 73.35
N ILE I 250 -16.28 10.31 73.10
CA ILE I 250 -15.57 10.69 71.88
C ILE I 250 -16.22 10.06 70.65
N GLU I 251 -16.65 8.81 70.76
CA GLU I 251 -17.25 8.12 69.61
C GLU I 251 -18.58 8.73 69.19
N ALA I 252 -19.24 9.49 70.08
CA ALA I 252 -20.42 10.24 69.68
C ALA I 252 -20.05 11.34 68.69
N LEU I 253 -18.94 12.04 68.93
CA LEU I 253 -18.47 13.06 68.00
C LEU I 253 -17.94 12.42 66.72
N GLU I 254 -17.33 11.23 66.83
CA GLU I 254 -16.87 10.52 65.64
C GLU I 254 -18.05 10.11 64.76
N LEU I 255 -19.13 9.61 65.38
CA LEU I 255 -20.30 9.18 64.61
C LEU I 255 -21.04 10.37 64.03
N LEU I 256 -21.14 11.47 64.80
CA LEU I 256 -21.81 12.66 64.29
C LEU I 256 -21.04 13.29 63.13
N GLY I 257 -19.71 13.35 63.23
CA GLY I 257 -18.92 13.86 62.13
C GLY I 257 -18.95 12.96 60.91
N ALA I 258 -18.94 11.65 61.12
CA ALA I 258 -19.03 10.71 60.01
C ALA I 258 -20.39 10.79 59.32
N SER I 259 -21.46 10.93 60.11
CA SER I 259 -22.80 11.07 59.53
C SER I 259 -22.93 12.40 58.80
N PHE I 260 -22.31 13.46 59.32
CA PHE I 260 -22.34 14.75 58.63
C PHE I 260 -21.51 14.71 57.35
N ALA I 261 -20.52 13.81 57.28
CA ALA I 261 -19.71 13.70 56.06
C ALA I 261 -20.52 13.20 54.88
N ASN I 262 -21.41 12.23 55.11
CA ASN I 262 -22.19 11.61 54.06
C ASN I 262 -23.67 11.62 54.47
N ASP I 263 -24.39 12.66 54.06
CA ASP I 263 -25.82 12.76 54.30
C ASP I 263 -26.44 13.64 53.23
N ARG I 264 -27.69 13.33 52.88
CA ARG I 264 -28.38 14.07 51.83
C ARG I 264 -28.82 15.45 52.32
N GLU I 265 -29.62 15.49 53.40
CA GLU I 265 -30.16 16.75 53.87
C GLU I 265 -29.10 17.61 54.54
N ASN I 266 -28.27 16.99 55.40
CA ASN I 266 -27.29 17.72 56.21
C ASN I 266 -25.90 17.30 55.76
N TYR I 267 -25.38 17.99 54.74
CA TYR I 267 -24.04 17.74 54.22
C TYR I 267 -23.17 18.96 54.53
N ASP I 268 -22.27 18.81 55.50
CA ASP I 268 -21.38 19.89 55.91
C ASP I 268 -19.97 19.33 56.03
N ILE I 269 -19.10 19.71 55.09
CA ILE I 269 -17.71 19.25 55.16
C ILE I 269 -16.91 20.10 56.14
N ILE I 270 -17.35 21.35 56.39
CA ILE I 270 -16.67 22.17 57.39
C ILE I 270 -16.93 21.65 58.79
N LYS I 271 -18.16 21.21 59.06
CA LYS I 271 -18.48 20.56 60.33
C LYS I 271 -17.93 19.15 60.42
N THR I 272 -17.65 18.52 59.27
CA THR I 272 -17.09 17.18 59.28
C THR I 272 -15.69 17.17 59.88
N TYR I 273 -14.83 18.08 59.45
CA TYR I 273 -13.48 18.14 60.00
C TYR I 273 -13.49 18.64 61.44
N HIS I 274 -14.38 19.59 61.75
CA HIS I 274 -14.43 20.15 63.10
C HIS I 274 -14.85 19.10 64.13
N TYR I 275 -15.84 18.27 63.79
CA TYR I 275 -16.26 17.22 64.70
C TYR I 275 -15.23 16.11 64.79
N LEU I 276 -14.54 15.82 63.68
CA LEU I 276 -13.49 14.80 63.73
C LEU I 276 -12.26 15.29 64.47
N TYR I 277 -11.89 16.56 64.30
CA TYR I 277 -10.74 17.10 65.01
C TYR I 277 -11.03 17.24 66.50
N LEU I 278 -12.25 17.62 66.85
CA LEU I 278 -12.63 17.71 68.26
C LEU I 278 -12.61 16.34 68.92
N ALA I 279 -13.09 15.31 68.22
CA ALA I 279 -13.02 13.95 68.74
C ALA I 279 -11.57 13.47 68.82
N MET I 280 -10.76 13.81 67.82
CA MET I 280 -9.35 13.41 67.84
C MET I 280 -8.60 14.09 68.98
N LEU I 281 -8.88 15.37 69.23
CA LEU I 281 -8.20 16.09 70.31
C LEU I 281 -8.64 15.59 71.68
N GLU I 282 -9.89 15.14 71.81
CA GLU I 282 -10.36 14.65 73.10
C GLU I 282 -9.69 13.33 73.49
N ARG I 283 -9.37 12.48 72.51
CA ARG I 283 -8.67 11.24 72.81
C ARG I 283 -7.26 11.52 73.31
N PHE I 284 -6.53 12.39 72.62
CA PHE I 284 -5.16 12.73 72.99
C PHE I 284 -5.18 14.10 73.68
N GLN I 285 -5.50 14.08 74.98
CA GLN I 285 -5.55 15.31 75.75
C GLN I 285 -4.92 15.21 77.13
N ASP I 286 -4.62 14.02 77.63
CA ASP I 286 -4.07 13.85 78.96
C ASP I 286 -2.73 13.15 78.98
N GLY I 287 -2.51 12.15 78.13
CA GLY I 287 -1.30 11.38 78.12
C GLY I 287 -1.34 10.11 78.94
N ASP I 288 -2.28 10.01 79.88
CA ASP I 288 -2.48 8.82 80.69
C ASP I 288 -3.87 8.26 80.45
N ASN I 289 -4.01 6.95 80.72
CA ASN I 289 -5.20 6.14 80.40
C ASN I 289 -5.80 6.52 79.05
N ILE I 290 -4.92 6.54 78.03
CA ILE I 290 -5.31 6.98 76.70
C ILE I 290 -6.19 5.91 76.04
N LEU I 291 -7.14 6.38 75.23
CA LEU I 291 -8.05 5.50 74.48
C LEU I 291 -7.76 5.70 73.00
N GLU I 292 -6.80 4.93 72.49
CA GLU I 292 -6.49 4.97 71.07
C GLU I 292 -7.62 4.38 70.25
N LYS I 293 -7.74 4.85 69.01
CA LYS I 293 -8.72 4.28 68.09
C LYS I 293 -8.30 2.87 67.71
N GLU I 294 -9.23 1.92 67.85
CA GLU I 294 -8.94 0.54 67.47
C GLU I 294 -8.78 0.44 65.95
N VAL I 295 -7.79 -0.34 65.52
CA VAL I 295 -7.39 -0.37 64.13
C VAL I 295 -8.10 -1.53 63.43
N LEU I 296 -9.03 -1.19 62.54
CA LEU I 296 -9.62 -2.20 61.68
C LEU I 296 -8.61 -2.61 60.61
N PRO I 297 -8.73 -3.82 60.07
CA PRO I 297 -7.89 -4.20 58.94
C PRO I 297 -8.19 -3.32 57.75
N PRO I 298 -7.19 -3.07 56.89
CA PRO I 298 -7.41 -2.21 55.72
C PRO I 298 -8.47 -2.77 54.79
N ILE I 299 -9.29 -1.87 54.25
CA ILE I 299 -10.42 -2.23 53.39
C ILE I 299 -10.18 -1.64 52.02
N HIS I 300 -10.32 -2.48 50.99
CA HIS I 300 -10.12 -2.03 49.62
C HIS I 300 -11.21 -1.08 49.15
N ALA I 301 -12.35 -1.03 49.85
CA ALA I 301 -13.43 -0.13 49.46
C ALA I 301 -13.04 1.32 49.64
N TYR I 302 -12.53 1.68 50.81
CA TYR I 302 -12.22 3.06 51.14
C TYR I 302 -10.79 3.43 50.74
N GLY I 303 -10.45 3.17 49.49
CA GLY I 303 -9.10 3.46 49.01
C GLY I 303 -8.08 2.56 49.69
N ASN I 304 -7.08 3.18 50.29
CA ASN I 304 -6.03 2.48 51.02
C ASN I 304 -5.79 3.11 52.39
N ARG I 305 -6.80 3.77 52.94
CA ARG I 305 -6.67 4.45 54.22
C ARG I 305 -6.66 3.44 55.37
N THR I 306 -6.06 3.84 56.47
CA THR I 306 -5.96 3.05 57.70
C THR I 306 -6.34 3.92 58.90
N GLU I 307 -7.49 4.59 58.78
CA GLU I 307 -8.04 5.50 59.79
C GLU I 307 -7.10 6.67 60.08
N CYS I 308 -7.34 7.37 61.18
CA CYS I 308 -6.53 8.51 61.59
C CYS I 308 -6.21 8.35 63.07
N ARG I 309 -5.00 7.87 63.38
CA ARG I 309 -4.57 7.67 64.75
C ARG I 309 -3.83 8.88 65.32
N ASN I 310 -3.68 9.95 64.54
CA ASN I 310 -3.00 11.15 64.99
C ASN I 310 -3.78 12.37 64.52
N PRO I 311 -3.72 13.48 65.28
CA PRO I 311 -4.35 14.72 64.80
C PRO I 311 -3.62 15.36 63.64
N GLN I 312 -2.34 15.03 63.42
CA GLN I 312 -1.58 15.67 62.36
C GLN I 312 -2.03 15.21 60.98
N GLU I 313 -2.30 13.91 60.81
CA GLU I 313 -2.73 13.41 59.52
C GLU I 313 -4.14 13.88 59.16
N LEU I 314 -4.97 14.15 60.17
CA LEU I 314 -6.30 14.70 59.90
C LEU I 314 -6.21 16.14 59.40
N GLU I 315 -5.21 16.90 59.88
CA GLU I 315 -5.04 18.27 59.43
C GLU I 315 -4.60 18.34 57.98
N SER I 316 -3.78 17.37 57.54
CA SER I 316 -3.25 17.38 56.18
C SER I 316 -4.34 17.11 55.14
N ILE I 317 -5.45 16.50 55.53
CA ILE I 317 -6.55 16.20 54.62
C ILE I 317 -7.76 17.07 54.91
N ARG I 318 -7.55 18.21 55.60
CA ARG I 318 -8.66 19.10 55.92
C ARG I 318 -9.24 19.75 54.66
N GLN I 319 -8.37 20.18 53.75
CA GLN I 319 -8.81 20.84 52.52
C GLN I 319 -9.17 19.86 51.41
N ASP I 320 -8.99 18.56 51.64
CA ASP I 320 -9.34 17.54 50.65
C ASP I 320 -10.71 16.98 51.01
N ARG I 321 -11.70 17.27 50.17
CA ARG I 321 -13.05 16.79 50.41
C ARG I 321 -13.16 15.28 50.21
N ASP I 322 -12.42 14.74 49.24
CA ASP I 322 -12.50 13.31 48.94
C ASP I 322 -11.93 12.47 50.07
N ALA I 323 -10.84 12.93 50.69
CA ALA I 323 -10.22 12.15 51.76
C ALA I 323 -11.05 12.15 53.03
N LEU I 324 -11.73 13.26 53.33
CA LEU I 324 -12.52 13.36 54.56
C LEU I 324 -13.72 12.43 54.53
N HIS I 325 -14.40 12.32 53.38
CA HIS I 325 -15.55 11.43 53.28
C HIS I 325 -15.13 9.97 53.40
N MET I 326 -14.00 9.61 52.79
CA MET I 326 -13.51 8.23 52.88
C MET I 326 -13.03 7.92 54.29
N GLU I 327 -12.44 8.90 54.98
CA GLU I 327 -12.00 8.68 56.36
C GLU I 327 -13.18 8.46 57.29
N GLY I 328 -14.26 9.22 57.11
CA GLY I 328 -15.42 9.09 57.97
C GLY I 328 -16.19 7.79 57.78
N LEU I 329 -16.07 7.16 56.61
CA LEU I 329 -16.76 5.90 56.38
C LEU I 329 -16.16 4.77 57.20
N ILE I 330 -14.84 4.81 57.44
CA ILE I 330 -14.18 3.73 58.19
C ILE I 330 -14.59 3.78 59.66
N VAL I 331 -14.58 4.96 60.25
CA VAL I 331 -14.91 5.08 61.68
C VAL I 331 -16.40 4.84 61.91
N ARG I 332 -17.25 5.23 60.97
CA ARG I 332 -18.68 4.95 61.10
C ARG I 332 -18.95 3.45 61.04
N GLU I 333 -18.26 2.75 60.14
CA GLU I 333 -18.37 1.29 60.10
C GLU I 333 -17.81 0.66 61.36
N ARG I 334 -16.72 1.23 61.89
CA ARG I 334 -16.10 0.69 63.09
C ARG I 334 -17.03 0.81 64.31
N ILE I 335 -17.67 1.97 64.48
CA ILE I 335 -18.53 2.18 65.65
C ILE I 335 -19.81 1.36 65.53
N LEU I 336 -20.45 1.40 64.37
CA LEU I 336 -21.76 0.78 64.19
C LEU I 336 -21.69 -0.68 63.77
N GLY I 337 -20.49 -1.19 63.46
CA GLY I 337 -20.41 -2.57 63.02
C GLY I 337 -20.95 -2.75 61.61
N ALA I 338 -21.24 -4.01 61.28
CA ALA I 338 -21.77 -4.38 59.98
C ALA I 338 -23.19 -4.93 60.07
N ASP I 339 -23.92 -4.61 61.14
CA ASP I 339 -25.28 -5.11 61.34
C ASP I 339 -26.32 -4.01 61.46
N ASN I 340 -25.91 -2.75 61.27
CA ASN I 340 -26.86 -1.64 61.36
C ASN I 340 -27.70 -1.56 60.10
N ILE I 341 -28.92 -1.04 60.25
CA ILE I 341 -29.83 -0.90 59.12
C ILE I 341 -29.33 0.16 58.16
N ASP I 342 -28.91 1.31 58.68
CA ASP I 342 -28.45 2.44 57.87
C ASP I 342 -26.94 2.54 57.83
N VAL I 343 -26.24 1.41 57.92
CA VAL I 343 -24.78 1.44 57.83
C VAL I 343 -24.32 1.65 56.40
N SER I 344 -25.17 1.36 55.41
CA SER I 344 -24.82 1.50 54.01
C SER I 344 -25.47 2.71 53.35
N HIS I 345 -26.41 3.37 54.01
CA HIS I 345 -27.04 4.55 53.42
C HIS I 345 -26.04 5.70 53.19
N PRO I 346 -25.14 6.05 54.12
CA PRO I 346 -24.08 7.00 53.74
C PRO I 346 -23.18 6.50 52.63
N ILE I 347 -22.94 5.18 52.56
CA ILE I 347 -22.17 4.61 51.46
C ILE I 347 -22.90 4.81 50.14
N ILE I 348 -24.22 4.59 50.14
CA ILE I 348 -25.02 4.80 48.93
C ILE I 348 -25.01 6.27 48.53
N TYR I 349 -25.11 7.17 49.51
CA TYR I 349 -25.08 8.60 49.20
C TYR I 349 -23.73 9.02 48.62
N ARG I 350 -22.64 8.52 49.19
CA ARG I 350 -21.31 8.84 48.67
C ARG I 350 -21.13 8.26 47.27
N GLY I 351 -21.64 7.06 47.03
CA GLY I 351 -21.60 6.49 45.69
C GLY I 351 -22.38 7.30 44.69
N ALA I 352 -23.56 7.79 45.08
CA ALA I 352 -24.35 8.63 44.19
C ALA I 352 -23.64 9.95 43.89
N VAL I 353 -23.02 10.54 44.91
CA VAL I 353 -22.29 11.79 44.71
C VAL I 353 -21.11 11.59 43.77
N TYR I 354 -20.36 10.49 43.96
CA TYR I 354 -19.21 10.21 43.10
C TYR I 354 -19.66 9.87 41.68
N ALA I 355 -20.79 9.17 41.53
CA ALA I 355 -21.30 8.84 40.21
C ALA I 355 -21.78 10.09 39.47
N ASP I 356 -22.35 11.05 40.21
CA ASP I 356 -22.73 12.32 39.60
C ASP I 356 -21.53 13.19 39.23
N ASN I 357 -20.33 12.83 39.68
CA ASN I 357 -19.11 13.56 39.37
C ASN I 357 -18.22 12.81 38.37
N MET I 358 -18.81 11.94 37.55
CA MET I 358 -18.10 11.18 36.52
C MET I 358 -17.00 10.30 37.10
N GLU I 359 -17.22 9.75 38.29
CA GLU I 359 -16.36 8.75 38.89
C GLU I 359 -17.19 7.50 39.14
N PHE I 360 -16.64 6.34 38.80
CA PHE I 360 -17.45 5.12 38.85
C PHE I 360 -16.77 3.96 39.55
N GLU I 361 -15.43 3.93 39.56
CA GLU I 361 -14.72 2.82 40.20
C GLU I 361 -14.90 2.84 41.71
N GLN I 362 -14.84 4.02 42.32
CA GLN I 362 -15.10 4.14 43.75
C GLN I 362 -16.53 3.75 44.09
N CYS I 363 -17.47 4.14 43.22
CA CYS I 363 -18.87 3.72 43.40
C CYS I 363 -19.00 2.21 43.35
N ILE I 364 -18.31 1.57 42.41
CA ILE I 364 -18.38 0.13 42.27
C ILE I 364 -17.84 -0.56 43.52
N LYS I 365 -16.69 -0.08 44.02
CA LYS I 365 -16.09 -0.69 45.21
C LYS I 365 -16.98 -0.51 46.44
N LEU I 366 -17.43 0.72 46.69
CA LEU I 366 -18.26 1.00 47.86
C LEU I 366 -19.58 0.24 47.79
N TRP I 367 -20.22 0.21 46.62
CA TRP I 367 -21.49 -0.49 46.49
C TRP I 367 -21.32 -2.00 46.57
N LEU I 368 -20.20 -2.54 46.09
CA LEU I 368 -19.94 -3.96 46.24
C LEU I 368 -19.77 -4.34 47.70
N HIS I 369 -19.02 -3.53 48.46
CA HIS I 369 -18.85 -3.84 49.88
C HIS I 369 -20.15 -3.66 50.66
N ALA I 370 -20.93 -2.63 50.31
CA ALA I 370 -22.23 -2.44 50.96
C ALA I 370 -23.18 -3.58 50.63
N LEU I 371 -23.15 -4.06 49.38
CA LEU I 371 -23.98 -5.19 48.98
C LEU I 371 -23.57 -6.46 49.71
N HIS I 372 -22.26 -6.68 49.88
CA HIS I 372 -21.80 -7.82 50.65
C HIS I 372 -22.27 -7.74 52.10
N LEU I 373 -22.19 -6.54 52.69
CA LEU I 373 -22.63 -6.35 54.07
C LEU I 373 -24.12 -6.58 54.22
N ARG I 374 -24.91 -6.10 53.27
CA ARG I 374 -26.36 -6.23 53.36
C ARG I 374 -26.81 -7.66 53.08
N GLN I 375 -26.14 -8.34 52.14
CA GLN I 375 -26.48 -9.74 51.87
C GLN I 375 -26.08 -10.64 53.02
N LYS I 376 -24.97 -10.32 53.69
CA LYS I 376 -24.59 -11.06 54.89
C LYS I 376 -25.54 -10.80 56.06
N GLY I 377 -26.27 -9.68 56.02
CA GLY I 377 -27.23 -9.33 57.04
C GLY I 377 -28.65 -9.77 56.79
N ASN I 378 -28.87 -10.64 55.79
CA ASN I 378 -30.19 -11.16 55.43
C ASN I 378 -31.17 -10.03 55.11
N ARG I 379 -30.71 -9.04 54.36
CA ARG I 379 -31.51 -7.90 53.97
C ARG I 379 -31.93 -8.00 52.50
N ASN I 380 -32.93 -7.21 52.14
CA ASN I 380 -33.41 -7.16 50.76
C ASN I 380 -32.49 -6.24 49.97
N THR I 381 -31.66 -6.83 49.10
CA THR I 381 -30.67 -6.08 48.32
C THR I 381 -31.05 -6.01 46.83
N HIS I 382 -32.32 -6.18 46.50
CA HIS I 382 -32.75 -6.06 45.11
C HIS I 382 -32.58 -4.63 44.62
N LYS I 383 -32.80 -3.65 45.49
CA LYS I 383 -32.57 -2.25 45.12
C LYS I 383 -31.09 -1.98 44.91
N ASP I 384 -30.21 -2.64 45.67
CA ASP I 384 -28.78 -2.47 45.48
C ASP I 384 -28.33 -3.04 44.14
N LEU I 385 -28.87 -4.20 43.75
CA LEU I 385 -28.57 -4.75 42.42
C LEU I 385 -29.17 -3.88 41.32
N LEU I 386 -30.33 -3.27 41.57
CA LEU I 386 -30.88 -2.30 40.62
C LEU I 386 -29.93 -1.14 40.43
N ARG I 387 -29.43 -0.58 41.53
CA ARG I 387 -28.49 0.54 41.47
C ARG I 387 -27.21 0.13 40.75
N PHE I 388 -26.77 -1.11 40.96
CA PHE I 388 -25.66 -1.65 40.19
C PHE I 388 -25.98 -1.66 38.69
N ALA I 389 -27.22 -2.03 38.35
CA ALA I 389 -27.61 -2.05 36.94
C ALA I 389 -27.55 -0.66 36.33
N GLN I 390 -28.07 0.36 37.04
CA GLN I 390 -27.99 1.71 36.46
C GLN I 390 -26.55 2.22 36.40
N VAL I 391 -25.73 1.93 37.41
CA VAL I 391 -24.37 2.45 37.37
C VAL I 391 -23.55 1.77 36.26
N PHE I 392 -23.78 0.48 36.01
CA PHE I 392 -23.14 -0.15 34.88
C PHE I 392 -23.71 0.35 33.57
N SER I 393 -24.98 0.78 33.58
CA SER I 393 -25.57 1.39 32.38
C SER I 393 -24.90 2.72 32.04
N GLN I 394 -24.68 3.58 33.03
CA GLN I 394 -23.90 4.79 32.78
C GLN I 394 -22.45 4.49 32.41
N MET I 395 -21.86 3.44 32.99
CA MET I 395 -20.50 3.08 32.61
C MET I 395 -20.42 2.68 31.14
N ILE I 396 -21.38 1.89 30.68
CA ILE I 396 -21.38 1.46 29.28
C ILE I 396 -21.72 2.62 28.35
N HIS I 397 -22.71 3.44 28.73
CA HIS I 397 -23.19 4.50 27.85
C HIS I 397 -22.13 5.57 27.61
N LEU I 398 -21.36 5.91 28.63
CA LEU I 398 -20.33 6.93 28.52
C LEU I 398 -19.01 6.40 27.99
N ASN I 399 -19.03 5.22 27.34
CA ASN I 399 -17.85 4.61 26.72
C ASN I 399 -16.73 4.39 27.72
N GLU I 400 -17.09 3.99 28.93
CA GLU I 400 -16.13 3.70 29.98
C GLU I 400 -15.97 2.19 30.15
N THR I 401 -14.74 1.76 30.38
CA THR I 401 -14.47 0.33 30.56
C THR I 401 -15.12 -0.19 31.82
N VAL I 402 -15.65 -1.41 31.74
CA VAL I 402 -16.33 -2.06 32.86
C VAL I 402 -15.45 -3.20 33.35
N LYS I 403 -15.18 -3.20 34.66
CA LYS I 403 -14.32 -4.21 35.25
C LYS I 403 -15.02 -5.57 35.24
N ALA I 404 -14.29 -6.61 34.84
CA ALA I 404 -14.82 -7.95 34.72
C ALA I 404 -14.93 -8.69 36.06
N PRO I 405 -13.93 -8.64 36.97
CA PRO I 405 -14.18 -9.22 38.30
C PRO I 405 -15.33 -8.56 39.06
N ASP I 406 -15.51 -7.24 38.89
CA ASP I 406 -16.59 -6.55 39.56
C ASP I 406 -17.96 -7.00 39.02
N ILE I 407 -18.08 -7.11 37.69
CA ILE I 407 -19.35 -7.55 37.13
C ILE I 407 -19.59 -9.02 37.46
N GLU I 408 -18.54 -9.84 37.57
CA GLU I 408 -18.72 -11.21 38.00
C GLU I 408 -19.19 -11.29 39.45
N CYS I 409 -18.64 -10.44 40.31
CA CYS I 409 -19.06 -10.42 41.71
C CYS I 409 -20.50 -9.96 41.85
N VAL I 410 -20.90 -8.93 41.09
CA VAL I 410 -22.29 -8.50 41.18
C VAL I 410 -23.22 -9.53 40.55
N LEU I 411 -22.75 -10.26 39.54
CA LEU I 411 -23.58 -11.31 38.94
C LEU I 411 -23.80 -12.46 39.92
N ARG I 412 -22.75 -12.90 40.62
CA ARG I 412 -22.94 -13.98 41.59
C ARG I 412 -23.73 -13.52 42.79
N CYS I 413 -23.60 -12.25 43.18
CA CYS I 413 -24.45 -11.70 44.23
C CYS I 413 -25.91 -11.68 43.80
N SER I 414 -26.17 -11.35 42.53
CA SER I 414 -27.53 -11.38 42.02
C SER I 414 -28.09 -12.80 41.98
N VAL I 415 -27.24 -13.78 41.61
CA VAL I 415 -27.66 -15.17 41.64
C VAL I 415 -28.03 -15.60 43.05
N LEU I 416 -27.21 -15.21 44.03
CA LEU I 416 -27.54 -15.49 45.42
C LEU I 416 -28.85 -14.83 45.82
N GLU I 417 -29.06 -13.56 45.41
CA GLU I 417 -30.28 -12.85 45.78
C GLU I 417 -31.50 -13.52 45.16
N ILE I 418 -31.36 -14.08 43.96
CA ILE I 418 -32.40 -14.92 43.39
C ILE I 418 -32.65 -16.13 44.30
N GLU I 419 -31.58 -16.72 44.83
CA GLU I 419 -31.73 -17.89 45.70
C GLU I 419 -32.53 -17.55 46.96
N GLN I 420 -32.13 -16.49 47.69
CA GLN I 420 -32.92 -16.15 48.88
C GLN I 420 -34.30 -15.58 48.53
N SER I 421 -34.47 -14.97 47.36
CA SER I 421 -35.81 -14.54 46.96
C SER I 421 -36.73 -15.73 46.76
N MET I 422 -36.23 -16.77 46.12
CA MET I 422 -37.00 -18.01 45.99
C MET I 422 -37.25 -18.65 47.34
N ASN I 423 -36.26 -18.58 48.23
CA ASN I 423 -36.44 -19.12 49.58
C ASN I 423 -37.54 -18.39 50.35
N ARG I 424 -37.57 -17.06 50.24
CA ARG I 424 -38.61 -16.28 50.89
C ARG I 424 -39.98 -16.53 50.26
N VAL I 425 -40.01 -16.71 48.94
CA VAL I 425 -41.28 -17.00 48.26
C VAL I 425 -41.83 -18.34 48.71
N LYS I 426 -40.97 -19.37 48.78
CA LYS I 426 -41.43 -20.70 49.15
C LYS I 426 -41.68 -20.85 50.64
N ASN I 427 -41.23 -19.91 51.46
CA ASN I 427 -41.44 -19.95 52.91
C ASN I 427 -42.67 -19.17 53.36
N ILE I 428 -42.74 -17.88 53.00
CA ILE I 428 -43.88 -17.06 53.38
C ILE I 428 -45.08 -17.44 52.53
N SER I 429 -46.20 -17.75 53.18
CA SER I 429 -47.40 -18.19 52.46
C SER I 429 -48.18 -17.00 51.92
N ASP I 430 -48.70 -16.15 52.80
CA ASP I 430 -49.50 -15.01 52.38
C ASP I 430 -49.24 -13.73 53.15
N ALA I 431 -48.26 -13.71 54.07
CA ALA I 431 -48.01 -12.51 54.86
C ALA I 431 -47.48 -11.37 54.00
N ASP I 432 -46.44 -11.64 53.21
CA ASP I 432 -45.86 -10.64 52.32
C ASP I 432 -45.46 -11.25 50.98
N VAL I 433 -46.22 -12.26 50.53
CA VAL I 433 -45.85 -12.99 49.32
C VAL I 433 -45.96 -12.11 48.08
N HIS I 434 -46.89 -11.14 48.08
CA HIS I 434 -47.01 -10.23 46.95
C HIS I 434 -45.77 -9.35 46.80
N ASN I 435 -45.32 -8.76 47.91
CA ASN I 435 -44.12 -7.93 47.88
C ASN I 435 -42.89 -8.77 47.59
N ALA I 436 -42.85 -10.01 48.10
CA ALA I 436 -41.74 -10.90 47.80
C ALA I 436 -41.68 -11.23 46.32
N MET I 437 -42.82 -11.50 45.70
CA MET I 437 -42.87 -11.78 44.27
C MET I 437 -42.49 -10.55 43.45
N ASP I 438 -42.93 -9.37 43.89
CA ASP I 438 -42.58 -8.14 43.19
C ASP I 438 -41.07 -7.90 43.22
N ASN I 439 -40.47 -8.00 44.40
CA ASN I 439 -39.02 -7.82 44.52
C ASN I 439 -38.25 -8.93 43.80
N TYR I 440 -38.82 -10.14 43.76
CA TYR I 440 -38.21 -11.27 43.07
C TYR I 440 -38.18 -11.04 41.56
N GLU I 441 -39.30 -10.57 41.00
CA GLU I 441 -39.31 -10.20 39.59
C GLU I 441 -38.36 -9.03 39.33
N CYS I 442 -38.29 -8.09 40.26
CA CYS I 442 -37.41 -6.93 40.09
C CYS I 442 -35.94 -7.37 40.03
N ASN I 443 -35.50 -8.22 40.96
CA ASN I 443 -34.10 -8.63 40.94
C ASN I 443 -33.82 -9.61 39.81
N LEU I 444 -34.81 -10.36 39.34
CA LEU I 444 -34.63 -11.12 38.10
C LEU I 444 -34.38 -10.19 36.93
N TYR I 445 -35.12 -9.08 36.85
CA TYR I 445 -34.89 -8.09 35.81
C TYR I 445 -33.50 -7.47 35.95
N THR I 446 -33.05 -7.21 37.18
CA THR I 446 -31.70 -6.69 37.37
C THR I 446 -30.64 -7.68 36.92
N PHE I 447 -30.87 -8.97 37.17
CA PHE I 447 -29.96 -9.99 36.65
C PHE I 447 -29.93 -9.98 35.13
N LEU I 448 -31.09 -9.81 34.50
CA LEU I 448 -31.12 -9.70 33.04
C LEU I 448 -30.33 -8.50 32.55
N TYR I 449 -30.47 -7.36 33.23
CA TYR I 449 -29.73 -6.16 32.85
C TYR I 449 -28.22 -6.38 33.03
N LEU I 450 -27.83 -7.06 34.11
CA LEU I 450 -26.41 -7.34 34.33
C LEU I 450 -25.86 -8.29 33.28
N VAL I 451 -26.66 -9.26 32.85
CA VAL I 451 -26.24 -10.15 31.76
C VAL I 451 -26.08 -9.36 30.46
N CYS I 452 -26.99 -8.42 30.21
CA CYS I 452 -26.87 -7.57 29.02
C CYS I 452 -25.61 -6.71 29.09
N ILE I 453 -25.29 -6.18 30.27
CA ILE I 453 -24.06 -5.41 30.45
C ILE I 453 -22.84 -6.29 30.21
N SER I 454 -22.87 -7.52 30.71
CA SER I 454 -21.76 -8.44 30.51
C SER I 454 -21.56 -8.77 29.03
N THR I 455 -22.67 -8.92 28.29
CA THR I 455 -22.56 -9.11 26.85
C THR I 455 -21.99 -7.87 26.18
N LYS I 456 -22.36 -6.69 26.66
CA LYS I 456 -21.85 -5.44 26.11
C LYS I 456 -20.51 -5.02 26.70
N THR I 457 -19.83 -5.90 27.42
CA THR I 457 -18.54 -5.62 28.01
C THR I 457 -17.50 -6.59 27.46
N GLN I 458 -16.40 -6.05 26.95
CA GLN I 458 -15.30 -6.86 26.46
C GLN I 458 -14.43 -7.28 27.65
N CYS I 459 -14.39 -8.59 27.92
CA CYS I 459 -13.66 -9.12 29.06
C CYS I 459 -12.78 -10.28 28.60
N SER I 460 -12.00 -10.82 29.53
CA SER I 460 -11.08 -11.89 29.23
C SER I 460 -11.82 -13.23 29.11
N GLU I 461 -11.07 -14.25 28.67
CA GLU I 461 -11.66 -15.58 28.50
C GLU I 461 -12.05 -16.20 29.83
N GLU I 462 -11.20 -16.05 30.85
CA GLU I 462 -11.50 -16.63 32.16
C GLU I 462 -12.67 -15.93 32.83
N ASP I 463 -12.72 -14.59 32.70
CA ASP I 463 -13.82 -13.83 33.29
C ASP I 463 -15.15 -14.19 32.63
N GLN I 464 -15.15 -14.31 31.29
CA GLN I 464 -16.35 -14.75 30.60
C GLN I 464 -16.71 -16.17 30.97
N CYS I 465 -15.71 -17.03 31.20
CA CYS I 465 -15.97 -18.41 31.59
C CYS I 465 -16.66 -18.48 32.96
N LYS I 466 -16.17 -17.70 33.93
CA LYS I 466 -16.80 -17.76 35.24
C LYS I 466 -18.16 -17.05 35.26
N ILE I 467 -18.32 -16.01 34.43
CA ILE I 467 -19.65 -15.40 34.28
C ILE I 467 -20.62 -16.41 33.68
N ASN I 468 -20.18 -17.16 32.68
CA ASN I 468 -21.01 -18.20 32.07
C ASN I 468 -21.33 -19.30 33.06
N LYS I 469 -20.37 -19.65 33.93
CA LYS I 469 -20.63 -20.64 34.96
C LYS I 469 -21.68 -20.16 35.95
N GLN I 470 -21.61 -18.88 36.34
CA GLN I 470 -22.60 -18.32 37.25
C GLN I 470 -24.00 -18.30 36.62
N ILE I 471 -24.07 -17.90 35.34
CA ILE I 471 -25.35 -17.90 34.63
C ILE I 471 -25.87 -19.33 34.48
N TYR I 472 -24.96 -20.28 34.25
CA TYR I 472 -25.32 -21.70 34.19
C TYR I 472 -25.95 -22.17 35.50
N ASN I 473 -25.35 -21.77 36.62
CA ASN I 473 -25.90 -22.13 37.93
C ASN I 473 -27.28 -21.52 38.13
N LEU I 474 -27.45 -20.24 37.79
CA LEU I 474 -28.73 -19.59 38.01
C LEU I 474 -29.82 -20.19 37.13
N ILE I 475 -29.51 -20.48 35.87
CA ILE I 475 -30.50 -21.11 34.99
C ILE I 475 -30.81 -22.52 35.45
N HIS I 476 -29.82 -23.24 35.98
CA HIS I 476 -30.09 -24.55 36.56
C HIS I 476 -30.96 -24.46 37.80
N LEU I 477 -30.96 -23.31 38.51
CA LEU I 477 -31.98 -23.13 39.53
C LEU I 477 -33.36 -22.95 38.91
N ASP I 478 -33.43 -22.35 37.71
CA ASP I 478 -34.64 -22.12 36.91
C ASP I 478 -35.68 -21.29 37.67
N PRO I 479 -35.44 -19.99 37.86
CA PRO I 479 -36.47 -19.15 38.50
C PRO I 479 -37.54 -18.75 37.49
N ARG I 480 -38.79 -18.73 37.96
CA ARG I 480 -39.95 -18.44 37.12
C ARG I 480 -40.76 -17.32 37.73
N THR I 481 -41.24 -16.42 36.88
CA THR I 481 -42.01 -15.26 37.33
C THR I 481 -43.46 -15.66 37.60
N ARG I 482 -44.33 -14.65 37.75
CA ARG I 482 -45.73 -14.91 38.06
C ARG I 482 -46.44 -15.63 36.92
N GLU I 483 -46.18 -15.22 35.68
CA GLU I 483 -46.81 -15.83 34.52
C GLU I 483 -46.02 -17.00 33.96
N GLY I 484 -44.91 -17.37 34.60
CA GLY I 484 -44.13 -18.52 34.18
C GLY I 484 -42.99 -18.21 33.24
N PHE I 485 -42.66 -16.94 33.04
CA PHE I 485 -41.55 -16.59 32.15
C PHE I 485 -40.22 -16.98 32.80
N THR I 486 -39.39 -17.67 32.03
CA THR I 486 -38.04 -18.02 32.48
C THR I 486 -37.08 -16.90 32.08
N LEU I 487 -35.79 -17.16 32.22
CA LEU I 487 -34.79 -16.20 31.75
C LEU I 487 -34.84 -16.06 30.23
N LEU I 488 -35.03 -17.18 29.53
CA LEU I 488 -35.10 -17.13 28.07
C LEU I 488 -36.35 -16.40 27.61
N HIS I 489 -37.46 -16.56 28.33
CA HIS I 489 -38.68 -15.85 27.97
C HIS I 489 -38.54 -14.36 28.13
N LEU I 490 -37.91 -13.91 29.22
CA LEU I 490 -37.78 -12.48 29.49
C LEU I 490 -36.74 -11.83 28.57
N ALA I 491 -35.67 -12.54 28.25
CA ALA I 491 -34.67 -12.03 27.33
C ALA I 491 -35.17 -12.00 25.89
N VAL I 492 -36.32 -12.62 25.62
CA VAL I 492 -36.91 -12.62 24.28
C VAL I 492 -38.13 -11.72 24.18
N ASN I 493 -38.94 -11.63 25.24
CA ASN I 493 -40.17 -10.84 25.20
C ASN I 493 -39.86 -9.35 25.05
N SER I 494 -40.53 -8.71 24.09
CA SER I 494 -40.40 -7.26 23.93
C SER I 494 -41.15 -6.51 25.03
N ASN I 495 -42.13 -7.14 25.66
CA ASN I 495 -42.89 -6.55 26.75
C ASN I 495 -42.20 -6.70 28.10
N THR I 496 -40.92 -7.03 28.11
CA THR I 496 -40.17 -7.12 29.35
C THR I 496 -40.01 -5.72 29.93
N PRO I 497 -40.45 -5.46 31.16
CA PRO I 497 -40.40 -4.10 31.70
C PRO I 497 -38.97 -3.65 31.99
N VAL I 498 -38.45 -2.78 31.14
CA VAL I 498 -37.12 -2.20 31.36
C VAL I 498 -37.26 -1.01 32.31
N ASP I 499 -36.21 -0.75 33.07
CA ASP I 499 -36.24 0.32 34.06
C ASP I 499 -36.33 1.68 33.37
N ASP I 500 -36.91 2.65 34.08
CA ASP I 500 -37.16 3.99 33.55
C ASP I 500 -35.95 4.90 33.61
N PHE I 501 -34.75 4.34 33.71
CA PHE I 501 -33.50 5.08 33.73
C PHE I 501 -32.69 4.72 32.49
N HIS I 502 -31.42 5.15 32.47
CA HIS I 502 -30.56 4.95 31.31
C HIS I 502 -30.23 3.48 31.04
N THR I 503 -30.72 2.54 31.85
CA THR I 503 -30.66 1.13 31.46
C THR I 503 -31.50 0.88 30.22
N ASN I 504 -32.57 1.65 30.03
CA ASN I 504 -33.35 1.56 28.79
C ASN I 504 -32.52 1.97 27.59
N ASP I 505 -31.60 2.92 27.76
CA ASP I 505 -30.71 3.32 26.68
C ASP I 505 -29.75 2.19 26.31
N VAL I 506 -29.31 1.42 27.31
CA VAL I 506 -28.32 0.36 27.09
C VAL I 506 -29.00 -0.98 26.87
N CYS I 507 -29.74 -1.44 27.88
CA CYS I 507 -30.38 -2.76 27.84
C CYS I 507 -31.73 -2.63 27.14
N SER I 508 -31.83 -3.20 25.94
CA SER I 508 -33.06 -3.23 25.17
C SER I 508 -33.46 -4.67 24.93
N PHE I 509 -34.70 -4.99 25.27
CA PHE I 509 -35.22 -6.34 25.10
C PHE I 509 -36.23 -6.38 23.96
N PRO I 510 -36.15 -7.36 23.04
CA PRO I 510 -35.26 -8.53 23.02
C PRO I 510 -33.81 -8.21 22.67
N ASN I 511 -32.88 -9.02 23.16
CA ASN I 511 -31.46 -8.85 22.92
C ASN I 511 -30.89 -10.13 22.32
N ALA I 512 -30.21 -9.99 21.19
CA ALA I 512 -29.64 -11.16 20.52
C ALA I 512 -28.46 -11.73 21.30
N LEU I 513 -27.64 -10.86 21.89
CA LEU I 513 -26.46 -11.32 22.61
C LEU I 513 -26.83 -12.02 23.91
N VAL I 514 -27.88 -11.55 24.59
CA VAL I 514 -28.29 -12.18 25.84
C VAL I 514 -28.86 -13.57 25.58
N THR I 515 -29.75 -13.70 24.60
CA THR I 515 -30.35 -14.99 24.29
C THR I 515 -29.32 -15.98 23.81
N LYS I 516 -28.36 -15.53 23.00
CA LYS I 516 -27.26 -16.40 22.58
C LYS I 516 -26.41 -16.82 23.78
N LEU I 517 -26.23 -15.91 24.75
CA LEU I 517 -25.44 -16.26 25.93
C LEU I 517 -26.16 -17.26 26.81
N LEU I 518 -27.48 -17.11 26.98
CA LEU I 518 -28.23 -18.03 27.83
C LEU I 518 -28.23 -19.44 27.27
N LEU I 519 -28.39 -19.58 25.96
CA LEU I 519 -28.38 -20.90 25.34
C LEU I 519 -26.99 -21.54 25.42
N ASP I 520 -25.93 -20.73 25.25
CA ASP I 520 -24.58 -21.26 25.38
C ASP I 520 -24.29 -21.69 26.82
N CYS I 521 -24.77 -20.93 27.80
CA CYS I 521 -24.67 -21.33 29.19
C CYS I 521 -25.52 -22.55 29.50
N GLY I 522 -26.56 -22.79 28.70
CA GLY I 522 -27.43 -23.93 28.92
C GLY I 522 -28.74 -23.53 29.56
N ALA I 523 -29.78 -23.42 28.75
CA ALA I 523 -31.10 -23.01 29.23
C ALA I 523 -32.16 -23.94 28.64
N GLU I 524 -33.27 -24.07 29.35
CA GLU I 524 -34.37 -24.88 28.87
C GLU I 524 -35.05 -24.16 27.71
N VAL I 525 -34.63 -24.49 26.49
CA VAL I 525 -35.13 -23.79 25.31
C VAL I 525 -36.58 -24.14 25.02
N ASN I 526 -37.07 -25.26 25.55
CA ASN I 526 -38.46 -25.66 25.37
C ASN I 526 -39.30 -25.39 26.61
N ALA I 527 -38.80 -24.59 27.55
CA ALA I 527 -39.57 -24.25 28.74
C ALA I 527 -40.79 -23.42 28.38
N VAL I 528 -41.87 -23.61 29.14
CA VAL I 528 -43.14 -22.96 28.85
C VAL I 528 -43.55 -22.10 30.04
N ASP I 529 -44.39 -21.11 29.76
CA ASP I 529 -44.96 -20.25 30.78
C ASP I 529 -46.29 -20.85 31.25
N ASN I 530 -47.08 -20.05 31.97
CA ASN I 530 -48.40 -20.51 32.39
C ASN I 530 -49.32 -20.74 31.21
N GLU I 531 -49.23 -19.89 30.18
CA GLU I 531 -50.00 -20.08 28.97
C GLU I 531 -49.43 -21.18 28.08
N GLY I 532 -48.24 -21.67 28.37
CA GLY I 532 -47.62 -22.70 27.56
C GLY I 532 -46.78 -22.19 26.41
N ASN I 533 -46.65 -20.88 26.25
CA ASN I 533 -45.82 -20.33 25.19
C ASN I 533 -44.35 -20.60 25.49
N SER I 534 -43.63 -21.09 24.48
CA SER I 534 -42.21 -21.39 24.64
C SER I 534 -41.39 -20.13 24.34
N ALA I 535 -40.06 -20.28 24.33
CA ALA I 535 -39.20 -19.15 23.98
C ALA I 535 -39.39 -18.75 22.52
N LEU I 536 -39.60 -19.74 21.64
CA LEU I 536 -39.85 -19.45 20.25
C LEU I 536 -41.22 -18.81 20.01
N HIS I 537 -42.18 -19.08 20.89
CA HIS I 537 -43.52 -18.50 20.75
C HIS I 537 -43.53 -16.99 20.96
N ILE I 538 -42.50 -16.44 21.59
CA ILE I 538 -42.48 -15.01 21.89
C ILE I 538 -41.64 -14.22 20.90
N ILE I 539 -40.55 -14.79 20.37
CA ILE I 539 -39.77 -14.08 19.37
C ILE I 539 -40.56 -13.94 18.07
N VAL I 540 -41.41 -14.91 17.75
CA VAL I 540 -42.29 -14.78 16.59
C VAL I 540 -43.44 -13.83 16.85
N GLN I 541 -43.69 -13.47 18.10
CA GLN I 541 -44.72 -12.50 18.45
C GLN I 541 -44.20 -11.07 18.45
N TYR I 542 -42.94 -10.89 18.04
CA TYR I 542 -42.33 -9.56 18.00
C TYR I 542 -43.03 -8.68 16.97
N ASN I 543 -43.33 -7.44 17.35
CA ASN I 543 -44.19 -6.58 16.56
C ASN I 543 -43.44 -5.78 15.50
N ARG I 544 -42.13 -5.65 15.60
CA ARG I 544 -41.34 -4.85 14.67
C ARG I 544 -40.19 -5.69 14.12
N PRO I 545 -40.47 -6.57 13.16
CA PRO I 545 -39.42 -7.45 12.65
C PRO I 545 -38.42 -6.77 11.74
N ILE I 546 -38.90 -5.85 10.88
CA ILE I 546 -38.02 -5.22 9.90
C ILE I 546 -37.04 -4.27 10.58
N SER I 547 -37.50 -3.55 11.62
CA SER I 547 -36.69 -2.47 12.20
C SER I 547 -35.39 -2.96 12.79
N ASP I 548 -35.41 -4.09 13.49
CA ASP I 548 -34.22 -4.69 14.09
C ASP I 548 -34.10 -6.14 13.64
N PHE I 549 -34.16 -6.34 12.32
CA PHE I 549 -34.03 -7.67 11.73
C PHE I 549 -32.71 -8.35 12.11
N LEU I 550 -31.68 -7.56 12.43
CA LEU I 550 -30.45 -8.13 12.97
C LEU I 550 -30.69 -8.87 14.28
N THR I 551 -31.60 -8.38 15.10
CA THR I 551 -31.88 -9.02 16.39
C THR I 551 -32.81 -10.22 16.22
N LEU I 552 -33.90 -10.04 15.48
CA LEU I 552 -34.89 -11.10 15.33
C LEU I 552 -34.32 -12.30 14.58
N HIS I 553 -33.43 -12.07 13.61
CA HIS I 553 -32.83 -13.18 12.90
C HIS I 553 -31.85 -13.94 13.78
N SER I 554 -31.08 -13.22 14.61
CA SER I 554 -30.08 -13.88 15.44
C SER I 554 -30.73 -14.70 16.54
N ILE I 555 -31.84 -14.22 17.11
CA ILE I 555 -32.50 -14.97 18.17
C ILE I 555 -33.14 -16.23 17.63
N ILE I 556 -33.83 -16.13 16.50
CA ILE I 556 -34.49 -17.30 15.91
C ILE I 556 -33.47 -18.32 15.46
N ILE I 557 -32.35 -17.87 14.87
CA ILE I 557 -31.28 -18.79 14.49
C ILE I 557 -30.70 -19.47 15.72
N SER I 558 -30.49 -18.70 16.80
CA SER I 558 -29.94 -19.27 18.03
C SER I 558 -30.92 -20.24 18.67
N LEU I 559 -32.22 -19.92 18.65
CA LEU I 559 -33.21 -20.75 19.33
C LEU I 559 -33.36 -22.11 18.64
N VAL I 560 -33.52 -22.10 17.32
CA VAL I 560 -33.72 -23.36 16.59
C VAL I 560 -32.46 -24.21 16.62
N GLU I 561 -31.29 -23.57 16.54
CA GLU I 561 -30.03 -24.31 16.62
C GLU I 561 -29.84 -24.94 17.98
N ALA I 562 -30.25 -24.24 19.05
CA ALA I 562 -30.11 -24.77 20.40
C ALA I 562 -31.01 -25.97 20.66
N GLY I 563 -32.08 -26.13 19.89
CA GLY I 563 -32.92 -27.30 20.02
C GLY I 563 -34.37 -27.00 20.30
N ALA I 564 -34.81 -25.76 20.03
CA ALA I 564 -36.20 -25.41 20.20
C ALA I 564 -37.07 -26.12 19.17
N HIS I 565 -38.16 -26.70 19.63
CA HIS I 565 -39.10 -27.39 18.74
C HIS I 565 -39.93 -26.33 18.01
N THR I 566 -39.74 -26.24 16.69
CA THR I 566 -40.53 -25.28 15.92
C THR I 566 -41.85 -25.88 15.46
N ASP I 567 -42.54 -26.57 16.37
CA ASP I 567 -43.90 -27.05 16.11
C ASP I 567 -44.74 -27.04 17.37
N MET I 568 -44.30 -26.34 18.42
CA MET I 568 -44.85 -26.51 19.76
C MET I 568 -46.27 -25.95 19.84
N THR I 569 -46.85 -26.04 21.02
CA THR I 569 -48.27 -25.71 21.20
C THR I 569 -48.49 -25.19 22.61
N ASN I 570 -49.06 -24.01 22.73
CA ASN I 570 -49.42 -23.44 24.01
C ASN I 570 -50.80 -23.94 24.45
N LYS I 571 -51.30 -23.42 25.56
CA LYS I 571 -52.62 -23.83 26.03
C LYS I 571 -53.75 -23.32 25.14
N GLN I 572 -53.47 -22.38 24.23
CA GLN I 572 -54.45 -21.92 23.27
C GLN I 572 -54.41 -22.70 21.97
N ASN I 573 -53.55 -23.73 21.88
CA ASN I 573 -53.42 -24.61 20.72
C ASN I 573 -53.04 -23.82 19.46
N LYS I 574 -51.86 -23.20 19.51
CA LYS I 574 -51.36 -22.43 18.39
C LYS I 574 -49.85 -22.66 18.25
N THR I 575 -49.43 -23.01 17.05
CA THR I 575 -48.02 -23.22 16.75
C THR I 575 -47.28 -21.89 16.74
N PRO I 576 -45.95 -21.91 16.94
CA PRO I 576 -45.18 -20.67 16.75
C PRO I 576 -45.27 -20.11 15.34
N LEU I 577 -45.46 -20.97 14.34
CA LEU I 577 -45.73 -20.48 12.99
C LEU I 577 -47.11 -19.83 12.92
N ASP I 578 -48.06 -20.28 13.75
CA ASP I 578 -49.38 -19.68 13.82
C ASP I 578 -49.41 -18.42 14.68
N LYS I 579 -48.36 -18.18 15.46
CA LYS I 579 -48.24 -16.96 16.26
C LYS I 579 -47.23 -15.98 15.65
N SER I 580 -46.93 -16.13 14.36
CA SER I 580 -45.90 -15.30 13.74
C SER I 580 -46.35 -13.85 13.57
N THR I 581 -47.64 -13.63 13.31
CA THR I 581 -48.33 -12.34 13.23
C THR I 581 -47.64 -11.31 12.32
N THR I 582 -46.69 -11.75 11.51
CA THR I 582 -45.93 -10.91 10.61
C THR I 582 -45.59 -11.72 9.36
N GLY I 583 -45.16 -11.01 8.31
CA GLY I 583 -44.67 -11.66 7.13
C GLY I 583 -43.19 -12.00 7.14
N VAL I 584 -42.47 -11.60 8.19
CA VAL I 584 -41.03 -11.79 8.28
C VAL I 584 -40.68 -12.96 9.20
N SER I 585 -41.29 -13.00 10.39
CA SER I 585 -40.99 -14.06 11.34
C SER I 585 -41.43 -15.42 10.83
N GLU I 586 -42.53 -15.47 10.06
CA GLU I 586 -42.94 -16.73 9.44
C GLU I 586 -41.90 -17.21 8.44
N ILE I 587 -41.34 -16.29 7.66
CA ILE I 587 -40.33 -16.65 6.67
C ILE I 587 -39.07 -17.17 7.36
N LEU I 588 -38.62 -16.49 8.41
CA LEU I 588 -37.42 -16.92 9.11
C LEU I 588 -37.64 -18.22 9.87
N LEU I 589 -38.85 -18.44 10.37
CA LEU I 589 -39.14 -19.70 11.05
C LEU I 589 -39.25 -20.85 10.06
N LYS I 590 -39.90 -20.62 8.92
CA LYS I 590 -40.14 -21.70 7.96
C LYS I 590 -38.84 -22.14 7.29
N THR I 591 -37.89 -21.23 7.07
CA THR I 591 -36.62 -21.60 6.49
C THR I 591 -35.71 -22.32 7.47
N GLN I 592 -36.05 -22.33 8.76
CA GLN I 592 -35.31 -23.07 9.77
C GLN I 592 -36.09 -24.25 10.33
N MET I 593 -37.26 -24.55 9.76
CA MET I 593 -38.11 -25.64 10.23
C MET I 593 -37.55 -26.96 9.70
N LYS I 594 -36.84 -27.69 10.55
CA LYS I 594 -36.41 -29.03 10.20
C LYS I 594 -37.57 -29.99 10.31
N MET I 595 -37.65 -30.93 9.37
CA MET I 595 -38.77 -31.85 9.30
C MET I 595 -38.50 -33.10 10.13
N SER I 596 -39.53 -33.61 10.79
CA SER I 596 -39.43 -34.84 11.57
C SER I 596 -40.73 -35.60 11.42
N LEU I 597 -40.62 -36.92 11.14
CA LEU I 597 -41.80 -37.76 11.05
C LEU I 597 -42.50 -37.87 12.40
N LYS I 598 -41.75 -37.76 13.49
CA LYS I 598 -42.37 -37.74 14.81
C LYS I 598 -43.23 -36.50 15.00
N CYS I 599 -42.84 -35.39 14.38
CA CYS I 599 -43.65 -34.17 14.47
C CYS I 599 -44.92 -34.27 13.66
N LEU I 600 -44.82 -34.78 12.42
CA LEU I 600 -45.99 -34.87 11.54
C LEU I 600 -47.02 -35.86 12.07
N ALA I 601 -46.55 -37.02 12.54
CA ALA I 601 -47.47 -38.02 13.06
C ALA I 601 -48.18 -37.54 14.32
N ALA I 602 -47.45 -36.87 15.23
CA ALA I 602 -48.08 -36.36 16.44
C ALA I 602 -49.02 -35.21 16.13
N ARG I 603 -48.67 -34.38 15.13
CA ARG I 603 -49.57 -33.32 14.71
C ARG I 603 -50.87 -33.88 14.13
N ALA I 604 -50.76 -34.96 13.33
CA ALA I 604 -51.96 -35.61 12.81
C ALA I 604 -52.76 -36.28 13.91
N VAL I 605 -52.09 -36.81 14.94
CA VAL I 605 -52.80 -37.39 16.08
C VAL I 605 -53.58 -36.31 16.82
N ARG I 606 -52.95 -35.15 17.07
CA ARG I 606 -53.64 -34.06 17.75
C ARG I 606 -54.77 -33.50 16.91
N ALA I 607 -54.59 -33.39 15.60
CA ALA I 607 -55.63 -32.84 14.74
C ALA I 607 -56.84 -33.78 14.67
N ASN I 608 -56.61 -35.08 14.61
CA ASN I 608 -57.69 -36.04 14.47
C ASN I 608 -58.31 -36.43 15.81
N ASP I 609 -57.79 -35.91 16.92
CA ASP I 609 -58.33 -36.15 18.27
C ASP I 609 -58.35 -37.64 18.61
N ILE I 610 -57.30 -38.35 18.21
CA ILE I 610 -57.17 -39.77 18.50
C ILE I 610 -56.75 -39.93 19.96
N ASN I 611 -57.42 -40.84 20.67
CA ASN I 611 -57.11 -41.10 22.07
C ASN I 611 -55.75 -41.78 22.17
N TYR I 612 -54.76 -41.04 22.64
CA TYR I 612 -53.39 -41.53 22.75
C TYR I 612 -53.04 -41.97 24.18
N GLN I 613 -54.02 -42.06 25.07
CA GLN I 613 -53.74 -42.41 26.45
C GLN I 613 -53.40 -43.90 26.57
N ASP I 614 -52.26 -44.19 27.20
CA ASP I 614 -51.80 -45.55 27.48
C ASP I 614 -51.61 -46.39 26.21
N GLN I 615 -51.41 -45.74 25.07
CA GLN I 615 -51.15 -46.41 23.81
C GLN I 615 -49.75 -46.13 23.28
N ILE I 616 -49.02 -45.21 23.92
CA ILE I 616 -47.72 -44.74 23.46
C ILE I 616 -46.78 -44.64 24.66
N PRO I 617 -45.47 -44.59 24.41
CA PRO I 617 -44.53 -44.40 25.52
C PRO I 617 -44.80 -43.13 26.32
N ARG I 618 -44.48 -43.18 27.61
CA ARG I 618 -44.71 -42.05 28.49
C ARG I 618 -43.89 -40.84 28.07
N THR I 619 -42.67 -41.07 27.61
CA THR I 619 -41.88 -39.98 27.03
C THR I 619 -42.56 -39.42 25.78
N LEU I 620 -43.11 -40.30 24.94
CA LEU I 620 -43.86 -39.86 23.78
C LEU I 620 -45.18 -39.19 24.16
N GLU I 621 -45.73 -39.50 25.35
CA GLU I 621 -46.94 -38.83 25.79
C GLU I 621 -46.71 -37.34 26.01
N GLU I 622 -45.55 -36.98 26.54
CA GLU I 622 -45.20 -35.57 26.63
C GLU I 622 -44.94 -34.97 25.25
N PHE I 623 -44.37 -35.77 24.34
CA PHE I 623 -44.06 -35.28 23.01
C PHE I 623 -45.33 -34.96 22.23
N VAL I 624 -46.34 -35.83 22.29
CA VAL I 624 -47.59 -35.59 21.58
C VAL I 624 -48.42 -34.54 22.29
N GLY I 625 -48.08 -34.21 23.54
CA GLY I 625 -48.85 -33.22 24.28
C GLY I 625 -48.79 -31.84 23.66
N PHE I 626 -47.76 -31.56 22.87
CA PHE I 626 -47.67 -30.31 22.15
C PHE I 626 -47.42 -30.46 20.66
N HIS I 627 -46.67 -31.46 20.21
CA HIS I 627 -46.71 -31.78 18.79
C HIS I 627 -48.04 -32.41 18.43
N THR J 21 -47.13 -58.97 18.33
CA THR J 21 -46.89 -57.81 19.18
C THR J 21 -46.64 -56.57 18.33
N SER J 22 -46.59 -55.41 18.99
CA SER J 22 -46.34 -54.14 18.32
C SER J 22 -45.47 -53.28 19.22
N LEU J 23 -45.35 -52.00 18.89
CA LEU J 23 -44.55 -51.05 19.65
C LEU J 23 -45.30 -50.46 20.83
N LYS J 24 -46.50 -50.94 21.11
CA LYS J 24 -47.26 -50.46 22.26
C LYS J 24 -46.54 -50.83 23.54
N PRO J 25 -46.51 -49.94 24.54
CA PRO J 25 -45.87 -50.27 25.82
C PRO J 25 -46.57 -51.41 26.52
N ARG J 26 -45.85 -52.52 26.68
CA ARG J 26 -46.37 -53.70 27.36
C ARG J 26 -45.53 -53.98 28.60
N VAL J 27 -46.18 -54.56 29.61
CA VAL J 27 -45.47 -54.92 30.84
C VAL J 27 -44.60 -56.14 30.54
N VAL J 28 -43.30 -55.91 30.39
CA VAL J 28 -42.36 -56.96 30.03
C VAL J 28 -41.73 -57.52 31.29
N ASP J 29 -41.24 -58.75 31.19
CA ASP J 29 -40.45 -59.36 32.25
C ASP J 29 -39.00 -58.92 32.06
N PHE J 30 -38.50 -58.13 33.01
CA PHE J 30 -37.17 -57.54 32.86
C PHE J 30 -36.07 -58.59 32.90
N ASP J 31 -36.30 -59.69 33.63
CA ASP J 31 -35.24 -60.68 33.83
C ASP J 31 -34.89 -61.40 32.54
N GLU J 32 -35.89 -61.92 31.82
CA GLU J 32 -35.59 -62.71 30.63
C GLU J 32 -35.11 -61.83 29.47
N THR J 33 -35.71 -60.65 29.31
CA THR J 33 -35.26 -59.72 28.29
C THR J 33 -33.84 -59.24 28.58
N TRP J 34 -33.55 -58.95 29.85
CA TRP J 34 -32.20 -58.55 30.22
C TRP J 34 -31.20 -59.68 30.08
N ASN J 35 -31.64 -60.93 30.26
CA ASN J 35 -30.73 -62.07 30.06
C ASN J 35 -30.40 -62.26 28.58
N LYS J 36 -31.41 -62.14 27.71
CA LYS J 36 -31.15 -62.21 26.27
C LYS J 36 -30.23 -61.07 25.84
N LEU J 37 -30.53 -59.86 26.33
CA LEU J 37 -29.67 -58.71 26.05
C LEU J 37 -28.28 -58.90 26.63
N LEU J 38 -28.15 -59.61 27.75
CA LEU J 38 -26.85 -59.87 28.35
C LEU J 38 -26.02 -60.81 27.48
N THR J 39 -26.66 -61.86 26.97
CA THR J 39 -25.95 -62.76 26.05
C THR J 39 -25.48 -62.01 24.82
N THR J 40 -26.36 -61.18 24.24
CA THR J 40 -25.97 -60.44 23.04
C THR J 40 -24.90 -59.39 23.35
N ILE J 41 -24.99 -58.72 24.49
CA ILE J 41 -24.03 -57.67 24.81
C ILE J 41 -22.66 -58.29 25.10
N LYS J 42 -22.61 -59.47 25.71
CA LYS J 42 -21.34 -60.18 25.85
C LYS J 42 -20.78 -60.55 24.50
N ALA J 43 -21.61 -61.12 23.62
CA ALA J 43 -21.15 -61.54 22.31
C ALA J 43 -20.72 -60.37 21.44
N VAL J 44 -21.19 -59.15 21.71
CA VAL J 44 -20.83 -58.02 20.87
C VAL J 44 -19.68 -57.23 21.49
N VAL J 45 -19.49 -57.32 22.81
CA VAL J 45 -18.35 -56.62 23.40
C VAL J 45 -17.10 -57.47 23.29
N MET J 46 -17.22 -58.79 23.23
CA MET J 46 -16.08 -59.66 22.97
C MET J 46 -15.91 -59.96 21.49
N LEU J 47 -16.72 -59.32 20.63
CA LEU J 47 -16.60 -59.41 19.17
C LEU J 47 -16.78 -60.84 18.67
N GLU J 48 -17.89 -61.46 19.04
CA GLU J 48 -18.28 -62.73 18.46
C GLU J 48 -19.19 -62.47 17.25
N TYR J 49 -19.82 -63.52 16.74
CA TYR J 49 -20.70 -63.42 15.58
C TYR J 49 -22.14 -63.52 16.05
N VAL J 50 -22.92 -62.47 15.78
CA VAL J 50 -24.35 -62.46 16.06
C VAL J 50 -25.08 -62.05 14.79
N GLU J 51 -26.18 -62.74 14.50
CA GLU J 51 -26.92 -62.52 13.27
C GLU J 51 -27.65 -61.18 13.31
N ARG J 52 -28.01 -60.71 12.11
CA ARG J 52 -28.74 -59.43 12.01
C ARG J 52 -30.12 -59.53 12.65
N ALA J 53 -30.74 -60.72 12.61
CA ALA J 53 -32.04 -60.88 13.24
C ALA J 53 -31.96 -60.69 14.76
N THR J 54 -30.94 -61.28 15.39
CA THR J 54 -30.73 -61.07 16.82
C THR J 54 -30.39 -59.62 17.13
N TRP J 55 -29.62 -58.97 16.25
CA TRP J 55 -29.28 -57.56 16.43
C TRP J 55 -30.53 -56.68 16.43
N ASN J 56 -31.41 -56.88 15.44
CA ASN J 56 -32.62 -56.08 15.37
C ASN J 56 -33.59 -56.43 16.49
N ASP J 57 -33.65 -57.70 16.89
CA ASP J 57 -34.47 -58.07 18.03
C ASP J 57 -33.94 -57.45 19.32
N ARG J 58 -32.63 -57.25 19.42
CA ARG J 58 -32.10 -56.57 20.60
C ARG J 58 -32.37 -55.07 20.55
N PHE J 59 -32.43 -54.48 19.36
CA PHE J 59 -32.95 -53.12 19.25
C PHE J 59 -34.39 -53.03 19.74
N SER J 60 -35.22 -53.99 19.34
CA SER J 60 -36.60 -54.01 19.82
C SER J 60 -36.66 -54.19 21.34
N ASP J 61 -35.78 -55.04 21.88
CA ASP J 61 -35.74 -55.27 23.32
C ASP J 61 -35.28 -54.02 24.06
N ILE J 62 -34.29 -53.30 23.53
CA ILE J 62 -33.83 -52.09 24.19
C ILE J 62 -34.92 -51.03 24.16
N TYR J 63 -35.70 -50.97 23.08
CA TYR J 63 -36.81 -50.03 23.02
C TYR J 63 -37.89 -50.40 24.04
N ALA J 64 -38.24 -51.69 24.10
CA ALA J 64 -39.26 -52.14 25.05
C ALA J 64 -38.83 -51.90 26.48
N LEU J 65 -37.56 -52.14 26.79
CA LEU J 65 -37.07 -51.91 28.15
C LEU J 65 -37.01 -50.43 28.48
N CYS J 66 -36.75 -49.57 27.49
CA CYS J 66 -36.81 -48.14 27.75
C CYS J 66 -38.23 -47.59 27.77
N VAL J 67 -39.22 -48.40 27.37
CA VAL J 67 -40.59 -47.92 27.24
C VAL J 67 -41.57 -48.57 28.23
N ALA J 68 -41.31 -49.81 28.67
CA ALA J 68 -42.34 -50.69 29.21
C ALA J 68 -43.12 -50.10 30.38
N TYR J 69 -44.43 -50.31 30.36
CA TYR J 69 -45.32 -49.95 31.45
C TYR J 69 -45.12 -50.88 32.64
N PRO J 70 -45.49 -50.45 33.86
CA PRO J 70 -46.03 -49.15 34.26
C PRO J 70 -44.95 -48.14 34.65
N GLU J 71 -43.71 -48.60 34.75
CA GLU J 71 -42.59 -47.73 35.10
C GLU J 71 -41.52 -47.90 34.04
N PRO J 72 -41.02 -46.82 33.45
CA PRO J 72 -39.94 -46.93 32.46
C PRO J 72 -38.67 -47.49 33.10
N LEU J 73 -38.23 -48.62 32.57
CA LEU J 73 -37.09 -49.35 33.12
C LEU J 73 -35.75 -48.82 32.59
N GLY J 74 -35.72 -47.58 32.10
CA GLY J 74 -34.47 -47.04 31.59
C GLY J 74 -33.40 -46.91 32.64
N GLU J 75 -33.78 -46.53 33.87
CA GLU J 75 -32.80 -46.41 34.95
C GLU J 75 -32.24 -47.78 35.34
N ARG J 76 -33.13 -48.76 35.51
CA ARG J 76 -32.67 -50.10 35.88
C ARG J 76 -31.86 -50.74 34.77
N LEU J 77 -32.28 -50.56 33.52
CA LEU J 77 -31.50 -51.07 32.39
C LEU J 77 -30.14 -50.41 32.31
N TYR J 78 -30.08 -49.09 32.51
CA TYR J 78 -28.81 -48.39 32.45
C TYR J 78 -27.87 -48.83 33.56
N THR J 79 -28.38 -48.99 34.78
CA THR J 79 -27.51 -49.40 35.87
C THR J 79 -27.12 -50.87 35.74
N GLU J 80 -27.97 -51.71 35.13
CA GLU J 80 -27.58 -53.09 34.88
C GLU J 80 -26.50 -53.17 33.80
N THR J 81 -26.61 -52.35 32.77
CA THR J 81 -25.55 -52.27 31.76
C THR J 81 -24.24 -51.76 32.37
N LYS J 82 -24.34 -50.76 33.26
CA LYS J 82 -23.15 -50.26 33.94
C LYS J 82 -22.51 -51.34 34.81
N ILE J 83 -23.33 -52.11 35.52
CA ILE J 83 -22.81 -53.20 36.35
C ILE J 83 -22.16 -54.27 35.48
N PHE J 84 -22.78 -54.61 34.35
CA PHE J 84 -22.19 -55.60 33.45
C PHE J 84 -20.86 -55.11 32.89
N LEU J 85 -20.78 -53.85 32.49
CA LEU J 85 -19.52 -53.32 31.95
C LEU J 85 -18.45 -53.26 33.04
N GLU J 86 -18.84 -52.93 34.27
CA GLU J 86 -17.90 -52.95 35.39
C GLU J 86 -17.35 -54.36 35.61
N ASN J 87 -18.23 -55.36 35.59
CA ASN J 87 -17.78 -56.74 35.78
C ASN J 87 -16.90 -57.19 34.63
N HIS J 88 -17.25 -56.82 33.39
CA HIS J 88 -16.45 -57.22 32.23
C HIS J 88 -15.07 -56.58 32.24
N VAL J 89 -15.00 -55.29 32.56
CA VAL J 89 -13.70 -54.61 32.60
C VAL J 89 -12.86 -55.14 33.76
N ARG J 90 -13.49 -55.45 34.90
CA ARG J 90 -12.74 -56.04 36.00
C ARG J 90 -12.22 -57.43 35.64
N HIS J 91 -13.02 -58.22 34.94
CA HIS J 91 -12.57 -59.54 34.50
C HIS J 91 -11.42 -59.43 33.51
N LEU J 92 -11.50 -58.47 32.57
CA LEU J 92 -10.40 -58.25 31.65
C LEU J 92 -9.15 -57.76 32.36
N HIS J 93 -9.32 -56.93 33.39
CA HIS J 93 -8.19 -56.45 34.18
C HIS J 93 -7.51 -57.60 34.93
N LYS J 94 -8.31 -58.50 35.52
CA LYS J 94 -7.75 -59.66 36.19
C LYS J 94 -7.06 -60.59 35.19
N ARG J 95 -7.63 -60.74 34.00
CA ARG J 95 -7.01 -61.57 32.97
C ARG J 95 -5.69 -60.98 32.51
N VAL J 96 -5.61 -59.65 32.38
CA VAL J 96 -4.36 -59.01 31.99
C VAL J 96 -3.32 -59.14 33.09
N LEU J 97 -3.74 -58.96 34.35
CA LEU J 97 -2.80 -59.13 35.46
C LEU J 97 -2.37 -60.58 35.66
N GLU J 98 -3.14 -61.53 35.14
CA GLU J 98 -2.72 -62.94 35.22
C GLU J 98 -1.43 -63.16 34.43
N SER J 99 -1.31 -62.55 33.26
CA SER J 99 -0.07 -62.59 32.51
C SER J 99 0.89 -61.52 33.02
N GLU J 100 2.18 -61.79 32.90
CA GLU J 100 3.22 -60.88 33.39
C GLU J 100 4.01 -60.24 32.26
N GLU J 101 4.57 -61.04 31.36
CA GLU J 101 5.37 -60.50 30.27
C GLU J 101 4.54 -60.18 29.04
N GLN J 102 3.43 -60.89 28.83
CA GLN J 102 2.57 -60.68 27.67
C GLN J 102 1.41 -59.74 27.96
N VAL J 103 1.56 -58.83 28.92
CA VAL J 103 0.46 -57.95 29.30
C VAL J 103 0.18 -56.92 28.22
N LEU J 104 1.20 -56.48 27.49
CA LEU J 104 0.99 -55.43 26.48
C LEU J 104 0.20 -55.95 25.28
N VAL J 105 0.57 -57.12 24.76
CA VAL J 105 -0.10 -57.63 23.57
C VAL J 105 -1.54 -58.03 23.89
N MET J 106 -1.77 -58.68 25.04
CA MET J 106 -3.12 -59.06 25.39
C MET J 106 -3.95 -57.83 25.79
N TYR J 107 -3.31 -56.80 26.36
CA TYR J 107 -4.02 -55.57 26.64
C TYR J 107 -4.44 -54.88 25.35
N HIS J 108 -3.57 -54.89 24.33
CA HIS J 108 -3.93 -54.29 23.05
C HIS J 108 -5.05 -55.07 22.38
N ARG J 109 -5.00 -56.40 22.43
CA ARG J 109 -6.08 -57.20 21.84
C ARG J 109 -7.41 -56.94 22.55
N TYR J 110 -7.39 -56.94 23.88
CA TYR J 110 -8.61 -56.66 24.63
C TYR J 110 -9.08 -55.23 24.43
N TRP J 111 -8.16 -54.29 24.21
CA TRP J 111 -8.55 -52.92 23.96
C TRP J 111 -9.20 -52.76 22.60
N GLU J 112 -8.68 -53.45 21.58
CA GLU J 112 -9.33 -53.42 20.28
C GLU J 112 -10.73 -54.01 20.35
N GLU J 113 -10.86 -55.17 21.02
CA GLU J 113 -12.17 -55.80 21.17
C GLU J 113 -13.12 -54.90 21.94
N TYR J 114 -12.65 -54.28 23.03
CA TYR J 114 -13.53 -53.46 23.85
C TYR J 114 -13.86 -52.13 23.17
N SER J 115 -12.96 -51.59 22.35
CA SER J 115 -13.27 -50.37 21.62
C SER J 115 -14.33 -50.63 20.56
N LYS J 116 -14.21 -51.75 19.83
CA LYS J 116 -15.27 -52.12 18.90
C LYS J 116 -16.57 -52.39 19.63
N GLY J 117 -16.50 -53.02 20.81
CA GLY J 117 -17.69 -53.24 21.60
C GLY J 117 -18.34 -51.96 22.08
N ALA J 118 -17.53 -50.98 22.46
CA ALA J 118 -18.06 -49.70 22.91
C ALA J 118 -18.70 -48.92 21.76
N ASP J 119 -18.09 -48.97 20.57
CA ASP J 119 -18.71 -48.34 19.41
C ASP J 119 -20.03 -49.02 19.06
N TYR J 120 -20.06 -50.36 19.11
CA TYR J 120 -21.30 -51.08 18.82
C TYR J 120 -22.32 -50.91 19.94
N MET J 121 -21.90 -50.56 21.14
CA MET J 121 -22.83 -50.24 22.22
C MET J 121 -23.44 -48.86 22.02
N ASP J 122 -22.62 -47.88 21.61
CA ASP J 122 -23.16 -46.58 21.27
C ASP J 122 -24.11 -46.68 20.08
N CYS J 123 -23.88 -47.64 19.18
CA CYS J 123 -24.83 -47.89 18.10
C CYS J 123 -26.09 -48.56 18.62
N LEU J 124 -25.95 -49.65 19.38
CA LEU J 124 -27.12 -50.43 19.77
C LEU J 124 -27.97 -49.70 20.79
N TYR J 125 -27.35 -49.09 21.79
CA TYR J 125 -28.10 -48.38 22.83
C TYR J 125 -28.43 -46.97 22.39
N ARG J 126 -28.99 -46.83 21.19
CA ARG J 126 -29.32 -45.51 20.66
C ARG J 126 -30.52 -44.90 21.37
N TYR J 127 -31.57 -45.71 21.56
CA TYR J 127 -32.78 -45.20 22.19
C TYR J 127 -32.54 -44.87 23.66
N LEU J 128 -31.78 -45.70 24.36
CA LEU J 128 -31.44 -45.41 25.74
C LEU J 128 -30.58 -44.16 25.85
N ASN J 129 -29.72 -43.92 24.86
CA ASN J 129 -28.88 -42.73 24.90
C ASN J 129 -29.68 -41.46 24.63
N THR J 130 -30.56 -41.50 23.63
CA THR J 130 -31.23 -40.28 23.16
C THR J 130 -32.59 -40.05 23.80
N GLN J 131 -33.09 -40.97 24.62
CA GLN J 131 -34.39 -40.79 25.24
C GLN J 131 -34.36 -40.84 26.76
N PHE J 132 -33.29 -41.32 27.38
CA PHE J 132 -33.17 -41.34 28.83
C PHE J 132 -31.97 -40.56 29.33
N ILE J 133 -30.80 -40.73 28.70
CA ILE J 133 -29.61 -40.04 29.17
C ILE J 133 -29.69 -38.55 28.88
N LYS J 134 -30.17 -38.18 27.70
CA LYS J 134 -30.23 -36.76 27.34
C LYS J 134 -31.28 -36.01 28.16
N LYS J 135 -32.42 -36.65 28.43
CA LYS J 135 -33.47 -35.98 29.20
C LYS J 135 -33.14 -35.88 30.68
N ASN J 136 -32.20 -36.68 31.17
CA ASN J 136 -31.83 -36.65 32.58
C ASN J 136 -30.55 -35.82 32.78
N PRO J 140 -27.46 -35.33 33.98
CA PRO J 140 -26.01 -35.43 34.10
C PRO J 140 -25.52 -36.87 34.07
N LEU J 141 -26.13 -37.69 33.23
CA LEU J 141 -25.77 -39.10 33.11
C LEU J 141 -24.71 -39.26 32.01
N MET J 142 -24.43 -40.49 31.62
CA MET J 142 -23.36 -40.80 30.68
C MET J 142 -23.90 -41.70 29.57
N GLU J 143 -23.59 -41.35 28.33
CA GLU J 143 -23.94 -42.22 27.21
C GLU J 143 -23.14 -43.51 27.27
N ILE J 144 -23.71 -44.57 26.71
CA ILE J 144 -23.09 -45.90 26.79
C ILE J 144 -21.76 -45.92 26.04
N GLY J 145 -21.68 -45.21 24.93
CA GLY J 145 -20.40 -45.07 24.24
C GLY J 145 -19.37 -44.35 25.10
N GLU J 146 -19.79 -43.32 25.82
CA GLU J 146 -18.90 -42.63 26.75
C GLU J 146 -18.69 -43.44 28.03
N LEU J 147 -19.73 -44.14 28.50
CA LEU J 147 -19.63 -44.89 29.76
C LEU J 147 -18.63 -46.03 29.64
N ALA J 148 -18.63 -46.75 28.50
CA ALA J 148 -17.75 -47.90 28.35
C ALA J 148 -16.28 -47.47 28.34
N LEU J 149 -15.96 -46.41 27.61
CA LEU J 149 -14.57 -45.94 27.57
C LEU J 149 -14.15 -45.35 28.91
N ASP J 150 -15.02 -44.56 29.54
CA ASP J 150 -14.70 -43.97 30.84
C ASP J 150 -14.53 -45.04 31.91
N MET J 151 -15.25 -46.15 31.78
CA MET J 151 -15.07 -47.26 32.71
C MET J 151 -13.83 -48.08 32.39
N TRP J 152 -13.31 -47.97 31.16
CA TRP J 152 -12.08 -48.66 30.80
C TRP J 152 -10.86 -47.97 31.40
N ARG J 153 -10.91 -46.64 31.53
CA ARG J 153 -9.79 -45.92 32.14
C ARG J 153 -9.81 -45.95 33.65
N LYS J 154 -10.92 -46.37 34.27
CA LYS J 154 -11.03 -46.41 35.72
C LYS J 154 -10.73 -47.77 36.31
N LEU J 155 -10.84 -48.84 35.52
CA LEU J 155 -10.65 -50.19 36.04
C LEU J 155 -9.73 -51.05 35.19
N MET J 156 -9.18 -50.53 34.09
CA MET J 156 -8.29 -51.32 33.25
C MET J 156 -7.00 -50.56 32.96
N VAL J 157 -7.07 -49.24 32.96
CA VAL J 157 -5.90 -48.40 32.69
C VAL J 157 -5.29 -47.86 33.97
N GLU J 158 -6.10 -47.26 34.84
CA GLU J 158 -5.57 -46.71 36.09
C GLU J 158 -4.97 -47.76 37.02
N PRO J 159 -5.59 -48.93 37.27
CA PRO J 159 -4.88 -49.97 38.04
C PRO J 159 -3.65 -50.53 37.31
N LEU J 160 -3.64 -50.52 35.98
CA LEU J 160 -2.50 -50.98 35.22
C LEU J 160 -1.59 -49.85 34.77
N GLN J 161 -1.80 -48.63 35.28
CA GLN J 161 -0.93 -47.51 34.93
C GLN J 161 0.50 -47.75 35.40
N ALA J 162 0.66 -48.31 36.60
CA ALA J 162 1.99 -48.58 37.13
C ALA J 162 2.66 -49.77 36.45
N ILE J 163 1.95 -50.53 35.62
CA ILE J 163 2.54 -51.66 34.93
C ILE J 163 2.53 -51.51 33.41
N LEU J 164 1.72 -50.61 32.84
CA LEU J 164 1.73 -50.40 31.40
C LEU J 164 2.89 -49.48 31.00
N ILE J 165 2.90 -48.26 31.54
CA ILE J 165 3.98 -47.33 31.27
C ILE J 165 5.30 -47.76 31.90
N ARG J 166 5.27 -48.73 32.83
CA ARG J 166 6.51 -49.29 33.33
C ARG J 166 7.27 -50.05 32.25
N MET J 167 6.55 -50.72 31.35
CA MET J 167 7.17 -51.44 30.26
C MET J 167 6.80 -50.91 28.89
N LEU J 168 5.93 -49.90 28.80
CA LEU J 168 5.80 -49.17 27.54
C LEU J 168 7.08 -48.43 27.22
N LEU J 169 7.66 -47.75 28.22
CA LEU J 169 8.96 -47.11 28.02
C LEU J 169 10.07 -48.14 27.85
N ARG J 170 9.95 -49.29 28.52
CA ARG J 170 10.94 -50.35 28.36
C ARG J 170 10.92 -50.90 26.94
N GLU J 171 9.73 -51.06 26.35
CA GLU J 171 9.63 -51.51 24.97
C GLU J 171 9.87 -50.39 23.97
N ILE J 172 9.98 -49.15 24.43
CA ILE J 172 10.47 -48.07 23.58
C ILE J 172 11.98 -47.91 23.72
N LYS J 173 12.49 -48.01 24.95
CA LYS J 173 13.93 -48.03 25.16
C LYS J 173 14.58 -49.24 24.51
N ASN J 174 13.84 -50.34 24.40
CA ASN J 174 14.32 -51.49 23.63
C ASN J 174 14.45 -51.14 22.16
N ASP J 175 13.53 -50.33 21.63
CA ASP J 175 13.61 -49.90 20.24
C ASP J 175 14.82 -48.98 20.03
N ARG J 176 15.11 -48.11 21.00
CA ARG J 176 16.29 -47.26 20.92
C ARG J 176 17.58 -48.06 21.08
N GLY J 177 17.50 -49.26 21.66
CA GLY J 177 18.65 -50.13 21.79
C GLY J 177 19.00 -50.94 20.56
N GLY J 178 18.18 -50.86 19.51
CA GLY J 178 18.49 -51.55 18.28
C GLY J 178 17.46 -52.59 17.87
N GLU J 179 16.93 -53.33 18.83
CA GLU J 179 15.96 -54.37 18.51
C GLU J 179 14.61 -53.75 18.18
N ASP J 180 13.82 -54.49 17.41
CA ASP J 180 12.54 -54.01 16.93
C ASP J 180 11.40 -54.74 17.63
N PRO J 181 10.65 -54.08 18.51
CA PRO J 181 9.46 -54.69 19.08
C PRO J 181 8.27 -54.50 18.14
N ASN J 182 7.10 -54.95 18.58
CA ASN J 182 5.89 -54.87 17.77
C ASN J 182 5.41 -53.43 17.70
N GLN J 183 5.32 -52.89 16.48
CA GLN J 183 4.87 -51.51 16.30
C GLN J 183 3.37 -51.38 16.47
N LYS J 184 2.61 -52.37 16.00
CA LYS J 184 1.15 -52.32 16.10
C LYS J 184 0.68 -52.39 17.55
N VAL J 185 1.34 -53.23 18.35
CA VAL J 185 0.95 -53.39 19.75
C VAL J 185 1.23 -52.10 20.53
N ILE J 186 2.43 -51.54 20.36
CA ILE J 186 2.80 -50.34 21.10
C ILE J 186 1.94 -49.15 20.67
N HIS J 187 1.76 -48.97 19.36
CA HIS J 187 0.94 -47.88 18.88
C HIS J 187 -0.52 -48.05 19.26
N GLY J 188 -0.99 -49.30 19.35
CA GLY J 188 -2.35 -49.53 19.81
C GLY J 188 -2.55 -49.15 21.26
N VAL J 189 -1.59 -49.47 22.12
CA VAL J 189 -1.69 -49.13 23.53
C VAL J 189 -1.56 -47.63 23.72
N ILE J 190 -0.65 -46.98 22.98
CA ILE J 190 -0.46 -45.54 23.09
C ILE J 190 -1.71 -44.81 22.62
N ASN J 191 -2.30 -45.26 21.51
CA ASN J 191 -3.54 -44.66 21.03
C ASN J 191 -4.71 -44.92 21.97
N SER J 192 -4.62 -45.96 22.80
CA SER J 192 -5.69 -46.23 23.77
C SER J 192 -5.77 -45.14 24.82
N PHE J 193 -4.64 -44.53 25.19
CA PHE J 193 -4.65 -43.48 26.18
C PHE J 193 -5.33 -42.21 25.69
N VAL J 194 -5.51 -42.06 24.38
CA VAL J 194 -6.20 -40.91 23.83
C VAL J 194 -7.56 -41.27 23.22
N HIS J 195 -7.77 -42.53 22.82
CA HIS J 195 -9.07 -42.95 22.31
C HIS J 195 -10.11 -43.08 23.42
N VAL J 196 -9.67 -43.36 24.65
CA VAL J 196 -10.58 -43.35 25.79
C VAL J 196 -11.17 -41.96 25.99
N GLU J 197 -10.34 -40.93 25.86
CA GLU J 197 -10.75 -39.56 26.12
C GLU J 197 -11.45 -38.92 24.93
N GLN J 198 -11.95 -39.71 23.97
CA GLN J 198 -12.54 -39.15 22.77
C GLN J 198 -13.90 -38.53 23.03
N TYR J 199 -14.55 -38.83 24.16
CA TYR J 199 -15.85 -38.27 24.49
C TYR J 199 -15.76 -37.10 25.47
N LYS J 200 -14.56 -36.60 25.74
CA LYS J 200 -14.39 -35.46 26.64
C LYS J 200 -14.32 -34.18 25.81
N LYS J 201 -15.22 -33.25 26.11
CA LYS J 201 -15.27 -32.00 25.36
C LYS J 201 -14.08 -31.11 25.68
N LYS J 202 -13.67 -31.07 26.95
CA LYS J 202 -12.58 -30.22 27.40
C LYS J 202 -11.35 -31.06 27.68
N PHE J 203 -10.21 -30.68 27.09
CA PHE J 203 -8.92 -31.33 27.22
C PHE J 203 -8.99 -32.82 26.92
N PRO J 204 -9.15 -33.21 25.65
CA PRO J 204 -9.23 -34.63 25.32
C PRO J 204 -7.89 -35.34 25.29
N LEU J 205 -6.80 -34.69 25.69
CA LEU J 205 -5.49 -35.33 25.74
C LEU J 205 -4.83 -35.20 27.11
N LYS J 206 -5.58 -34.75 28.12
CA LYS J 206 -5.01 -34.58 29.46
C LYS J 206 -4.58 -35.91 30.06
N PHE J 207 -5.37 -36.96 29.85
CA PHE J 207 -5.01 -38.28 30.31
C PHE J 207 -3.76 -38.80 29.60
N TYR J 208 -3.66 -38.55 28.30
CA TYR J 208 -2.48 -39.00 27.55
C TYR J 208 -1.24 -38.20 27.91
N GLN J 209 -1.41 -36.92 28.24
CA GLN J 209 -0.29 -36.05 28.57
C GLN J 209 0.18 -36.21 30.01
N GLU J 210 -0.51 -37.00 30.82
CA GLU J 210 -0.11 -37.23 32.20
C GLU J 210 0.27 -38.66 32.49
N ILE J 211 -0.49 -39.64 31.98
CA ILE J 211 -0.19 -41.04 32.24
C ILE J 211 1.07 -41.48 31.49
N PHE J 212 1.18 -41.10 30.22
CA PHE J 212 2.26 -41.60 29.38
C PHE J 212 3.27 -40.54 28.98
N GLU J 213 2.82 -39.41 28.44
CA GLU J 213 3.75 -38.47 27.81
C GLU J 213 4.69 -37.84 28.83
N SER J 214 4.17 -37.42 29.98
CA SER J 214 5.03 -36.86 31.01
C SER J 214 6.05 -37.87 31.56
N PRO J 215 5.70 -39.13 31.86
CA PRO J 215 6.76 -40.12 32.12
C PRO J 215 7.66 -40.37 30.92
N PHE J 216 7.12 -40.30 29.69
CA PHE J 216 7.95 -40.57 28.52
C PHE J 216 8.98 -39.49 28.30
N LEU J 217 8.58 -38.22 28.45
CA LEU J 217 9.54 -37.12 28.29
C LEU J 217 10.61 -37.17 29.36
N THR J 218 10.23 -37.53 30.59
CA THR J 218 11.22 -37.71 31.64
C THR J 218 12.12 -38.90 31.34
N GLU J 219 11.56 -39.97 30.76
CA GLU J 219 12.37 -41.14 30.43
C GLU J 219 13.36 -40.83 29.31
N THR J 220 12.89 -40.20 28.22
CA THR J 220 13.79 -39.85 27.14
C THR J 220 14.70 -38.69 27.52
N GLY J 221 14.33 -37.90 28.52
CA GLY J 221 15.21 -36.85 28.98
C GLY J 221 16.44 -37.39 29.68
N GLU J 222 16.28 -38.43 30.50
CA GLU J 222 17.38 -39.05 31.21
C GLU J 222 18.04 -40.16 30.40
N TYR J 223 17.52 -40.50 29.22
CA TYR J 223 18.16 -41.49 28.37
C TYR J 223 19.07 -40.84 27.34
N TYR J 224 18.59 -39.80 26.65
CA TYR J 224 19.43 -39.10 25.69
C TYR J 224 20.53 -38.29 26.36
N LYS J 225 20.28 -37.79 27.58
CA LYS J 225 21.35 -37.18 28.36
C LYS J 225 22.41 -38.22 28.69
N GLN J 226 21.99 -39.43 29.06
CA GLN J 226 22.94 -40.53 29.23
C GLN J 226 23.54 -40.96 27.90
N GLU J 227 22.79 -40.83 26.80
CA GLU J 227 23.33 -41.17 25.49
C GLU J 227 24.32 -40.13 25.00
N ALA J 228 24.04 -38.85 25.23
CA ALA J 228 24.96 -37.80 24.80
C ALA J 228 26.28 -37.89 25.55
N SER J 229 26.24 -38.17 26.86
CA SER J 229 27.47 -38.34 27.61
C SER J 229 28.19 -39.63 27.25
N ASN J 230 27.49 -40.61 26.70
CA ASN J 230 28.11 -41.84 26.24
C ASN J 230 28.72 -41.71 24.84
N LEU J 231 28.33 -40.69 24.09
CA LEU J 231 28.89 -40.47 22.76
C LEU J 231 30.16 -39.64 22.78
N LEU J 232 30.30 -38.74 23.76
CA LEU J 232 31.49 -37.90 23.84
C LEU J 232 32.73 -38.66 24.30
N GLN J 233 32.57 -39.87 24.83
CA GLN J 233 33.72 -40.61 25.34
C GLN J 233 34.56 -41.18 24.20
N GLU J 234 33.94 -41.55 23.08
CA GLU J 234 34.65 -42.23 22.00
C GLU J 234 34.42 -41.56 20.64
N SER J 235 34.03 -40.28 20.61
CA SER J 235 33.80 -39.60 19.35
C SER J 235 34.21 -38.14 19.48
N ASN J 236 34.91 -37.65 18.46
CA ASN J 236 35.22 -36.24 18.38
C ASN J 236 34.04 -35.48 17.78
N CYS J 237 34.16 -34.15 17.73
CA CYS J 237 33.06 -33.31 17.28
C CYS J 237 32.70 -33.52 15.81
N SER J 238 33.65 -34.00 14.99
CA SER J 238 33.35 -34.23 13.58
C SER J 238 32.34 -35.36 13.39
N GLN J 239 32.48 -36.44 14.15
CA GLN J 239 31.58 -37.58 14.03
C GLN J 239 30.53 -37.64 15.12
N TYR J 240 30.64 -36.80 16.16
CA TYR J 240 29.58 -36.75 17.16
C TYR J 240 28.29 -36.18 16.58
N MET J 241 28.41 -35.12 15.78
CA MET J 241 27.23 -34.55 15.14
C MET J 241 26.67 -35.47 14.06
N GLU J 242 27.52 -36.32 13.48
CA GLU J 242 27.03 -37.35 12.57
C GLU J 242 26.17 -38.36 13.32
N LYS J 243 26.54 -38.67 14.57
CA LYS J 243 25.76 -39.60 15.37
C LYS J 243 24.48 -38.96 15.92
N VAL J 244 24.56 -37.68 16.31
CA VAL J 244 23.37 -36.98 16.80
C VAL J 244 22.33 -36.85 15.70
N LEU J 245 22.76 -36.52 14.48
CA LEU J 245 21.84 -36.46 13.36
C LEU J 245 21.25 -37.83 13.05
N GLY J 246 21.98 -38.90 13.35
CA GLY J 246 21.40 -40.22 13.25
C GLY J 246 20.31 -40.46 14.28
N ARG J 247 20.53 -40.03 15.52
CA ARG J 247 19.52 -40.19 16.55
C ARG J 247 18.34 -39.25 16.32
N LEU J 248 18.59 -38.01 15.89
CA LEU J 248 17.51 -37.08 15.64
C LEU J 248 16.64 -37.55 14.48
N LYS J 249 17.25 -38.08 13.43
CA LYS J 249 16.46 -38.59 12.30
C LYS J 249 15.68 -39.84 12.69
N ASP J 250 16.29 -40.71 13.49
CA ASP J 250 15.58 -41.91 13.94
C ASP J 250 14.46 -41.56 14.91
N GLU J 251 14.69 -40.57 15.79
CA GLU J 251 13.67 -40.20 16.78
C GLU J 251 12.44 -39.60 16.11
N GLU J 252 12.63 -38.88 15.00
CA GLU J 252 11.49 -38.45 14.19
C GLU J 252 10.74 -39.65 13.64
N ILE J 253 11.46 -40.66 13.17
CA ILE J 253 10.83 -41.88 12.67
C ILE J 253 10.22 -42.68 13.81
N ARG J 254 10.95 -42.80 14.92
CA ARG J 254 10.51 -43.66 16.02
C ARG J 254 9.26 -43.13 16.69
N CYS J 255 9.22 -41.82 16.98
CA CYS J 255 8.03 -41.26 17.62
C CYS J 255 6.85 -41.16 16.66
N ARG J 256 7.11 -41.21 15.35
CA ARG J 256 6.03 -41.14 14.38
C ARG J 256 5.15 -42.39 14.45
N LYS J 257 5.76 -43.57 14.58
CA LYS J 257 5.05 -44.83 14.56
C LYS J 257 4.70 -45.35 15.95
N TYR J 258 5.08 -44.64 17.01
CA TYR J 258 4.84 -45.10 18.37
C TYR J 258 3.95 -44.18 19.18
N LEU J 259 3.89 -42.90 18.87
CA LEU J 259 3.22 -41.92 19.70
C LEU J 259 2.10 -41.22 18.95
N HIS J 260 1.31 -40.46 19.69
CA HIS J 260 0.29 -39.61 19.11
C HIS J 260 0.95 -38.49 18.30
N PRO J 261 0.30 -38.03 17.23
CA PRO J 261 0.88 -36.93 16.44
C PRO J 261 1.03 -35.62 17.21
N SER J 262 0.31 -35.44 18.31
CA SER J 262 0.45 -34.23 19.11
C SER J 262 1.76 -34.18 19.87
N SER J 263 2.43 -35.31 20.06
CA SER J 263 3.68 -35.38 20.79
C SER J 263 4.89 -35.45 19.88
N TYR J 264 4.73 -35.19 18.58
CA TYR J 264 5.86 -35.25 17.66
C TYR J 264 6.87 -34.15 17.95
N THR J 265 6.39 -32.93 18.21
CA THR J 265 7.29 -31.81 18.42
C THR J 265 7.93 -31.84 19.81
N LYS J 266 7.19 -32.29 20.81
CA LYS J 266 7.69 -32.25 22.19
C LYS J 266 8.84 -33.22 22.40
N VAL J 267 8.77 -34.41 21.77
CA VAL J 267 9.83 -35.40 21.94
C VAL J 267 11.11 -34.95 21.22
N ILE J 268 10.98 -34.45 20.00
CA ILE J 268 12.15 -34.03 19.24
C ILE J 268 12.80 -32.81 19.89
N HIS J 269 11.99 -31.86 20.35
CA HIS J 269 12.54 -30.68 21.01
C HIS J 269 13.24 -31.06 22.31
N GLU J 270 12.67 -32.00 23.07
CA GLU J 270 13.31 -32.42 24.30
C GLU J 270 14.57 -33.24 24.02
N CYS J 271 14.60 -33.97 22.90
CA CYS J 271 15.82 -34.66 22.50
C CYS J 271 16.94 -33.69 22.18
N GLN J 272 16.61 -32.57 21.51
CA GLN J 272 17.61 -31.56 21.24
C GLN J 272 18.10 -30.88 22.51
N GLN J 273 17.25 -30.77 23.52
CA GLN J 273 17.65 -30.16 24.78
C GLN J 273 18.63 -31.03 25.58
N ARG J 274 18.85 -32.27 25.16
CA ARG J 274 19.80 -33.15 25.85
C ARG J 274 21.02 -33.51 25.02
N MET J 275 20.97 -33.41 23.70
CA MET J 275 22.08 -33.81 22.85
C MET J 275 22.86 -32.65 22.24
N VAL J 276 22.19 -31.57 21.85
CA VAL J 276 22.85 -30.42 21.26
C VAL J 276 22.78 -29.19 22.16
N ALA J 277 21.63 -28.96 22.81
CA ALA J 277 21.51 -27.77 23.65
C ALA J 277 22.26 -27.90 24.96
N ASP J 278 22.45 -29.12 25.46
CA ASP J 278 23.24 -29.32 26.66
C ASP J 278 24.74 -29.37 26.38
N HIS J 279 25.13 -29.44 25.11
CA HIS J 279 26.54 -29.49 24.72
C HIS J 279 26.90 -28.29 23.85
N LEU J 280 26.27 -27.15 24.10
CA LEU J 280 26.60 -25.94 23.35
C LEU J 280 28.02 -25.47 23.64
N GLN J 281 28.49 -25.64 24.87
CA GLN J 281 29.87 -25.29 25.20
C GLN J 281 30.86 -26.17 24.44
N PHE J 282 30.51 -27.44 24.23
CA PHE J 282 31.38 -28.33 23.46
C PHE J 282 31.33 -28.03 21.96
N LEU J 283 30.14 -27.76 21.43
CA LEU J 283 30.01 -27.54 19.99
C LEU J 283 30.59 -26.19 19.58
N HIS J 284 30.36 -25.15 20.39
CA HIS J 284 30.87 -23.84 20.04
C HIS J 284 32.39 -23.75 20.18
N ALA J 285 32.97 -24.53 21.10
CA ALA J 285 34.42 -24.56 21.23
C ALA J 285 35.08 -25.17 19.99
N GLU J 286 34.47 -26.22 19.44
CA GLU J 286 34.95 -26.83 18.22
C GLU J 286 34.40 -26.18 16.97
N CYS J 287 33.56 -25.15 17.11
CA CYS J 287 33.00 -24.47 15.95
C CYS J 287 34.02 -23.58 15.25
N HIS J 288 35.11 -23.21 15.92
CA HIS J 288 36.14 -22.41 15.28
C HIS J 288 36.95 -23.23 14.28
N ASN J 289 37.31 -24.46 14.64
CA ASN J 289 38.10 -25.31 13.76
C ASN J 289 37.29 -25.77 12.55
N ILE J 290 35.97 -25.87 12.69
CA ILE J 290 35.13 -26.31 11.57
C ILE J 290 35.07 -25.24 10.50
N ILE J 291 34.86 -23.99 10.91
CA ILE J 291 34.72 -22.89 9.95
C ILE J 291 36.04 -22.58 9.27
N ARG J 292 37.13 -22.52 10.05
CA ARG J 292 38.42 -22.10 9.50
C ARG J 292 38.96 -23.09 8.47
N GLN J 293 38.78 -24.39 8.72
CA GLN J 293 39.24 -25.40 7.78
C GLN J 293 38.24 -25.67 6.67
N GLU J 294 37.07 -25.02 6.70
CA GLU J 294 36.06 -25.10 5.65
C GLU J 294 35.62 -26.54 5.37
N LYS J 295 35.38 -27.29 6.44
CA LYS J 295 34.85 -28.64 6.30
C LYS J 295 33.38 -28.54 5.90
N LYS J 296 33.10 -28.71 4.61
CA LYS J 296 31.73 -28.54 4.11
C LYS J 296 30.78 -29.59 4.65
N ASN J 297 31.28 -30.74 5.10
CA ASN J 297 30.43 -31.78 5.67
C ASN J 297 30.16 -31.54 7.16
N ASP J 298 31.19 -31.20 7.93
CA ASP J 298 31.01 -30.96 9.36
C ASP J 298 30.26 -29.65 9.62
N MET J 299 30.49 -28.63 8.79
CA MET J 299 29.75 -27.38 8.96
C MET J 299 28.29 -27.56 8.59
N ALA J 300 27.98 -28.45 7.66
CA ALA J 300 26.58 -28.73 7.33
C ALA J 300 25.87 -29.41 8.48
N ASN J 301 26.54 -30.34 9.16
CA ASN J 301 25.93 -31.03 10.29
C ASN J 301 25.85 -30.12 11.51
N MET J 302 26.82 -29.23 11.68
CA MET J 302 26.81 -28.31 12.81
C MET J 302 25.68 -27.29 12.67
N TYR J 303 25.33 -26.92 11.44
CA TYR J 303 24.31 -25.90 11.24
C TYR J 303 22.94 -26.38 11.69
N VAL J 304 22.55 -27.59 11.28
CA VAL J 304 21.22 -28.10 11.63
C VAL J 304 21.12 -28.38 13.13
N LEU J 305 22.24 -28.73 13.77
CA LEU J 305 22.22 -28.93 15.21
C LEU J 305 22.01 -27.60 15.94
N LEU J 306 22.75 -26.57 15.53
CA LEU J 306 22.66 -25.28 16.21
C LEU J 306 21.46 -24.46 15.78
N ARG J 307 20.83 -24.80 14.65
CA ARG J 307 19.64 -24.07 14.23
C ARG J 307 18.45 -24.35 15.15
N ALA J 308 18.34 -25.60 15.63
CA ALA J 308 17.24 -25.95 16.52
C ALA J 308 17.33 -25.23 17.85
N VAL J 309 18.54 -25.13 18.41
CA VAL J 309 18.72 -24.42 19.67
C VAL J 309 18.64 -22.92 19.42
N SER J 310 18.02 -22.20 20.36
CA SER J 310 17.79 -20.76 20.18
C SER J 310 19.09 -19.97 20.15
N THR J 311 20.05 -20.32 21.01
CA THR J 311 21.28 -19.56 21.15
C THR J 311 22.50 -20.30 20.60
N GLY J 312 22.27 -21.21 19.65
CA GLY J 312 23.38 -21.94 19.05
C GLY J 312 23.99 -21.22 17.86
N LEU J 313 23.13 -20.66 17.00
CA LEU J 313 23.60 -19.97 15.81
C LEU J 313 24.48 -18.74 16.06
N PRO J 314 24.18 -17.80 17.02
CA PRO J 314 24.95 -16.56 17.08
C PRO J 314 26.44 -16.69 17.39
N HIS J 315 26.95 -17.90 17.59
CA HIS J 315 28.39 -18.10 17.66
C HIS J 315 29.00 -18.59 16.36
N MET J 316 28.27 -19.40 15.59
CA MET J 316 28.76 -19.76 14.26
C MET J 316 28.68 -18.59 13.29
N ILE J 317 27.70 -17.71 13.48
CA ILE J 317 27.59 -16.50 12.65
C ILE J 317 28.79 -15.61 12.88
N GLN J 318 29.16 -15.40 14.15
CA GLN J 318 30.33 -14.59 14.48
C GLN J 318 31.61 -15.27 14.02
N GLU J 319 31.69 -16.59 14.16
CA GLU J 319 32.90 -17.29 13.76
C GLU J 319 33.07 -17.35 12.25
N LEU J 320 31.96 -17.40 11.51
CA LEU J 320 32.06 -17.34 10.05
C LEU J 320 32.43 -15.93 9.59
N GLN J 321 31.90 -14.91 10.26
CA GLN J 321 32.25 -13.54 9.91
C GLN J 321 33.73 -13.27 10.17
N ASN J 322 34.27 -13.83 11.25
CA ASN J 322 35.70 -13.69 11.52
C ASN J 322 36.54 -14.36 10.43
N HIS J 323 36.07 -15.50 9.92
CA HIS J 323 36.80 -16.17 8.85
C HIS J 323 36.77 -15.37 7.56
N ILE J 324 35.61 -14.82 7.20
CA ILE J 324 35.50 -14.02 5.99
C ILE J 324 36.30 -12.72 6.14
N HIS J 325 36.26 -12.13 7.34
CA HIS J 325 37.06 -10.93 7.59
C HIS J 325 38.55 -11.22 7.53
N ASP J 326 38.96 -12.47 7.80
CA ASP J 326 40.35 -12.84 7.68
C ASP J 326 40.69 -13.41 6.31
N GLU J 327 39.75 -14.04 5.63
CA GLU J 327 40.00 -14.49 4.27
C GLU J 327 39.95 -13.34 3.27
N GLY J 328 39.03 -12.39 3.48
CA GLY J 328 38.98 -11.22 2.61
C GLY J 328 40.21 -10.33 2.77
N LEU J 329 40.71 -10.21 3.99
CA LEU J 329 41.90 -9.38 4.22
C LEU J 329 43.15 -10.00 3.61
N ARG J 330 43.24 -11.32 3.61
CA ARG J 330 44.37 -12.00 2.99
C ARG J 330 44.32 -11.91 1.47
N ALA J 331 43.11 -11.92 0.89
CA ALA J 331 42.98 -11.97 -0.56
C ALA J 331 43.43 -10.66 -1.21
N THR J 332 42.98 -9.52 -0.69
CA THR J 332 43.34 -8.23 -1.24
C THR J 332 44.57 -7.64 -0.55
N SER J 333 45.62 -8.44 -0.37
CA SER J 333 46.76 -8.03 0.44
C SER J 333 48.05 -8.16 -0.36
N ASN J 334 48.90 -7.13 -0.27
CA ASN J 334 50.17 -7.06 -1.00
C ASN J 334 49.93 -7.21 -2.51
N LEU J 335 48.86 -6.59 -2.99
CA LEU J 335 48.56 -6.60 -4.41
C LEU J 335 49.62 -5.84 -5.19
N THR J 336 49.83 -6.27 -6.43
CA THR J 336 50.82 -5.62 -7.28
C THR J 336 50.42 -4.17 -7.54
N GLN J 337 51.39 -3.26 -7.38
CA GLN J 337 51.10 -1.84 -7.48
C GLN J 337 50.65 -1.44 -8.89
N GLU J 338 51.06 -2.20 -9.90
CA GLU J 338 50.68 -1.88 -11.28
C GLU J 338 49.19 -2.12 -11.50
N ASN J 339 48.66 -3.23 -11.00
CA ASN J 339 47.29 -3.64 -11.28
C ASN J 339 46.47 -3.75 -10.00
N MET J 340 46.62 -2.79 -9.11
CA MET J 340 45.76 -2.73 -7.91
C MET J 340 44.28 -2.59 -8.23
N PRO J 341 43.82 -1.69 -9.12
CA PRO J 341 42.36 -1.56 -9.32
C PRO J 341 41.68 -2.81 -9.82
N THR J 342 42.34 -3.60 -10.67
CA THR J 342 41.71 -4.82 -11.17
C THR J 342 41.82 -5.97 -10.17
N LEU J 343 42.97 -6.09 -9.50
CA LEU J 343 43.15 -7.20 -8.57
C LEU J 343 42.31 -7.02 -7.31
N PHE J 344 42.04 -5.78 -6.89
CA PHE J 344 41.24 -5.56 -5.70
C PHE J 344 39.80 -6.00 -5.91
N VAL J 345 39.22 -5.68 -7.07
CA VAL J 345 37.82 -6.02 -7.33
C VAL J 345 37.64 -7.53 -7.48
N GLU J 346 38.57 -8.18 -8.20
CA GLU J 346 38.43 -9.61 -8.42
C GLU J 346 38.71 -10.41 -7.16
N SER J 347 39.51 -9.87 -6.23
CA SER J 347 39.81 -10.61 -5.02
C SER J 347 38.62 -10.61 -4.06
N VAL J 348 37.93 -9.47 -3.90
CA VAL J 348 36.73 -9.44 -3.08
C VAL J 348 35.61 -10.23 -3.75
N LEU J 349 35.51 -10.15 -5.07
CA LEU J 349 34.50 -10.91 -5.79
C LEU J 349 34.75 -12.41 -5.70
N GLU J 350 36.02 -12.83 -5.68
CA GLU J 350 36.33 -14.23 -5.43
C GLU J 350 35.91 -14.64 -4.02
N VAL J 351 36.21 -13.81 -3.03
CA VAL J 351 35.82 -14.11 -1.65
C VAL J 351 34.30 -14.09 -1.52
N HIS J 352 33.64 -13.10 -2.12
CA HIS J 352 32.18 -13.07 -2.11
C HIS J 352 31.59 -14.25 -2.87
N GLY J 353 32.18 -14.58 -4.03
CA GLY J 353 31.67 -15.71 -4.80
C GLY J 353 31.87 -17.04 -4.11
N LYS J 354 33.01 -17.19 -3.43
CA LYS J 354 33.28 -18.44 -2.72
C LYS J 354 32.43 -18.55 -1.45
N PHE J 355 32.25 -17.45 -0.74
CA PHE J 355 31.52 -17.46 0.52
C PHE J 355 30.03 -17.19 0.37
N VAL J 356 29.54 -17.05 -0.85
CA VAL J 356 28.11 -17.16 -1.10
C VAL J 356 27.75 -18.57 -1.53
N GLN J 357 28.73 -19.36 -1.99
CA GLN J 357 28.51 -20.77 -2.26
C GLN J 357 28.40 -21.58 -0.98
N LEU J 358 29.26 -21.28 0.01
CA LEU J 358 29.21 -21.97 1.29
C LEU J 358 27.99 -21.60 2.12
N ILE J 359 27.29 -20.52 1.76
CA ILE J 359 26.05 -20.17 2.44
C ILE J 359 24.91 -20.37 1.45
N ASN J 360 25.09 -21.33 0.54
CA ASN J 360 24.00 -21.74 -0.33
C ASN J 360 23.88 -23.26 -0.32
N THR J 361 25.01 -23.95 -0.13
CA THR J 361 25.01 -25.41 0.00
C THR J 361 25.10 -25.85 1.46
N VAL J 362 26.13 -25.38 2.17
CA VAL J 362 26.31 -25.78 3.56
C VAL J 362 25.23 -25.15 4.44
N LEU J 363 24.89 -23.89 4.18
CA LEU J 363 23.88 -23.18 4.94
C LEU J 363 22.73 -22.81 4.03
N ASN J 364 21.53 -22.70 4.60
CA ASN J 364 20.32 -22.54 3.81
C ASN J 364 20.06 -21.10 3.37
N GLY J 365 21.08 -20.44 2.82
CA GLY J 365 20.91 -19.07 2.37
C GLY J 365 20.47 -18.12 3.46
N ASP J 366 20.97 -18.33 4.68
CA ASP J 366 20.45 -17.61 5.84
C ASP J 366 20.84 -16.15 5.79
N GLN J 367 19.84 -15.27 5.91
CA GLN J 367 20.12 -13.85 6.11
C GLN J 367 20.78 -13.58 7.46
N HIS J 368 20.70 -14.51 8.40
CA HIS J 368 21.53 -14.45 9.59
C HIS J 368 22.99 -14.67 9.26
N PHE J 369 23.28 -15.51 8.27
CA PHE J 369 24.64 -15.81 7.87
C PHE J 369 25.12 -14.91 6.72
N MET J 370 24.25 -14.63 5.76
CA MET J 370 24.64 -13.75 4.65
C MET J 370 24.87 -12.32 5.11
N SER J 371 24.24 -11.90 6.21
CA SER J 371 24.59 -10.61 6.79
C SER J 371 25.97 -10.64 7.43
N ALA J 372 26.37 -11.80 7.97
CA ALA J 372 27.72 -11.93 8.51
C ALA J 372 28.77 -11.85 7.40
N LEU J 373 28.45 -12.38 6.22
CA LEU J 373 29.33 -12.18 5.07
C LEU J 373 29.38 -10.72 4.67
N ASP J 374 28.23 -10.04 4.65
CA ASP J 374 28.21 -8.62 4.33
C ASP J 374 28.89 -7.79 5.40
N LYS J 375 28.69 -8.14 6.67
CA LYS J 375 29.33 -7.42 7.76
C LYS J 375 30.84 -7.63 7.79
N ALA J 376 31.34 -8.72 7.22
CA ALA J 376 32.76 -8.99 7.14
C ALA J 376 33.40 -8.45 5.88
N LEU J 377 32.69 -8.47 4.76
CA LEU J 377 33.24 -7.94 3.52
C LEU J 377 33.29 -6.42 3.54
N THR J 378 32.36 -5.77 4.26
CA THR J 378 32.43 -4.32 4.37
C THR J 378 33.57 -3.87 5.27
N SER J 379 34.18 -4.78 6.03
CA SER J 379 35.33 -4.45 6.84
C SER J 379 36.66 -4.76 6.17
N VAL J 380 36.66 -5.60 5.12
CA VAL J 380 37.88 -5.85 4.36
C VAL J 380 37.99 -4.95 3.14
N VAL J 381 36.88 -4.46 2.59
CA VAL J 381 36.95 -3.45 1.55
C VAL J 381 37.38 -2.11 2.15
N ASN J 382 36.77 -1.73 3.27
CA ASN J 382 37.11 -0.47 3.94
C ASN J 382 38.17 -0.67 5.02
N TYR J 383 39.29 -1.30 4.65
CA TYR J 383 40.39 -1.51 5.59
C TYR J 383 41.38 -0.37 5.41
N ARG J 384 41.29 0.63 6.29
CA ARG J 384 42.17 1.78 6.21
C ARG J 384 43.57 1.42 6.70
N GLU J 385 44.58 1.80 5.94
CA GLU J 385 45.95 1.63 6.36
C GLU J 385 46.26 2.55 7.54
N PRO J 386 47.22 2.18 8.39
CA PRO J 386 47.55 3.04 9.54
C PRO J 386 48.07 4.39 9.09
N LYS J 387 47.52 5.44 9.71
CA LYS J 387 47.85 6.84 9.40
C LYS J 387 47.63 7.14 7.92
N SER J 388 46.56 6.59 7.36
CA SER J 388 46.24 6.75 5.96
C SER J 388 44.73 6.77 5.79
N VAL J 389 44.29 6.84 4.53
CA VAL J 389 42.88 6.91 4.19
C VAL J 389 42.54 5.67 3.39
N CYS J 390 41.26 5.27 3.44
CA CYS J 390 40.80 4.10 2.71
C CYS J 390 40.94 4.31 1.21
N LYS J 391 41.61 3.37 0.55
CA LYS J 391 41.90 3.47 -0.88
C LYS J 391 40.86 2.74 -1.74
N ALA J 392 39.87 2.11 -1.12
CA ALA J 392 38.85 1.39 -1.88
C ALA J 392 38.04 2.27 -2.82
N PRO J 393 37.53 3.44 -2.43
CA PRO J 393 36.82 4.28 -3.42
C PRO J 393 37.70 4.70 -4.59
N GLU J 394 38.99 4.92 -4.37
CA GLU J 394 39.88 5.28 -5.47
C GLU J 394 40.16 4.08 -6.36
N LEU J 395 40.30 2.89 -5.76
CA LEU J 395 40.60 1.69 -6.54
C LEU J 395 39.41 1.28 -7.40
N LEU J 396 38.20 1.33 -6.85
CA LEU J 396 37.03 0.93 -7.63
C LEU J 396 36.70 1.95 -8.70
N ALA J 397 37.02 3.23 -8.48
CA ALA J 397 36.85 4.23 -9.52
C ALA J 397 37.79 3.96 -10.69
N LYS J 398 39.03 3.58 -10.40
CA LYS J 398 39.98 3.26 -11.46
C LYS J 398 39.67 1.93 -12.13
N TYR J 399 38.90 1.05 -11.47
CA TYR J 399 38.53 -0.21 -12.10
C TYR J 399 37.50 0.00 -13.20
N CYS J 400 36.49 0.84 -12.96
CA CYS J 400 35.54 1.19 -14.00
C CYS J 400 36.22 1.96 -15.12
N ASP J 401 37.11 2.89 -14.77
CA ASP J 401 37.82 3.65 -15.79
C ASP J 401 38.73 2.77 -16.63
N ASN J 402 39.27 1.69 -16.04
CA ASN J 402 40.14 0.79 -16.79
C ASN J 402 39.36 0.03 -17.87
N LEU J 403 38.15 -0.42 -17.54
CA LEU J 403 37.40 -1.25 -18.49
C LEU J 403 36.48 -0.45 -19.39
N LEU J 404 36.04 0.74 -18.98
CA LEU J 404 35.16 1.55 -19.81
C LEU J 404 35.92 2.39 -20.83
N LYS J 405 37.25 2.42 -20.76
CA LYS J 405 38.05 3.10 -21.77
C LYS J 405 38.10 2.26 -23.04
N LYS J 406 38.77 2.78 -24.06
CA LYS J 406 38.97 2.04 -25.31
C LYS J 406 39.99 0.95 -25.06
N SER J 407 39.50 -0.26 -24.78
CA SER J 407 40.36 -1.39 -24.44
C SER J 407 40.74 -2.13 -25.72
N ALA J 408 42.01 -2.02 -26.12
CA ALA J 408 42.49 -2.75 -27.28
C ALA J 408 42.70 -4.22 -27.00
N LYS J 409 42.72 -4.64 -25.73
CA LYS J 409 42.93 -6.04 -25.36
C LYS J 409 41.58 -6.76 -25.30
N GLY J 410 40.94 -6.86 -26.46
CA GLY J 410 39.64 -7.49 -26.55
C GLY J 410 38.55 -6.69 -25.88
N MET J 411 38.01 -7.24 -24.79
CA MET J 411 36.98 -6.60 -23.96
C MET J 411 35.74 -6.24 -24.79
N THR J 412 35.09 -7.30 -25.26
CA THR J 412 33.84 -7.13 -25.99
C THR J 412 32.76 -6.57 -25.07
N GLU J 413 31.77 -5.91 -25.68
CA GLU J 413 30.73 -5.25 -24.91
C GLU J 413 29.90 -6.24 -24.10
N ASN J 414 29.77 -7.49 -24.59
CA ASN J 414 29.09 -8.51 -23.81
C ASN J 414 29.94 -8.96 -22.63
N GLU J 415 31.26 -9.06 -22.84
CA GLU J 415 32.14 -9.46 -21.74
C GLU J 415 32.34 -8.32 -20.73
N VAL J 416 32.37 -7.08 -21.21
CA VAL J 416 32.51 -5.94 -20.30
C VAL J 416 31.31 -5.84 -19.37
N GLU J 417 30.10 -5.98 -19.93
CA GLU J 417 28.89 -5.91 -19.12
C GLU J 417 28.83 -7.03 -18.09
N ASP J 418 29.28 -8.24 -18.45
CA ASP J 418 29.31 -9.34 -17.50
C ASP J 418 30.29 -9.06 -16.36
N ARG J 419 31.44 -8.47 -16.68
CA ARG J 419 32.41 -8.08 -15.65
C ARG J 419 32.01 -6.82 -14.91
N LEU J 420 30.95 -6.14 -15.33
CA LEU J 420 30.55 -4.88 -14.72
C LEU J 420 29.27 -4.99 -13.91
N THR J 421 28.40 -5.94 -14.22
CA THR J 421 27.24 -6.18 -13.38
C THR J 421 27.64 -6.83 -12.05
N SER J 422 28.79 -7.50 -12.01
CA SER J 422 29.33 -8.02 -10.77
C SER J 422 30.17 -7.00 -10.01
N PHE J 423 30.45 -5.85 -10.63
CA PHE J 423 31.13 -4.77 -9.93
C PHE J 423 30.25 -4.19 -8.82
N ILE J 424 28.93 -4.21 -9.01
CA ILE J 424 28.01 -3.66 -8.02
C ILE J 424 28.07 -4.46 -6.73
N THR J 425 28.46 -5.74 -6.81
CA THR J 425 28.58 -6.57 -5.61
C THR J 425 29.66 -6.01 -4.67
N VAL J 426 30.79 -5.59 -5.22
CA VAL J 426 31.84 -4.99 -4.40
C VAL J 426 31.63 -3.48 -4.23
N PHE J 427 30.82 -2.85 -5.09
CA PHE J 427 30.57 -1.42 -4.94
C PHE J 427 29.69 -1.13 -3.72
N LYS J 428 28.76 -2.03 -3.40
CA LYS J 428 27.86 -1.81 -2.29
C LYS J 428 28.54 -1.89 -0.93
N TYR J 429 29.79 -2.35 -0.87
CA TYR J 429 30.53 -2.46 0.38
C TYR J 429 31.49 -1.31 0.61
N ILE J 430 31.46 -0.28 -0.23
CA ILE J 430 32.44 0.81 -0.13
C ILE J 430 32.21 1.63 1.15
N ASP J 431 30.96 1.96 1.44
CA ASP J 431 30.55 2.78 2.59
C ASP J 431 31.15 4.18 2.56
N ASP J 432 31.82 4.56 1.47
CA ASP J 432 32.37 5.89 1.25
C ASP J 432 32.06 6.33 -0.17
N LYS J 433 30.81 6.13 -0.60
CA LYS J 433 30.43 6.30 -1.99
C LYS J 433 30.42 7.75 -2.45
N ASP J 434 30.53 8.72 -1.53
CA ASP J 434 30.67 10.10 -1.95
C ASP J 434 32.04 10.35 -2.56
N VAL J 435 33.08 9.67 -2.04
CA VAL J 435 34.41 9.79 -2.61
C VAL J 435 34.46 9.09 -3.97
N PHE J 436 33.78 7.94 -4.09
CA PHE J 436 33.75 7.23 -5.36
C PHE J 436 32.99 8.02 -6.42
N GLN J 437 31.94 8.73 -6.02
CA GLN J 437 31.15 9.50 -6.98
C GLN J 437 31.97 10.61 -7.62
N LYS J 438 32.74 11.34 -6.81
CA LYS J 438 33.54 12.43 -7.36
C LYS J 438 34.70 11.90 -8.19
N PHE J 439 35.32 10.80 -7.77
CA PHE J 439 36.37 10.18 -8.57
C PHE J 439 35.81 9.65 -9.89
N TYR J 440 34.64 9.01 -9.85
CA TYR J 440 34.05 8.53 -11.08
C TYR J 440 33.60 9.69 -11.97
N ALA J 441 33.09 10.76 -11.37
CA ALA J 441 32.70 11.92 -12.14
C ALA J 441 33.89 12.57 -12.83
N ARG J 442 35.02 12.65 -12.13
CA ARG J 442 36.23 13.19 -12.74
C ARG J 442 36.79 12.25 -13.80
N MET J 443 36.65 10.94 -13.59
CA MET J 443 37.09 9.97 -14.59
C MET J 443 36.07 9.76 -15.70
N LEU J 444 34.84 10.23 -15.53
CA LEU J 444 33.87 10.24 -16.62
C LEU J 444 34.02 11.47 -17.51
N ALA J 445 34.38 12.61 -16.93
CA ALA J 445 34.60 13.81 -17.72
C ALA J 445 35.79 13.64 -18.65
N LYS J 446 36.90 13.10 -18.13
CA LYS J 446 38.08 12.88 -18.94
C LYS J 446 37.92 11.72 -19.91
N ARG J 447 36.93 10.86 -19.71
CA ARG J 447 36.63 9.79 -20.65
C ARG J 447 35.63 10.19 -21.71
N LEU J 448 34.92 11.30 -21.52
CA LEU J 448 33.95 11.78 -22.49
C LEU J 448 34.45 12.96 -23.30
N ILE J 449 35.22 13.86 -22.70
CA ILE J 449 35.76 15.00 -23.44
C ILE J 449 36.79 14.52 -24.46
N HIS J 450 37.71 13.66 -24.03
CA HIS J 450 38.76 13.16 -24.92
C HIS J 450 38.25 12.13 -25.90
N GLY J 451 37.05 11.59 -25.71
CA GLY J 451 36.54 10.55 -26.59
C GLY J 451 37.23 9.22 -26.44
N LEU J 452 37.89 8.99 -25.32
CA LEU J 452 38.62 7.74 -25.08
C LEU J 452 37.71 6.61 -24.60
N SER J 453 36.43 6.88 -24.40
CA SER J 453 35.54 5.89 -23.85
C SER J 453 35.22 4.80 -24.88
N MET J 454 34.55 3.75 -24.40
CA MET J 454 34.06 2.67 -25.23
C MET J 454 32.72 3.11 -25.84
N SER J 455 31.96 2.16 -26.37
CA SER J 455 30.64 2.47 -26.93
C SER J 455 29.75 3.13 -25.89
N MET J 456 29.02 4.17 -26.32
CA MET J 456 28.28 5.01 -25.40
C MET J 456 27.13 4.28 -24.71
N ASP J 457 26.70 3.14 -25.26
CA ASP J 457 25.68 2.35 -24.58
C ASP J 457 26.22 1.75 -23.27
N SER J 458 27.53 1.49 -23.22
CA SER J 458 28.12 0.96 -21.99
C SER J 458 28.19 2.01 -20.90
N GLU J 459 28.47 3.26 -21.27
CA GLU J 459 28.52 4.34 -20.27
C GLU J 459 27.15 4.59 -19.67
N GLU J 460 26.10 4.54 -20.49
CA GLU J 460 24.74 4.65 -19.97
C GLU J 460 24.38 3.46 -19.08
N ALA J 461 24.91 2.28 -19.40
CA ALA J 461 24.66 1.10 -18.57
C ALA J 461 25.29 1.26 -17.19
N MET J 462 26.50 1.81 -17.13
CA MET J 462 27.14 2.01 -15.83
C MET J 462 26.43 3.06 -15.00
N ILE J 463 25.89 4.10 -15.63
CA ILE J 463 25.08 5.08 -14.91
C ILE J 463 23.79 4.42 -14.40
N ASN J 464 23.18 3.56 -15.23
CA ASN J 464 21.97 2.86 -14.81
C ASN J 464 22.26 1.90 -13.66
N LYS J 465 23.41 1.22 -13.71
CA LYS J 465 23.77 0.30 -12.62
C LYS J 465 24.02 1.06 -11.32
N LEU J 466 24.66 2.22 -11.41
CA LEU J 466 24.88 3.02 -10.20
C LEU J 466 23.59 3.67 -9.74
N LYS J 467 22.66 3.97 -10.66
CA LYS J 467 21.39 4.56 -10.27
C LYS J 467 20.56 3.61 -9.42
N GLN J 468 20.52 2.33 -9.81
CA GLN J 468 19.78 1.35 -9.02
C GLN J 468 20.51 0.97 -7.74
N ALA J 469 21.84 1.06 -7.74
CA ALA J 469 22.61 0.63 -6.57
C ALA J 469 22.49 1.63 -5.43
N CYS J 470 22.54 2.92 -5.73
CA CYS J 470 22.56 3.95 -4.69
C CYS J 470 21.36 4.89 -4.73
N GLY J 471 20.84 5.21 -5.90
CA GLY J 471 19.69 6.09 -5.99
C GLY J 471 19.81 7.12 -7.10
N TYR J 472 18.73 7.87 -7.34
CA TYR J 472 18.77 8.91 -8.37
C TYR J 472 19.58 10.11 -7.92
N GLU J 473 19.64 10.36 -6.61
CA GLU J 473 20.46 11.45 -6.09
C GLU J 473 21.94 11.17 -6.29
N PHE J 474 22.34 9.91 -6.44
CA PHE J 474 23.74 9.58 -6.70
C PHE J 474 24.14 10.00 -8.11
N THR J 475 23.48 9.43 -9.11
CA THR J 475 23.78 9.73 -10.52
C THR J 475 22.91 10.86 -11.06
N SER J 476 22.88 11.99 -10.37
CA SER J 476 22.24 13.17 -10.92
C SER J 476 23.21 13.97 -11.79
N LYS J 477 24.41 14.22 -11.27
CA LYS J 477 25.45 14.87 -12.06
C LYS J 477 26.03 13.93 -13.10
N LEU J 478 26.09 12.62 -12.78
CA LEU J 478 26.65 11.66 -13.72
C LEU J 478 25.77 11.51 -14.95
N HIS J 479 24.45 11.49 -14.77
CA HIS J 479 23.56 11.35 -15.92
C HIS J 479 23.54 12.61 -16.77
N ARG J 480 23.74 13.78 -16.15
CA ARG J 480 23.79 15.01 -16.93
C ARG J 480 25.04 15.07 -17.80
N MET J 481 26.14 14.49 -17.34
CA MET J 481 27.34 14.42 -18.16
C MET J 481 27.12 13.58 -19.41
N TYR J 482 26.45 12.43 -19.26
CA TYR J 482 26.19 11.57 -20.40
C TYR J 482 25.16 12.18 -21.33
N THR J 483 24.14 12.84 -20.77
CA THR J 483 23.11 13.47 -21.58
C THR J 483 23.70 14.60 -22.44
N ASP J 484 24.57 15.41 -21.85
CA ASP J 484 25.18 16.52 -22.58
C ASP J 484 26.05 16.02 -23.73
N MET J 485 26.80 14.95 -23.50
CA MET J 485 27.63 14.39 -24.57
C MET J 485 26.81 13.64 -25.61
N SER J 486 25.64 13.13 -25.23
CA SER J 486 24.80 12.42 -26.19
C SER J 486 24.12 13.39 -27.15
N VAL J 487 23.65 14.54 -26.64
CA VAL J 487 22.94 15.50 -27.47
C VAL J 487 23.88 16.55 -28.08
N SER J 488 25.18 16.47 -27.80
CA SER J 488 26.10 17.45 -28.37
C SER J 488 26.23 17.27 -29.88
N ALA J 489 26.06 16.05 -30.39
CA ALA J 489 26.03 15.84 -31.82
C ALA J 489 24.84 16.54 -32.47
N ASP J 490 23.68 16.49 -31.79
CA ASP J 490 22.50 17.17 -32.31
C ASP J 490 22.63 18.68 -32.23
N LEU J 491 23.26 19.19 -31.16
CA LEU J 491 23.44 20.62 -31.02
C LEU J 491 24.40 21.16 -32.09
N ASN J 492 25.47 20.42 -32.37
CA ASN J 492 26.38 20.82 -33.45
C ASN J 492 25.70 20.71 -34.80
N ASN J 493 24.78 19.75 -34.96
CA ASN J 493 23.97 19.69 -36.18
C ASN J 493 23.08 20.92 -36.30
N LYS J 494 22.53 21.39 -35.18
CA LYS J 494 21.74 22.61 -35.20
C LYS J 494 22.60 23.83 -35.50
N PHE J 495 23.82 23.88 -34.97
CA PHE J 495 24.69 25.02 -35.24
C PHE J 495 25.10 25.05 -36.71
N ASN J 496 25.45 23.89 -37.28
CA ASN J 496 25.81 23.84 -38.69
C ASN J 496 24.63 24.20 -39.58
N ASN J 497 23.41 23.89 -39.13
CA ASN J 497 22.21 24.37 -39.83
C ASN J 497 22.01 25.86 -39.62
N PHE J 498 22.43 26.40 -38.47
CA PHE J 498 22.22 27.81 -38.18
C PHE J 498 23.07 28.71 -39.07
N ILE J 499 24.35 28.36 -39.25
CA ILE J 499 25.23 29.18 -40.06
C ILE J 499 24.82 29.13 -41.53
N LYS J 500 24.32 27.98 -42.00
CA LYS J 500 23.81 27.90 -43.36
C LYS J 500 22.51 28.69 -43.53
N ASN J 501 21.71 28.79 -42.47
CA ASN J 501 20.45 29.50 -42.52
C ASN J 501 20.61 31.00 -42.33
N GLN J 502 21.83 31.48 -42.13
CA GLN J 502 22.06 32.91 -41.99
C GLN J 502 21.78 33.64 -43.30
N ASP J 503 21.51 34.95 -43.18
CA ASP J 503 21.17 35.76 -44.35
C ASP J 503 22.34 35.82 -45.33
N THR J 504 23.56 35.96 -44.82
CA THR J 504 24.77 35.88 -45.62
C THR J 504 25.50 34.59 -45.33
N VAL J 505 26.29 34.13 -46.30
CA VAL J 505 27.06 32.90 -46.13
C VAL J 505 28.24 33.20 -45.22
N ILE J 506 28.17 32.71 -43.98
CA ILE J 506 29.23 32.97 -43.01
C ILE J 506 30.44 32.12 -43.36
N ASP J 507 31.57 32.78 -43.62
CA ASP J 507 32.81 32.10 -43.97
C ASP J 507 33.47 31.63 -42.69
N LEU J 508 33.07 30.44 -42.23
CA LEU J 508 33.66 29.87 -41.02
C LEU J 508 35.13 29.52 -41.24
N GLY J 509 35.41 28.77 -42.30
CA GLY J 509 36.76 28.29 -42.53
C GLY J 509 37.26 27.39 -41.42
N ILE J 510 36.38 26.54 -40.88
CA ILE J 510 36.68 25.77 -39.68
C ILE J 510 35.67 24.63 -39.60
N SER J 511 36.07 23.52 -38.99
CA SER J 511 35.17 22.43 -38.65
C SER J 511 34.94 22.48 -37.14
N PHE J 512 33.68 22.64 -36.74
CA PHE J 512 33.35 23.04 -35.38
C PHE J 512 32.52 21.94 -34.72
N GLN J 513 33.06 21.36 -33.64
CA GLN J 513 32.48 20.17 -33.01
C GLN J 513 32.48 20.33 -31.48
N ILE J 514 31.92 21.45 -31.01
CA ILE J 514 31.94 21.78 -29.59
C ILE J 514 31.15 20.75 -28.78
N TYR J 515 31.60 20.49 -27.55
CA TYR J 515 30.90 19.63 -26.59
C TYR J 515 30.33 20.51 -25.49
N VAL J 516 29.14 21.06 -25.73
CA VAL J 516 28.50 21.93 -24.75
C VAL J 516 28.00 21.08 -23.59
N LEU J 517 28.25 21.55 -22.36
CA LEU J 517 27.96 20.74 -21.19
C LEU J 517 27.66 21.65 -20.01
N GLN J 518 26.95 21.09 -19.03
CA GLN J 518 26.42 21.86 -17.90
C GLN J 518 27.55 22.36 -17.00
N ALA J 519 27.23 23.34 -16.17
CA ALA J 519 28.21 23.95 -15.28
C ALA J 519 28.27 23.25 -13.92
N GLY J 520 27.12 23.18 -13.24
CA GLY J 520 27.08 22.58 -11.92
C GLY J 520 27.15 21.08 -11.89
N ALA J 521 27.01 20.41 -13.04
CA ALA J 521 27.05 18.96 -13.09
C ALA J 521 28.47 18.44 -13.29
N TRP J 522 29.20 18.99 -14.25
CA TRP J 522 30.54 18.51 -14.55
C TRP J 522 31.51 18.96 -13.48
N PRO J 523 32.53 18.15 -13.16
CA PRO J 523 33.45 18.53 -12.08
C PRO J 523 34.61 19.39 -12.56
N LEU J 524 34.49 19.93 -13.76
CA LEU J 524 35.54 20.78 -14.32
C LEU J 524 35.55 22.12 -13.61
N THR J 525 36.75 22.64 -13.35
CA THR J 525 36.92 23.82 -12.53
C THR J 525 37.86 24.81 -13.21
N GLN J 526 37.46 26.08 -13.22
CA GLN J 526 38.30 27.17 -13.69
C GLN J 526 38.60 28.13 -12.54
N ALA J 527 38.97 27.57 -11.39
CA ALA J 527 39.32 28.41 -10.24
C ALA J 527 40.50 29.36 -10.51
N PRO J 528 41.59 28.96 -11.16
CA PRO J 528 42.56 29.97 -11.60
C PRO J 528 41.98 30.85 -12.69
N SER J 529 42.50 32.07 -12.78
CA SER J 529 42.00 33.03 -13.77
C SER J 529 42.26 32.52 -15.18
N SER J 530 43.48 32.06 -15.46
CA SER J 530 43.88 31.49 -16.75
C SER J 530 43.55 32.44 -17.91
N THR J 531 44.22 33.60 -17.89
CA THR J 531 44.01 34.60 -18.93
C THR J 531 44.50 34.06 -20.26
N PHE J 532 43.61 34.05 -21.26
CA PHE J 532 43.92 33.50 -22.57
C PHE J 532 43.28 34.37 -23.64
N ALA J 533 43.96 34.46 -24.78
CA ALA J 533 43.47 35.23 -25.93
C ALA J 533 43.19 34.27 -27.08
N ILE J 534 41.97 34.33 -27.60
CA ILE J 534 41.59 33.45 -28.71
C ILE J 534 42.29 33.92 -29.98
N PRO J 535 43.00 33.05 -30.69
CA PRO J 535 43.64 33.46 -31.95
C PRO J 535 42.63 33.82 -33.02
N GLN J 536 43.11 34.58 -34.01
CA GLN J 536 42.23 35.22 -34.99
C GLN J 536 41.62 34.24 -35.99
N GLU J 537 42.27 33.10 -36.25
CA GLU J 537 41.75 32.16 -37.22
C GLU J 537 40.40 31.59 -36.79
N LEU J 538 40.28 31.26 -35.49
CA LEU J 538 39.05 30.75 -34.91
C LEU J 538 38.26 31.83 -34.17
N GLU J 539 38.66 33.10 -34.31
CA GLU J 539 37.92 34.18 -33.66
C GLU J 539 36.53 34.35 -34.26
N LYS J 540 36.37 34.03 -35.54
CA LYS J 540 35.05 34.13 -36.16
C LYS J 540 34.14 32.99 -35.70
N SER J 541 34.68 31.79 -35.49
CA SER J 541 33.86 30.66 -35.10
C SER J 541 33.33 30.80 -33.68
N VAL J 542 34.18 31.30 -32.76
CA VAL J 542 33.75 31.47 -31.38
C VAL J 542 32.69 32.57 -31.26
N GLN J 543 32.75 33.58 -32.12
CA GLN J 543 31.78 34.67 -32.05
C GLN J 543 30.42 34.23 -32.60
N MET J 544 30.42 33.42 -33.67
CA MET J 544 29.16 32.99 -34.26
C MET J 544 28.40 32.03 -33.34
N PHE J 545 29.11 31.21 -32.57
CA PHE J 545 28.44 30.31 -31.65
C PHE J 545 27.83 31.06 -30.47
N GLU J 546 28.45 32.16 -30.05
CA GLU J 546 27.83 33.00 -29.02
C GLU J 546 26.51 33.58 -29.50
N LEU J 547 26.46 33.99 -30.77
CA LEU J 547 25.20 34.45 -31.36
C LEU J 547 24.21 33.30 -31.51
N PHE J 548 24.68 32.10 -31.82
CA PHE J 548 23.78 30.98 -32.01
C PHE J 548 23.20 30.49 -30.68
N TYR J 549 24.04 30.36 -29.67
CA TYR J 549 23.58 29.84 -28.38
C TYR J 549 22.64 30.82 -27.69
N SER J 550 22.92 32.11 -27.78
CA SER J 550 22.06 33.11 -27.16
C SER J 550 20.74 33.28 -27.90
N GLN J 551 20.66 32.82 -29.15
CA GLN J 551 19.42 32.93 -29.91
C GLN J 551 18.50 31.73 -29.69
N HIS J 552 19.06 30.54 -29.50
CA HIS J 552 18.28 29.33 -29.31
C HIS J 552 18.14 28.92 -27.85
N PHE J 553 19.09 29.32 -26.99
CA PHE J 553 19.04 29.02 -25.57
C PHE J 553 19.28 30.33 -24.82
N SER J 554 18.21 31.07 -24.57
CA SER J 554 18.32 32.38 -23.97
C SER J 554 18.73 32.30 -22.51
N GLY J 555 19.43 33.33 -22.04
CA GLY J 555 19.81 33.41 -20.65
C GLY J 555 20.94 32.51 -20.22
N ARG J 556 21.78 32.05 -21.16
CA ARG J 556 22.88 31.16 -20.84
C ARG J 556 24.19 31.83 -21.24
N LYS J 557 25.06 32.08 -20.27
CA LYS J 557 26.41 32.54 -20.55
C LYS J 557 27.32 31.34 -20.78
N LEU J 558 28.35 31.54 -21.59
CA LEU J 558 29.24 30.47 -22.00
C LEU J 558 30.68 30.85 -21.66
N THR J 559 31.18 30.34 -20.54
CA THR J 559 32.61 30.44 -20.25
C THR J 559 33.32 29.28 -20.94
N TRP J 560 34.41 29.59 -21.63
CA TRP J 560 35.09 28.64 -22.50
C TRP J 560 36.30 28.06 -21.77
N LEU J 561 36.34 26.73 -21.68
CA LEU J 561 37.53 26.07 -21.16
C LEU J 561 38.61 26.04 -22.23
N HIS J 562 39.80 26.49 -21.86
CA HIS J 562 40.92 26.58 -22.79
C HIS J 562 41.97 25.50 -22.56
N TYR J 563 41.71 24.53 -21.71
CA TYR J 563 42.65 23.43 -21.48
C TYR J 563 42.09 22.06 -21.82
N LEU J 564 40.79 21.82 -21.66
CA LEU J 564 40.19 20.57 -22.14
C LEU J 564 39.59 20.73 -23.54
N CYS J 565 40.39 21.20 -24.48
CA CYS J 565 39.94 21.32 -25.86
C CYS J 565 41.16 21.25 -26.77
N THR J 566 40.94 20.78 -28.00
CA THR J 566 42.01 20.55 -28.95
C THR J 566 41.48 20.80 -30.35
N GLY J 567 42.22 20.35 -31.35
CA GLY J 567 41.80 20.49 -32.73
C GLY J 567 43.00 20.56 -33.65
N GLU J 568 42.72 20.47 -34.95
CA GLU J 568 43.76 20.58 -35.96
C GLU J 568 44.29 22.00 -36.04
N VAL J 569 45.46 22.14 -36.65
CA VAL J 569 46.14 23.42 -36.73
C VAL J 569 46.48 23.72 -38.20
N LYS J 570 46.31 24.97 -38.60
CA LYS J 570 46.66 25.44 -39.94
C LYS J 570 47.99 26.18 -39.84
N MET J 571 49.07 25.49 -40.21
CA MET J 571 50.42 26.06 -40.16
C MET J 571 50.80 26.52 -41.57
N ASN J 572 50.27 27.69 -41.95
CA ASN J 572 50.59 28.26 -43.25
C ASN J 572 52.04 28.73 -43.30
N TYR J 573 52.56 29.24 -42.18
CA TYR J 573 53.93 29.72 -42.13
C TYR J 573 54.94 28.58 -42.10
N LEU J 574 54.49 27.36 -41.80
CA LEU J 574 55.36 26.20 -41.75
C LEU J 574 55.45 25.46 -43.08
N GLY J 575 54.71 25.90 -44.10
CA GLY J 575 54.59 25.16 -45.33
C GLY J 575 53.55 24.06 -45.30
N LYS J 576 52.73 24.02 -44.24
CA LYS J 576 51.74 22.96 -44.02
C LYS J 576 52.29 21.53 -44.13
N PRO J 577 53.29 21.15 -43.29
CA PRO J 577 53.61 19.73 -43.19
C PRO J 577 52.98 19.05 -41.97
N TYR J 578 52.47 17.84 -42.15
CA TYR J 578 52.12 16.93 -41.05
C TYR J 578 51.12 17.57 -40.09
N VAL J 579 49.89 17.74 -40.61
CA VAL J 579 48.77 18.35 -39.89
C VAL J 579 48.58 17.70 -38.52
N ALA J 580 48.67 18.49 -37.46
CA ALA J 580 48.72 17.99 -36.10
C ALA J 580 47.51 18.46 -35.31
N MET J 581 47.16 17.67 -34.29
CA MET J 581 46.07 17.96 -33.38
C MET J 581 46.67 18.32 -32.02
N VAL J 582 46.54 19.60 -31.65
CA VAL J 582 47.05 20.10 -30.37
C VAL J 582 45.96 20.92 -29.71
N THR J 583 46.18 21.23 -28.43
CA THR J 583 45.23 22.04 -27.68
C THR J 583 45.30 23.50 -28.15
N THR J 584 44.30 24.27 -27.73
CA THR J 584 44.27 25.68 -28.10
C THR J 584 45.37 26.49 -27.41
N TYR J 585 45.98 25.93 -26.36
CA TYR J 585 47.14 26.56 -25.76
C TYR J 585 48.30 26.60 -26.76
N GLN J 586 48.50 25.50 -27.49
CA GLN J 586 49.50 25.45 -28.54
C GLN J 586 49.04 26.12 -29.83
N MET J 587 47.74 26.40 -29.96
CA MET J 587 47.25 27.07 -31.16
C MET J 587 47.74 28.52 -31.22
N ALA J 588 47.67 29.23 -30.10
CA ALA J 588 48.17 30.60 -30.06
C ALA J 588 49.69 30.67 -30.08
N VAL J 589 50.36 29.56 -29.76
CA VAL J 589 51.82 29.52 -29.87
C VAL J 589 52.25 29.61 -31.33
N LEU J 590 51.60 28.82 -32.19
CA LEU J 590 51.91 28.87 -33.62
C LEU J 590 51.43 30.16 -34.26
N LEU J 591 50.41 30.81 -33.68
CA LEU J 591 50.01 32.12 -34.16
C LEU J 591 51.13 33.14 -33.98
N ALA J 592 51.84 33.06 -32.85
CA ALA J 592 53.03 33.88 -32.67
C ALA J 592 54.10 33.53 -33.70
N PHE J 593 54.28 32.24 -33.96
CA PHE J 593 55.21 31.80 -34.99
C PHE J 593 54.69 32.06 -36.41
N ASN J 594 53.40 32.34 -36.56
CA ASN J 594 52.89 32.70 -37.88
C ASN J 594 53.39 34.07 -38.33
N ASN J 595 53.61 34.99 -37.38
CA ASN J 595 54.10 36.31 -37.74
C ASN J 595 55.58 36.27 -38.12
N SER J 596 56.39 35.54 -37.35
CA SER J 596 57.82 35.47 -37.61
C SER J 596 58.34 34.12 -37.11
N GLU J 597 59.50 33.72 -37.64
CA GLU J 597 60.08 32.44 -37.26
C GLU J 597 60.62 32.47 -35.83
N THR J 598 61.10 33.62 -35.38
CA THR J 598 61.71 33.75 -34.05
C THR J 598 60.79 34.58 -33.17
N VAL J 599 60.40 34.01 -32.02
CA VAL J 599 59.59 34.71 -31.04
C VAL J 599 60.23 34.55 -29.67
N SER J 600 59.79 35.40 -28.74
CA SER J 600 60.26 35.40 -27.36
C SER J 600 59.08 35.15 -26.42
N TYR J 601 59.34 35.23 -25.11
CA TYR J 601 58.28 35.08 -24.14
C TYR J 601 57.26 36.21 -24.24
N LYS J 602 57.74 37.44 -24.42
CA LYS J 602 56.83 38.57 -24.56
C LYS J 602 56.17 38.58 -25.93
N GLU J 603 56.84 38.05 -26.95
CA GLU J 603 56.20 37.87 -28.25
C GLU J 603 55.05 36.87 -28.16
N LEU J 604 55.25 35.78 -27.41
CA LEU J 604 54.15 34.86 -27.14
C LEU J 604 53.11 35.49 -26.22
N GLN J 605 53.53 36.40 -25.34
CA GLN J 605 52.58 37.11 -24.50
C GLN J 605 51.66 38.01 -25.33
N ASP J 606 52.13 38.47 -26.49
CA ASP J 606 51.28 39.26 -27.37
C ASP J 606 50.15 38.43 -27.94
N SER J 607 50.42 37.17 -28.29
CA SER J 607 49.42 36.30 -28.91
C SER J 607 48.64 35.50 -27.87
N THR J 608 49.34 34.70 -27.07
CA THR J 608 48.67 33.82 -26.12
C THR J 608 48.03 34.62 -24.97
N GLN J 609 48.71 35.67 -24.51
CA GLN J 609 48.30 36.47 -23.36
C GLN J 609 48.13 35.61 -22.11
N MET J 610 48.95 34.57 -21.97
CA MET J 610 48.89 33.68 -20.83
C MET J 610 49.64 34.29 -19.65
N ASN J 611 49.44 33.69 -18.47
CA ASN J 611 50.12 34.13 -17.27
C ASN J 611 51.53 33.54 -17.24
N GLU J 612 52.23 33.72 -16.11
CA GLU J 612 53.61 33.26 -15.99
C GLU J 612 53.71 31.79 -15.60
N LYS J 613 52.59 31.11 -15.38
CA LYS J 613 52.59 29.71 -14.97
C LYS J 613 52.12 28.77 -16.07
N GLU J 614 50.97 29.03 -16.67
CA GLU J 614 50.44 28.14 -17.70
C GLU J 614 51.22 28.23 -19.00
N LEU J 615 51.95 29.32 -19.23
CA LEU J 615 52.76 29.44 -20.44
C LEU J 615 54.00 28.58 -20.37
N THR J 616 54.42 28.15 -19.18
CA THR J 616 55.59 27.30 -19.04
C THR J 616 55.34 25.93 -19.65
N LYS J 617 54.31 25.23 -19.16
CA LYS J 617 54.01 23.90 -19.68
C LYS J 617 53.50 23.93 -21.11
N THR J 618 52.93 25.06 -21.55
CA THR J 618 52.46 25.18 -22.92
C THR J 618 53.63 25.12 -23.90
N ILE J 619 54.70 25.86 -23.60
CA ILE J 619 55.85 25.87 -24.51
C ILE J 619 56.79 24.69 -24.25
N LYS J 620 56.67 24.02 -23.10
CA LYS J 620 57.49 22.84 -22.86
C LYS J 620 57.07 21.68 -23.75
N SER J 621 55.81 21.64 -24.17
CA SER J 621 55.36 20.60 -25.07
C SER J 621 56.02 20.71 -26.44
N LEU J 622 56.20 21.94 -26.93
CA LEU J 622 56.84 22.14 -28.24
C LEU J 622 58.30 21.72 -28.22
N LEU J 623 59.00 22.00 -27.12
CA LEU J 623 60.41 21.64 -27.03
C LEU J 623 60.61 20.13 -26.94
N ASP J 624 59.71 19.44 -26.23
CA ASP J 624 59.84 18.00 -26.08
C ASP J 624 59.56 17.26 -27.38
N VAL J 625 58.61 17.75 -28.19
CA VAL J 625 58.30 17.10 -29.46
C VAL J 625 59.26 17.52 -30.56
N LYS J 626 60.18 18.44 -30.25
CA LYS J 626 61.20 18.94 -31.18
C LYS J 626 60.58 19.62 -32.41
N MET J 627 59.40 20.21 -32.23
CA MET J 627 58.79 21.02 -33.28
C MET J 627 59.21 22.48 -33.19
N ILE J 628 59.71 22.92 -32.04
CA ILE J 628 60.23 24.26 -31.83
C ILE J 628 61.54 24.15 -31.08
N ASN J 629 62.57 24.84 -31.57
CA ASN J 629 63.89 24.79 -30.97
C ASN J 629 64.22 26.12 -30.28
N HIS J 630 64.91 26.02 -29.14
CA HIS J 630 65.31 27.19 -28.38
C HIS J 630 66.44 27.94 -29.09
N ASP J 631 66.42 29.26 -28.98
CA ASP J 631 67.51 30.08 -29.53
C ASP J 631 68.82 29.82 -28.80
N SER J 632 68.76 29.69 -27.48
CA SER J 632 69.96 29.53 -26.67
C SER J 632 69.72 28.40 -25.67
N GLU J 633 70.68 28.22 -24.76
CA GLU J 633 70.61 27.16 -23.75
C GLU J 633 69.66 27.50 -22.61
N LYS J 634 69.23 28.76 -22.49
CA LYS J 634 68.39 29.19 -21.37
C LYS J 634 66.97 28.67 -21.56
N GLU J 635 66.79 27.39 -21.23
CA GLU J 635 65.47 26.77 -21.26
C GLU J 635 64.58 27.22 -20.11
N ASP J 636 65.17 27.82 -19.07
CA ASP J 636 64.38 28.30 -17.94
C ASP J 636 63.50 29.47 -18.36
N ILE J 637 62.39 29.64 -17.64
CA ILE J 637 61.45 30.72 -17.94
C ILE J 637 62.05 32.04 -17.47
N ASP J 638 62.16 32.98 -18.38
CA ASP J 638 62.74 34.30 -18.08
C ASP J 638 62.05 35.32 -18.97
N ALA J 639 62.66 36.51 -19.09
CA ALA J 639 62.06 37.58 -19.87
C ALA J 639 62.06 37.26 -21.36
N GLU J 640 63.20 36.83 -21.89
CA GLU J 640 63.28 36.59 -23.34
C GLU J 640 62.77 35.20 -23.70
N SER J 641 63.49 34.16 -23.28
CA SER J 641 63.23 32.76 -23.64
C SER J 641 62.96 32.62 -25.14
N SER J 642 63.92 33.10 -25.93
CA SER J 642 63.73 33.21 -27.37
C SER J 642 63.64 31.84 -28.02
N PHE J 643 62.70 31.70 -28.94
CA PHE J 643 62.46 30.46 -29.67
C PHE J 643 62.67 30.67 -31.15
N SER J 644 62.59 29.58 -31.91
CA SER J 644 62.76 29.64 -33.35
C SER J 644 61.97 28.49 -33.99
N LEU J 645 61.90 28.51 -35.32
CA LEU J 645 61.21 27.48 -36.05
C LEU J 645 62.09 26.26 -36.24
N ASN J 646 61.48 25.08 -36.14
CA ASN J 646 62.20 23.82 -36.28
C ASN J 646 61.56 22.99 -37.39
N MET J 647 61.29 23.63 -38.53
CA MET J 647 60.61 22.97 -39.63
C MET J 647 61.48 21.94 -40.33
N ASN J 648 62.81 22.06 -40.22
CA ASN J 648 63.69 21.10 -40.89
C ASN J 648 63.58 19.71 -40.27
N PHE J 649 63.15 19.62 -39.01
CA PHE J 649 62.89 18.33 -38.37
C PHE J 649 61.51 17.84 -38.81
N SER J 650 61.48 17.26 -40.01
CA SER J 650 60.22 16.75 -40.55
C SER J 650 59.82 15.47 -39.83
N SER J 651 58.56 15.41 -39.41
CA SER J 651 58.07 14.26 -38.66
C SER J 651 57.81 13.08 -39.61
N LYS J 652 57.84 11.88 -39.03
CA LYS J 652 57.60 10.68 -39.81
C LYS J 652 56.13 10.49 -40.13
N ARG J 653 55.24 10.84 -39.21
CA ARG J 653 53.81 10.64 -39.37
C ARG J 653 53.14 11.90 -39.88
N THR J 654 52.07 11.71 -40.65
CA THR J 654 51.31 12.84 -41.17
C THR J 654 50.40 13.47 -40.12
N LYS J 655 50.13 12.77 -39.02
CA LYS J 655 49.34 13.36 -37.94
C LYS J 655 50.25 13.97 -36.88
N PHE J 656 51.07 13.14 -36.23
CA PHE J 656 52.09 13.59 -35.27
C PHE J 656 51.51 14.45 -34.15
N LYS J 657 50.36 14.03 -33.63
CA LYS J 657 49.74 14.77 -32.54
C LYS J 657 50.54 14.61 -31.25
N ILE J 658 50.60 15.68 -30.47
CA ILE J 658 51.30 15.67 -29.19
C ILE J 658 50.43 16.40 -28.16
N THR J 659 49.96 15.67 -27.15
CA THR J 659 49.18 16.27 -26.08
C THR J 659 49.51 15.73 -24.70
N THR J 660 50.44 14.76 -24.60
CA THR J 660 51.01 14.20 -23.37
C THR J 660 49.99 13.31 -22.65
N SER J 661 48.74 13.30 -23.12
CA SER J 661 47.69 12.38 -22.68
C SER J 661 47.52 12.40 -21.15
N MET J 662 47.08 13.57 -20.65
CA MET J 662 47.01 13.76 -19.21
C MET J 662 45.77 13.10 -18.57
N GLN J 663 45.55 11.83 -18.89
CA GLN J 663 44.44 11.10 -18.28
C GLN J 663 44.74 10.69 -16.85
N LYS J 664 46.02 10.49 -16.52
CA LYS J 664 46.40 10.15 -15.16
C LYS J 664 46.22 11.36 -14.25
N ASP J 665 45.55 11.16 -13.12
CA ASP J 665 45.31 12.22 -12.16
C ASP J 665 46.51 12.35 -11.23
N THR J 666 47.16 13.52 -11.28
CA THR J 666 48.30 13.76 -10.40
C THR J 666 47.86 13.83 -8.95
N PRO J 667 48.70 13.41 -8.01
CA PRO J 667 48.34 13.53 -6.59
C PRO J 667 48.16 14.96 -6.12
N GLN J 668 48.71 15.94 -6.84
CA GLN J 668 48.48 17.34 -6.49
C GLN J 668 47.01 17.71 -6.64
N GLU J 669 46.37 17.23 -7.71
CA GLU J 669 44.95 17.47 -7.93
C GLU J 669 44.05 16.34 -7.43
N MET J 670 44.63 15.15 -7.18
CA MET J 670 43.83 14.06 -6.61
C MET J 670 43.40 14.38 -5.18
N GLU J 671 44.30 14.98 -4.39
CA GLU J 671 43.96 15.38 -3.04
C GLU J 671 42.93 16.50 -3.01
N GLN J 672 42.82 17.29 -4.08
CA GLN J 672 41.76 18.27 -4.17
C GLN J 672 40.39 17.60 -4.23
N THR J 673 40.27 16.52 -5.01
CA THR J 673 39.04 15.75 -5.02
C THR J 673 38.91 14.89 -3.77
N ARG J 674 40.00 14.63 -3.06
CA ARG J 674 39.92 13.99 -1.75
C ARG J 674 39.56 14.98 -0.66
N SER J 675 39.68 16.28 -0.92
CA SER J 675 39.27 17.30 0.01
C SER J 675 37.94 17.95 -0.35
N ALA J 676 37.59 17.95 -1.64
CA ALA J 676 36.27 18.42 -2.05
C ALA J 676 35.18 17.51 -1.50
N VAL J 677 35.43 16.20 -1.48
CA VAL J 677 34.49 15.28 -0.84
C VAL J 677 34.43 15.51 0.66
N ASP J 678 35.55 15.94 1.25
CA ASP J 678 35.55 16.27 2.67
C ASP J 678 34.77 17.55 2.93
N GLU J 679 34.85 18.52 2.02
CA GLU J 679 34.06 19.73 2.16
C GLU J 679 32.58 19.45 2.01
N ASP J 680 32.20 18.74 0.93
CA ASP J 680 30.81 18.37 0.73
C ASP J 680 30.31 17.40 1.80
N ARG J 681 31.22 16.71 2.48
CA ARG J 681 30.84 15.93 3.65
C ARG J 681 30.33 16.85 4.75
N LYS J 682 30.96 18.01 4.92
CA LYS J 682 30.58 18.93 6.00
C LYS J 682 29.21 19.57 5.74
N MET J 683 28.95 19.99 4.49
CA MET J 683 27.65 20.57 4.19
C MET J 683 26.55 19.53 4.28
N TYR J 684 26.82 18.30 3.86
CA TYR J 684 25.81 17.25 3.98
C TYR J 684 25.60 16.84 5.43
N LEU J 685 26.65 16.92 6.25
CA LEU J 685 26.48 16.65 7.68
C LEU J 685 25.69 17.76 8.35
N GLN J 686 25.97 19.02 8.01
CA GLN J 686 25.24 20.14 8.59
C GLN J 686 23.78 20.11 8.18
N ALA J 687 23.50 19.79 6.91
CA ALA J 687 22.12 19.71 6.46
C ALA J 687 21.40 18.51 7.09
N ALA J 688 22.14 17.48 7.48
CA ALA J 688 21.52 16.32 8.12
C ALA J 688 21.08 16.66 9.54
N ILE J 689 21.88 17.44 10.27
CA ILE J 689 21.54 17.77 11.65
C ILE J 689 20.32 18.69 11.70
N VAL J 690 20.25 19.64 10.78
CA VAL J 690 19.11 20.57 10.74
C VAL J 690 17.82 19.81 10.45
N ARG J 691 17.87 18.90 9.47
CA ARG J 691 16.68 18.13 9.12
C ARG J 691 16.27 17.19 10.25
N ILE J 692 17.24 16.53 10.89
CA ILE J 692 16.93 15.55 11.90
C ILE J 692 16.37 16.20 13.16
N MET J 693 17.02 17.28 13.61
CA MET J 693 16.63 17.90 14.88
C MET J 693 15.27 18.59 14.77
N LYS J 694 15.05 19.35 13.70
CA LYS J 694 13.81 20.10 13.58
C LYS J 694 12.60 19.21 13.28
N ALA J 695 12.82 17.94 12.95
CA ALA J 695 11.72 16.98 12.91
C ALA J 695 11.31 16.54 14.31
N ARG J 696 12.16 16.77 15.32
CA ARG J 696 11.87 16.44 16.70
C ARG J 696 11.94 17.62 17.65
N LYS J 697 12.57 18.72 17.25
CA LYS J 697 12.67 20.01 17.95
C LYS J 697 13.57 19.94 19.18
N VAL J 698 14.00 18.74 19.56
CA VAL J 698 14.93 18.56 20.68
C VAL J 698 15.49 17.15 20.58
N LEU J 699 16.79 17.02 20.84
CA LEU J 699 17.46 15.72 20.84
C LEU J 699 18.69 15.79 21.73
N ARG J 700 19.07 14.63 22.26
CA ARG J 700 20.29 14.52 23.04
C ARG J 700 21.50 14.49 22.11
N HIS J 701 22.69 14.65 22.70
CA HIS J 701 23.91 14.61 21.92
C HIS J 701 24.15 13.23 21.33
N ASN J 702 24.05 12.19 22.17
CA ASN J 702 24.24 10.83 21.67
C ASN J 702 23.08 10.39 20.78
N ALA J 703 21.88 10.87 21.06
CA ALA J 703 20.73 10.53 20.22
C ALA J 703 20.83 11.17 18.84
N LEU J 704 21.38 12.38 18.76
CA LEU J 704 21.54 13.03 17.47
C LEU J 704 22.67 12.40 16.65
N ILE J 705 23.78 12.05 17.33
CA ILE J 705 24.95 11.51 16.63
C ILE J 705 24.60 10.18 15.97
N GLN J 706 23.90 9.30 16.67
CA GLN J 706 23.50 8.03 16.09
C GLN J 706 22.49 8.22 14.97
N GLU J 707 21.61 9.22 15.08
CA GLU J 707 20.63 9.47 14.04
C GLU J 707 21.26 10.08 12.80
N VAL J 708 22.31 10.89 12.96
CA VAL J 708 23.01 11.45 11.80
C VAL J 708 23.68 10.34 11.00
N ILE J 709 24.32 9.39 11.70
CA ILE J 709 24.99 8.28 11.01
C ILE J 709 23.97 7.40 10.30
N SER J 710 22.85 7.10 10.97
CA SER J 710 21.87 6.18 10.39
C SER J 710 21.19 6.77 9.16
N GLN J 711 21.07 8.09 9.08
CA GLN J 711 20.48 8.74 7.93
C GLN J 711 21.48 9.01 6.81
N SER J 712 22.75 8.69 7.02
CA SER J 712 23.79 8.87 6.02
C SER J 712 24.56 7.59 5.79
N ARG J 713 23.83 6.48 5.65
CA ARG J 713 24.44 5.18 5.36
C ARG J 713 24.52 4.87 3.87
N ALA J 714 23.70 5.52 3.05
CA ALA J 714 23.80 5.41 1.60
C ALA J 714 24.89 6.30 1.03
N ARG J 715 25.70 6.91 1.89
CA ARG J 715 26.79 7.77 1.50
C ARG J 715 27.95 7.48 2.45
N PHE J 716 28.88 8.44 2.56
CA PHE J 716 30.06 8.30 3.41
C PHE J 716 29.71 7.84 4.82
N ASN J 717 30.66 7.17 5.46
CA ASN J 717 30.55 6.84 6.87
C ASN J 717 31.12 8.01 7.65
N PRO J 718 30.29 8.82 8.32
CA PRO J 718 30.80 10.05 8.94
C PRO J 718 31.56 9.76 10.23
N SER J 719 32.76 10.31 10.34
CA SER J 719 33.54 10.18 11.55
C SER J 719 32.90 10.98 12.68
N ILE J 720 33.09 10.49 13.91
CA ILE J 720 32.45 11.11 15.08
C ILE J 720 33.00 12.51 15.30
N SER J 721 34.29 12.71 15.04
CA SER J 721 34.90 14.02 15.23
C SER J 721 34.36 15.05 14.25
N MET J 722 33.96 14.63 13.06
CA MET J 722 33.47 15.58 12.06
C MET J 722 32.04 16.04 12.37
N ILE J 723 31.20 15.13 12.87
CA ILE J 723 29.82 15.51 13.18
C ILE J 723 29.78 16.49 14.34
N LYS J 724 30.57 16.24 15.39
CA LYS J 724 30.63 17.18 16.51
C LYS J 724 31.30 18.48 16.11
N LYS J 725 32.18 18.44 15.11
CA LYS J 725 32.70 19.68 14.55
C LYS J 725 31.64 20.42 13.74
N CYS J 726 30.76 19.68 13.07
CA CYS J 726 29.64 20.32 12.38
C CYS J 726 28.57 20.78 13.37
N ILE J 727 28.48 20.12 14.53
CA ILE J 727 27.51 20.53 15.54
C ILE J 727 27.90 21.88 16.14
N GLU J 728 29.18 22.04 16.49
CA GLU J 728 29.63 23.29 17.11
C GLU J 728 29.61 24.45 16.12
N VAL J 729 29.76 24.17 14.82
CA VAL J 729 29.58 25.21 13.82
C VAL J 729 28.11 25.60 13.71
N LEU J 730 27.21 24.62 13.79
CA LEU J 730 25.79 24.87 13.60
C LEU J 730 25.21 25.76 14.69
N ILE J 731 25.60 25.54 15.95
CA ILE J 731 25.11 26.39 17.03
C ILE J 731 25.68 27.80 16.91
N ASP J 732 26.92 27.92 16.43
CA ASP J 732 27.50 29.23 16.20
C ASP J 732 26.80 29.96 15.06
N LYS J 733 26.21 29.22 14.13
CA LYS J 733 25.43 29.79 13.04
C LYS J 733 23.98 30.05 13.43
N GLN J 734 23.61 29.75 14.68
CA GLN J 734 22.28 30.00 15.22
C GLN J 734 21.19 29.24 14.46
N TYR J 735 21.55 28.09 13.87
CA TYR J 735 20.53 27.19 13.31
C TYR J 735 19.95 26.27 14.37
N ILE J 736 20.78 25.83 15.32
CA ILE J 736 20.36 25.06 16.48
C ILE J 736 21.02 25.68 17.70
N GLU J 737 20.57 25.24 18.88
CA GLU J 737 21.11 25.77 20.12
C GLU J 737 21.27 24.67 21.15
N ARG J 738 22.37 24.70 21.89
CA ARG J 738 22.54 23.80 23.02
C ARG J 738 21.65 24.25 24.16
N SER J 739 20.97 23.30 24.79
CA SER J 739 20.03 23.64 25.85
C SER J 739 20.77 23.97 27.15
N GLN J 740 20.01 24.46 28.13
CA GLN J 740 20.57 24.90 29.40
C GLN J 740 20.84 23.75 30.36
N ALA J 741 20.43 22.53 30.03
CA ALA J 741 20.63 21.40 30.94
C ALA J 741 22.10 20.98 30.98
N SER J 742 22.63 20.55 29.85
CA SER J 742 24.03 20.12 29.75
C SER J 742 24.41 20.10 28.28
N ALA J 743 25.59 19.55 27.98
CA ALA J 743 26.03 19.38 26.60
C ALA J 743 25.32 18.23 25.89
N ASP J 744 24.60 17.38 26.63
CA ASP J 744 23.89 16.25 26.06
C ASP J 744 22.41 16.57 25.79
N GLU J 745 22.11 17.84 25.50
CA GLU J 745 20.75 18.26 25.18
C GLU J 745 20.82 19.36 24.14
N TYR J 746 20.32 19.08 22.93
CA TYR J 746 20.32 20.03 21.83
C TYR J 746 18.89 20.35 21.43
N SER J 747 18.65 21.61 21.11
CA SER J 747 17.30 22.07 20.76
C SER J 747 17.38 22.96 19.52
N TYR J 748 16.28 22.99 18.77
CA TYR J 748 16.21 23.81 17.57
C TYR J 748 16.03 25.28 17.93
N VAL J 749 16.27 26.14 16.95
CA VAL J 749 16.06 27.57 17.10
C VAL J 749 15.80 28.22 15.75
N UNK K 1 -34.40 12.62 35.66
CA UNK K 1 -33.91 12.86 37.01
C UNK K 1 -32.43 12.54 37.12
N UNK K 2 -31.91 12.60 38.34
CA UNK K 2 -30.51 12.32 38.63
C UNK K 2 -30.41 11.25 39.70
N UNK K 3 -29.17 10.88 40.02
CA UNK K 3 -28.94 9.86 41.04
C UNK K 3 -29.30 10.38 42.43
N UNK K 4 -29.09 11.67 42.69
CA UNK K 4 -29.45 12.25 43.99
C UNK K 4 -30.95 12.21 44.22
N UNK K 5 -31.73 12.52 43.18
CA UNK K 5 -33.18 12.49 43.28
C UNK K 5 -33.76 11.09 43.20
N UNK K 6 -32.97 10.10 42.76
CA UNK K 6 -33.47 8.73 42.66
C UNK K 6 -33.47 8.04 44.02
N UNK K 7 -32.35 8.13 44.75
CA UNK K 7 -32.24 7.51 46.06
C UNK K 7 -32.92 8.32 47.16
N UNK K 8 -33.28 9.58 46.89
CA UNK K 8 -33.96 10.38 47.89
C UNK K 8 -35.35 9.86 48.20
N UNK K 9 -36.06 9.37 47.17
CA UNK K 9 -37.40 8.84 47.39
C UNK K 9 -37.39 7.47 48.07
N UNK K 10 -36.24 6.80 48.11
CA UNK K 10 -36.13 5.50 48.75
C UNK K 10 -35.41 5.61 50.09
N UNK L 1 -7.97 15.01 7.88
CA UNK L 1 -8.14 15.40 6.50
C UNK L 1 -8.16 14.18 5.58
N UNK L 2 -9.35 13.68 5.28
CA UNK L 2 -9.51 12.51 4.44
C UNK L 2 -10.58 12.79 3.40
N UNK L 3 -10.57 12.00 2.32
CA UNK L 3 -11.55 12.17 1.26
C UNK L 3 -12.96 11.86 1.75
N UNK L 4 -13.11 10.84 2.60
CA UNK L 4 -14.42 10.52 3.16
C UNK L 4 -14.91 11.64 4.06
N UNK L 5 -14.01 12.23 4.85
CA UNK L 5 -14.39 13.35 5.70
C UNK L 5 -14.70 14.60 4.88
N UNK L 6 -13.96 14.80 3.79
CA UNK L 6 -14.21 15.97 2.95
C UNK L 6 -15.51 15.84 2.17
N UNK L 7 -15.95 14.61 1.89
CA UNK L 7 -17.21 14.38 1.17
C UNK L 7 -18.37 14.45 2.16
N UNK L 8 -18.67 15.68 2.59
CA UNK L 8 -19.71 15.95 3.56
C UNK L 8 -20.96 16.56 2.90
N UNK L 9 -21.19 16.23 1.62
CA UNK L 9 -22.38 16.73 0.95
C UNK L 9 -23.65 16.14 1.56
N UNK L 10 -23.63 14.84 1.89
CA UNK L 10 -24.74 14.11 2.50
C UNK L 10 -26.03 14.23 1.69
#